data_4QT0
#
_entry.id   4QT0
#
_cell.length_a   147.190
_cell.length_b   147.190
_cell.length_c   334.630
_cell.angle_alpha   90.00
_cell.angle_beta   90.00
_cell.angle_gamma   120.00
#
_symmetry.space_group_name_H-M   'P 31 2 1'
#
loop_
_entity.id
_entity.type
_entity.pdbx_description
1 polymer 'L-lactate dehydrogenase A chain'
2 non-polymer '3-{[3-carbamoyl-7-(2,4-dimethoxypyrimidin-5-yl)quinolin-4-yl]amino}benzoic acid'
3 water water
#
_entity_poly.entity_id   1
_entity_poly.type   'polypeptide(L)'
_entity_poly.pdbx_seq_one_letter_code
;ATLKDQLIYNLLKEEQTPQNKITVVGVGAVGMACAISILMKDLADELALVDVIEDKLKGEMMDLQHGSLFLRTPKIVSGK
DYNVTANSKLVIITAGARQQEGESRLNLVQRNVNIFKFIIPNVVKYSPNCKLLIVSNPVDILTYVAWKISGFPKNRVIGS
GCNLDSARFRYLMGERLGVHPLSCHGWVLGEHGDSSVPVWSGMNVAGVSLKTLHPDLGTDKDKEQWKEVHKQVVESAYEV
IKLKGYTSWAIGLSVADLAESIMKNLRRVHPVSTMIKGLYGIKDDVFLSVPCILGQNGISDLVKVTLTSEEEARLKKSAD
TLWGIQKELQFHHHHHH
;
_entity_poly.pdbx_strand_id   A,B,C,D,E,F,G,H
#
loop_
_chem_comp.id
_chem_comp.type
_chem_comp.name
_chem_comp.formula
38Q non-polymer '3-{[3-carbamoyl-7-(2,4-dimethoxypyrimidin-5-yl)quinolin-4-yl]amino}benzoic acid' 'C23 H19 N5 O5'
#
# COMPACT_ATOMS: atom_id res chain seq x y z
N ALA A 1 -45.07 -24.76 29.95
CA ALA A 1 -44.84 -24.28 28.55
C ALA A 1 -43.71 -23.26 28.58
N THR A 2 -42.90 -23.19 27.51
CA THR A 2 -41.75 -22.25 27.49
C THR A 2 -42.22 -20.79 27.69
N LEU A 3 -41.28 -19.85 27.86
CA LEU A 3 -41.62 -18.40 28.01
C LEU A 3 -42.32 -17.90 26.76
N LYS A 4 -41.68 -18.10 25.61
CA LYS A 4 -42.23 -17.72 24.32
C LYS A 4 -43.73 -18.11 24.14
N ASP A 5 -44.08 -19.34 24.46
CA ASP A 5 -45.44 -19.85 24.26
C ASP A 5 -46.40 -19.25 25.32
N GLN A 6 -45.85 -18.95 26.50
CA GLN A 6 -46.61 -18.22 27.53
C GLN A 6 -47.08 -16.88 27.01
N LEU A 7 -46.11 -16.09 26.53
CA LEU A 7 -46.25 -14.70 26.09
C LEU A 7 -47.12 -14.54 24.83
N ILE A 8 -46.79 -15.37 23.84
CA ILE A 8 -47.34 -15.32 22.51
C ILE A 8 -48.16 -16.58 22.30
N TYR A 9 -49.47 -16.45 22.05
CA TYR A 9 -50.28 -17.56 21.55
C TYR A 9 -50.26 -17.49 20.02
N ASN A 10 -49.84 -18.56 19.32
CA ASN A 10 -49.82 -18.55 17.85
C ASN A 10 -51.11 -19.11 17.29
N LEU A 11 -51.45 -18.65 16.08
CA LEU A 11 -52.68 -19.01 15.39
C LEU A 11 -52.37 -19.84 14.16
N LEU A 12 -51.39 -19.43 13.38
CA LEU A 12 -51.21 -20.04 12.07
C LEU A 12 -49.83 -20.71 12.01
N LYS A 13 -49.74 -21.87 11.34
CA LYS A 13 -48.42 -22.47 11.05
C LYS A 13 -47.77 -21.76 9.85
N GLU A 14 -46.75 -20.95 10.16
CA GLU A 14 -46.11 -20.07 9.17
C GLU A 14 -45.59 -20.88 8.00
N GLU A 15 -46.43 -20.97 6.96
CA GLU A 15 -45.98 -21.47 5.64
C GLU A 15 -44.56 -21.01 5.33
N GLN A 16 -44.29 -19.71 5.52
CA GLN A 16 -42.99 -19.06 5.23
C GLN A 16 -42.65 -19.13 3.73
N THR A 17 -43.52 -18.50 2.94
CA THR A 17 -43.25 -18.25 1.52
C THR A 17 -42.89 -16.76 1.42
N PRO A 18 -41.79 -16.40 0.71
CA PRO A 18 -41.26 -15.05 0.80
C PRO A 18 -41.75 -14.36 -0.42
N GLN A 19 -42.19 -13.12 -0.29
CA GLN A 19 -42.81 -12.46 -1.42
C GLN A 19 -41.79 -11.74 -2.30
N ASN A 20 -41.22 -10.65 -1.81
CA ASN A 20 -40.33 -9.85 -2.62
C ASN A 20 -38.92 -10.04 -2.22
N LYS A 21 -38.43 -11.23 -2.57
CA LYS A 21 -37.12 -11.65 -2.21
C LYS A 21 -36.18 -11.29 -3.30
N ILE A 22 -35.02 -10.81 -2.85
CA ILE A 22 -33.87 -10.46 -3.68
C ILE A 22 -32.66 -11.23 -3.16
N THR A 23 -31.82 -11.71 -4.08
CA THR A 23 -30.55 -12.35 -3.69
C THR A 23 -29.39 -11.58 -4.25
N VAL A 24 -28.27 -11.59 -3.54
CA VAL A 24 -27.00 -10.97 -3.97
C VAL A 24 -25.93 -12.06 -4.01
N VAL A 25 -25.52 -12.37 -5.22
CA VAL A 25 -24.38 -13.22 -5.40
C VAL A 25 -23.09 -12.42 -5.33
N GLY A 26 -22.22 -12.87 -4.45
CA GLY A 26 -20.92 -12.28 -4.21
C GLY A 26 -21.06 -11.23 -3.13
N VAL A 27 -20.25 -11.33 -2.08
CA VAL A 27 -20.22 -10.36 -0.98
C VAL A 27 -18.90 -9.57 -0.97
N GLY A 28 -18.61 -9.06 -2.18
CA GLY A 28 -17.43 -8.26 -2.44
C GLY A 28 -17.57 -6.94 -1.76
N ALA A 29 -16.99 -5.90 -2.35
CA ALA A 29 -17.31 -4.54 -1.92
C ALA A 29 -18.58 -4.15 -2.59
N VAL A 30 -18.65 -4.51 -3.86
CA VAL A 30 -19.80 -4.27 -4.68
C VAL A 30 -21.03 -5.04 -4.21
N GLY A 31 -20.83 -6.30 -3.86
CA GLY A 31 -21.94 -7.09 -3.41
C GLY A 31 -22.61 -6.42 -2.21
N MET A 32 -21.84 -6.06 -1.18
CA MET A 32 -22.45 -5.50 0.03
C MET A 32 -23.00 -4.14 -0.24
N ALA A 33 -22.28 -3.39 -1.04
CA ALA A 33 -22.72 -2.07 -1.44
C ALA A 33 -24.10 -2.10 -2.12
N CYS A 34 -24.41 -3.18 -2.83
CA CYS A 34 -25.77 -3.42 -3.25
C CYS A 34 -26.66 -3.82 -2.07
N ALA A 35 -26.31 -4.88 -1.37
CA ALA A 35 -27.05 -5.26 -0.18
C ALA A 35 -27.38 -4.05 0.72
N ILE A 36 -26.42 -3.25 1.11
CA ILE A 36 -26.79 -2.21 2.04
C ILE A 36 -27.70 -1.20 1.37
N SER A 37 -27.43 -0.78 0.13
CA SER A 37 -28.31 0.22 -0.50
C SER A 37 -29.72 -0.31 -0.77
N ILE A 38 -29.88 -1.62 -0.98
CA ILE A 38 -31.20 -2.23 -1.16
C ILE A 38 -31.99 -2.28 0.18
N LEU A 39 -31.25 -2.40 1.28
CA LEU A 39 -31.87 -2.58 2.57
C LEU A 39 -32.40 -1.28 3.02
N MET A 40 -31.62 -0.23 2.75
CA MET A 40 -31.98 1.15 3.01
C MET A 40 -33.04 1.71 2.05
N LYS A 41 -33.39 1.05 0.96
CA LYS A 41 -34.47 1.56 0.08
C LYS A 41 -35.74 0.75 0.22
N ASP A 42 -35.91 0.11 1.38
CA ASP A 42 -36.98 -0.88 1.62
C ASP A 42 -37.55 -1.66 0.45
N LEU A 43 -36.70 -2.28 -0.38
CA LEU A 43 -37.11 -2.94 -1.61
C LEU A 43 -37.34 -4.45 -1.50
N ALA A 44 -37.12 -5.03 -0.34
CA ALA A 44 -37.25 -6.50 -0.19
C ALA A 44 -37.82 -6.85 1.14
N ASP A 45 -38.56 -7.97 1.18
CA ASP A 45 -38.98 -8.62 2.45
C ASP A 45 -38.07 -9.83 2.85
N GLU A 46 -37.04 -10.07 2.05
CA GLU A 46 -36.06 -11.07 2.35
C GLU A 46 -34.83 -10.88 1.48
N LEU A 47 -33.68 -10.70 2.10
CA LEU A 47 -32.42 -10.64 1.38
C LEU A 47 -31.61 -11.89 1.61
N ALA A 48 -30.96 -12.34 0.52
CA ALA A 48 -30.06 -13.51 0.57
C ALA A 48 -28.70 -13.19 -0.05
N LEU A 49 -27.66 -13.39 0.76
CA LEU A 49 -26.30 -13.39 0.28
C LEU A 49 -25.87 -14.85 -0.01
N VAL A 50 -25.00 -14.98 -1.01
CA VAL A 50 -24.38 -16.24 -1.40
C VAL A 50 -22.98 -15.94 -1.91
N ASP A 51 -21.97 -16.58 -1.36
CA ASP A 51 -20.61 -16.51 -1.91
C ASP A 51 -19.93 -17.88 -1.56
N VAL A 52 -18.77 -18.15 -2.14
CA VAL A 52 -18.00 -19.32 -1.70
C VAL A 52 -17.22 -19.10 -0.39
N ILE A 53 -16.82 -17.84 -0.10
CA ILE A 53 -16.04 -17.56 1.11
C ILE A 53 -16.95 -17.56 2.33
N GLU A 54 -16.91 -18.64 3.10
CA GLU A 54 -17.96 -18.94 4.09
C GLU A 54 -17.84 -18.18 5.40
N ASP A 55 -16.66 -18.16 6.00
N ASP A 55 -16.69 -18.20 6.05
CA ASP A 55 -16.42 -17.39 7.24
CA ASP A 55 -16.51 -17.42 7.29
C ASP A 55 -16.79 -15.92 7.02
C ASP A 55 -16.86 -15.93 7.00
N LYS A 56 -16.38 -15.40 5.86
CA LYS A 56 -16.70 -14.03 5.40
C LYS A 56 -18.20 -13.72 5.25
N LEU A 57 -18.85 -14.55 4.43
CA LEU A 57 -20.28 -14.46 4.14
C LEU A 57 -21.09 -14.38 5.42
N LYS A 58 -20.80 -15.30 6.37
CA LYS A 58 -21.58 -15.39 7.62
C LYS A 58 -21.43 -14.11 8.43
N GLY A 59 -20.20 -13.62 8.49
CA GLY A 59 -19.91 -12.33 9.10
C GLY A 59 -20.70 -11.17 8.53
N GLU A 60 -20.76 -11.06 7.19
CA GLU A 60 -21.47 -9.96 6.57
C GLU A 60 -22.92 -10.07 6.90
N MET A 61 -23.50 -11.22 6.60
CA MET A 61 -24.85 -11.54 7.06
C MET A 61 -25.13 -11.15 8.55
N MET A 62 -24.29 -11.57 9.49
CA MET A 62 -24.54 -11.29 10.93
C MET A 62 -24.55 -9.81 11.27
N ASP A 63 -23.74 -9.04 10.54
CA ASP A 63 -23.62 -7.61 10.77
C ASP A 63 -24.87 -6.94 10.23
N LEU A 64 -25.23 -7.19 8.97
CA LEU A 64 -26.47 -6.68 8.44
C LEU A 64 -27.60 -7.01 9.39
N GLN A 65 -27.68 -8.29 9.77
CA GLN A 65 -28.67 -8.74 10.74
C GLN A 65 -28.67 -7.90 12.03
N HIS A 66 -27.54 -7.36 12.43
CA HIS A 66 -27.50 -6.65 13.70
C HIS A 66 -28.11 -5.26 13.69
N GLY A 67 -28.04 -4.62 12.52
CA GLY A 67 -28.80 -3.42 12.25
C GLY A 67 -30.28 -3.67 11.93
N SER A 68 -30.73 -4.91 12.10
CA SER A 68 -32.11 -5.30 11.80
C SER A 68 -33.13 -4.30 12.35
N LEU A 69 -32.85 -3.76 13.53
CA LEU A 69 -33.75 -2.79 14.18
C LEU A 69 -34.04 -1.52 13.40
N PHE A 70 -33.13 -1.13 12.51
CA PHE A 70 -33.24 0.12 11.77
C PHE A 70 -33.58 -0.07 10.29
N LEU A 71 -34.11 -1.26 9.98
CA LEU A 71 -34.42 -1.67 8.61
C LEU A 71 -35.80 -2.26 8.70
N ARG A 72 -36.41 -2.46 7.53
CA ARG A 72 -37.78 -2.98 7.49
C ARG A 72 -37.73 -4.11 6.46
N THR A 73 -36.77 -4.99 6.68
CA THR A 73 -36.53 -6.13 5.83
C THR A 73 -36.25 -7.35 6.74
N PRO A 74 -37.31 -8.05 7.18
CA PRO A 74 -37.33 -8.91 8.36
C PRO A 74 -36.55 -10.22 8.29
N LYS A 75 -35.84 -10.47 7.20
CA LYS A 75 -35.23 -11.78 7.01
C LYS A 75 -34.04 -11.68 6.08
N ILE A 76 -32.83 -11.69 6.66
CA ILE A 76 -31.59 -11.63 5.89
C ILE A 76 -30.86 -12.94 6.04
N VAL A 77 -30.61 -13.66 4.95
CA VAL A 77 -30.01 -15.03 5.08
C VAL A 77 -28.76 -15.18 4.21
N SER A 78 -27.88 -16.11 4.57
CA SER A 78 -26.69 -16.34 3.77
C SER A 78 -26.30 -17.81 3.66
N GLY A 79 -25.49 -18.15 2.67
CA GLY A 79 -25.16 -19.57 2.43
C GLY A 79 -24.21 -19.79 1.27
N LYS A 80 -23.23 -20.65 1.52
CA LYS A 80 -22.57 -21.42 0.49
C LYS A 80 -23.58 -22.07 -0.49
N ASP A 81 -24.66 -22.66 0.04
N ASP A 81 -24.66 -22.67 0.03
CA ASP A 81 -25.66 -23.36 -0.78
CA ASP A 81 -25.65 -23.36 -0.81
C ASP A 81 -26.63 -22.40 -1.46
C ASP A 81 -26.62 -22.39 -1.46
N TYR A 82 -26.85 -22.56 -2.76
CA TYR A 82 -27.79 -21.71 -3.50
C TYR A 82 -29.26 -21.99 -3.19
N ASN A 83 -29.45 -23.01 -2.36
CA ASN A 83 -30.77 -23.28 -1.85
C ASN A 83 -31.35 -22.09 -1.05
N VAL A 84 -30.50 -21.18 -0.54
CA VAL A 84 -31.01 -20.02 0.21
C VAL A 84 -31.57 -18.97 -0.73
N THR A 85 -31.19 -19.01 -2.01
CA THR A 85 -31.68 -18.01 -2.95
C THR A 85 -33.13 -18.24 -3.37
N ALA A 86 -33.74 -19.36 -2.94
CA ALA A 86 -34.98 -19.87 -3.58
C ALA A 86 -36.15 -18.86 -3.55
N ASN A 87 -36.90 -18.78 -4.65
CA ASN A 87 -38.03 -17.83 -4.75
C ASN A 87 -37.58 -16.35 -4.85
N SER A 88 -36.35 -16.15 -5.30
CA SER A 88 -35.90 -14.83 -5.57
C SER A 88 -36.69 -14.25 -6.74
N LYS A 89 -37.01 -12.94 -6.63
CA LYS A 89 -37.59 -12.23 -7.76
C LYS A 89 -36.45 -11.74 -8.62
N LEU A 90 -35.41 -11.28 -7.93
CA LEU A 90 -34.31 -10.63 -8.57
C LEU A 90 -33.06 -11.23 -8.00
N VAL A 91 -32.16 -11.64 -8.87
CA VAL A 91 -30.91 -12.22 -8.44
C VAL A 91 -29.83 -11.38 -9.06
N ILE A 92 -29.08 -10.70 -8.22
CA ILE A 92 -28.08 -9.77 -8.69
C ILE A 92 -26.71 -10.46 -8.56
N ILE A 93 -26.07 -10.68 -9.71
CA ILE A 93 -24.78 -11.34 -9.70
C ILE A 93 -23.63 -10.34 -9.67
N THR A 94 -22.84 -10.30 -8.59
CA THR A 94 -21.51 -9.60 -8.61
C THR A 94 -20.27 -10.50 -8.78
N ALA A 95 -20.34 -11.76 -8.34
CA ALA A 95 -19.27 -12.76 -8.53
C ALA A 95 -18.57 -12.77 -9.86
N GLY A 96 -17.34 -13.23 -9.84
CA GLY A 96 -16.51 -13.16 -11.01
C GLY A 96 -15.07 -13.49 -10.74
N ALA A 97 -14.24 -13.41 -11.77
CA ALA A 97 -12.89 -13.92 -11.73
C ALA A 97 -11.96 -12.78 -11.42
N ARG A 98 -11.05 -12.98 -10.46
CA ARG A 98 -10.12 -11.94 -10.07
C ARG A 98 -8.96 -12.02 -11.05
N GLN A 99 -8.52 -10.89 -11.61
CA GLN A 99 -7.62 -10.83 -12.77
C GLN A 99 -6.24 -11.25 -12.42
N GLN A 100 -5.49 -11.68 -13.41
CA GLN A 100 -4.19 -12.25 -13.14
C GLN A 100 -3.22 -11.53 -14.04
N GLU A 101 -2.14 -11.00 -13.50
CA GLU A 101 -1.26 -10.17 -14.30
C GLU A 101 -0.61 -11.03 -15.39
N GLY A 102 -0.88 -10.65 -16.64
CA GLY A 102 -0.29 -11.34 -17.78
C GLY A 102 -1.32 -12.15 -18.54
N GLU A 103 -2.40 -12.50 -17.89
CA GLU A 103 -3.52 -13.18 -18.51
C GLU A 103 -4.07 -12.36 -19.68
N SER A 104 -4.35 -13.01 -20.79
CA SER A 104 -5.13 -12.45 -21.89
C SER A 104 -6.50 -12.12 -21.43
N ARG A 105 -7.14 -11.26 -22.21
CA ARG A 105 -8.48 -10.79 -21.90
C ARG A 105 -9.42 -11.95 -22.14
N LEU A 106 -9.17 -12.75 -23.17
CA LEU A 106 -10.07 -13.85 -23.47
C LEU A 106 -10.12 -14.77 -22.26
N ASN A 107 -8.99 -15.14 -21.69
CA ASN A 107 -9.04 -16.09 -20.57
C ASN A 107 -9.84 -15.63 -19.37
N LEU A 108 -9.54 -14.44 -18.92
CA LEU A 108 -10.36 -13.81 -17.90
C LEU A 108 -11.87 -13.97 -18.20
N VAL A 109 -12.26 -13.60 -19.41
CA VAL A 109 -13.63 -13.81 -19.80
C VAL A 109 -13.98 -15.28 -19.57
N GLN A 110 -13.16 -16.19 -20.12
CA GLN A 110 -13.43 -17.61 -20.01
C GLN A 110 -13.50 -18.11 -18.56
N ARG A 111 -12.63 -17.63 -17.69
CA ARG A 111 -12.68 -18.07 -16.31
C ARG A 111 -14.00 -17.65 -15.73
N ASN A 112 -14.49 -16.50 -16.18
CA ASN A 112 -15.78 -16.02 -15.71
C ASN A 112 -16.92 -16.87 -16.24
N VAL A 113 -16.80 -17.30 -17.49
CA VAL A 113 -17.77 -18.22 -17.99
C VAL A 113 -17.77 -19.41 -17.09
N ASN A 114 -16.57 -19.87 -16.74
CA ASN A 114 -16.45 -21.10 -15.98
C ASN A 114 -16.99 -21.04 -14.57
N ILE A 115 -17.20 -19.87 -13.99
N ILE A 115 -17.13 -19.84 -14.02
CA ILE A 115 -17.84 -19.86 -12.68
CA ILE A 115 -17.73 -19.63 -12.70
C ILE A 115 -19.32 -19.48 -12.79
C ILE A 115 -19.25 -19.59 -12.90
N PHE A 116 -19.70 -18.82 -13.87
CA PHE A 116 -21.12 -18.71 -14.20
C PHE A 116 -21.70 -20.06 -14.57
N LYS A 117 -20.86 -20.96 -15.09
CA LYS A 117 -21.29 -22.32 -15.35
C LYS A 117 -21.84 -23.01 -14.10
N PHE A 118 -21.31 -22.62 -12.94
CA PHE A 118 -21.73 -23.18 -11.67
C PHE A 118 -22.76 -22.30 -11.02
N ILE A 119 -22.58 -20.99 -11.12
CA ILE A 119 -23.49 -20.08 -10.48
C ILE A 119 -24.87 -20.11 -11.15
N ILE A 120 -24.94 -19.79 -12.44
CA ILE A 120 -26.23 -19.50 -13.09
C ILE A 120 -27.28 -20.60 -13.00
N PRO A 121 -26.90 -21.86 -13.31
CA PRO A 121 -27.87 -22.94 -13.21
C PRO A 121 -28.24 -23.26 -11.78
N ASN A 122 -27.36 -22.99 -10.83
CA ASN A 122 -27.74 -23.00 -9.44
C ASN A 122 -28.73 -21.91 -9.12
N VAL A 123 -28.52 -20.70 -9.64
CA VAL A 123 -29.51 -19.63 -9.43
C VAL A 123 -30.86 -19.95 -10.07
N VAL A 124 -30.87 -20.46 -11.32
CA VAL A 124 -32.16 -20.82 -11.97
C VAL A 124 -32.75 -22.14 -11.47
N LYS A 125 -31.95 -22.99 -10.86
CA LYS A 125 -32.46 -24.23 -10.28
C LYS A 125 -33.44 -23.86 -9.22
N TYR A 126 -33.08 -22.89 -8.39
CA TYR A 126 -33.89 -22.53 -7.25
C TYR A 126 -34.83 -21.33 -7.47
N SER A 127 -34.69 -20.58 -8.56
CA SER A 127 -35.50 -19.37 -8.73
C SER A 127 -35.73 -19.18 -10.20
N PRO A 128 -36.45 -20.14 -10.80
CA PRO A 128 -36.65 -20.25 -12.24
C PRO A 128 -37.36 -19.06 -12.85
N ASN A 129 -38.00 -18.23 -12.01
CA ASN A 129 -38.80 -17.09 -12.50
C ASN A 129 -38.21 -15.73 -12.21
N CYS A 130 -36.94 -15.74 -11.85
CA CYS A 130 -36.31 -14.56 -11.34
C CYS A 130 -35.87 -13.68 -12.49
N LYS A 131 -35.45 -12.46 -12.15
CA LYS A 131 -34.73 -11.56 -13.07
C LYS A 131 -33.25 -11.54 -12.69
N LEU A 132 -32.41 -11.72 -13.71
CA LEU A 132 -30.97 -11.66 -13.51
C LEU A 132 -30.49 -10.27 -13.83
N LEU A 133 -29.77 -9.71 -12.89
CA LEU A 133 -29.10 -8.48 -13.12
C LEU A 133 -27.63 -8.85 -13.06
N ILE A 134 -26.93 -8.67 -14.18
CA ILE A 134 -25.49 -8.92 -14.19
C ILE A 134 -24.73 -7.65 -13.90
N VAL A 135 -23.88 -7.67 -12.89
CA VAL A 135 -23.07 -6.51 -12.53
C VAL A 135 -21.60 -6.82 -12.76
N SER A 136 -21.30 -8.10 -12.75
CA SER A 136 -19.96 -8.62 -12.93
C SER A 136 -19.36 -8.05 -14.21
N ASN A 137 -18.03 -7.92 -14.25
CA ASN A 137 -17.36 -7.49 -15.49
C ASN A 137 -16.52 -8.54 -16.21
N PRO A 138 -16.33 -8.37 -17.54
CA PRO A 138 -16.99 -7.42 -18.45
C PRO A 138 -18.48 -7.63 -18.57
N VAL A 139 -19.28 -6.61 -18.26
CA VAL A 139 -20.71 -6.81 -18.04
C VAL A 139 -21.58 -7.13 -19.28
N ASP A 140 -21.28 -6.57 -20.45
CA ASP A 140 -22.06 -6.92 -21.65
C ASP A 140 -21.74 -8.35 -22.19
N ILE A 141 -20.58 -8.89 -21.87
CA ILE A 141 -20.29 -10.27 -22.28
C ILE A 141 -20.90 -11.24 -21.31
N LEU A 142 -20.72 -10.94 -20.04
CA LEU A 142 -21.19 -11.84 -19.05
C LEU A 142 -22.67 -11.80 -19.01
N THR A 143 -23.29 -10.89 -19.72
CA THR A 143 -24.74 -10.92 -19.79
C THR A 143 -25.11 -11.93 -20.88
N TYR A 144 -24.56 -11.75 -22.06
CA TYR A 144 -24.68 -12.81 -23.04
C TYR A 144 -24.42 -14.20 -22.37
N VAL A 145 -23.35 -14.32 -21.60
CA VAL A 145 -23.05 -15.58 -20.90
C VAL A 145 -24.22 -16.05 -20.04
N ALA A 146 -24.69 -15.21 -19.14
CA ALA A 146 -25.71 -15.62 -18.19
C ALA A 146 -26.96 -15.91 -18.92
N TRP A 147 -27.16 -15.19 -20.02
CA TRP A 147 -28.34 -15.38 -20.83
C TRP A 147 -28.35 -16.77 -21.47
N LYS A 148 -27.23 -17.09 -22.13
CA LYS A 148 -27.02 -18.40 -22.74
C LYS A 148 -27.08 -19.51 -21.73
N ILE A 149 -26.34 -19.37 -20.63
CA ILE A 149 -26.38 -20.38 -19.59
C ILE A 149 -27.75 -20.50 -18.96
N SER A 150 -28.37 -19.39 -18.56
CA SER A 150 -29.69 -19.46 -17.90
C SER A 150 -30.78 -20.08 -18.77
N GLY A 151 -30.74 -19.75 -20.07
CA GLY A 151 -31.81 -20.06 -21.00
C GLY A 151 -33.11 -19.30 -20.76
N PHE A 152 -33.07 -18.36 -19.80
CA PHE A 152 -34.10 -17.33 -19.60
C PHE A 152 -34.34 -16.52 -20.87
N PRO A 153 -35.58 -16.09 -21.09
CA PRO A 153 -35.82 -15.25 -22.25
C PRO A 153 -35.15 -13.89 -22.04
N LYS A 154 -34.84 -13.19 -23.13
CA LYS A 154 -33.90 -12.06 -23.09
C LYS A 154 -34.30 -10.95 -22.13
N ASN A 155 -35.60 -10.77 -22.00
CA ASN A 155 -36.16 -9.77 -21.11
C ASN A 155 -35.84 -10.02 -19.64
N ARG A 156 -35.58 -11.28 -19.24
CA ARG A 156 -35.21 -11.57 -17.82
C ARG A 156 -33.71 -11.71 -17.60
N VAL A 157 -32.90 -11.27 -18.56
CA VAL A 157 -31.45 -11.11 -18.34
C VAL A 157 -30.99 -9.71 -18.76
N ILE A 158 -30.46 -9.00 -17.76
CA ILE A 158 -30.15 -7.57 -17.85
C ILE A 158 -28.74 -7.32 -17.37
N GLY A 159 -28.02 -6.56 -18.16
CA GLY A 159 -26.73 -6.06 -17.75
C GLY A 159 -26.86 -4.76 -16.98
N SER A 160 -26.07 -4.64 -15.93
CA SER A 160 -25.90 -3.39 -15.26
C SER A 160 -25.53 -2.33 -16.30
N GLY A 161 -24.89 -2.74 -17.38
CA GLY A 161 -24.59 -1.87 -18.52
C GLY A 161 -24.04 -0.52 -18.13
N CYS A 162 -24.48 0.50 -18.88
CA CYS A 162 -24.04 1.87 -18.71
C CYS A 162 -25.00 2.67 -17.85
N ASN A 163 -25.86 2.01 -17.10
CA ASN A 163 -26.61 2.72 -16.05
C ASN A 163 -25.63 3.64 -15.26
N LEU A 164 -24.73 3.10 -14.46
CA LEU A 164 -23.78 3.95 -13.74
C LEU A 164 -23.08 5.01 -14.59
N ASP A 165 -22.72 4.67 -15.81
CA ASP A 165 -21.93 5.57 -16.61
C ASP A 165 -22.68 6.85 -16.84
N SER A 166 -23.97 6.71 -17.08
CA SER A 166 -24.81 7.85 -17.34
C SER A 166 -25.04 8.65 -16.04
N ALA A 167 -25.17 7.96 -14.92
CA ALA A 167 -25.19 8.65 -13.65
C ALA A 167 -23.93 9.44 -13.35
N ARG A 168 -22.79 8.99 -13.83
CA ARG A 168 -21.58 9.74 -13.68
C ARG A 168 -21.64 10.92 -14.61
N PHE A 169 -22.13 10.63 -15.81
CA PHE A 169 -22.14 11.63 -16.88
C PHE A 169 -23.01 12.73 -16.40
N ARG A 170 -24.16 12.37 -15.83
CA ARG A 170 -25.11 13.35 -15.39
C ARG A 170 -24.56 14.14 -14.24
N TYR A 171 -23.91 13.44 -13.34
CA TYR A 171 -23.22 14.09 -12.22
C TYR A 171 -22.28 15.20 -12.66
N LEU A 172 -21.48 14.87 -13.68
CA LEU A 172 -20.39 15.72 -14.13
C LEU A 172 -20.94 16.89 -14.89
N MET A 173 -22.01 16.60 -15.63
CA MET A 173 -22.71 17.59 -16.43
C MET A 173 -23.26 18.65 -15.47
N GLY A 174 -23.84 18.18 -14.38
CA GLY A 174 -24.35 19.03 -13.34
C GLY A 174 -23.24 19.84 -12.73
N GLU A 175 -22.09 19.24 -12.49
CA GLU A 175 -20.99 20.03 -11.97
C GLU A 175 -20.85 21.31 -12.75
N ARG A 176 -20.84 21.23 -14.06
CA ARG A 176 -20.43 22.36 -14.87
C ARG A 176 -21.53 23.40 -14.90
N LEU A 177 -22.73 22.92 -15.19
CA LEU A 177 -23.89 23.77 -15.23
C LEU A 177 -24.30 24.38 -13.90
N GLY A 178 -24.06 23.67 -12.80
CA GLY A 178 -24.41 24.09 -11.43
C GLY A 178 -25.82 23.68 -11.10
N VAL A 179 -26.11 22.42 -11.42
CA VAL A 179 -27.47 21.85 -11.43
C VAL A 179 -27.35 20.44 -10.87
N HIS A 180 -28.43 19.94 -10.30
CA HIS A 180 -28.40 18.61 -9.73
C HIS A 180 -28.40 17.61 -10.88
N PRO A 181 -27.79 16.46 -10.70
CA PRO A 181 -27.83 15.57 -11.84
C PRO A 181 -29.24 15.18 -12.26
N LEU A 182 -30.20 15.39 -11.38
CA LEU A 182 -31.55 14.97 -11.62
C LEU A 182 -32.11 15.75 -12.79
N SER A 183 -31.65 16.99 -12.92
CA SER A 183 -32.25 17.90 -13.87
C SER A 183 -31.38 18.14 -15.09
N CYS A 184 -30.27 17.40 -15.15
CA CYS A 184 -29.32 17.38 -16.28
C CYS A 184 -29.51 16.06 -16.93
N HIS A 185 -29.64 16.03 -18.24
CA HIS A 185 -30.05 14.81 -18.93
C HIS A 185 -29.15 14.50 -20.08
N GLY A 186 -28.83 13.22 -20.19
CA GLY A 186 -27.78 12.78 -21.06
C GLY A 186 -27.56 11.30 -20.90
N TRP A 187 -27.27 10.69 -22.03
CA TRP A 187 -27.29 9.25 -22.11
C TRP A 187 -26.02 8.68 -22.67
N VAL A 188 -25.41 7.78 -21.90
CA VAL A 188 -24.25 7.04 -22.35
C VAL A 188 -24.58 5.59 -22.65
N LEU A 189 -24.40 5.21 -23.91
CA LEU A 189 -24.93 4.00 -24.49
C LEU A 189 -23.80 3.15 -25.09
N GLY A 190 -24.09 1.86 -25.30
CA GLY A 190 -23.20 0.95 -26.00
C GLY A 190 -22.52 -0.04 -25.06
N GLU A 191 -21.21 -0.20 -25.27
CA GLU A 191 -20.43 -1.15 -24.47
C GLU A 191 -19.92 -0.45 -23.23
N HIS A 192 -20.31 -0.93 -22.07
CA HIS A 192 -19.75 -0.37 -20.85
C HIS A 192 -18.25 -0.31 -20.97
N GLY A 193 -17.66 0.89 -20.82
CA GLY A 193 -16.20 1.02 -20.84
C GLY A 193 -15.66 1.98 -21.86
N ASP A 194 -14.45 1.71 -22.37
CA ASP A 194 -13.67 2.69 -23.13
C ASP A 194 -14.37 3.09 -24.41
N SER A 195 -15.26 2.24 -24.91
CA SER A 195 -15.90 2.47 -26.21
C SER A 195 -17.32 3.03 -26.18
N SER A 196 -17.91 3.11 -24.97
CA SER A 196 -19.24 3.71 -24.72
C SER A 196 -19.43 5.05 -25.40
N VAL A 197 -20.64 5.27 -25.86
CA VAL A 197 -20.98 6.41 -26.67
C VAL A 197 -21.78 7.49 -25.91
N PRO A 198 -21.22 8.70 -25.77
CA PRO A 198 -22.02 9.81 -25.29
C PRO A 198 -22.87 10.37 -26.40
N VAL A 199 -24.17 10.42 -26.13
CA VAL A 199 -25.13 10.83 -27.14
C VAL A 199 -25.50 12.29 -26.95
N TRP A 200 -24.78 13.12 -27.69
CA TRP A 200 -24.78 14.53 -27.47
C TRP A 200 -26.13 15.05 -27.83
N SER A 201 -26.68 14.54 -28.94
CA SER A 201 -28.00 15.00 -29.44
C SER A 201 -28.95 15.09 -28.29
N GLY A 202 -29.10 13.99 -27.58
CA GLY A 202 -29.99 13.91 -26.43
C GLY A 202 -29.64 14.60 -25.11
N MET A 203 -28.51 15.30 -25.04
CA MET A 203 -28.22 16.08 -23.84
C MET A 203 -29.10 17.31 -23.78
N ASN A 204 -29.71 17.53 -22.61
CA ASN A 204 -30.58 18.68 -22.35
C ASN A 204 -30.70 19.08 -20.87
N VAL A 205 -31.20 20.29 -20.62
CA VAL A 205 -31.71 20.71 -19.33
C VAL A 205 -33.08 21.36 -19.64
N ALA A 206 -34.11 21.00 -18.87
CA ALA A 206 -35.45 21.56 -19.06
C ALA A 206 -36.09 21.30 -20.41
N GLY A 207 -35.44 20.55 -21.29
CA GLY A 207 -36.01 20.31 -22.62
C GLY A 207 -35.19 21.02 -23.68
N VAL A 208 -34.19 21.79 -23.24
CA VAL A 208 -33.32 22.48 -24.19
C VAL A 208 -31.96 21.74 -24.51
N SER A 209 -31.94 21.25 -25.75
CA SER A 209 -30.77 20.73 -26.43
C SER A 209 -29.54 21.60 -26.32
N LEU A 210 -28.55 21.16 -25.55
CA LEU A 210 -27.28 21.85 -25.49
C LEU A 210 -26.64 21.78 -26.87
N LYS A 211 -26.89 20.68 -27.57
CA LYS A 211 -26.29 20.46 -28.87
C LYS A 211 -26.76 21.48 -29.89
N THR A 212 -28.05 21.81 -29.91
CA THR A 212 -28.60 22.86 -30.80
C THR A 212 -27.95 24.22 -30.45
N LEU A 213 -27.88 24.45 -29.14
CA LEU A 213 -27.50 25.72 -28.55
C LEU A 213 -26.04 26.05 -28.83
N HIS A 214 -25.21 25.03 -28.65
CA HIS A 214 -23.79 25.08 -28.85
C HIS A 214 -23.54 23.91 -29.77
N PRO A 215 -23.61 24.10 -31.12
CA PRO A 215 -23.64 22.95 -32.02
C PRO A 215 -22.30 22.21 -32.11
N ASP A 216 -21.23 22.91 -31.73
CA ASP A 216 -19.93 22.30 -31.50
C ASP A 216 -19.87 21.27 -30.40
N LEU A 217 -20.86 21.21 -29.53
CA LEU A 217 -20.84 20.28 -28.39
C LEU A 217 -20.32 18.90 -28.72
N GLY A 218 -19.11 18.63 -28.25
CA GLY A 218 -18.55 17.29 -28.29
C GLY A 218 -17.77 16.92 -29.53
N THR A 219 -17.50 17.88 -30.41
CA THR A 219 -16.44 17.71 -31.38
C THR A 219 -15.16 18.14 -30.69
N ASP A 220 -14.07 18.27 -31.45
CA ASP A 220 -12.77 18.69 -30.91
C ASP A 220 -12.49 20.17 -31.03
N LYS A 221 -13.05 20.81 -32.05
CA LYS A 221 -13.02 22.27 -32.11
C LYS A 221 -13.77 22.93 -30.93
N ASP A 222 -14.68 22.18 -30.31
CA ASP A 222 -15.43 22.59 -29.12
C ASP A 222 -14.59 23.41 -28.18
N LYS A 223 -14.81 24.71 -28.16
CA LYS A 223 -14.03 25.59 -27.30
C LYS A 223 -14.14 25.13 -25.86
N GLU A 224 -15.20 24.43 -25.49
CA GLU A 224 -15.38 24.02 -24.10
C GLU A 224 -14.97 22.58 -23.83
N GLN A 225 -14.47 21.90 -24.86
CA GLN A 225 -13.92 20.56 -24.68
C GLN A 225 -14.91 19.69 -23.94
N TRP A 226 -16.15 19.64 -24.41
CA TRP A 226 -17.17 18.92 -23.65
C TRP A 226 -16.88 17.46 -23.81
N LYS A 227 -16.07 17.12 -24.82
CA LYS A 227 -15.64 15.73 -24.97
C LYS A 227 -14.93 15.18 -23.72
N GLU A 228 -14.33 16.04 -22.89
CA GLU A 228 -13.66 15.59 -21.68
C GLU A 228 -14.65 15.02 -20.69
N VAL A 229 -15.90 15.49 -20.74
CA VAL A 229 -16.90 15.01 -19.80
C VAL A 229 -17.15 13.53 -20.02
N HIS A 230 -16.99 13.09 -21.24
CA HIS A 230 -17.01 11.65 -21.50
C HIS A 230 -15.80 10.94 -20.93
N LYS A 231 -14.61 11.41 -21.28
N LYS A 231 -14.61 11.44 -21.26
CA LYS A 231 -13.40 10.72 -20.88
CA LYS A 231 -13.37 10.76 -20.86
C LYS A 231 -13.36 10.59 -19.35
C LYS A 231 -13.36 10.59 -19.35
N GLN A 232 -13.76 11.65 -18.65
CA GLN A 232 -13.80 11.61 -17.19
C GLN A 232 -14.75 10.52 -16.73
N VAL A 233 -15.81 10.32 -17.50
CA VAL A 233 -16.78 9.27 -17.21
C VAL A 233 -16.19 7.87 -17.31
N VAL A 234 -15.42 7.64 -18.37
CA VAL A 234 -14.82 6.31 -18.59
C VAL A 234 -13.66 6.00 -17.63
N GLU A 235 -12.87 7.04 -17.38
CA GLU A 235 -11.73 6.95 -16.50
C GLU A 235 -12.07 7.14 -15.03
N SER A 236 -13.34 7.11 -14.67
CA SER A 236 -13.71 7.39 -13.29
C SER A 236 -13.55 6.17 -12.43
N ALA A 237 -14.01 5.05 -12.96
CA ALA A 237 -13.77 3.76 -12.36
C ALA A 237 -12.29 3.57 -11.97
N TYR A 238 -11.39 3.77 -12.94
N TYR A 238 -11.39 3.77 -12.92
CA TYR A 238 -9.92 3.64 -12.77
CA TYR A 238 -9.99 3.51 -12.68
C TYR A 238 -9.42 4.56 -11.67
C TYR A 238 -9.38 4.56 -11.71
N GLU A 239 -9.82 5.82 -11.80
CA GLU A 239 -9.39 6.87 -10.91
C GLU A 239 -9.71 6.68 -9.45
N VAL A 240 -10.87 6.09 -9.17
CA VAL A 240 -11.28 5.73 -7.82
C VAL A 240 -10.49 4.53 -7.36
N ILE A 241 -10.36 3.55 -8.24
CA ILE A 241 -9.58 2.36 -7.93
C ILE A 241 -8.20 2.79 -7.52
N LYS A 242 -7.57 3.71 -8.26
CA LYS A 242 -6.23 4.15 -7.89
C LYS A 242 -6.20 4.78 -6.50
N LEU A 243 -7.32 5.33 -6.04
CA LEU A 243 -7.35 6.13 -4.81
C LEU A 243 -7.78 5.35 -3.56
N LYS A 244 -8.72 4.42 -3.74
CA LYS A 244 -9.15 3.55 -2.66
C LYS A 244 -9.04 2.05 -2.96
N GLY A 245 -8.74 1.69 -4.22
CA GLY A 245 -8.52 0.30 -4.61
C GLY A 245 -9.66 -0.37 -5.35
N TYR A 246 -10.88 0.18 -5.23
CA TYR A 246 -12.09 -0.37 -5.92
C TYR A 246 -13.12 0.77 -5.99
N THR A 247 -14.26 0.53 -6.64
CA THR A 247 -15.43 1.36 -6.45
C THR A 247 -16.47 0.48 -5.77
N SER A 248 -17.28 1.03 -4.90
CA SER A 248 -18.33 0.22 -4.39
C SER A 248 -19.60 1.01 -4.24
N TRP A 249 -19.51 2.23 -3.74
CA TRP A 249 -20.72 2.97 -3.37
C TRP A 249 -21.62 3.42 -4.54
N ALA A 250 -21.03 3.90 -5.62
CA ALA A 250 -21.87 4.40 -6.68
C ALA A 250 -22.54 3.26 -7.39
N ILE A 251 -21.77 2.23 -7.68
CA ILE A 251 -22.33 1.07 -8.33
C ILE A 251 -23.44 0.49 -7.46
N GLY A 252 -23.21 0.47 -6.16
CA GLY A 252 -24.27 0.11 -5.17
C GLY A 252 -25.63 0.81 -5.34
N LEU A 253 -25.60 2.15 -5.32
CA LEU A 253 -26.78 3.01 -5.48
C LEU A 253 -27.37 2.76 -6.84
N SER A 254 -26.52 2.81 -7.87
N SER A 254 -26.53 2.83 -7.88
CA SER A 254 -26.97 2.55 -9.24
CA SER A 254 -27.00 2.52 -9.25
C SER A 254 -27.79 1.21 -9.36
C SER A 254 -27.83 1.22 -9.29
N VAL A 255 -27.28 0.12 -8.78
CA VAL A 255 -27.98 -1.18 -8.77
C VAL A 255 -29.29 -1.10 -7.93
N ALA A 256 -29.25 -0.47 -6.77
CA ALA A 256 -30.48 -0.29 -5.99
C ALA A 256 -31.59 0.39 -6.81
N ASP A 257 -31.18 1.28 -7.71
CA ASP A 257 -32.14 1.95 -8.58
C ASP A 257 -32.73 1.03 -9.64
N LEU A 258 -31.90 0.23 -10.30
CA LEU A 258 -32.42 -0.77 -11.22
C LEU A 258 -33.44 -1.67 -10.51
N ALA A 259 -33.04 -2.24 -9.38
CA ALA A 259 -33.91 -3.01 -8.49
C ALA A 259 -35.26 -2.31 -8.21
N GLU A 260 -35.21 -1.05 -7.76
CA GLU A 260 -36.42 -0.29 -7.46
C GLU A 260 -37.32 -0.44 -8.65
N SER A 261 -36.88 0.03 -9.80
CA SER A 261 -37.69 -0.07 -11.01
C SER A 261 -38.28 -1.45 -11.28
N ILE A 262 -37.50 -2.48 -11.06
CA ILE A 262 -37.96 -3.85 -11.35
C ILE A 262 -38.96 -4.29 -10.29
N MET A 263 -38.53 -4.23 -9.06
CA MET A 263 -39.34 -4.69 -7.97
C MET A 263 -40.64 -3.90 -7.82
N LYS A 264 -40.69 -2.63 -8.25
CA LYS A 264 -41.90 -1.77 -8.04
C LYS A 264 -42.63 -1.53 -9.35
N ASN A 265 -42.05 -2.00 -10.43
CA ASN A 265 -42.76 -2.06 -11.71
C ASN A 265 -43.07 -0.68 -12.29
N LEU A 266 -42.03 0.16 -12.18
CA LEU A 266 -42.11 1.57 -12.44
C LEU A 266 -42.09 1.85 -13.90
N ARG A 267 -41.45 0.98 -14.65
CA ARG A 267 -41.25 1.19 -16.07
C ARG A 267 -40.59 2.56 -16.30
N ARG A 268 -39.53 2.81 -15.55
CA ARG A 268 -38.70 3.94 -15.85
C ARG A 268 -37.65 3.50 -16.83
N VAL A 269 -37.17 4.45 -17.62
CA VAL A 269 -36.23 4.15 -18.69
C VAL A 269 -34.81 4.23 -18.14
N HIS A 270 -34.08 3.11 -18.12
CA HIS A 270 -32.66 3.06 -17.73
C HIS A 270 -31.80 2.58 -18.89
N PRO A 271 -30.53 3.02 -18.98
CA PRO A 271 -29.66 2.53 -20.04
C PRO A 271 -28.87 1.33 -19.52
N VAL A 272 -29.52 0.16 -19.65
CA VAL A 272 -28.97 -1.14 -19.25
C VAL A 272 -28.67 -2.02 -20.45
N SER A 273 -27.83 -3.02 -20.21
CA SER A 273 -27.33 -3.81 -21.30
C SER A 273 -28.27 -4.94 -21.60
N THR A 274 -28.87 -4.88 -22.78
CA THR A 274 -29.82 -5.89 -23.20
C THR A 274 -29.40 -6.42 -24.54
N MET A 275 -30.15 -7.39 -25.06
CA MET A 275 -29.83 -7.91 -26.39
C MET A 275 -30.36 -6.97 -27.47
N ILE A 276 -29.48 -6.54 -28.37
CA ILE A 276 -29.87 -5.59 -29.42
C ILE A 276 -29.64 -6.16 -30.78
N LYS A 277 -29.52 -7.47 -30.90
CA LYS A 277 -29.49 -8.09 -32.23
C LYS A 277 -30.75 -7.67 -32.97
N GLY A 278 -30.62 -6.79 -33.96
CA GLY A 278 -31.75 -6.39 -34.80
C GLY A 278 -31.73 -4.91 -35.13
N LEU A 279 -31.39 -4.11 -34.11
CA LEU A 279 -31.20 -2.64 -34.23
C LEU A 279 -29.80 -2.32 -34.71
N TYR A 280 -29.61 -1.07 -35.09
CA TYR A 280 -28.28 -0.52 -35.41
C TYR A 280 -27.46 -1.42 -36.34
N GLY A 281 -28.17 -2.27 -37.10
CA GLY A 281 -27.58 -3.10 -38.15
C GLY A 281 -26.67 -4.11 -37.54
N ILE A 282 -27.08 -4.59 -36.37
CA ILE A 282 -26.33 -5.59 -35.66
C ILE A 282 -27.10 -6.85 -35.91
N LYS A 283 -26.39 -7.91 -36.29
CA LYS A 283 -27.00 -9.19 -36.63
C LYS A 283 -26.39 -10.34 -35.84
N ASP A 284 -25.71 -10.03 -34.74
CA ASP A 284 -25.07 -11.05 -33.91
C ASP A 284 -25.99 -11.44 -32.72
N ASP A 285 -25.46 -11.52 -31.52
CA ASP A 285 -26.22 -12.08 -30.41
C ASP A 285 -25.44 -11.47 -29.31
N VAL A 286 -25.62 -10.16 -29.20
CA VAL A 286 -24.71 -9.29 -28.47
C VAL A 286 -25.50 -8.52 -27.44
N PHE A 287 -24.88 -8.18 -26.31
CA PHE A 287 -25.59 -7.29 -25.39
C PHE A 287 -24.91 -5.95 -25.32
N LEU A 288 -25.70 -4.90 -25.49
CA LEU A 288 -25.27 -3.53 -25.30
C LEU A 288 -26.37 -2.69 -24.66
N SER A 289 -25.92 -1.63 -23.99
CA SER A 289 -26.80 -0.76 -23.25
C SER A 289 -27.42 0.16 -24.27
N VAL A 290 -28.70 0.43 -24.02
CA VAL A 290 -29.63 1.14 -24.86
C VAL A 290 -30.72 1.58 -23.85
N PRO A 291 -31.47 2.67 -24.10
CA PRO A 291 -32.38 3.01 -22.98
C PRO A 291 -33.54 2.03 -22.91
N CYS A 292 -33.65 1.28 -21.82
CA CYS A 292 -34.68 0.22 -21.71
C CYS A 292 -35.70 0.57 -20.65
N ILE A 293 -36.94 0.15 -20.84
N ILE A 293 -36.94 0.14 -20.84
CA ILE A 293 -37.97 0.30 -19.83
CA ILE A 293 -38.00 0.26 -19.85
C ILE A 293 -37.89 -0.92 -18.89
C ILE A 293 -37.89 -0.94 -18.89
N LEU A 294 -37.82 -0.66 -17.59
CA LEU A 294 -37.63 -1.71 -16.58
C LEU A 294 -38.79 -1.98 -15.66
N GLY A 295 -39.29 -3.22 -15.70
CA GLY A 295 -40.51 -3.59 -15.02
C GLY A 295 -40.38 -4.82 -14.18
N GLN A 296 -41.52 -5.38 -13.81
CA GLN A 296 -41.50 -6.60 -12.99
C GLN A 296 -41.13 -7.71 -13.93
N ASN A 297 -41.31 -7.45 -15.23
CA ASN A 297 -40.94 -8.43 -16.25
C ASN A 297 -39.56 -8.23 -16.79
N GLY A 298 -38.74 -7.47 -16.08
CA GLY A 298 -37.45 -7.02 -16.59
C GLY A 298 -37.62 -6.04 -17.76
N ILE A 299 -36.88 -6.27 -18.82
CA ILE A 299 -36.83 -5.34 -19.91
C ILE A 299 -37.97 -5.64 -20.85
N SER A 300 -39.01 -4.80 -20.78
CA SER A 300 -40.31 -5.02 -21.49
C SER A 300 -40.33 -4.38 -22.86
N ASP A 301 -39.74 -3.20 -22.97
CA ASP A 301 -39.61 -2.51 -24.25
C ASP A 301 -38.28 -1.79 -24.22
N LEU A 302 -37.91 -1.22 -25.35
CA LEU A 302 -36.72 -0.44 -25.34
C LEU A 302 -36.80 0.65 -26.37
N VAL A 303 -36.28 1.82 -25.99
CA VAL A 303 -36.32 3.07 -26.72
C VAL A 303 -35.37 3.09 -27.91
N LYS A 304 -35.84 3.65 -29.02
CA LYS A 304 -35.07 3.61 -30.26
C LYS A 304 -34.42 4.95 -30.47
N VAL A 305 -33.44 5.28 -29.65
CA VAL A 305 -32.62 6.46 -29.89
C VAL A 305 -32.10 6.59 -31.32
N THR A 306 -32.19 7.81 -31.85
CA THR A 306 -31.73 8.07 -33.21
C THR A 306 -30.25 8.40 -33.13
N LEU A 307 -29.42 7.64 -33.84
CA LEU A 307 -28.00 7.87 -33.75
C LEU A 307 -27.45 8.40 -35.07
N THR A 308 -26.42 9.23 -34.98
CA THR A 308 -25.73 9.71 -36.15
C THR A 308 -25.01 8.52 -36.70
N SER A 309 -24.88 8.42 -38.01
CA SER A 309 -24.20 7.26 -38.60
C SER A 309 -22.83 7.01 -37.93
N GLU A 310 -22.23 8.05 -37.33
N GLU A 310 -22.25 8.07 -37.37
CA GLU A 310 -21.04 7.88 -36.49
CA GLU A 310 -21.08 7.99 -36.52
C GLU A 310 -21.35 7.10 -35.21
C GLU A 310 -21.33 7.16 -35.23
N GLU A 311 -22.36 7.54 -34.47
CA GLU A 311 -22.71 6.88 -33.22
C GLU A 311 -23.06 5.39 -33.53
N GLU A 312 -23.85 5.17 -34.56
CA GLU A 312 -24.17 3.82 -35.03
C GLU A 312 -22.86 3.00 -35.30
N ALA A 313 -21.91 3.58 -36.03
CA ALA A 313 -20.64 2.91 -36.34
C ALA A 313 -19.94 2.40 -35.09
N ARG A 314 -19.87 3.19 -34.03
CA ARG A 314 -19.22 2.69 -32.81
C ARG A 314 -19.95 1.50 -32.26
N LEU A 315 -21.26 1.64 -32.16
CA LEU A 315 -22.10 0.57 -31.62
C LEU A 315 -21.89 -0.74 -32.35
N LYS A 316 -21.92 -0.66 -33.67
CA LYS A 316 -21.62 -1.80 -34.52
C LYS A 316 -20.19 -2.36 -34.23
N LYS A 317 -19.18 -1.51 -34.23
CA LYS A 317 -17.82 -1.97 -33.99
C LYS A 317 -17.66 -2.52 -32.57
N SER A 318 -18.39 -1.97 -31.60
CA SER A 318 -18.46 -2.62 -30.30
C SER A 318 -19.00 -4.06 -30.46
N ALA A 319 -20.13 -4.24 -31.14
CA ALA A 319 -20.74 -5.56 -31.25
C ALA A 319 -19.87 -6.64 -31.92
N ASP A 320 -18.91 -6.23 -32.76
CA ASP A 320 -17.97 -7.18 -33.41
C ASP A 320 -16.86 -7.60 -32.42
N THR A 321 -16.00 -6.65 -32.05
CA THR A 321 -15.26 -6.72 -30.81
C THR A 321 -15.86 -7.76 -29.88
N LEU A 322 -17.11 -7.52 -29.45
CA LEU A 322 -17.79 -8.37 -28.46
C LEU A 322 -18.12 -9.77 -28.93
N TRP A 323 -18.71 -9.90 -30.11
CA TRP A 323 -19.03 -11.24 -30.66
C TRP A 323 -17.78 -12.09 -30.88
N GLY A 324 -16.73 -11.47 -31.39
CA GLY A 324 -15.49 -12.20 -31.67
C GLY A 324 -14.88 -12.78 -30.42
N ILE A 325 -15.07 -12.09 -29.30
CA ILE A 325 -14.71 -12.64 -28.02
C ILE A 325 -15.71 -13.73 -27.70
N GLN A 326 -16.99 -13.36 -27.59
CA GLN A 326 -18.08 -14.30 -27.26
C GLN A 326 -18.06 -15.65 -28.06
N LYS A 327 -17.77 -15.59 -29.36
CA LYS A 327 -17.83 -16.80 -30.18
C LYS A 327 -16.74 -17.79 -29.87
N GLU A 328 -15.72 -17.37 -29.12
CA GLU A 328 -14.62 -18.26 -28.73
C GLU A 328 -14.84 -18.94 -27.35
N LEU A 329 -15.92 -18.59 -26.66
CA LEU A 329 -16.12 -19.12 -25.32
C LEU A 329 -16.60 -20.60 -25.31
N GLN A 330 -15.94 -21.44 -24.54
CA GLN A 330 -16.40 -22.79 -24.27
C GLN A 330 -17.55 -22.80 -23.24
N PHE A 331 -18.59 -23.61 -23.54
CA PHE A 331 -19.85 -23.71 -22.75
C PHE A 331 -20.36 -25.14 -22.33
N HIS A 332 -19.95 -26.23 -23.02
CA HIS A 332 -20.52 -27.59 -22.77
C HIS A 332 -19.51 -28.69 -23.02
N ALA B 1 -19.62 33.52 -26.02
CA ALA B 1 -20.78 33.05 -25.22
C ALA B 1 -20.61 31.58 -24.84
N THR B 2 -20.23 31.31 -23.59
CA THR B 2 -20.15 29.93 -23.14
C THR B 2 -21.50 29.20 -23.41
N LEU B 3 -21.56 27.90 -23.21
CA LEU B 3 -22.84 27.22 -23.32
C LEU B 3 -23.67 27.66 -22.14
N LYS B 4 -23.01 27.72 -20.98
CA LYS B 4 -23.67 28.20 -19.78
C LYS B 4 -24.37 29.54 -20.06
N ASP B 5 -23.66 30.47 -20.69
CA ASP B 5 -24.21 31.78 -20.93
C ASP B 5 -25.54 31.65 -21.64
N GLN B 6 -25.52 30.91 -22.73
CA GLN B 6 -26.72 30.69 -23.54
C GLN B 6 -27.91 29.94 -22.91
N LEU B 7 -27.66 29.21 -21.82
CA LEU B 7 -28.63 28.30 -21.22
C LEU B 7 -29.19 28.80 -19.93
N ILE B 8 -28.34 29.40 -19.09
CA ILE B 8 -28.72 29.82 -17.75
C ILE B 8 -28.52 31.31 -17.48
N TYR B 9 -29.64 32.04 -17.41
CA TYR B 9 -29.65 33.39 -16.92
C TYR B 9 -29.41 33.28 -15.43
N ASN B 10 -28.49 34.07 -14.92
CA ASN B 10 -28.03 34.03 -13.53
C ASN B 10 -28.57 35.20 -12.65
N LEU B 11 -29.30 34.88 -11.58
CA LEU B 11 -29.76 35.91 -10.65
C LEU B 11 -28.66 36.20 -9.67
N LEU B 12 -28.78 37.31 -8.95
CA LEU B 12 -27.82 37.76 -7.93
C LEU B 12 -27.66 36.73 -6.86
N LYS B 13 -26.46 36.46 -6.38
CA LYS B 13 -26.28 35.46 -5.30
C LYS B 13 -26.52 36.06 -3.93
N GLU B 14 -27.03 35.27 -2.98
CA GLU B 14 -26.80 35.58 -1.58
C GLU B 14 -25.99 34.42 -0.98
N GLU B 15 -25.39 34.69 0.17
CA GLU B 15 -24.45 33.75 0.80
C GLU B 15 -25.22 32.55 1.29
N GLN B 16 -24.44 31.57 1.71
CA GLN B 16 -24.94 30.24 1.80
C GLN B 16 -24.16 29.46 2.83
N THR B 17 -24.52 29.60 4.09
CA THR B 17 -23.98 28.67 5.06
C THR B 17 -24.71 27.36 4.79
N PRO B 18 -24.01 26.23 4.92
CA PRO B 18 -24.73 24.95 4.87
C PRO B 18 -25.63 24.78 6.08
N GLN B 19 -26.77 24.15 5.89
CA GLN B 19 -27.86 24.19 6.86
C GLN B 19 -28.04 22.99 7.75
N ASN B 20 -27.57 21.83 7.32
CA ASN B 20 -27.65 20.61 8.14
C ASN B 20 -26.49 19.75 7.80
N LYS B 21 -25.31 20.22 8.18
CA LYS B 21 -24.08 19.63 7.74
C LYS B 21 -23.57 18.69 8.77
N ILE B 22 -23.24 17.49 8.31
CA ILE B 22 -22.60 16.47 9.14
C ILE B 22 -21.23 16.13 8.61
N THR B 23 -20.26 16.06 9.52
CA THR B 23 -18.89 15.68 9.19
C THR B 23 -18.61 14.39 9.90
N VAL B 24 -17.91 13.50 9.20
CA VAL B 24 -17.44 12.25 9.77
C VAL B 24 -15.94 12.28 9.79
N VAL B 25 -15.38 12.17 10.98
CA VAL B 25 -13.95 12.01 11.04
C VAL B 25 -13.57 10.53 10.94
N GLY B 26 -12.72 10.23 9.96
CA GLY B 26 -12.11 8.92 9.78
C GLY B 26 -12.82 8.13 8.74
N VAL B 27 -12.15 7.79 7.66
CA VAL B 27 -12.87 7.07 6.62
C VAL B 27 -12.58 5.57 6.60
N GLY B 28 -12.46 4.99 7.80
CA GLY B 28 -12.36 3.54 7.98
C GLY B 28 -13.73 2.96 7.71
N ALA B 29 -13.83 1.64 7.68
CA ALA B 29 -15.11 0.98 7.40
C ALA B 29 -16.26 1.52 8.23
N VAL B 30 -15.99 1.92 9.49
CA VAL B 30 -17.02 2.47 10.37
C VAL B 30 -17.41 3.85 9.90
N GLY B 31 -16.42 4.70 9.76
CA GLY B 31 -16.64 6.02 9.21
C GLY B 31 -17.51 6.01 7.96
N MET B 32 -17.17 5.13 7.00
CA MET B 32 -17.85 5.09 5.69
C MET B 32 -19.23 4.48 5.77
N ALA B 33 -19.43 3.35 6.45
CA ALA B 33 -20.81 2.94 6.76
C ALA B 33 -21.62 4.03 7.43
N CYS B 34 -21.01 4.88 8.27
CA CYS B 34 -21.72 6.04 8.84
C CYS B 34 -22.08 7.03 7.75
N ALA B 35 -21.12 7.22 6.84
CA ALA B 35 -21.27 8.14 5.71
C ALA B 35 -22.42 7.72 4.80
N ILE B 36 -22.35 6.51 4.26
CA ILE B 36 -23.40 6.05 3.38
C ILE B 36 -24.71 5.92 4.11
N SER B 37 -24.69 5.43 5.34
CA SER B 37 -25.95 5.23 6.09
C SER B 37 -26.68 6.58 6.33
N ILE B 38 -25.92 7.65 6.58
CA ILE B 38 -26.49 9.00 6.70
C ILE B 38 -26.95 9.54 5.36
N LEU B 39 -26.19 9.26 4.31
CA LEU B 39 -26.54 9.79 2.99
C LEU B 39 -27.88 9.26 2.55
N MET B 40 -28.14 8.00 2.89
CA MET B 40 -29.35 7.34 2.45
C MET B 40 -30.54 7.68 3.30
N LYS B 41 -30.37 8.22 4.50
CA LYS B 41 -31.54 8.64 5.30
C LYS B 41 -31.76 10.12 5.21
N ASP B 42 -31.16 10.72 4.18
CA ASP B 42 -31.28 12.15 3.85
C ASP B 42 -31.17 13.08 5.04
N LEU B 43 -30.27 12.82 5.97
CA LEU B 43 -30.14 13.65 7.16
C LEU B 43 -29.32 14.92 7.02
N ALA B 44 -28.45 14.99 6.01
CA ALA B 44 -27.66 16.18 5.75
C ALA B 44 -27.92 16.84 4.37
N ASP B 45 -27.35 18.04 4.23
CA ASP B 45 -27.29 18.74 2.96
C ASP B 45 -25.82 18.92 2.60
N GLU B 46 -24.94 18.71 3.57
CA GLU B 46 -23.49 18.65 3.30
C GLU B 46 -22.88 17.58 4.17
N LEU B 47 -22.02 16.78 3.54
CA LEU B 47 -21.27 15.76 4.22
C LEU B 47 -19.80 15.96 4.03
N ALA B 48 -19.08 16.02 5.14
CA ALA B 48 -17.65 16.25 5.13
C ALA B 48 -16.86 15.06 5.69
N LEU B 49 -15.93 14.60 4.87
CA LEU B 49 -15.11 13.47 5.21
C LEU B 49 -13.73 14.02 5.54
N VAL B 50 -13.18 13.58 6.67
CA VAL B 50 -11.84 13.99 7.08
C VAL B 50 -11.10 12.81 7.68
N ASP B 51 -9.85 12.64 7.29
CA ASP B 51 -8.95 11.67 7.88
C ASP B 51 -7.52 12.11 7.46
N VAL B 52 -6.51 11.28 7.74
CA VAL B 52 -5.12 11.56 7.33
C VAL B 52 -4.65 10.84 6.07
N ILE B 53 -4.95 9.57 5.90
CA ILE B 53 -4.87 8.93 4.55
C ILE B 53 -5.64 9.79 3.53
N GLU B 54 -4.94 10.42 2.59
CA GLU B 54 -5.58 11.44 1.77
C GLU B 54 -5.98 10.95 0.43
N ASP B 55 -5.20 10.02 -0.13
N ASP B 55 -5.22 10.02 -0.17
CA ASP B 55 -5.56 9.34 -1.36
CA ASP B 55 -5.66 9.37 -1.41
C ASP B 55 -6.93 8.64 -1.17
C ASP B 55 -7.00 8.69 -1.13
N LYS B 56 -7.01 7.76 -0.17
CA LYS B 56 -8.25 7.08 0.27
C LYS B 56 -9.48 7.95 0.51
N LEU B 57 -9.23 9.12 1.08
CA LEU B 57 -10.25 10.10 1.43
C LEU B 57 -10.92 10.68 0.17
N LYS B 58 -10.10 11.09 -0.78
CA LYS B 58 -10.58 11.65 -2.01
C LYS B 58 -11.24 10.59 -2.89
N GLY B 59 -10.77 9.36 -2.79
CA GLY B 59 -11.39 8.25 -3.53
C GLY B 59 -12.77 7.85 -3.00
N GLU B 60 -12.89 7.84 -1.68
CA GLU B 60 -14.17 7.60 -1.07
C GLU B 60 -15.07 8.78 -1.41
N MET B 61 -14.54 10.00 -1.47
CA MET B 61 -15.43 11.17 -1.76
C MET B 61 -15.95 11.19 -3.18
N MET B 62 -15.08 10.88 -4.12
CA MET B 62 -15.49 10.85 -5.49
C MET B 62 -16.52 9.77 -5.67
N ASP B 63 -16.31 8.65 -4.97
CA ASP B 63 -17.18 7.49 -5.21
C ASP B 63 -18.61 7.80 -4.76
N LEU B 64 -18.73 8.44 -3.60
CA LEU B 64 -20.02 8.88 -3.10
C LEU B 64 -20.57 9.91 -4.06
N GLN B 65 -19.74 10.86 -4.45
CA GLN B 65 -20.17 11.87 -5.41
C GLN B 65 -20.81 11.30 -6.70
N HIS B 66 -20.25 10.24 -7.25
CA HIS B 66 -20.77 9.71 -8.50
C HIS B 66 -22.19 9.15 -8.35
N GLY B 67 -22.52 8.72 -7.14
CA GLY B 67 -23.88 8.30 -6.82
C GLY B 67 -24.85 9.45 -6.54
N SER B 68 -24.40 10.69 -6.77
CA SER B 68 -25.15 11.89 -6.43
C SER B 68 -26.52 11.84 -7.01
N LEU B 69 -26.60 11.29 -8.20
CA LEU B 69 -27.89 11.21 -8.85
C LEU B 69 -28.98 10.47 -8.03
N PHE B 70 -28.54 9.58 -7.14
CA PHE B 70 -29.43 8.66 -6.39
C PHE B 70 -29.61 9.09 -4.96
N LEU B 71 -29.09 10.27 -4.62
CA LEU B 71 -29.12 10.83 -3.28
C LEU B 71 -29.70 12.21 -3.37
N ARG B 72 -30.10 12.75 -2.21
CA ARG B 72 -30.60 14.13 -2.09
C ARG B 72 -29.70 14.92 -1.09
N THR B 73 -28.39 14.77 -1.27
CA THR B 73 -27.43 15.39 -0.36
C THR B 73 -26.36 15.98 -1.21
N PRO B 74 -26.61 17.17 -1.76
CA PRO B 74 -25.91 17.78 -2.88
C PRO B 74 -24.49 18.31 -2.64
N LYS B 75 -23.90 18.10 -1.48
CA LYS B 75 -22.51 18.48 -1.35
C LYS B 75 -21.72 17.47 -0.58
N ILE B 76 -20.80 16.80 -1.22
CA ILE B 76 -19.98 15.94 -0.44
C ILE B 76 -18.59 16.40 -0.64
N VAL B 77 -17.93 16.77 0.44
CA VAL B 77 -16.61 17.34 0.33
C VAL B 77 -15.73 16.64 1.31
N SER B 78 -14.47 16.50 0.94
CA SER B 78 -13.51 15.81 1.81
C SER B 78 -12.20 16.55 1.89
N GLY B 79 -11.42 16.23 2.91
CA GLY B 79 -10.07 16.78 3.01
C GLY B 79 -9.30 16.54 4.29
N LYS B 80 -8.00 16.79 4.16
CA LYS B 80 -7.08 16.57 5.25
C LYS B 80 -7.06 17.77 6.16
N ASP B 81 -7.57 18.90 5.66
CA ASP B 81 -7.67 20.13 6.45
C ASP B 81 -9.02 20.10 7.12
N TYR B 82 -9.08 20.46 8.38
CA TYR B 82 -10.34 20.54 9.06
C TYR B 82 -11.27 21.71 8.67
N ASN B 83 -10.82 22.61 7.80
CA ASN B 83 -11.74 23.62 7.23
C ASN B 83 -12.89 23.04 6.40
N VAL B 84 -12.78 21.78 5.97
CA VAL B 84 -13.89 21.19 5.20
C VAL B 84 -15.06 20.87 6.14
N THR B 85 -14.79 20.83 7.45
CA THR B 85 -15.79 20.52 8.45
C THR B 85 -16.58 21.73 8.97
N ALA B 86 -16.22 22.95 8.50
CA ALA B 86 -16.80 24.20 9.02
C ALA B 86 -18.26 24.12 9.03
N ASN B 87 -18.87 24.63 10.10
CA ASN B 87 -20.35 24.71 10.28
C ASN B 87 -21.05 23.36 10.32
N SER B 88 -20.46 22.37 10.98
CA SER B 88 -21.10 21.07 11.10
C SER B 88 -22.00 21.07 12.33
N LYS B 89 -23.28 20.76 12.13
CA LYS B 89 -24.21 20.69 13.24
C LYS B 89 -23.84 19.54 14.13
N LEU B 90 -23.49 18.43 13.47
CA LEU B 90 -23.08 17.19 14.10
C LEU B 90 -21.75 16.77 13.51
N VAL B 91 -20.78 16.43 14.36
CA VAL B 91 -19.50 15.88 13.89
C VAL B 91 -19.26 14.54 14.56
N ILE B 92 -19.09 13.51 13.78
CA ILE B 92 -19.01 12.17 14.28
C ILE B 92 -17.57 11.67 14.25
N ILE B 93 -16.94 11.48 15.41
CA ILE B 93 -15.53 10.95 15.46
C ILE B 93 -15.40 9.41 15.50
N THR B 94 -14.62 8.83 14.55
CA THR B 94 -14.27 7.39 14.54
C THR B 94 -12.79 7.16 14.68
N ALA B 95 -11.98 8.11 14.19
CA ALA B 95 -10.54 8.19 14.43
C ALA B 95 -10.08 7.90 15.84
N GLY B 96 -8.86 7.43 15.92
CA GLY B 96 -8.28 6.93 17.15
C GLY B 96 -7.15 5.94 16.93
N ALA B 97 -6.35 5.75 17.98
CA ALA B 97 -5.28 4.75 18.04
C ALA B 97 -5.78 3.35 17.71
N ARG B 98 -4.90 2.50 17.17
CA ARG B 98 -5.21 1.07 16.99
C ARG B 98 -4.35 0.16 17.88
N GLN B 99 -5.00 -0.57 18.82
CA GLN B 99 -4.24 -1.32 19.83
C GLN B 99 -3.28 -2.30 19.15
N GLN B 100 -2.10 -2.46 19.74
CA GLN B 100 -1.10 -3.34 19.21
C GLN B 100 -1.03 -4.59 20.07
N GLU B 101 -0.40 -5.64 19.51
CA GLU B 101 -0.23 -6.95 20.19
C GLU B 101 0.21 -6.66 21.61
N GLY B 102 1.37 -6.03 21.77
CA GLY B 102 1.90 -5.70 23.08
C GLY B 102 1.07 -4.79 23.99
N GLU B 103 0.28 -3.88 23.44
CA GLU B 103 -0.17 -2.70 24.20
C GLU B 103 -1.05 -3.03 25.40
N SER B 104 -1.01 -2.16 26.42
CA SER B 104 -1.96 -2.26 27.56
C SER B 104 -3.08 -1.21 27.45
N ARG B 105 -4.09 -1.33 28.30
CA ARG B 105 -5.25 -0.44 28.30
C ARG B 105 -4.79 1.00 28.42
N LEU B 106 -3.86 1.24 29.32
CA LEU B 106 -3.55 2.58 29.74
C LEU B 106 -2.73 3.34 28.70
N ASN B 107 -1.90 2.62 27.97
CA ASN B 107 -1.07 3.22 26.90
C ASN B 107 -1.89 3.53 25.68
N LEU B 108 -2.84 2.67 25.37
CA LEU B 108 -3.65 2.84 24.18
C LEU B 108 -4.56 4.06 24.39
N VAL B 109 -5.07 4.28 25.60
CA VAL B 109 -5.91 5.48 25.79
C VAL B 109 -5.05 6.74 25.91
N GLN B 110 -3.85 6.66 26.48
CA GLN B 110 -2.97 7.83 26.45
C GLN B 110 -2.63 8.28 25.00
N ARG B 111 -2.67 7.37 24.04
CA ARG B 111 -2.32 7.73 22.67
C ARG B 111 -3.52 8.31 22.03
N ASN B 112 -4.65 7.62 22.24
CA ASN B 112 -5.93 8.14 21.78
C ASN B 112 -6.06 9.60 22.23
N VAL B 113 -5.66 9.86 23.48
CA VAL B 113 -5.67 11.22 24.00
C VAL B 113 -4.90 12.17 23.09
N ASN B 114 -3.66 11.78 22.78
CA ASN B 114 -2.76 12.63 21.98
C ASN B 114 -3.27 12.86 20.58
N ILE B 115 -3.87 11.84 19.99
CA ILE B 115 -4.48 12.00 18.70
C ILE B 115 -5.67 12.94 18.81
N PHE B 116 -6.36 12.86 19.95
CA PHE B 116 -7.55 13.71 20.21
C PHE B 116 -7.22 15.19 20.47
N LYS B 117 -6.01 15.46 20.99
CA LYS B 117 -5.55 16.85 21.13
C LYS B 117 -5.20 17.48 19.77
N PHE B 118 -5.25 16.69 18.72
CA PHE B 118 -5.08 17.26 17.39
C PHE B 118 -6.41 17.48 16.73
N ILE B 119 -7.26 16.44 16.84
CA ILE B 119 -8.52 16.36 16.11
C ILE B 119 -9.57 17.23 16.80
N ILE B 120 -9.81 16.98 18.08
CA ILE B 120 -10.91 17.66 18.78
C ILE B 120 -10.78 19.20 18.70
N PRO B 121 -9.62 19.74 19.09
CA PRO B 121 -9.40 21.16 18.94
C PRO B 121 -9.68 21.65 17.55
N ASN B 122 -9.32 20.86 16.54
CA ASN B 122 -9.55 21.32 15.19
C ASN B 122 -11.00 21.27 14.86
N VAL B 123 -11.73 20.28 15.34
CA VAL B 123 -13.15 20.23 15.00
C VAL B 123 -13.88 21.46 15.49
N VAL B 124 -13.66 21.84 16.75
CA VAL B 124 -14.30 23.02 17.38
C VAL B 124 -13.85 24.35 16.70
N LYS B 125 -12.60 24.35 16.25
CA LYS B 125 -12.04 25.52 15.66
C LYS B 125 -12.97 25.96 14.52
N TYR B 126 -13.49 25.02 13.74
CA TYR B 126 -14.28 25.38 12.57
C TYR B 126 -15.79 25.14 12.67
N SER B 127 -16.22 24.48 13.75
CA SER B 127 -17.65 24.25 14.00
C SER B 127 -17.83 24.20 15.52
N PRO B 128 -17.73 25.39 16.14
CA PRO B 128 -17.74 25.60 17.61
C PRO B 128 -19.04 25.23 18.29
N ASN B 129 -20.07 25.00 17.47
CA ASN B 129 -21.44 24.74 17.89
C ASN B 129 -21.93 23.32 17.52
N CYS B 130 -20.98 22.43 17.23
CA CYS B 130 -21.34 21.08 16.85
C CYS B 130 -21.81 20.21 18.04
N LYS B 131 -22.38 19.07 17.73
CA LYS B 131 -22.51 18.02 18.69
C LYS B 131 -21.49 16.94 18.29
N LEU B 132 -20.56 16.68 19.20
CA LEU B 132 -19.63 15.59 19.02
C LEU B 132 -20.37 14.31 19.34
N LEU B 133 -20.37 13.41 18.36
CA LEU B 133 -20.78 12.01 18.53
C LEU B 133 -19.50 11.19 18.50
N ILE B 134 -19.08 10.65 19.63
CA ILE B 134 -17.88 9.84 19.67
C ILE B 134 -18.19 8.35 19.48
N VAL B 135 -17.81 7.80 18.32
CA VAL B 135 -17.84 6.35 18.12
C VAL B 135 -16.46 5.72 18.40
N SER B 136 -15.40 6.50 18.10
CA SER B 136 -14.01 6.17 18.39
C SER B 136 -13.80 4.68 18.30
N ASN B 137 -13.44 4.08 19.44
CA ASN B 137 -13.00 2.68 19.51
C ASN B 137 -13.42 2.30 20.97
N PRO B 138 -12.53 2.54 22.05
CA PRO B 138 -12.91 2.40 23.53
C PRO B 138 -13.67 3.60 24.13
N VAL B 139 -14.99 3.53 23.94
CA VAL B 139 -15.88 4.68 23.87
C VAL B 139 -16.10 5.45 25.16
N ASP B 140 -16.57 4.74 26.18
CA ASP B 140 -17.01 5.44 27.36
C ASP B 140 -15.81 6.29 27.94
N ILE B 141 -14.56 5.99 27.54
CA ILE B 141 -13.38 6.82 27.95
C ILE B 141 -13.09 7.92 26.92
N LEU B 142 -13.14 7.57 25.63
CA LEU B 142 -12.76 8.53 24.61
C LEU B 142 -13.79 9.65 24.52
N THR B 143 -15.05 9.31 24.77
CA THR B 143 -16.13 10.32 24.94
C THR B 143 -15.77 11.33 26.06
N TYR B 144 -15.42 10.80 27.24
CA TYR B 144 -14.75 11.57 28.28
C TYR B 144 -13.64 12.42 27.69
N VAL B 145 -12.78 11.82 26.90
CA VAL B 145 -11.61 12.55 26.41
C VAL B 145 -11.99 13.67 25.41
N ALA B 146 -12.95 13.41 24.56
CA ALA B 146 -13.45 14.47 23.69
C ALA B 146 -14.02 15.61 24.52
N TRP B 147 -14.86 15.24 25.50
CA TRP B 147 -15.49 16.19 26.41
C TRP B 147 -14.47 17.09 27.09
N LYS B 148 -13.39 16.48 27.57
CA LYS B 148 -12.41 17.24 28.32
C LYS B 148 -11.72 18.20 27.36
N ILE B 149 -11.27 17.69 26.20
CA ILE B 149 -10.50 18.53 25.29
C ILE B 149 -11.33 19.58 24.58
N SER B 150 -12.56 19.25 24.17
CA SER B 150 -13.37 20.22 23.43
C SER B 150 -13.72 21.36 24.34
N GLY B 151 -13.88 21.04 25.63
CA GLY B 151 -14.35 21.98 26.66
C GLY B 151 -15.83 22.27 26.59
N PHE B 152 -16.56 21.41 25.89
CA PHE B 152 -17.97 21.60 25.56
C PHE B 152 -18.88 21.16 26.70
N PRO B 153 -20.09 21.75 26.79
CA PRO B 153 -21.15 21.37 27.73
C PRO B 153 -21.50 19.90 27.64
N LYS B 154 -21.57 19.19 28.78
CA LYS B 154 -21.72 17.69 28.81
C LYS B 154 -22.73 17.10 27.79
N ASN B 155 -23.76 17.89 27.54
CA ASN B 155 -24.87 17.51 26.66
C ASN B 155 -24.50 17.39 25.19
N ARG B 156 -23.49 18.15 24.77
CA ARG B 156 -23.04 18.16 23.36
C ARG B 156 -21.89 17.19 23.09
N VAL B 157 -21.69 16.22 23.96
CA VAL B 157 -20.61 15.25 23.77
C VAL B 157 -21.16 13.91 24.12
N ILE B 158 -21.45 13.13 23.10
CA ILE B 158 -22.29 11.96 23.24
C ILE B 158 -21.62 10.71 22.73
N GLY B 159 -21.47 9.69 23.57
CA GLY B 159 -20.82 8.46 23.11
C GLY B 159 -21.84 7.51 22.56
N SER B 160 -21.52 6.81 21.50
CA SER B 160 -22.49 5.84 20.97
C SER B 160 -22.83 4.79 22.05
N GLY B 161 -21.84 4.39 22.83
CA GLY B 161 -22.10 3.60 24.02
C GLY B 161 -22.81 2.35 23.64
N CYS B 162 -23.85 2.02 24.40
CA CYS B 162 -24.54 0.76 24.19
C CYS B 162 -25.74 0.90 23.24
N ASN B 163 -25.73 1.92 22.38
CA ASN B 163 -26.83 2.11 21.45
C ASN B 163 -26.87 0.90 20.54
N LEU B 164 -25.69 0.54 20.03
CA LEU B 164 -25.58 -0.60 19.16
C LEU B 164 -25.81 -1.89 19.91
N ASP B 165 -25.24 -1.98 21.11
CA ASP B 165 -25.42 -3.18 21.94
C ASP B 165 -26.90 -3.53 22.15
N SER B 166 -27.72 -2.51 22.42
CA SER B 166 -29.14 -2.70 22.62
C SER B 166 -29.84 -3.20 21.35
N ALA B 167 -29.46 -2.65 20.21
CA ALA B 167 -30.05 -3.07 18.94
C ALA B 167 -29.74 -4.52 18.64
N ARG B 168 -28.56 -5.00 19.08
CA ARG B 168 -28.12 -6.42 18.92
C ARG B 168 -28.88 -7.37 19.83
N PHE B 169 -29.20 -6.86 21.02
CA PHE B 169 -29.99 -7.53 22.03
C PHE B 169 -31.43 -7.63 21.58
N ARG B 170 -31.89 -6.63 20.85
CA ARG B 170 -33.26 -6.61 20.39
C ARG B 170 -33.43 -7.52 19.19
N TYR B 171 -32.44 -7.52 18.31
CA TYR B 171 -32.36 -8.51 17.23
C TYR B 171 -32.51 -9.95 17.77
N LEU B 172 -31.73 -10.26 18.81
CA LEU B 172 -31.62 -11.61 19.38
C LEU B 172 -32.85 -12.02 20.11
N MET B 173 -33.41 -11.04 20.84
CA MET B 173 -34.67 -11.16 21.55
C MET B 173 -35.73 -11.45 20.52
N GLY B 174 -35.75 -10.60 19.50
CA GLY B 174 -36.46 -10.81 18.27
C GLY B 174 -36.46 -12.27 17.86
N GLU B 175 -35.26 -12.83 17.64
CA GLU B 175 -35.08 -14.19 17.13
C GLU B 175 -35.90 -15.25 17.87
N ARG B 176 -35.70 -15.35 19.17
CA ARG B 176 -36.34 -16.39 19.94
C ARG B 176 -37.86 -16.25 19.88
N LEU B 177 -38.34 -15.00 19.83
CA LEU B 177 -39.76 -14.70 20.02
C LEU B 177 -40.63 -14.75 18.76
N GLY B 178 -40.03 -14.54 17.60
CA GLY B 178 -40.78 -14.55 16.36
C GLY B 178 -41.43 -13.19 16.18
N VAL B 179 -40.65 -12.13 16.38
CA VAL B 179 -41.19 -10.79 16.55
C VAL B 179 -40.13 -9.85 16.08
N HIS B 180 -40.52 -8.79 15.40
CA HIS B 180 -39.57 -7.83 14.83
C HIS B 180 -38.88 -7.12 15.98
N PRO B 181 -37.64 -6.68 15.76
CA PRO B 181 -36.97 -5.96 16.83
C PRO B 181 -37.66 -4.67 17.29
N LEU B 182 -38.30 -3.92 16.40
CA LEU B 182 -39.04 -2.74 16.82
C LEU B 182 -40.03 -3.03 17.94
N SER B 183 -40.60 -4.23 17.96
CA SER B 183 -41.66 -4.55 18.90
C SER B 183 -41.17 -5.33 20.09
N CYS B 184 -39.86 -5.59 20.14
CA CYS B 184 -39.19 -6.26 21.25
C CYS B 184 -38.46 -5.21 22.04
N HIS B 185 -38.56 -5.19 23.36
CA HIS B 185 -37.84 -4.15 24.10
C HIS B 185 -36.99 -4.76 25.19
N GLY B 186 -35.82 -4.16 25.35
CA GLY B 186 -34.79 -4.62 26.23
C GLY B 186 -33.64 -3.66 26.10
N TRP B 187 -32.84 -3.54 27.16
CA TRP B 187 -31.83 -2.50 27.24
C TRP B 187 -30.50 -3.00 27.81
N VAL B 188 -29.43 -2.66 27.12
CA VAL B 188 -28.11 -2.92 27.59
C VAL B 188 -27.53 -1.57 27.94
N LEU B 189 -27.05 -1.39 29.16
CA LEU B 189 -26.55 -0.09 29.67
C LEU B 189 -25.22 -0.23 30.42
N GLY B 190 -24.39 0.81 30.35
CA GLY B 190 -23.20 0.94 31.17
C GLY B 190 -21.92 0.98 30.36
N GLU B 191 -20.95 0.17 30.77
CA GLU B 191 -19.68 0.09 30.06
C GLU B 191 -19.91 -0.75 28.81
N HIS B 192 -19.92 -0.11 27.64
CA HIS B 192 -19.88 -0.86 26.38
C HIS B 192 -18.81 -1.93 26.55
N GLY B 193 -19.06 -3.13 26.04
CA GLY B 193 -18.08 -4.21 26.13
C GLY B 193 -18.48 -5.26 27.16
N ASP B 194 -17.49 -5.92 27.72
CA ASP B 194 -17.70 -7.10 28.59
C ASP B 194 -18.63 -6.85 29.77
N SER B 195 -18.68 -5.59 30.23
CA SER B 195 -19.38 -5.20 31.46
C SER B 195 -20.83 -4.74 31.26
N SER B 196 -21.24 -4.63 30.00
CA SER B 196 -22.57 -4.10 29.63
C SER B 196 -23.69 -4.84 30.38
N VAL B 197 -24.62 -4.09 30.96
CA VAL B 197 -25.67 -4.67 31.79
C VAL B 197 -27.02 -4.81 31.12
N PRO B 198 -27.49 -6.05 30.90
CA PRO B 198 -28.80 -6.24 30.33
C PRO B 198 -29.84 -6.18 31.42
N VAL B 199 -30.61 -5.08 31.42
CA VAL B 199 -31.71 -4.80 32.38
C VAL B 199 -32.90 -5.78 32.14
N TRP B 200 -32.81 -6.94 32.79
CA TRP B 200 -33.74 -8.05 32.56
C TRP B 200 -35.16 -7.62 32.91
N SER B 201 -35.28 -6.71 33.87
CA SER B 201 -36.58 -6.25 34.41
C SER B 201 -37.38 -5.61 33.30
N GLY B 202 -36.73 -4.64 32.64
CA GLY B 202 -37.24 -3.91 31.47
C GLY B 202 -37.47 -4.67 30.16
N MET B 203 -37.08 -5.94 30.07
CA MET B 203 -37.41 -6.73 28.88
C MET B 203 -38.87 -7.11 28.74
N ASN B 204 -39.43 -6.74 27.59
CA ASN B 204 -40.85 -6.97 27.32
C ASN B 204 -41.23 -7.00 25.82
N VAL B 205 -42.50 -7.32 25.60
CA VAL B 205 -43.19 -7.11 24.34
C VAL B 205 -44.58 -6.64 24.71
N ALA B 206 -45.10 -5.62 24.02
CA ALA B 206 -46.42 -5.05 24.35
C ALA B 206 -46.61 -4.69 25.83
N GLY B 207 -45.51 -4.45 26.52
CA GLY B 207 -45.55 -3.99 27.92
C GLY B 207 -45.65 -5.08 28.96
N VAL B 208 -45.70 -6.34 28.55
CA VAL B 208 -45.72 -7.48 29.47
C VAL B 208 -44.27 -7.93 29.79
N SER B 209 -43.86 -7.73 31.06
CA SER B 209 -42.49 -8.05 31.50
C SER B 209 -42.25 -9.54 31.31
N LEU B 210 -41.04 -9.84 30.84
CA LEU B 210 -40.55 -11.22 30.73
C LEU B 210 -40.04 -11.67 32.11
N LYS B 211 -39.24 -10.85 32.76
CA LYS B 211 -38.80 -11.18 34.12
C LYS B 211 -39.96 -11.58 35.01
N THR B 212 -41.15 -11.01 34.81
CA THR B 212 -42.32 -11.34 35.65
C THR B 212 -43.00 -12.65 35.18
N LEU B 213 -42.95 -12.92 33.88
CA LEU B 213 -43.60 -14.10 33.27
C LEU B 213 -42.78 -15.42 33.41
N HIS B 214 -41.47 -15.29 33.57
CA HIS B 214 -40.50 -16.39 33.67
C HIS B 214 -39.38 -15.88 34.58
N PRO B 215 -39.57 -15.99 35.93
CA PRO B 215 -38.74 -15.37 36.99
C PRO B 215 -37.25 -15.75 37.07
N ASP B 216 -36.86 -16.87 36.42
CA ASP B 216 -35.42 -17.26 36.24
C ASP B 216 -34.80 -16.68 34.94
N LEU B 217 -35.47 -15.73 34.30
CA LEU B 217 -34.94 -15.10 33.09
C LEU B 217 -33.59 -14.47 33.39
N GLY B 218 -32.58 -14.92 32.64
CA GLY B 218 -31.29 -14.27 32.71
C GLY B 218 -30.45 -14.62 33.91
N THR B 219 -31.01 -15.35 34.89
CA THR B 219 -30.20 -15.92 35.97
C THR B 219 -29.51 -17.18 35.47
N ASP B 220 -28.63 -17.73 36.31
CA ASP B 220 -27.86 -18.93 35.96
C ASP B 220 -28.75 -20.18 35.94
N LYS B 221 -29.57 -20.37 36.98
CA LYS B 221 -30.57 -21.43 36.94
C LYS B 221 -31.75 -21.19 35.94
N ASP B 222 -31.46 -20.65 34.74
CA ASP B 222 -32.50 -20.40 33.69
C ASP B 222 -32.56 -21.61 32.72
N LYS B 223 -33.73 -22.26 32.64
CA LYS B 223 -33.88 -23.46 31.78
C LYS B 223 -33.57 -23.20 30.28
N GLU B 224 -34.11 -22.12 29.71
CA GLU B 224 -33.82 -21.74 28.29
C GLU B 224 -32.61 -20.78 28.11
N GLN B 225 -31.77 -20.69 29.15
N GLN B 225 -31.73 -20.67 29.11
CA GLN B 225 -30.55 -19.88 29.20
CA GLN B 225 -30.47 -19.92 28.96
C GLN B 225 -30.61 -18.53 28.45
C GLN B 225 -30.59 -18.48 28.39
N TRP B 226 -31.37 -17.58 28.99
CA TRP B 226 -31.50 -16.22 28.41
C TRP B 226 -30.26 -15.33 28.66
N LYS B 227 -29.41 -15.72 29.60
CA LYS B 227 -28.17 -15.01 29.86
C LYS B 227 -27.31 -15.10 28.61
N GLU B 228 -27.46 -16.21 27.86
CA GLU B 228 -26.69 -16.47 26.62
C GLU B 228 -26.88 -15.40 25.56
N VAL B 229 -28.11 -14.88 25.45
CA VAL B 229 -28.40 -13.75 24.58
C VAL B 229 -27.48 -12.58 24.91
N HIS B 230 -27.33 -12.25 26.19
CA HIS B 230 -26.43 -11.15 26.57
C HIS B 230 -24.90 -11.44 26.54
N LYS B 231 -24.51 -12.66 26.88
CA LYS B 231 -23.19 -13.13 26.48
C LYS B 231 -23.02 -12.72 24.98
N GLN B 232 -23.79 -13.37 24.08
CA GLN B 232 -23.81 -13.08 22.61
C GLN B 232 -23.74 -11.62 22.17
N VAL B 233 -24.34 -10.72 22.95
CA VAL B 233 -24.27 -9.28 22.61
C VAL B 233 -22.86 -8.73 22.74
N VAL B 234 -22.12 -9.13 23.79
CA VAL B 234 -20.71 -8.68 23.98
C VAL B 234 -19.79 -9.43 23.02
N GLU B 235 -20.15 -10.69 22.77
CA GLU B 235 -19.39 -11.57 21.92
C GLU B 235 -19.38 -11.05 20.47
N SER B 236 -20.54 -10.64 19.97
CA SER B 236 -20.73 -10.37 18.54
C SER B 236 -19.71 -9.45 17.86
N ALA B 237 -19.44 -8.27 18.42
CA ALA B 237 -18.37 -7.41 17.87
C ALA B 237 -17.04 -7.83 18.53
N TYR B 238 -16.26 -8.67 17.85
CA TYR B 238 -15.23 -9.58 18.48
C TYR B 238 -15.54 -11.04 18.07
N GLU B 239 -16.30 -11.22 17.01
CA GLU B 239 -16.87 -12.53 16.62
C GLU B 239 -17.23 -12.48 15.15
N VAL B 240 -17.84 -11.37 14.76
CA VAL B 240 -17.95 -10.93 13.37
C VAL B 240 -16.56 -10.57 12.86
N ILE B 241 -15.83 -9.83 13.68
CA ILE B 241 -14.43 -9.50 13.47
C ILE B 241 -13.69 -10.79 13.08
N LYS B 242 -13.82 -11.81 13.94
CA LYS B 242 -13.33 -13.16 13.66
C LYS B 242 -13.72 -13.58 12.25
N LEU B 243 -14.97 -13.33 11.88
CA LEU B 243 -15.56 -13.87 10.65
C LEU B 243 -15.30 -13.02 9.44
N LYS B 244 -15.50 -11.70 9.53
CA LYS B 244 -15.34 -10.79 8.37
C LYS B 244 -14.14 -9.80 8.37
N GLY B 245 -13.62 -9.41 9.55
CA GLY B 245 -12.47 -8.50 9.65
C GLY B 245 -12.64 -7.28 10.58
N TYR B 246 -13.79 -6.61 10.49
CA TYR B 246 -14.10 -5.35 11.21
C TYR B 246 -15.63 -5.42 11.46
N THR B 247 -16.23 -4.44 12.13
CA THR B 247 -17.70 -4.32 12.07
C THR B 247 -18.04 -2.98 11.44
N SER B 248 -19.09 -2.92 10.61
CA SER B 248 -19.38 -1.71 9.82
C SER B 248 -20.85 -1.51 9.68
N TRP B 249 -21.52 -2.42 9.02
CA TRP B 249 -22.92 -2.17 8.69
C TRP B 249 -23.80 -1.73 9.89
N ALA B 250 -23.75 -2.51 10.97
CA ALA B 250 -24.63 -2.27 12.11
C ALA B 250 -24.24 -1.00 12.84
N ILE B 251 -22.95 -0.84 13.06
CA ILE B 251 -22.47 0.38 13.69
C ILE B 251 -22.95 1.59 12.86
N GLY B 252 -22.75 1.57 11.54
CA GLY B 252 -23.28 2.63 10.66
C GLY B 252 -24.76 3.00 10.85
N LEU B 253 -25.64 2.00 10.78
CA LEU B 253 -27.07 2.22 10.98
C LEU B 253 -27.39 2.73 12.41
N SER B 254 -26.69 2.20 13.40
CA SER B 254 -26.79 2.66 14.79
C SER B 254 -26.52 4.16 14.87
N VAL B 255 -25.42 4.57 14.25
CA VAL B 255 -25.00 5.96 14.31
C VAL B 255 -25.99 6.80 13.53
N ALA B 256 -26.37 6.30 12.38
CA ALA B 256 -27.30 7.01 11.55
C ALA B 256 -28.53 7.41 12.33
N ASP B 257 -29.04 6.43 13.07
CA ASP B 257 -30.26 6.61 13.89
C ASP B 257 -30.07 7.68 14.91
N LEU B 258 -28.96 7.62 15.67
CA LEU B 258 -28.62 8.70 16.61
C LEU B 258 -28.55 10.01 15.83
N ALA B 259 -28.05 9.97 14.59
CA ALA B 259 -27.98 11.18 13.78
C ALA B 259 -29.39 11.74 13.49
N GLU B 260 -30.31 10.84 13.11
CA GLU B 260 -31.69 11.19 12.84
C GLU B 260 -32.31 11.81 14.06
N SER B 261 -32.08 11.26 15.24
CA SER B 261 -32.68 11.82 16.42
C SER B 261 -32.12 13.22 16.62
N ILE B 262 -30.81 13.34 16.49
CA ILE B 262 -30.16 14.65 16.73
C ILE B 262 -30.57 15.71 15.72
N MET B 263 -30.39 15.40 14.46
CA MET B 263 -30.59 16.35 13.39
C MET B 263 -32.06 16.77 13.19
N LYS B 264 -33.02 15.96 13.62
CA LYS B 264 -34.46 16.27 13.41
C LYS B 264 -35.20 16.54 14.72
N ASN B 265 -34.48 16.42 15.82
CA ASN B 265 -34.94 16.84 17.13
C ASN B 265 -36.10 16.00 17.63
N LEU B 266 -35.97 14.69 17.45
CA LEU B 266 -37.05 13.76 17.74
C LEU B 266 -37.31 13.56 19.23
N ARG B 267 -36.35 13.92 20.08
CA ARG B 267 -36.43 13.61 21.49
C ARG B 267 -36.91 12.17 21.65
N ARG B 268 -36.25 11.30 20.90
CA ARG B 268 -36.34 9.87 21.13
C ARG B 268 -35.28 9.54 22.18
N VAL B 269 -35.53 8.46 22.94
CA VAL B 269 -34.65 8.01 24.03
C VAL B 269 -33.69 6.97 23.52
N HIS B 270 -32.39 7.14 23.78
CA HIS B 270 -31.34 6.27 23.27
C HIS B 270 -30.25 5.97 24.31
N PRO B 271 -29.84 4.69 24.47
CA PRO B 271 -28.81 4.40 25.48
C PRO B 271 -27.47 4.84 24.96
N VAL B 272 -26.96 5.91 25.51
CA VAL B 272 -25.74 6.54 25.01
C VAL B 272 -24.81 6.87 26.19
N SER B 273 -23.53 6.95 25.90
CA SER B 273 -22.55 7.18 26.92
C SER B 273 -22.56 8.67 27.25
N THR B 274 -23.13 8.98 28.40
CA THR B 274 -23.20 10.35 28.87
C THR B 274 -22.70 10.44 30.29
N MET B 275 -22.47 11.66 30.76
CA MET B 275 -21.72 11.87 31.99
C MET B 275 -22.59 11.64 33.23
N ILE B 276 -22.55 10.45 33.81
N ILE B 276 -22.52 10.45 33.82
CA ILE B 276 -23.44 10.13 34.94
CA ILE B 276 -23.39 10.08 34.93
C ILE B 276 -22.81 10.33 36.31
C ILE B 276 -22.80 10.32 36.31
N LYS B 277 -22.19 11.48 36.51
CA LYS B 277 -21.76 11.90 37.85
C LYS B 277 -23.01 12.30 38.67
N GLY B 278 -23.51 11.41 39.53
CA GLY B 278 -24.74 11.72 40.27
C GLY B 278 -25.59 10.52 40.57
N LEU B 279 -25.52 9.51 39.70
CA LEU B 279 -26.26 8.23 39.91
C LEU B 279 -25.43 7.07 40.48
N TYR B 280 -26.15 6.05 40.96
CA TYR B 280 -25.64 4.66 41.21
C TYR B 280 -24.41 4.44 42.18
N GLY B 281 -24.03 5.51 42.88
CA GLY B 281 -22.83 5.55 43.74
C GLY B 281 -21.79 6.48 43.14
N ILE B 282 -21.89 6.67 41.81
CA ILE B 282 -20.80 7.24 40.98
C ILE B 282 -20.61 8.72 41.25
N LYS B 283 -19.68 8.99 42.17
CA LYS B 283 -19.31 10.33 42.52
C LYS B 283 -17.98 10.59 41.83
N ASP B 284 -17.97 10.42 40.51
CA ASP B 284 -16.76 10.40 39.68
C ASP B 284 -17.14 10.95 38.27
N ASP B 285 -16.25 11.72 37.64
CA ASP B 285 -16.45 12.21 36.24
C ASP B 285 -16.25 11.11 35.20
N VAL B 286 -17.31 10.36 34.91
CA VAL B 286 -17.22 9.23 34.00
C VAL B 286 -18.38 9.31 33.07
N PHE B 287 -18.22 8.79 31.86
CA PHE B 287 -19.35 8.59 30.98
C PHE B 287 -19.69 7.11 30.92
N LEU B 288 -20.97 6.77 31.05
CA LEU B 288 -21.48 5.41 30.81
C LEU B 288 -22.81 5.52 30.14
N SER B 289 -23.27 4.41 29.58
CA SER B 289 -24.49 4.44 28.79
C SER B 289 -25.73 4.30 29.72
N VAL B 290 -26.64 5.25 29.59
CA VAL B 290 -27.91 5.21 30.31
C VAL B 290 -28.91 5.78 29.29
N PRO B 291 -30.23 5.47 29.40
CA PRO B 291 -31.12 5.99 28.34
C PRO B 291 -31.33 7.52 28.34
N CYS B 292 -31.05 8.15 27.20
CA CYS B 292 -31.05 9.60 27.09
C CYS B 292 -31.88 10.12 25.97
N ILE B 293 -32.47 11.27 26.20
CA ILE B 293 -33.29 11.91 25.20
C ILE B 293 -32.45 12.77 24.27
N LEU B 294 -32.31 12.36 23.01
CA LEU B 294 -31.49 13.10 22.05
C LEU B 294 -32.36 14.03 21.28
N GLY B 295 -32.11 15.32 21.51
CA GLY B 295 -32.74 16.37 20.74
C GLY B 295 -31.71 16.99 19.83
N GLN B 296 -31.98 18.24 19.46
CA GLN B 296 -31.06 19.00 18.62
C GLN B 296 -30.02 19.67 19.48
N ASN B 297 -30.18 19.58 20.79
CA ASN B 297 -29.23 20.13 21.71
C ASN B 297 -28.32 19.03 22.30
N GLY B 298 -28.30 17.88 21.66
CA GLY B 298 -27.58 16.74 22.21
C GLY B 298 -28.43 16.01 23.24
N ILE B 299 -27.83 15.68 24.38
CA ILE B 299 -28.51 14.93 25.42
C ILE B 299 -29.12 15.96 26.36
N SER B 300 -30.44 16.13 26.20
CA SER B 300 -31.24 17.16 26.92
C SER B 300 -31.77 16.70 28.29
N ASP B 301 -32.10 15.41 28.42
CA ASP B 301 -32.45 14.80 29.70
C ASP B 301 -32.08 13.33 29.64
N LEU B 302 -32.28 12.62 30.74
CA LEU B 302 -32.09 11.16 30.75
C LEU B 302 -33.03 10.42 31.70
N VAL B 303 -33.07 9.12 31.53
CA VAL B 303 -33.93 8.24 32.31
C VAL B 303 -33.25 7.57 33.52
N LYS B 304 -33.94 7.64 34.64
CA LYS B 304 -33.40 7.12 35.83
C LYS B 304 -33.94 5.73 35.92
N VAL B 305 -33.11 4.75 35.56
CA VAL B 305 -33.50 3.34 35.69
C VAL B 305 -33.34 2.80 37.12
N THR B 306 -34.42 2.17 37.60
CA THR B 306 -34.38 1.39 38.83
C THR B 306 -33.54 0.11 38.57
N LEU B 307 -32.55 -0.15 39.43
CA LEU B 307 -31.64 -1.28 39.21
C LEU B 307 -31.43 -2.17 40.42
N THR B 308 -31.41 -3.48 40.17
CA THR B 308 -30.96 -4.45 41.16
C THR B 308 -29.60 -3.99 41.71
N SER B 309 -29.35 -4.25 43.00
CA SER B 309 -28.08 -3.86 43.66
C SER B 309 -26.92 -4.54 42.98
N GLU B 310 -27.22 -5.64 42.29
CA GLU B 310 -26.29 -6.27 41.36
C GLU B 310 -25.98 -5.33 40.20
N GLU B 311 -27.01 -4.91 39.50
CA GLU B 311 -26.85 -3.98 38.37
C GLU B 311 -26.18 -2.61 38.78
N GLU B 312 -26.71 -1.93 39.79
CA GLU B 312 -26.10 -0.70 40.34
C GLU B 312 -24.61 -0.88 40.54
N ALA B 313 -24.26 -1.89 41.34
CA ALA B 313 -22.86 -2.18 41.70
C ALA B 313 -21.96 -2.75 40.57
N ARG B 314 -22.51 -3.03 39.39
CA ARG B 314 -21.67 -3.29 38.21
C ARG B 314 -21.29 -1.97 37.57
N LEU B 315 -22.28 -1.08 37.40
CA LEU B 315 -21.99 0.26 36.95
C LEU B 315 -21.03 0.89 37.91
N LYS B 316 -21.30 0.77 39.21
CA LYS B 316 -20.44 1.37 40.22
C LYS B 316 -18.98 1.02 39.89
N LYS B 317 -18.75 -0.26 39.61
CA LYS B 317 -17.41 -0.78 39.37
C LYS B 317 -16.90 -0.45 37.98
N SER B 318 -17.78 -0.55 36.96
CA SER B 318 -17.50 0.02 35.62
C SER B 318 -16.86 1.41 35.82
N ALA B 319 -17.51 2.26 36.62
CA ALA B 319 -17.11 3.64 36.83
C ALA B 319 -15.86 3.79 37.68
N ASP B 320 -15.65 2.88 38.63
CA ASP B 320 -14.37 2.87 39.38
C ASP B 320 -13.21 2.58 38.45
N THR B 321 -13.41 1.52 37.68
CA THR B 321 -12.46 1.04 36.72
C THR B 321 -12.05 2.14 35.78
N LEU B 322 -13.04 2.84 35.23
CA LEU B 322 -12.82 3.92 34.26
C LEU B 322 -12.09 5.12 34.87
N TRP B 323 -12.49 5.55 36.06
CA TRP B 323 -11.78 6.63 36.73
C TRP B 323 -10.31 6.24 37.05
N GLY B 324 -10.08 4.95 37.26
CA GLY B 324 -8.74 4.44 37.59
C GLY B 324 -7.77 4.60 36.43
N ILE B 325 -8.30 4.48 35.22
CA ILE B 325 -7.55 4.80 34.00
C ILE B 325 -7.49 6.31 33.85
N GLN B 326 -8.66 6.92 33.74
CA GLN B 326 -8.80 8.33 33.41
C GLN B 326 -7.95 9.20 34.27
N LYS B 327 -7.79 8.86 35.55
CA LYS B 327 -7.02 9.72 36.44
C LYS B 327 -5.56 9.78 36.06
N GLU B 328 -5.01 8.68 35.52
CA GLU B 328 -3.57 8.58 35.13
C GLU B 328 -3.23 9.27 33.80
N LEU B 329 -4.25 9.76 33.07
CA LEU B 329 -4.08 10.56 31.83
C LEU B 329 -3.53 11.96 32.14
N GLN B 330 -3.24 12.73 31.09
CA GLN B 330 -2.71 14.10 31.24
C GLN B 330 -2.89 14.88 29.94
N PHE B 331 -3.25 16.17 30.06
CA PHE B 331 -3.61 16.99 28.89
C PHE B 331 -2.76 18.27 28.74
N ALA C 1 -40.97 14.12 44.24
CA ALA C 1 -41.25 14.82 42.94
C ALA C 1 -42.45 14.18 42.26
N THR C 2 -42.75 14.68 41.05
CA THR C 2 -43.79 14.11 40.17
C THR C 2 -43.43 12.68 39.64
N LEU C 3 -44.18 12.14 38.66
CA LEU C 3 -43.75 10.92 37.97
C LEU C 3 -42.73 11.33 36.91
N LYS C 4 -43.08 12.31 36.09
CA LYS C 4 -42.13 12.87 35.14
C LYS C 4 -40.71 12.97 35.74
N ASP C 5 -40.61 13.42 36.99
CA ASP C 5 -39.33 13.84 37.54
C ASP C 5 -38.50 12.74 38.20
N GLN C 6 -39.18 11.73 38.73
CA GLN C 6 -38.51 10.51 39.26
C GLN C 6 -38.06 9.47 38.20
N LEU C 7 -38.50 9.71 36.96
CA LEU C 7 -38.18 8.93 35.80
C LEU C 7 -37.22 9.67 34.87
N ILE C 8 -37.15 11.00 34.97
CA ILE C 8 -36.39 11.82 34.01
C ILE C 8 -35.61 12.93 34.70
N TYR C 9 -34.32 12.75 34.96
CA TYR C 9 -33.50 13.85 35.42
C TYR C 9 -33.37 14.76 34.23
N ASN C 10 -33.49 16.06 34.46
CA ASN C 10 -33.31 17.06 33.45
C ASN C 10 -31.90 17.65 33.54
N LEU C 11 -31.16 17.55 32.42
CA LEU C 11 -29.75 18.02 32.33
C LEU C 11 -29.73 19.51 32.03
N LEU C 12 -30.49 19.89 31.02
CA LEU C 12 -30.84 21.28 30.84
C LEU C 12 -32.03 21.50 29.92
N LYS C 13 -33.03 22.18 30.54
CA LYS C 13 -34.03 23.03 29.86
C LYS C 13 -33.28 24.05 29.01
N GLU C 14 -33.72 24.16 27.76
CA GLU C 14 -33.06 24.99 26.75
C GLU C 14 -34.08 25.57 25.79
N GLU C 15 -33.87 26.83 25.43
CA GLU C 15 -34.59 27.43 24.33
C GLU C 15 -34.16 26.80 23.02
N GLN C 16 -35.01 25.93 22.48
CA GLN C 16 -34.85 25.51 21.11
C GLN C 16 -35.31 26.66 20.21
N THR C 17 -34.58 26.88 19.11
CA THR C 17 -35.09 27.68 18.02
C THR C 17 -35.27 26.70 16.90
N PRO C 18 -36.34 26.81 16.13
CA PRO C 18 -36.57 25.72 15.20
C PRO C 18 -35.58 25.80 14.06
N GLN C 19 -35.14 24.65 13.57
CA GLN C 19 -34.04 24.61 12.64
C GLN C 19 -34.48 24.46 11.17
N ASN C 20 -35.65 23.87 10.93
CA ASN C 20 -36.10 23.60 9.56
C ASN C 20 -37.58 23.69 9.51
N LYS C 21 -38.09 24.85 9.94
CA LYS C 21 -39.53 25.03 10.11
C LYS C 21 -40.17 25.38 8.82
N ILE C 22 -41.40 24.94 8.68
CA ILE C 22 -42.20 25.29 7.52
C ILE C 22 -43.59 25.70 8.00
N THR C 23 -44.01 26.93 7.66
CA THR C 23 -45.38 27.39 7.92
C THR C 23 -46.21 27.09 6.69
N VAL C 24 -47.45 26.64 6.90
CA VAL C 24 -48.49 26.61 5.85
C VAL C 24 -49.69 27.52 6.16
N VAL C 25 -50.00 28.44 5.26
CA VAL C 25 -51.08 29.35 5.52
C VAL C 25 -52.36 28.90 4.79
N GLY C 26 -53.45 28.87 5.55
CA GLY C 26 -54.75 28.38 5.09
C GLY C 26 -54.82 26.87 5.15
N VAL C 27 -55.84 26.34 5.83
CA VAL C 27 -55.99 24.87 6.03
C VAL C 27 -57.19 24.24 5.26
N GLY C 28 -57.39 24.73 4.02
CA GLY C 28 -58.44 24.25 3.11
C GLY C 28 -57.89 22.93 2.63
N ALA C 29 -58.38 22.37 1.54
CA ALA C 29 -57.85 21.09 1.08
C ALA C 29 -56.46 21.31 0.59
N VAL C 30 -56.25 22.32 -0.23
CA VAL C 30 -54.92 22.55 -0.74
C VAL C 30 -53.97 22.82 0.41
N GLY C 31 -54.45 23.61 1.38
CA GLY C 31 -53.70 23.83 2.63
C GLY C 31 -53.13 22.57 3.25
N MET C 32 -54.02 21.63 3.56
CA MET C 32 -53.67 20.45 4.31
C MET C 32 -52.99 19.39 3.46
N ALA C 33 -53.44 19.22 2.24
CA ALA C 33 -52.72 18.37 1.30
C ALA C 33 -51.21 18.72 1.24
N CYS C 34 -50.90 20.01 1.22
CA CYS C 34 -49.50 20.45 1.26
C CYS C 34 -48.89 20.06 2.59
N ALA C 35 -49.63 20.09 3.69
CA ALA C 35 -49.03 19.81 4.98
C ALA C 35 -48.86 18.33 5.18
N ILE C 36 -49.86 17.53 4.80
CA ILE C 36 -49.71 16.06 4.90
C ILE C 36 -48.62 15.60 3.96
N SER C 37 -48.55 16.20 2.77
CA SER C 37 -47.49 15.83 1.86
C SER C 37 -46.13 16.11 2.47
N ILE C 38 -45.95 17.33 2.98
CA ILE C 38 -44.67 17.76 3.56
C ILE C 38 -44.26 16.89 4.78
N LEU C 39 -45.23 16.68 5.67
CA LEU C 39 -45.02 15.82 6.84
C LEU C 39 -44.39 14.46 6.51
N MET C 40 -44.79 13.90 5.37
CA MET C 40 -44.43 12.53 5.04
C MET C 40 -43.16 12.44 4.18
N LYS C 41 -42.63 13.56 3.74
CA LYS C 41 -41.33 13.58 3.07
C LYS C 41 -40.27 14.00 4.09
N ASP C 42 -40.69 13.98 5.35
CA ASP C 42 -39.90 14.48 6.45
C ASP C 42 -39.09 15.74 6.18
N LEU C 43 -39.66 16.79 5.60
CA LEU C 43 -38.85 17.93 5.14
C LEU C 43 -38.70 18.96 6.19
N ALA C 44 -39.44 18.84 7.30
CA ALA C 44 -39.34 19.82 8.38
C ALA C 44 -39.38 19.22 9.76
N ASP C 45 -38.66 19.85 10.68
CA ASP C 45 -38.65 19.52 12.11
C ASP C 45 -39.76 20.24 12.95
N GLU C 46 -40.44 21.22 12.33
CA GLU C 46 -41.60 21.93 12.90
C GLU C 46 -42.57 22.43 11.80
N LEU C 47 -43.80 21.95 11.82
CA LEU C 47 -44.85 22.48 10.95
C LEU C 47 -45.70 23.48 11.73
N ALA C 48 -46.03 24.62 11.11
CA ALA C 48 -47.01 25.57 11.68
C ALA C 48 -48.15 25.83 10.71
N LEU C 49 -49.37 25.49 11.13
CA LEU C 49 -50.61 25.89 10.45
C LEU C 49 -51.12 27.25 10.97
N VAL C 50 -51.60 28.09 10.06
CA VAL C 50 -52.23 29.37 10.42
C VAL C 50 -53.46 29.65 9.61
N ASP C 51 -54.56 29.92 10.27
CA ASP C 51 -55.73 30.42 9.58
C ASP C 51 -56.54 31.37 10.51
N VAL C 52 -57.73 31.76 10.03
CA VAL C 52 -58.65 32.62 10.80
C VAL C 52 -59.81 31.80 11.40
N ILE C 53 -60.02 30.56 10.94
CA ILE C 53 -61.05 29.72 11.54
C ILE C 53 -60.39 28.87 12.63
N GLU C 54 -60.43 29.35 13.90
CA GLU C 54 -59.70 28.68 15.00
C GLU C 54 -60.18 27.28 15.26
N ASP C 55 -61.49 27.07 15.31
N ASP C 55 -61.50 27.08 15.24
CA ASP C 55 -62.00 25.73 15.54
CA ASP C 55 -62.09 25.77 15.50
C ASP C 55 -61.49 24.80 14.43
C ASP C 55 -61.66 24.75 14.43
N LYS C 56 -61.77 25.10 13.16
CA LYS C 56 -61.24 24.24 12.04
C LYS C 56 -59.71 24.00 12.11
N LEU C 57 -58.97 25.08 12.20
CA LEU C 57 -57.52 25.06 12.33
C LEU C 57 -57.09 24.08 13.40
N LYS C 58 -57.68 24.23 14.58
CA LYS C 58 -57.24 23.49 15.75
C LYS C 58 -57.57 22.01 15.63
N GLY C 59 -58.70 21.69 14.99
CA GLY C 59 -59.03 20.30 14.69
C GLY C 59 -57.91 19.67 13.87
N GLU C 60 -57.47 20.36 12.82
CA GLU C 60 -56.52 19.83 11.89
C GLU C 60 -55.19 19.63 12.60
N MET C 61 -54.77 20.61 13.40
CA MET C 61 -53.57 20.46 14.24
C MET C 61 -53.64 19.19 15.05
N MET C 62 -54.74 18.97 15.73
CA MET C 62 -54.81 17.78 16.58
C MET C 62 -54.82 16.45 15.83
N ASP C 63 -55.44 16.46 14.65
CA ASP C 63 -55.65 15.24 13.89
C ASP C 63 -54.37 14.93 13.20
N LEU C 64 -53.57 15.95 12.94
CA LEU C 64 -52.21 15.70 12.49
C LEU C 64 -51.42 15.10 13.67
N GLN C 65 -51.48 15.79 14.80
CA GLN C 65 -50.67 15.39 15.93
C GLN C 65 -50.95 13.97 16.34
N HIS C 66 -52.19 13.55 16.20
CA HIS C 66 -52.59 12.28 16.74
C HIS C 66 -51.98 11.12 16.06
N GLY C 67 -51.36 11.33 14.90
CA GLY C 67 -50.48 10.34 14.31
C GLY C 67 -49.04 10.84 14.31
N SER C 68 -48.63 11.41 15.44
CA SER C 68 -47.26 11.96 15.57
C SER C 68 -46.28 10.86 15.66
N LEU C 69 -46.69 9.80 16.35
N LEU C 69 -46.70 9.81 16.36
CA LEU C 69 -46.03 8.50 16.42
CA LEU C 69 -46.04 8.49 16.42
C LEU C 69 -45.62 7.95 15.06
C LEU C 69 -45.63 7.94 15.06
N PHE C 70 -46.41 8.26 14.03
CA PHE C 70 -46.17 7.74 12.69
C PHE C 70 -45.35 8.67 11.82
N LEU C 71 -44.70 9.67 12.43
CA LEU C 71 -44.13 10.80 11.70
C LEU C 71 -42.85 11.16 12.39
N ARG C 72 -41.98 11.87 11.66
CA ARG C 72 -40.64 12.22 12.17
C ARG C 72 -40.53 13.73 12.10
N THR C 73 -41.59 14.37 12.60
CA THR C 73 -41.72 15.82 12.61
C THR C 73 -42.35 16.17 13.96
N PRO C 74 -41.51 16.50 14.97
CA PRO C 74 -41.86 16.44 16.41
C PRO C 74 -42.69 17.56 16.96
N LYS C 75 -42.63 18.72 16.35
CA LYS C 75 -43.47 19.81 16.79
C LYS C 75 -44.39 20.19 15.64
N ILE C 76 -45.68 20.11 15.88
CA ILE C 76 -46.70 20.66 14.98
C ILE C 76 -47.48 21.70 15.77
N VAL C 77 -47.67 22.91 15.25
CA VAL C 77 -48.44 23.90 15.98
C VAL C 77 -49.36 24.65 15.06
N SER C 78 -50.36 25.29 15.63
CA SER C 78 -51.28 26.06 14.84
C SER C 78 -51.79 27.17 15.71
N GLY C 79 -52.16 28.26 15.08
CA GLY C 79 -52.71 29.35 15.83
C GLY C 79 -53.24 30.28 14.81
N LYS C 80 -54.14 31.18 15.25
CA LYS C 80 -54.56 32.28 14.40
C LYS C 80 -53.53 33.43 14.42
N ASP C 81 -52.73 33.56 15.48
CA ASP C 81 -51.70 34.63 15.58
C ASP C 81 -50.36 34.31 14.88
N TYR C 82 -49.94 35.10 13.91
CA TYR C 82 -48.75 34.73 13.15
C TYR C 82 -47.42 34.55 13.97
N ASN C 83 -47.40 34.73 15.30
CA ASN C 83 -46.19 34.34 16.03
C ASN C 83 -45.92 32.84 15.96
N VAL C 84 -46.94 32.00 15.79
CA VAL C 84 -46.69 30.58 15.62
C VAL C 84 -45.87 30.30 14.37
N THR C 85 -45.66 31.32 13.55
CA THR C 85 -44.91 31.13 12.33
C THR C 85 -43.43 31.45 12.53
N ALA C 86 -43.07 31.83 13.75
CA ALA C 86 -41.70 32.30 14.07
C ALA C 86 -40.63 31.46 13.43
N ASN C 87 -39.68 32.13 12.78
CA ASN C 87 -38.48 31.49 12.22
C ASN C 87 -38.70 30.44 11.13
N SER C 88 -39.72 30.62 10.30
CA SER C 88 -39.96 29.62 9.28
C SER C 88 -38.93 29.75 8.19
N LYS C 89 -38.52 28.64 7.61
CA LYS C 89 -37.55 28.64 6.52
C LYS C 89 -38.30 28.94 5.27
N LEU C 90 -39.47 28.34 5.14
CA LEU C 90 -40.28 28.43 3.94
C LEU C 90 -41.69 28.60 4.42
N VAL C 91 -42.38 29.58 3.86
CA VAL C 91 -43.75 29.78 4.25
C VAL C 91 -44.52 29.57 2.97
N ILE C 92 -45.62 28.86 3.09
CA ILE C 92 -46.39 28.47 1.95
C ILE C 92 -47.77 29.09 2.07
N ILE C 93 -48.13 29.89 1.07
CA ILE C 93 -49.40 30.58 1.14
C ILE C 93 -50.39 29.85 0.25
N THR C 94 -51.31 29.10 0.83
CA THR C 94 -52.47 28.66 0.07
C THR C 94 -53.68 29.57 0.21
N ALA C 95 -53.62 30.57 1.10
CA ALA C 95 -54.82 31.36 1.45
C ALA C 95 -55.28 32.42 0.45
N GLY C 96 -56.53 32.82 0.55
CA GLY C 96 -57.03 33.81 -0.38
C GLY C 96 -58.50 34.24 -0.29
N ALA C 97 -58.97 34.83 -1.38
CA ALA C 97 -60.28 35.38 -1.45
C ALA C 97 -61.13 34.48 -2.32
N ARG C 98 -62.36 34.18 -1.89
CA ARG C 98 -63.23 33.15 -2.50
C ARG C 98 -64.21 33.76 -3.53
N GLN C 99 -64.13 33.37 -4.82
CA GLN C 99 -64.82 34.13 -5.90
C GLN C 99 -66.36 34.14 -5.74
N GLN C 100 -67.08 35.13 -6.29
CA GLN C 100 -68.41 35.41 -5.78
C GLN C 100 -69.56 35.35 -6.76
N GLU C 101 -69.60 34.32 -7.58
CA GLU C 101 -70.62 34.25 -8.65
C GLU C 101 -70.17 35.33 -9.64
N GLY C 102 -70.87 36.45 -9.75
CA GLY C 102 -70.56 37.44 -10.79
C GLY C 102 -69.33 38.32 -10.65
N GLU C 103 -68.49 38.10 -9.66
CA GLU C 103 -67.32 38.96 -9.42
C GLU C 103 -66.36 39.04 -10.61
N SER C 104 -65.67 40.18 -10.73
CA SER C 104 -64.77 40.46 -11.87
C SER C 104 -63.36 39.92 -11.65
N ARG C 105 -62.61 39.72 -12.71
CA ARG C 105 -61.33 39.08 -12.48
C ARG C 105 -60.50 39.94 -11.54
N LEU C 106 -60.65 41.25 -11.73
CA LEU C 106 -59.78 42.22 -11.07
C LEU C 106 -60.22 42.45 -9.64
N ASN C 107 -61.50 42.53 -9.43
CA ASN C 107 -62.01 42.73 -8.07
C ASN C 107 -61.63 41.61 -7.15
N LEU C 108 -61.73 40.38 -7.67
CA LEU C 108 -61.26 39.19 -6.99
C LEU C 108 -59.80 39.33 -6.61
N VAL C 109 -58.97 39.81 -7.52
CA VAL C 109 -57.56 39.96 -7.20
C VAL C 109 -57.35 41.02 -6.13
N GLN C 110 -58.14 42.08 -6.17
CA GLN C 110 -58.02 43.12 -5.14
C GLN C 110 -58.39 42.63 -3.76
N ARG C 111 -59.43 41.82 -3.63
CA ARG C 111 -59.72 41.28 -2.29
C ARG C 111 -58.54 40.37 -1.93
N ASN C 112 -58.00 39.68 -2.92
CA ASN C 112 -56.78 38.92 -2.68
C ASN C 112 -55.74 39.89 -2.16
N VAL C 113 -55.60 41.04 -2.81
CA VAL C 113 -54.58 42.01 -2.36
C VAL C 113 -54.77 42.36 -0.89
N ASN C 114 -56.01 42.57 -0.51
CA ASN C 114 -56.30 43.02 0.83
C ASN C 114 -55.91 41.97 1.82
N ILE C 115 -56.29 40.75 1.52
CA ILE C 115 -55.88 39.65 2.38
C ILE C 115 -54.34 39.52 2.51
N PHE C 116 -53.63 39.69 1.38
CA PHE C 116 -52.19 39.60 1.40
C PHE C 116 -51.63 40.82 2.11
N LYS C 117 -52.33 41.92 2.07
CA LYS C 117 -51.91 43.05 2.85
C LYS C 117 -51.84 42.71 4.34
N PHE C 118 -52.67 41.78 4.81
CA PHE C 118 -52.58 41.32 6.21
C PHE C 118 -51.62 40.13 6.38
N ILE C 119 -51.80 39.09 5.55
CA ILE C 119 -51.07 37.88 5.73
C ILE C 119 -49.58 38.11 5.53
N ILE C 120 -49.18 38.86 4.51
CA ILE C 120 -47.79 38.85 4.14
C ILE C 120 -46.90 39.56 5.13
N PRO C 121 -47.30 40.77 5.57
CA PRO C 121 -46.38 41.51 6.44
C PRO C 121 -46.33 40.94 7.81
N ASN C 122 -47.39 40.26 8.22
CA ASN C 122 -47.27 39.35 9.38
C ASN C 122 -46.26 38.20 9.19
N VAL C 123 -46.37 37.46 8.09
CA VAL C 123 -45.38 36.40 7.79
C VAL C 123 -43.94 36.89 7.89
N VAL C 124 -43.66 38.07 7.31
CA VAL C 124 -42.29 38.56 7.25
C VAL C 124 -41.86 39.13 8.58
N LYS C 125 -42.82 39.55 9.39
CA LYS C 125 -42.46 40.11 10.68
C LYS C 125 -41.85 39.02 11.55
N TYR C 126 -42.25 37.75 11.36
CA TYR C 126 -41.86 36.66 12.25
C TYR C 126 -40.90 35.63 11.66
N SER C 127 -40.50 35.84 10.43
CA SER C 127 -39.63 34.93 9.70
C SER C 127 -39.12 35.78 8.55
N PRO C 128 -38.29 36.79 8.87
CA PRO C 128 -37.90 37.74 7.86
C PRO C 128 -36.93 37.21 6.85
N ASN C 129 -36.30 36.04 7.11
CA ASN C 129 -35.39 35.36 6.14
C ASN C 129 -36.04 34.19 5.38
N CYS C 130 -37.35 34.08 5.47
CA CYS C 130 -38.05 32.99 4.86
C CYS C 130 -38.10 33.11 3.34
N LYS C 131 -38.43 31.99 2.72
CA LYS C 131 -38.80 31.96 1.32
C LYS C 131 -40.33 31.89 1.30
N LEU C 132 -40.96 32.59 0.36
CA LEU C 132 -42.41 32.53 0.20
C LEU C 132 -42.75 31.70 -1.00
N LEU C 133 -43.62 30.72 -0.81
CA LEU C 133 -44.14 29.95 -1.91
C LEU C 133 -45.59 30.36 -2.07
N ILE C 134 -45.95 30.94 -3.19
CA ILE C 134 -47.37 31.24 -3.33
C ILE C 134 -48.05 30.12 -4.08
N VAL C 135 -48.94 29.42 -3.38
CA VAL C 135 -49.78 28.39 -4.01
C VAL C 135 -51.15 28.90 -4.43
N SER C 136 -51.63 29.96 -3.78
CA SER C 136 -52.96 30.53 -4.02
C SER C 136 -53.14 31.14 -5.40
N ASN C 137 -54.32 30.89 -5.96
CA ASN C 137 -54.66 31.33 -7.30
C ASN C 137 -55.35 32.70 -7.29
N PRO C 138 -55.33 33.44 -8.43
CA PRO C 138 -54.50 33.26 -9.61
C PRO C 138 -53.02 33.34 -9.22
N VAL C 139 -52.28 32.27 -9.47
CA VAL C 139 -50.95 32.22 -8.95
C VAL C 139 -50.12 33.35 -9.50
N ASP C 140 -50.06 33.49 -10.82
CA ASP C 140 -48.94 34.25 -11.36
C ASP C 140 -48.98 35.70 -10.84
N ILE C 141 -50.19 36.22 -10.66
CA ILE C 141 -50.47 37.60 -10.25
C ILE C 141 -50.35 37.82 -8.74
N LEU C 142 -50.82 36.85 -7.96
CA LEU C 142 -50.69 36.85 -6.51
C LEU C 142 -49.25 36.62 -6.03
N THR C 143 -48.41 36.02 -6.89
CA THR C 143 -46.97 35.89 -6.59
C THR C 143 -46.35 37.29 -6.67
N TYR C 144 -46.79 38.07 -7.66
CA TYR C 144 -46.37 39.46 -7.81
C TYR C 144 -46.86 40.28 -6.63
N VAL C 145 -48.11 40.04 -6.24
CA VAL C 145 -48.69 40.75 -5.10
C VAL C 145 -47.85 40.53 -3.82
N ALA C 146 -47.46 39.28 -3.54
CA ALA C 146 -46.76 39.00 -2.28
C ALA C 146 -45.34 39.54 -2.34
N TRP C 147 -44.82 39.70 -3.54
CA TRP C 147 -43.47 40.20 -3.71
C TRP C 147 -43.46 41.72 -3.43
N LYS C 148 -44.41 42.39 -4.08
CA LYS C 148 -44.63 43.82 -3.95
C LYS C 148 -44.94 44.18 -2.48
N ILE C 149 -45.76 43.41 -1.79
CA ILE C 149 -46.04 43.67 -0.37
C ILE C 149 -44.92 43.24 0.59
N SER C 150 -44.18 42.18 0.28
CA SER C 150 -43.18 41.66 1.24
C SER C 150 -41.93 42.49 1.23
N GLY C 151 -41.66 43.12 0.09
CA GLY C 151 -40.44 43.85 -0.11
C GLY C 151 -39.28 42.91 -0.26
N PHE C 152 -39.57 41.61 -0.30
CA PHE C 152 -38.54 40.58 -0.46
C PHE C 152 -37.98 40.69 -1.86
N PRO C 153 -36.80 40.09 -2.10
CA PRO C 153 -36.20 40.06 -3.43
C PRO C 153 -36.73 38.90 -4.27
N LYS C 154 -36.65 39.04 -5.58
CA LYS C 154 -37.45 38.22 -6.51
C LYS C 154 -37.24 36.70 -6.39
N ASN C 155 -36.08 36.39 -5.79
CA ASN C 155 -35.61 35.03 -5.63
C ASN C 155 -36.26 34.34 -4.44
N ARG C 156 -36.65 35.11 -3.43
CA ARG C 156 -37.33 34.49 -2.30
C ARG C 156 -38.83 34.49 -2.45
N VAL C 157 -39.37 35.08 -3.51
CA VAL C 157 -40.81 34.97 -3.76
C VAL C 157 -41.09 34.15 -5.03
N ILE C 158 -41.77 33.04 -4.83
CA ILE C 158 -41.82 31.97 -5.80
C ILE C 158 -43.25 31.54 -5.98
N GLY C 159 -43.68 31.36 -7.23
CA GLY C 159 -45.07 30.92 -7.45
C GLY C 159 -45.15 29.46 -7.76
N SER C 160 -46.15 28.73 -7.26
CA SER C 160 -46.25 27.29 -7.56
C SER C 160 -46.48 27.09 -9.07
N GLY C 161 -46.81 28.15 -9.77
CA GLY C 161 -46.73 28.19 -11.21
C GLY C 161 -47.25 27.01 -11.96
N CYS C 162 -46.45 26.56 -12.90
CA CYS C 162 -46.76 25.38 -13.71
C CYS C 162 -46.04 24.11 -13.24
N ASN C 163 -45.52 24.11 -12.02
CA ASN C 163 -44.85 22.92 -11.49
C ASN C 163 -45.79 21.75 -11.56
N LEU C 164 -47.05 21.95 -11.13
CA LEU C 164 -48.09 20.91 -11.25
C LEU C 164 -48.57 20.66 -12.69
N ASP C 165 -48.78 21.77 -13.39
CA ASP C 165 -49.23 21.76 -14.78
C ASP C 165 -48.35 20.87 -15.62
N SER C 166 -47.03 20.94 -15.39
CA SER C 166 -46.05 20.12 -16.06
C SER C 166 -46.09 18.67 -15.57
N ALA C 167 -46.26 18.48 -14.27
CA ALA C 167 -46.44 17.14 -13.76
C ALA C 167 -47.61 16.43 -14.42
N ARG C 168 -48.68 17.15 -14.72
CA ARG C 168 -49.82 16.56 -15.43
C ARG C 168 -49.48 16.27 -16.85
N PHE C 169 -48.70 17.16 -17.42
CA PHE C 169 -48.35 17.00 -18.82
C PHE C 169 -47.53 15.72 -18.99
N ARG C 170 -46.75 15.39 -17.97
CA ARG C 170 -45.89 14.22 -17.97
C ARG C 170 -46.61 12.97 -17.57
N TYR C 171 -47.60 13.06 -16.69
CA TYR C 171 -48.45 11.89 -16.42
C TYR C 171 -49.08 11.41 -17.72
N LEU C 172 -49.60 12.39 -18.46
CA LEU C 172 -50.42 12.17 -19.64
C LEU C 172 -49.58 11.68 -20.74
N MET C 173 -48.39 12.28 -20.86
CA MET C 173 -47.38 11.84 -21.81
C MET C 173 -47.15 10.36 -21.55
N GLY C 174 -46.92 10.09 -20.26
CA GLY C 174 -46.68 8.76 -19.72
C GLY C 174 -47.71 7.77 -20.11
N GLU C 175 -48.97 7.98 -19.74
N GLU C 175 -48.97 7.99 -19.72
CA GLU C 175 -50.02 7.02 -20.06
CA GLU C 175 -50.07 7.09 -20.12
C GLU C 175 -50.16 6.75 -21.57
C GLU C 175 -50.04 6.71 -21.58
N ARG C 176 -49.75 7.69 -22.43
CA ARG C 176 -49.80 7.49 -23.89
C ARG C 176 -48.66 6.62 -24.44
N LEU C 177 -47.46 6.86 -23.89
CA LEU C 177 -46.25 6.16 -24.25
C LEU C 177 -46.08 4.85 -23.49
N GLY C 178 -46.76 4.64 -22.39
CA GLY C 178 -46.49 3.46 -21.58
C GLY C 178 -45.20 3.52 -20.76
N VAL C 179 -44.80 4.73 -20.35
CA VAL C 179 -43.55 4.94 -19.68
C VAL C 179 -43.85 5.77 -18.42
N HIS C 180 -43.07 5.56 -17.35
CA HIS C 180 -43.35 6.22 -16.06
C HIS C 180 -43.17 7.72 -16.29
N PRO C 181 -43.84 8.57 -15.52
CA PRO C 181 -43.66 9.95 -15.86
C PRO C 181 -42.27 10.51 -15.47
N LEU C 182 -41.62 9.93 -14.48
CA LEU C 182 -40.21 10.24 -14.25
C LEU C 182 -39.41 10.22 -15.52
N SER C 183 -39.71 9.30 -16.43
CA SER C 183 -38.92 9.12 -17.63
C SER C 183 -39.42 9.78 -18.93
N CYS C 184 -40.64 10.35 -18.89
CA CYS C 184 -41.25 11.16 -19.97
C CYS C 184 -40.99 12.55 -19.60
N HIS C 185 -40.58 13.42 -20.52
CA HIS C 185 -40.21 14.80 -20.18
C HIS C 185 -40.92 15.79 -21.05
N GLY C 186 -41.37 16.89 -20.45
CA GLY C 186 -42.10 17.92 -21.18
C GLY C 186 -42.32 19.11 -20.28
N TRP C 187 -42.49 20.27 -20.87
CA TRP C 187 -42.56 21.48 -20.07
C TRP C 187 -43.75 22.28 -20.50
N VAL C 188 -44.58 22.59 -19.50
CA VAL C 188 -45.67 23.54 -19.61
C VAL C 188 -45.22 24.78 -18.89
N LEU C 189 -45.20 25.87 -19.63
CA LEU C 189 -44.57 27.11 -19.20
C LEU C 189 -45.54 28.29 -19.37
N GLY C 190 -45.24 29.41 -18.69
CA GLY C 190 -45.98 30.66 -18.91
C GLY C 190 -47.04 30.86 -17.86
N GLU C 191 -48.26 31.20 -18.28
CA GLU C 191 -49.35 31.56 -17.32
C GLU C 191 -49.90 30.26 -16.81
N HIS C 192 -49.97 30.05 -15.49
CA HIS C 192 -50.64 28.82 -15.00
C HIS C 192 -52.09 29.04 -15.29
N GLY C 193 -52.55 28.64 -16.46
CA GLY C 193 -53.89 28.94 -16.85
C GLY C 193 -54.27 28.18 -18.08
N ASP C 194 -55.15 28.78 -18.86
CA ASP C 194 -55.55 28.31 -20.17
C ASP C 194 -54.46 28.68 -21.13
N SER C 195 -53.62 29.65 -20.75
CA SER C 195 -52.67 30.26 -21.70
C SER C 195 -51.31 29.57 -21.67
N SER C 196 -51.16 28.70 -20.68
CA SER C 196 -50.01 27.82 -20.47
C SER C 196 -49.48 27.25 -21.78
N VAL C 197 -48.15 27.26 -21.96
CA VAL C 197 -47.50 26.96 -23.24
C VAL C 197 -46.78 25.60 -23.26
N PRO C 198 -47.29 24.63 -24.02
CA PRO C 198 -46.67 23.33 -23.99
C PRO C 198 -45.52 23.34 -24.98
N VAL C 199 -44.31 23.24 -24.45
CA VAL C 199 -43.12 23.40 -25.25
C VAL C 199 -42.80 22.04 -25.88
N TRP C 200 -43.29 21.87 -27.11
CA TRP C 200 -43.11 20.65 -27.93
C TRP C 200 -41.63 20.45 -28.30
N SER C 201 -40.95 21.55 -28.65
CA SER C 201 -39.50 21.49 -28.90
C SER C 201 -38.85 20.60 -27.90
N GLY C 202 -39.20 20.73 -26.62
CA GLY C 202 -38.64 19.92 -25.53
C GLY C 202 -39.10 18.48 -25.26
N MET C 203 -40.33 18.10 -25.57
CA MET C 203 -40.80 16.74 -25.24
C MET C 203 -39.89 15.58 -25.72
N ASN C 204 -39.27 14.86 -24.78
CA ASN C 204 -38.39 13.68 -25.08
C ASN C 204 -38.66 12.47 -24.21
N VAL C 205 -38.19 11.32 -24.67
CA VAL C 205 -37.92 10.21 -23.78
C VAL C 205 -36.46 9.82 -23.99
N ALA C 206 -35.71 9.71 -22.91
CA ALA C 206 -34.32 9.27 -23.02
C ALA C 206 -33.54 10.15 -23.91
N GLY C 207 -34.00 11.41 -23.98
CA GLY C 207 -33.36 12.42 -24.78
C GLY C 207 -33.60 12.32 -26.28
N VAL C 208 -34.58 11.50 -26.73
CA VAL C 208 -34.98 11.51 -28.15
C VAL C 208 -36.22 12.39 -28.32
N SER C 209 -35.99 13.46 -29.08
CA SER C 209 -36.97 14.47 -29.47
C SER C 209 -38.21 13.89 -30.11
N LEU C 210 -39.37 14.17 -29.53
CA LEU C 210 -40.64 13.72 -30.12
C LEU C 210 -41.00 14.61 -31.29
N LYS C 211 -40.58 15.86 -31.23
CA LYS C 211 -40.80 16.75 -32.36
C LYS C 211 -40.03 16.28 -33.63
N THR C 212 -38.72 16.02 -33.54
CA THR C 212 -37.95 15.65 -34.74
C THR C 212 -38.43 14.28 -35.23
N LEU C 213 -39.08 13.52 -34.36
CA LEU C 213 -39.54 12.19 -34.73
C LEU C 213 -40.87 12.23 -35.49
N HIS C 214 -41.79 13.06 -35.01
CA HIS C 214 -43.13 13.18 -35.61
C HIS C 214 -43.47 14.68 -35.68
N PRO C 215 -42.98 15.37 -36.72
CA PRO C 215 -43.03 16.84 -36.68
C PRO C 215 -44.41 17.50 -36.68
N ASP C 216 -45.46 16.78 -37.06
CA ASP C 216 -46.82 17.30 -36.88
C ASP C 216 -47.15 17.56 -35.40
N LEU C 217 -46.45 16.91 -34.47
CA LEU C 217 -46.66 17.06 -33.01
C LEU C 217 -47.06 18.46 -32.54
N GLY C 218 -48.27 18.56 -31.99
CA GLY C 218 -48.73 19.79 -31.34
C GLY C 218 -49.36 20.77 -32.30
N THR C 219 -49.65 20.27 -33.50
CA THR C 219 -50.22 21.08 -34.58
C THR C 219 -51.58 20.52 -34.98
N ASP C 220 -52.42 21.40 -35.54
CA ASP C 220 -53.79 21.09 -35.91
C ASP C 220 -53.85 19.91 -36.90
N LYS C 221 -52.86 19.73 -37.77
CA LYS C 221 -52.90 18.60 -38.70
C LYS C 221 -52.31 17.28 -38.10
N ASP C 222 -52.04 17.25 -36.80
CA ASP C 222 -51.38 16.11 -36.13
C ASP C 222 -52.33 14.96 -36.00
N LYS C 223 -52.17 13.90 -36.81
CA LYS C 223 -53.19 12.86 -36.82
C LYS C 223 -53.33 12.21 -35.41
N GLU C 224 -52.24 12.15 -34.63
CA GLU C 224 -52.26 11.63 -33.22
C GLU C 224 -52.84 12.62 -32.21
N GLN C 225 -53.18 13.81 -32.71
CA GLN C 225 -53.78 14.89 -31.93
C GLN C 225 -53.15 15.12 -30.55
N TRP C 226 -51.87 15.42 -30.56
CA TRP C 226 -51.13 15.54 -29.33
C TRP C 226 -51.53 16.81 -28.61
N LYS C 227 -52.11 17.77 -29.32
CA LYS C 227 -52.50 19.04 -28.71
C LYS C 227 -53.49 18.79 -27.56
N GLU C 228 -54.38 17.80 -27.73
CA GLU C 228 -55.34 17.40 -26.69
C GLU C 228 -54.75 17.16 -25.30
N VAL C 229 -53.54 16.62 -25.27
CA VAL C 229 -52.83 16.40 -24.01
C VAL C 229 -52.73 17.72 -23.23
N HIS C 230 -52.36 18.78 -23.92
CA HIS C 230 -52.25 20.08 -23.29
C HIS C 230 -53.59 20.62 -22.84
N LYS C 231 -54.58 20.54 -23.73
CA LYS C 231 -55.96 20.90 -23.40
C LYS C 231 -56.38 20.21 -22.07
N GLN C 232 -56.07 18.91 -21.99
CA GLN C 232 -56.34 18.12 -20.78
C GLN C 232 -55.54 18.62 -19.58
N VAL C 233 -54.27 18.94 -19.79
CA VAL C 233 -53.55 19.67 -18.74
C VAL C 233 -54.36 20.89 -18.27
N VAL C 234 -54.81 21.71 -19.22
CA VAL C 234 -55.45 22.99 -18.87
C VAL C 234 -56.78 22.80 -18.13
N GLU C 235 -57.51 21.76 -18.50
CA GLU C 235 -58.87 21.58 -18.03
C GLU C 235 -58.97 20.64 -16.88
N SER C 236 -57.87 20.38 -16.18
CA SER C 236 -57.90 19.32 -15.20
C SER C 236 -58.53 19.76 -13.89
N ALA C 237 -58.06 20.88 -13.33
CA ALA C 237 -58.67 21.43 -12.11
C ALA C 237 -60.17 21.58 -12.31
N TYR C 238 -60.58 21.89 -13.54
CA TYR C 238 -61.99 22.01 -13.81
C TYR C 238 -62.68 20.62 -13.75
N GLU C 239 -62.10 19.64 -14.44
CA GLU C 239 -62.69 18.31 -14.54
C GLU C 239 -62.68 17.60 -13.19
N VAL C 240 -61.57 17.74 -12.49
CA VAL C 240 -61.48 17.22 -11.14
C VAL C 240 -62.53 17.89 -10.24
N ILE C 241 -62.53 19.23 -10.17
CA ILE C 241 -63.47 20.03 -9.32
C ILE C 241 -64.93 19.67 -9.59
N LYS C 242 -65.29 19.65 -10.86
CA LYS C 242 -66.59 19.16 -11.34
C LYS C 242 -66.91 17.76 -10.76
N LEU C 243 -65.90 16.89 -10.76
CA LEU C 243 -66.06 15.52 -10.27
C LEU C 243 -65.95 15.32 -8.75
N LYS C 244 -65.08 16.06 -8.08
CA LYS C 244 -64.90 15.84 -6.63
C LYS C 244 -65.07 17.05 -5.70
N GLY C 245 -65.22 18.25 -6.25
CA GLY C 245 -65.55 19.44 -5.46
C GLY C 245 -64.40 20.41 -5.40
N TYR C 246 -63.19 19.87 -5.27
CA TYR C 246 -61.99 20.71 -5.16
C TYR C 246 -60.86 19.88 -5.82
N THR C 247 -59.62 20.38 -5.81
CA THR C 247 -58.46 19.52 -6.00
C THR C 247 -57.48 19.75 -4.84
N SER C 248 -56.60 18.79 -4.60
CA SER C 248 -55.78 18.85 -3.43
C SER C 248 -54.56 17.97 -3.60
N TRP C 249 -54.78 16.69 -3.78
CA TRP C 249 -53.70 15.73 -3.65
C TRP C 249 -52.56 16.00 -4.61
N ALA C 250 -52.83 16.22 -5.89
CA ALA C 250 -51.74 16.54 -6.79
C ALA C 250 -51.03 17.86 -6.36
N ILE C 251 -51.79 18.94 -6.19
CA ILE C 251 -51.18 20.21 -5.82
C ILE C 251 -50.36 20.02 -4.53
N GLY C 252 -50.88 19.34 -3.52
CA GLY C 252 -50.09 19.03 -2.32
C GLY C 252 -48.73 18.32 -2.58
N LEU C 253 -48.79 17.19 -3.31
CA LEU C 253 -47.61 16.44 -3.71
C LEU C 253 -46.61 17.31 -4.47
N SER C 254 -47.14 18.15 -5.36
CA SER C 254 -46.36 19.08 -6.17
C SER C 254 -45.60 20.05 -5.25
N VAL C 255 -46.30 20.62 -4.28
CA VAL C 255 -45.72 21.69 -3.43
C VAL C 255 -44.64 21.06 -2.57
N ALA C 256 -44.87 19.83 -2.15
CA ALA C 256 -43.92 19.17 -1.28
C ALA C 256 -42.63 18.91 -2.06
N ASP C 257 -42.79 18.70 -3.37
CA ASP C 257 -41.65 18.58 -4.26
C ASP C 257 -40.85 19.83 -4.26
N LEU C 258 -41.49 20.99 -4.22
CA LEU C 258 -40.75 22.25 -4.21
C LEU C 258 -40.09 22.38 -2.86
N ALA C 259 -40.89 22.18 -1.82
CA ALA C 259 -40.37 22.16 -0.48
C ALA C 259 -39.08 21.31 -0.39
N GLU C 260 -39.09 20.11 -0.98
CA GLU C 260 -37.87 19.27 -1.00
C GLU C 260 -36.73 20.06 -1.58
N SER C 261 -36.76 20.37 -2.85
CA SER C 261 -35.69 21.15 -3.42
C SER C 261 -35.28 22.37 -2.62
N ILE C 262 -36.22 23.11 -2.03
CA ILE C 262 -35.84 24.33 -1.29
C ILE C 262 -35.19 23.91 0.03
N MET C 263 -35.95 23.20 0.82
CA MET C 263 -35.52 22.87 2.16
C MET C 263 -34.20 22.09 2.14
N LYS C 264 -34.06 21.15 1.20
CA LYS C 264 -32.88 20.27 1.03
C LYS C 264 -31.74 20.86 0.14
N ASN C 265 -31.85 22.13 -0.27
CA ASN C 265 -30.93 22.84 -1.18
C ASN C 265 -30.50 22.10 -2.41
N LEU C 266 -31.46 21.54 -3.13
CA LEU C 266 -31.14 20.60 -4.19
C LEU C 266 -30.69 21.20 -5.50
N ARG C 267 -31.15 22.40 -5.81
CA ARG C 267 -30.88 23.03 -7.12
C ARG C 267 -31.40 22.18 -8.28
N ARG C 268 -32.62 21.69 -8.15
CA ARG C 268 -33.25 21.07 -9.29
C ARG C 268 -33.95 22.15 -10.03
N VAL C 269 -34.31 21.84 -11.27
CA VAL C 269 -35.00 22.76 -12.13
C VAL C 269 -36.48 22.40 -12.13
N HIS C 270 -37.29 23.27 -11.54
CA HIS C 270 -38.76 23.20 -11.64
C HIS C 270 -39.32 24.43 -12.36
N PRO C 271 -40.51 24.32 -12.98
CA PRO C 271 -41.14 25.44 -13.66
C PRO C 271 -42.05 26.17 -12.71
N VAL C 272 -41.51 27.14 -12.02
CA VAL C 272 -42.28 27.89 -11.07
C VAL C 272 -42.52 29.24 -11.67
N SER C 273 -43.16 30.12 -10.93
CA SER C 273 -43.53 31.40 -11.46
C SER C 273 -42.58 32.39 -10.78
N THR C 274 -41.80 33.10 -11.59
CA THR C 274 -40.98 34.15 -11.03
C THR C 274 -40.91 35.45 -11.83
N MET C 275 -40.30 36.48 -11.29
CA MET C 275 -40.19 37.74 -12.05
C MET C 275 -39.46 37.50 -13.35
N ILE C 276 -40.01 37.79 -14.52
CA ILE C 276 -39.24 37.58 -15.76
C ILE C 276 -39.19 38.79 -16.67
N LYS C 277 -39.45 39.98 -16.14
CA LYS C 277 -39.18 41.21 -16.89
C LYS C 277 -37.80 41.11 -17.52
N GLY C 278 -37.72 41.29 -18.84
CA GLY C 278 -36.43 41.21 -19.54
C GLY C 278 -36.36 40.10 -20.57
N LEU C 279 -36.73 38.90 -20.16
CA LEU C 279 -36.79 37.70 -21.02
C LEU C 279 -37.96 37.71 -22.01
N TYR C 280 -37.76 37.11 -23.20
CA TYR C 280 -38.81 36.96 -24.25
C TYR C 280 -39.56 38.26 -24.64
N GLY C 281 -38.83 39.36 -24.66
CA GLY C 281 -39.40 40.68 -24.96
C GLY C 281 -40.45 41.19 -23.98
N ILE C 282 -40.37 40.71 -22.75
CA ILE C 282 -41.30 41.13 -21.71
C ILE C 282 -40.69 42.34 -21.05
N LYS C 283 -41.53 43.36 -20.82
CA LYS C 283 -41.10 44.70 -20.42
C LYS C 283 -41.53 45.16 -19.03
N ASP C 284 -42.57 44.54 -18.45
CA ASP C 284 -43.19 45.02 -17.20
C ASP C 284 -42.96 44.07 -16.05
N ASP C 285 -43.08 44.57 -14.82
CA ASP C 285 -43.08 43.76 -13.57
C ASP C 285 -44.13 42.64 -13.49
N VAL C 286 -43.95 41.64 -14.33
CA VAL C 286 -44.83 40.51 -14.38
C VAL C 286 -44.13 39.21 -13.94
N PHE C 287 -44.93 38.24 -13.43
CA PHE C 287 -44.45 36.87 -13.06
C PHE C 287 -44.98 35.72 -13.94
N LEU C 288 -44.09 34.88 -14.43
CA LEU C 288 -44.53 33.69 -15.16
C LEU C 288 -43.65 32.49 -14.91
N SER C 289 -44.16 31.36 -15.38
CA SER C 289 -43.49 30.10 -15.22
C SER C 289 -42.42 29.88 -16.33
N VAL C 290 -41.23 29.59 -15.82
CA VAL C 290 -40.02 29.42 -16.53
C VAL C 290 -39.17 28.42 -15.67
N PRO C 291 -38.48 27.44 -16.31
CA PRO C 291 -37.66 26.52 -15.54
C PRO C 291 -36.70 27.23 -14.62
N CYS C 292 -36.83 27.02 -13.32
CA CYS C 292 -35.96 27.70 -12.37
C CYS C 292 -35.10 26.77 -11.53
N ILE C 293 -33.86 27.18 -11.30
CA ILE C 293 -33.07 26.46 -10.34
C ILE C 293 -33.44 26.82 -8.91
N LEU C 294 -34.03 25.86 -8.21
CA LEU C 294 -34.48 26.01 -6.85
C LEU C 294 -33.50 25.48 -5.84
N GLY C 295 -33.24 26.24 -4.80
CA GLY C 295 -32.42 25.76 -3.70
C GLY C 295 -32.75 26.55 -2.45
N GLN C 296 -31.80 26.63 -1.54
CA GLN C 296 -32.11 27.13 -0.23
C GLN C 296 -32.33 28.65 -0.10
N ASN C 297 -31.96 29.44 -1.11
CA ASN C 297 -32.37 30.84 -1.13
C ASN C 297 -33.40 31.01 -2.19
N GLY C 298 -34.26 30.01 -2.36
CA GLY C 298 -35.30 30.08 -3.38
C GLY C 298 -34.67 29.97 -4.74
N ILE C 299 -35.11 30.81 -5.70
CA ILE C 299 -34.61 30.81 -7.10
C ILE C 299 -33.24 31.44 -7.30
N SER C 300 -32.22 30.64 -7.60
CA SER C 300 -30.88 31.19 -7.77
C SER C 300 -30.63 31.59 -9.21
N ASP C 301 -31.21 30.88 -10.18
CA ASP C 301 -31.01 31.16 -11.62
C ASP C 301 -32.18 30.61 -12.34
N LEU C 302 -32.32 30.89 -13.64
N LEU C 302 -32.34 30.97 -13.61
CA LEU C 302 -33.45 30.34 -14.38
CA LEU C 302 -33.45 30.47 -14.44
C LEU C 302 -33.07 30.02 -15.79
C LEU C 302 -32.87 29.91 -15.71
N VAL C 303 -33.48 28.86 -16.25
CA VAL C 303 -33.05 28.34 -17.53
C VAL C 303 -33.72 29.09 -18.68
N LYS C 304 -32.94 29.32 -19.74
CA LYS C 304 -33.39 30.11 -20.90
C LYS C 304 -33.82 29.16 -21.96
N VAL C 305 -35.10 28.81 -21.92
CA VAL C 305 -35.67 28.00 -22.96
C VAL C 305 -35.79 28.81 -24.26
N THR C 306 -35.42 28.19 -25.38
CA THR C 306 -35.62 28.77 -26.70
C THR C 306 -37.07 28.56 -27.13
N LEU C 307 -37.66 29.59 -27.72
CA LEU C 307 -39.07 29.52 -28.05
C LEU C 307 -39.30 29.96 -29.48
N THR C 308 -40.31 29.35 -30.09
CA THR C 308 -40.73 29.72 -31.43
C THR C 308 -41.37 31.08 -31.29
N SER C 309 -41.42 31.82 -32.39
CA SER C 309 -42.04 33.15 -32.35
C SER C 309 -43.45 33.08 -31.73
N GLU C 310 -44.25 32.09 -32.16
N GLU C 310 -44.24 32.09 -32.16
CA GLU C 310 -45.64 31.92 -31.67
CA GLU C 310 -45.62 31.90 -31.71
C GLU C 310 -45.70 31.74 -30.16
C GLU C 310 -45.70 31.71 -30.19
N GLU C 311 -44.80 30.91 -29.65
CA GLU C 311 -44.71 30.61 -28.24
C GLU C 311 -44.28 31.84 -27.46
N GLU C 312 -43.35 32.57 -28.03
CA GLU C 312 -42.86 33.82 -27.44
C GLU C 312 -44.00 34.84 -27.40
N ALA C 313 -44.83 34.85 -28.43
CA ALA C 313 -45.96 35.76 -28.46
C ALA C 313 -46.95 35.40 -27.36
N ARG C 314 -47.27 34.10 -27.23
CA ARG C 314 -48.16 33.61 -26.18
C ARG C 314 -47.77 34.19 -24.83
N LEU C 315 -46.50 34.00 -24.46
CA LEU C 315 -45.94 34.51 -23.20
C LEU C 315 -46.05 36.00 -23.11
N LYS C 316 -45.59 36.71 -24.14
CA LYS C 316 -45.71 38.17 -24.13
C LYS C 316 -47.18 38.56 -23.87
N LYS C 317 -48.11 38.02 -24.66
CA LYS C 317 -49.51 38.35 -24.45
C LYS C 317 -49.93 38.02 -23.04
N SER C 318 -49.57 36.84 -22.55
CA SER C 318 -49.79 36.47 -21.14
C SER C 318 -49.43 37.62 -20.19
N ALA C 319 -48.25 38.19 -20.44
CA ALA C 319 -47.69 39.22 -19.57
C ALA C 319 -48.45 40.53 -19.72
N ASP C 320 -48.84 40.81 -20.97
CA ASP C 320 -49.62 41.98 -21.30
C ASP C 320 -50.89 41.91 -20.50
N THR C 321 -51.54 40.76 -20.51
CA THR C 321 -52.77 40.59 -19.76
C THR C 321 -52.55 40.86 -18.28
N LEU C 322 -51.55 40.20 -17.73
CA LEU C 322 -51.28 40.25 -16.31
C LEU C 322 -50.84 41.60 -15.81
N TRP C 323 -50.09 42.34 -16.64
CA TRP C 323 -49.74 43.71 -16.30
C TRP C 323 -51.04 44.51 -16.24
N GLY C 324 -51.84 44.35 -17.29
CA GLY C 324 -53.24 44.81 -17.40
C GLY C 324 -54.07 44.73 -16.12
N ILE C 325 -54.09 43.56 -15.52
CA ILE C 325 -54.69 43.42 -14.19
C ILE C 325 -53.86 44.08 -13.09
N GLN C 326 -52.56 43.82 -13.07
CA GLN C 326 -51.70 44.28 -11.98
C GLN C 326 -51.79 45.84 -11.87
N LYS C 327 -51.79 46.51 -13.03
CA LYS C 327 -51.73 47.95 -13.07
C LYS C 327 -52.94 48.67 -12.45
N GLU C 328 -54.06 47.99 -12.21
CA GLU C 328 -55.20 48.59 -11.48
C GLU C 328 -55.44 47.92 -10.12
N LEU C 329 -54.37 47.41 -9.52
CA LEU C 329 -54.48 47.00 -8.17
C LEU C 329 -54.33 48.25 -7.36
N GLN C 330 -54.61 48.19 -6.05
N GLN C 330 -54.59 48.21 -6.06
CA GLN C 330 -54.30 49.28 -5.12
CA GLN C 330 -54.15 49.28 -5.18
C GLN C 330 -53.68 48.67 -3.84
C GLN C 330 -53.64 48.64 -3.89
N PHE C 331 -52.39 48.97 -3.57
CA PHE C 331 -51.67 48.51 -2.36
C PHE C 331 -51.83 49.42 -1.10
N HIS C 332 -51.40 50.71 -1.18
CA HIS C 332 -51.41 51.69 -0.02
C HIS C 332 -52.73 52.44 0.02
N ALA D 1 -46.87 3.86 -38.85
CA ALA D 1 -45.72 3.99 -37.91
C ALA D 1 -46.09 4.99 -36.84
N THR D 2 -46.99 4.67 -35.91
CA THR D 2 -47.39 5.67 -34.88
C THR D 2 -46.14 6.11 -34.11
N LEU D 3 -46.26 7.15 -33.29
CA LEU D 3 -45.07 7.71 -32.62
C LEU D 3 -44.60 6.79 -31.50
N LYS D 4 -45.56 6.28 -30.71
CA LYS D 4 -45.25 5.32 -29.67
C LYS D 4 -44.40 4.16 -30.20
N ASP D 5 -44.61 3.75 -31.45
CA ASP D 5 -43.77 2.71 -32.08
C ASP D 5 -42.42 3.25 -32.54
N GLN D 6 -42.40 4.33 -33.31
CA GLN D 6 -41.16 4.94 -33.76
C GLN D 6 -40.19 5.11 -32.61
N LEU D 7 -40.76 5.42 -31.44
CA LEU D 7 -39.99 5.72 -30.23
C LEU D 7 -39.63 4.48 -29.44
N ILE D 8 -40.54 3.51 -29.35
CA ILE D 8 -40.30 2.38 -28.50
C ILE D 8 -40.53 1.05 -29.19
N TYR D 9 -39.56 0.14 -29.12
CA TYR D 9 -39.71 -1.22 -29.64
C TYR D 9 -40.14 -2.13 -28.48
N ASN D 10 -41.30 -2.76 -28.61
CA ASN D 10 -41.84 -3.66 -27.57
C ASN D 10 -41.07 -4.94 -27.65
N LEU D 11 -40.73 -5.54 -26.51
CA LEU D 11 -40.14 -6.90 -26.52
C LEU D 11 -41.15 -7.97 -26.19
N LEU D 12 -42.22 -7.59 -25.49
CA LEU D 12 -42.90 -8.50 -24.64
C LEU D 12 -44.31 -7.98 -24.36
N LYS D 13 -45.29 -8.68 -24.90
CA LYS D 13 -46.69 -8.37 -24.72
C LYS D 13 -47.06 -8.77 -23.31
N GLU D 14 -46.71 -10.01 -22.97
CA GLU D 14 -47.11 -10.69 -21.72
C GLU D 14 -47.43 -9.76 -20.52
N GLU D 15 -47.52 -10.34 -19.32
CA GLU D 15 -47.95 -9.63 -18.12
C GLU D 15 -49.46 -9.60 -18.01
N GLN D 16 -49.94 -9.90 -16.82
CA GLN D 16 -51.35 -9.76 -16.49
C GLN D 16 -51.46 -9.12 -15.09
N THR D 17 -51.12 -9.88 -14.05
CA THR D 17 -51.50 -9.54 -12.68
C THR D 17 -50.38 -8.78 -11.98
N PRO D 18 -50.71 -8.03 -10.92
CA PRO D 18 -49.76 -7.24 -10.18
C PRO D 18 -49.38 -7.92 -8.89
N GLN D 19 -48.33 -7.44 -8.27
CA GLN D 19 -47.61 -8.21 -7.25
C GLN D 19 -48.00 -7.83 -5.82
N ASN D 20 -48.16 -6.54 -5.57
CA ASN D 20 -48.38 -6.03 -4.24
C ASN D 20 -49.44 -5.02 -4.25
N LYS D 21 -50.67 -5.41 -4.58
CA LYS D 21 -51.76 -4.43 -4.79
C LYS D 21 -52.54 -4.16 -3.54
N ILE D 22 -53.03 -2.95 -3.39
CA ILE D 22 -53.89 -2.61 -2.28
C ILE D 22 -55.17 -1.97 -2.79
N THR D 23 -56.31 -2.45 -2.31
CA THR D 23 -57.60 -1.85 -2.60
C THR D 23 -58.05 -1.06 -1.37
N VAL D 24 -58.60 0.12 -1.62
CA VAL D 24 -59.28 0.91 -0.60
C VAL D 24 -60.75 1.08 -1.00
N VAL D 25 -61.62 0.48 -0.22
CA VAL D 25 -63.04 0.52 -0.44
C VAL D 25 -63.63 1.73 0.30
N GLY D 26 -64.41 2.49 -0.46
CA GLY D 26 -64.97 3.74 0.01
C GLY D 26 -63.91 4.83 -0.08
N VAL D 27 -64.30 5.94 -0.69
CA VAL D 27 -63.40 7.08 -0.77
C VAL D 27 -63.88 8.32 0.01
N GLY D 28 -64.22 8.10 1.29
CA GLY D 28 -64.50 9.20 2.20
C GLY D 28 -63.24 9.98 2.52
N ALA D 29 -63.27 10.81 3.56
CA ALA D 29 -62.04 11.42 4.08
C ALA D 29 -61.11 10.34 4.57
N VAL D 30 -61.68 9.34 5.27
CA VAL D 30 -60.91 8.26 5.89
C VAL D 30 -60.28 7.45 4.77
N GLY D 31 -61.16 6.98 3.87
CA GLY D 31 -60.74 6.35 2.62
C GLY D 31 -59.49 6.96 1.98
N MET D 32 -59.56 8.26 1.63
CA MET D 32 -58.47 8.90 0.89
C MET D 32 -57.29 9.13 1.78
N ALA D 33 -57.54 9.35 3.06
CA ALA D 33 -56.42 9.59 3.97
C ALA D 33 -55.61 8.32 4.12
N CYS D 34 -56.29 7.17 4.01
CA CYS D 34 -55.60 5.89 3.89
C CYS D 34 -54.84 5.85 2.58
N ALA D 35 -55.53 6.23 1.51
CA ALA D 35 -54.97 6.19 0.17
C ALA D 35 -53.71 7.06 0.02
N ILE D 36 -53.72 8.29 0.52
CA ILE D 36 -52.52 9.12 0.39
C ILE D 36 -51.45 8.60 1.33
N SER D 37 -51.81 8.12 2.50
CA SER D 37 -50.77 7.64 3.39
C SER D 37 -50.07 6.41 2.83
N ILE D 38 -50.84 5.47 2.28
CA ILE D 38 -50.27 4.32 1.61
C ILE D 38 -49.40 4.73 0.40
N LEU D 39 -49.79 5.75 -0.36
CA LEU D 39 -49.06 6.11 -1.60
C LEU D 39 -47.65 6.53 -1.27
N MET D 40 -47.56 7.31 -0.21
CA MET D 40 -46.34 7.96 0.14
C MET D 40 -45.52 7.12 1.10
N LYS D 41 -45.97 5.95 1.50
CA LYS D 41 -45.10 5.03 2.22
C LYS D 41 -44.68 3.91 1.29
N ASP D 42 -44.73 4.20 -0.02
CA ASP D 42 -44.43 3.22 -1.06
C ASP D 42 -44.69 1.82 -0.67
N LEU D 43 -45.95 1.44 -0.49
CA LEU D 43 -46.31 0.09 -0.03
C LEU D 43 -46.94 -0.81 -1.10
N ALA D 44 -47.38 -0.23 -2.21
CA ALA D 44 -48.11 -0.97 -3.24
C ALA D 44 -47.66 -0.56 -4.64
N ASP D 45 -47.75 -1.53 -5.56
CA ASP D 45 -47.35 -1.34 -6.93
C ASP D 45 -48.59 -1.07 -7.79
N GLU D 46 -49.80 -1.30 -7.23
CA GLU D 46 -51.08 -0.92 -7.90
C GLU D 46 -52.04 -0.57 -6.78
N LEU D 47 -52.86 0.45 -6.97
CA LEU D 47 -53.82 0.85 -5.94
C LEU D 47 -55.24 1.04 -6.51
N ALA D 48 -56.21 0.28 -6.01
CA ALA D 48 -57.55 0.34 -6.56
C ALA D 48 -58.49 1.07 -5.62
N LEU D 49 -59.26 1.98 -6.17
CA LEU D 49 -60.26 2.70 -5.44
C LEU D 49 -61.68 2.28 -5.84
N VAL D 50 -62.48 1.90 -4.85
CA VAL D 50 -63.87 1.55 -5.11
C VAL D 50 -64.85 2.34 -4.23
N ASP D 51 -65.95 2.76 -4.85
CA ASP D 51 -67.10 3.30 -4.13
C ASP D 51 -68.29 3.20 -5.13
N VAL D 52 -69.42 3.79 -4.74
CA VAL D 52 -70.58 3.94 -5.61
C VAL D 52 -70.86 5.38 -6.00
N ILE D 53 -70.09 6.33 -5.49
CA ILE D 53 -70.34 7.70 -5.89
C ILE D 53 -69.53 7.87 -7.15
N GLU D 54 -70.11 7.49 -8.30
CA GLU D 54 -69.34 7.32 -9.52
C GLU D 54 -68.47 8.55 -9.81
N ASP D 55 -69.07 9.73 -9.94
N ASP D 55 -69.11 9.72 -9.88
CA ASP D 55 -68.28 10.93 -10.26
CA ASP D 55 -68.40 10.98 -10.17
C ASP D 55 -67.20 11.29 -9.19
C ASP D 55 -67.25 11.31 -9.20
N LYS D 56 -67.51 11.20 -7.89
CA LYS D 56 -66.47 11.48 -6.83
C LYS D 56 -65.19 10.61 -6.97
N LEU D 57 -65.44 9.32 -7.14
CA LEU D 57 -64.42 8.28 -7.29
C LEU D 57 -63.49 8.60 -8.39
N LYS D 58 -64.07 8.89 -9.55
CA LYS D 58 -63.29 9.24 -10.70
C LYS D 58 -62.43 10.50 -10.41
N GLY D 59 -62.97 11.43 -9.63
CA GLY D 59 -62.22 12.63 -9.31
C GLY D 59 -61.02 12.33 -8.44
N GLU D 60 -61.24 11.60 -7.36
CA GLU D 60 -60.14 11.22 -6.49
C GLU D 60 -59.06 10.40 -7.25
N MET D 61 -59.47 9.50 -8.14
CA MET D 61 -58.49 8.75 -8.90
C MET D 61 -57.63 9.67 -9.73
N MET D 62 -58.25 10.49 -10.56
CA MET D 62 -57.58 11.58 -11.32
C MET D 62 -56.63 12.49 -10.48
N ASP D 63 -57.13 13.05 -9.38
CA ASP D 63 -56.31 13.93 -8.58
C ASP D 63 -55.03 13.24 -8.15
N LEU D 64 -55.14 11.97 -7.77
CA LEU D 64 -53.99 11.17 -7.31
C LEU D 64 -53.13 10.82 -8.49
N GLN D 65 -53.77 10.39 -9.58
CA GLN D 65 -53.07 10.04 -10.80
C GLN D 65 -52.13 11.18 -11.17
N HIS D 66 -52.60 12.43 -11.07
CA HIS D 66 -51.85 13.58 -11.62
C HIS D 66 -50.60 13.88 -10.81
N GLY D 67 -50.57 13.45 -9.57
CA GLY D 67 -49.38 13.55 -8.78
C GLY D 67 -48.48 12.35 -8.98
N SER D 68 -48.77 11.49 -9.95
CA SER D 68 -47.96 10.28 -10.25
C SER D 68 -46.46 10.46 -10.20
N LEU D 69 -45.98 11.37 -11.02
CA LEU D 69 -44.60 11.76 -11.07
C LEU D 69 -43.91 11.83 -9.70
N PHE D 70 -44.61 12.35 -8.68
CA PHE D 70 -44.04 12.47 -7.30
C PHE D 70 -44.24 11.21 -6.43
N LEU D 71 -44.51 10.06 -7.06
CA LEU D 71 -44.83 8.80 -6.34
C LEU D 71 -44.24 7.59 -7.08
N ARG D 72 -43.93 6.57 -6.29
N ARG D 72 -43.86 6.56 -6.32
CA ARG D 72 -43.41 5.28 -6.77
CA ARG D 72 -43.40 5.29 -6.88
C ARG D 72 -44.51 4.20 -6.74
C ARG D 72 -44.50 4.21 -6.77
N THR D 73 -45.74 4.61 -7.06
CA THR D 73 -46.83 3.66 -7.25
C THR D 73 -47.34 3.81 -8.65
N PRO D 74 -47.04 2.86 -9.53
CA PRO D 74 -47.17 3.16 -10.94
C PRO D 74 -48.54 2.97 -11.51
N LYS D 75 -49.42 2.27 -10.83
CA LYS D 75 -50.74 2.17 -11.39
C LYS D 75 -51.79 2.35 -10.34
N ILE D 76 -52.66 3.32 -10.64
CA ILE D 76 -53.82 3.65 -9.84
C ILE D 76 -55.05 3.48 -10.70
N VAL D 77 -56.13 2.99 -10.09
CA VAL D 77 -57.36 2.62 -10.78
C VAL D 77 -58.61 2.85 -9.89
N SER D 78 -59.77 3.05 -10.52
CA SER D 78 -61.00 3.13 -9.76
C SER D 78 -62.14 2.49 -10.48
N GLY D 79 -63.25 2.28 -9.81
CA GLY D 79 -64.39 1.71 -10.49
C GLY D 79 -65.47 1.39 -9.48
N LYS D 80 -66.72 1.51 -9.90
N LYS D 80 -66.73 1.51 -9.92
CA LYS D 80 -67.83 1.11 -9.04
CA LYS D 80 -67.90 1.08 -9.12
C LYS D 80 -67.96 -0.43 -9.00
C LYS D 80 -67.93 -0.44 -8.99
N ASP D 81 -67.32 -1.09 -9.99
CA ASP D 81 -67.33 -2.53 -10.17
C ASP D 81 -66.10 -3.19 -9.57
N TYR D 82 -66.31 -4.21 -8.74
CA TYR D 82 -65.20 -4.76 -7.96
C TYR D 82 -64.08 -5.49 -8.79
N ASN D 83 -64.33 -5.76 -10.08
CA ASN D 83 -63.31 -6.35 -10.94
C ASN D 83 -61.98 -5.58 -10.90
N VAL D 84 -62.01 -4.29 -10.52
CA VAL D 84 -60.78 -3.47 -10.44
C VAL D 84 -59.95 -3.81 -9.21
N THR D 85 -60.57 -4.46 -8.22
CA THR D 85 -59.89 -4.87 -7.00
C THR D 85 -59.07 -6.15 -7.21
N ALA D 86 -59.20 -6.77 -8.38
CA ALA D 86 -58.74 -8.12 -8.60
C ALA D 86 -57.28 -8.29 -8.21
N ASN D 87 -57.02 -9.38 -7.49
CA ASN D 87 -55.71 -9.77 -6.95
C ASN D 87 -55.09 -8.82 -5.95
N SER D 88 -55.89 -8.30 -5.05
CA SER D 88 -55.32 -7.44 -4.06
C SER D 88 -54.65 -8.24 -2.97
N LYS D 89 -53.49 -7.81 -2.50
N LYS D 89 -53.51 -7.80 -2.48
CA LYS D 89 -52.87 -8.43 -1.32
CA LYS D 89 -52.93 -8.48 -1.33
C LYS D 89 -53.73 -8.06 -0.12
C LYS D 89 -53.70 -8.07 -0.09
N LEU D 90 -53.90 -6.76 0.09
CA LEU D 90 -54.64 -6.25 1.24
C LEU D 90 -55.82 -5.45 0.71
N VAL D 91 -56.94 -5.46 1.44
CA VAL D 91 -58.15 -4.69 1.05
C VAL D 91 -58.70 -3.99 2.26
N ILE D 92 -58.70 -2.68 2.19
CA ILE D 92 -59.08 -1.87 3.33
C ILE D 92 -60.52 -1.41 3.16
N ILE D 93 -61.36 -1.73 4.12
CA ILE D 93 -62.80 -1.34 4.04
C ILE D 93 -63.07 -0.14 4.93
N THR D 94 -63.23 1.01 4.31
CA THR D 94 -63.71 2.16 5.07
C THR D 94 -65.21 2.40 4.89
N ALA D 95 -65.81 1.74 3.91
CA ALA D 95 -67.23 1.92 3.55
C ALA D 95 -68.24 1.49 4.61
N GLY D 96 -69.43 2.07 4.56
CA GLY D 96 -70.48 1.71 5.51
C GLY D 96 -71.78 2.52 5.45
N ALA D 97 -72.48 2.57 6.56
CA ALA D 97 -73.75 3.22 6.61
C ALA D 97 -73.44 4.44 7.40
N ARG D 98 -73.92 5.59 6.90
CA ARG D 98 -73.92 6.87 7.64
C ARG D 98 -75.06 6.89 8.61
N GLN D 99 -74.81 7.36 9.83
CA GLN D 99 -75.82 7.37 10.88
C GLN D 99 -76.96 8.31 10.52
N GLN D 100 -78.17 7.80 10.79
CA GLN D 100 -79.39 8.59 10.74
C GLN D 100 -79.62 9.27 12.10
N GLU D 101 -80.56 10.23 12.16
CA GLU D 101 -80.80 10.99 13.37
C GLU D 101 -81.38 10.11 14.48
N GLY D 102 -82.49 9.42 14.24
CA GLY D 102 -83.11 8.66 15.36
C GLY D 102 -82.56 7.27 15.68
N GLU D 103 -81.55 6.85 14.91
CA GLU D 103 -81.35 5.43 14.55
C GLU D 103 -80.76 4.68 15.68
N SER D 104 -81.31 3.49 15.99
CA SER D 104 -80.68 2.59 17.01
C SER D 104 -79.31 2.05 16.56
N ARG D 105 -78.44 1.77 17.53
CA ARG D 105 -77.14 1.11 17.23
C ARG D 105 -77.33 -0.14 16.37
N LEU D 106 -78.35 -0.95 16.68
CA LEU D 106 -78.63 -2.18 15.92
C LEU D 106 -78.89 -1.87 14.49
N ASN D 107 -79.82 -0.96 14.26
CA ASN D 107 -80.14 -0.63 12.88
C ASN D 107 -78.96 -0.20 12.03
N LEU D 108 -78.11 0.60 12.63
CA LEU D 108 -76.91 1.09 11.99
C LEU D 108 -76.04 -0.12 11.63
N VAL D 109 -75.91 -1.03 12.60
CA VAL D 109 -75.09 -2.21 12.37
C VAL D 109 -75.70 -3.02 11.26
N GLN D 110 -77.02 -3.19 11.30
CA GLN D 110 -77.70 -4.02 10.34
C GLN D 110 -77.57 -3.48 8.95
N ARG D 111 -77.72 -2.17 8.81
CA ARG D 111 -77.61 -1.56 7.51
C ARG D 111 -76.18 -1.68 7.02
N ASN D 112 -75.24 -1.77 7.96
CA ASN D 112 -73.86 -2.03 7.62
C ASN D 112 -73.74 -3.44 7.16
N VAL D 113 -74.47 -4.36 7.83
CA VAL D 113 -74.48 -5.78 7.46
C VAL D 113 -75.01 -5.95 6.04
N ASN D 114 -76.12 -5.29 5.72
CA ASN D 114 -76.68 -5.38 4.37
C ASN D 114 -75.76 -4.80 3.28
N ILE D 115 -74.98 -3.79 3.63
CA ILE D 115 -73.92 -3.28 2.76
C ILE D 115 -72.79 -4.29 2.64
N PHE D 116 -72.32 -4.79 3.76
CA PHE D 116 -71.27 -5.78 3.73
C PHE D 116 -71.65 -7.06 2.95
N LYS D 117 -72.94 -7.37 2.91
CA LYS D 117 -73.40 -8.46 2.06
C LYS D 117 -73.23 -8.17 0.58
N PHE D 118 -72.97 -6.95 0.18
CA PHE D 118 -72.64 -6.70 -1.21
C PHE D 118 -71.13 -6.59 -1.43
N ILE D 119 -70.46 -5.91 -0.50
CA ILE D 119 -69.06 -5.58 -0.62
C ILE D 119 -68.21 -6.83 -0.37
N ILE D 120 -68.36 -7.43 0.80
CA ILE D 120 -67.44 -8.47 1.21
C ILE D 120 -67.43 -9.67 0.21
N PRO D 121 -68.61 -10.14 -0.22
CA PRO D 121 -68.58 -11.19 -1.21
C PRO D 121 -67.93 -10.76 -2.49
N ASN D 122 -68.07 -9.51 -2.90
CA ASN D 122 -67.40 -9.05 -4.13
C ASN D 122 -65.87 -8.92 -3.97
N VAL D 123 -65.42 -8.63 -2.76
CA VAL D 123 -63.99 -8.42 -2.49
C VAL D 123 -63.27 -9.72 -2.62
N VAL D 124 -63.81 -10.73 -1.92
CA VAL D 124 -63.28 -12.12 -1.90
C VAL D 124 -63.52 -12.85 -3.19
N LYS D 125 -64.48 -12.38 -3.98
CA LYS D 125 -64.70 -13.00 -5.27
C LYS D 125 -63.45 -12.76 -6.09
N TYR D 126 -62.96 -11.52 -6.04
CA TYR D 126 -61.90 -11.07 -6.95
C TYR D 126 -60.47 -11.18 -6.41
N SER D 127 -60.37 -11.28 -5.09
CA SER D 127 -59.10 -11.28 -4.41
C SER D 127 -59.24 -12.34 -3.29
N PRO D 128 -59.48 -13.58 -3.68
CA PRO D 128 -59.83 -14.65 -2.74
C PRO D 128 -58.80 -14.89 -1.67
N ASN D 129 -57.55 -14.54 -1.94
CA ASN D 129 -56.46 -14.72 -0.98
C ASN D 129 -56.02 -13.42 -0.26
N CYS D 130 -56.85 -12.39 -0.34
CA CYS D 130 -56.51 -11.11 0.26
C CYS D 130 -56.60 -11.13 1.78
N LYS D 131 -56.02 -10.15 2.44
CA LYS D 131 -56.21 -9.98 3.85
C LYS D 131 -57.18 -8.84 3.89
N LEU D 132 -58.09 -8.87 4.84
CA LEU D 132 -59.15 -7.85 4.95
C LEU D 132 -58.86 -7.01 6.14
N LEU D 133 -58.71 -5.71 5.93
CA LEU D 133 -58.49 -4.76 7.03
C LEU D 133 -59.73 -3.91 7.18
N ILE D 134 -60.46 -4.03 8.29
CA ILE D 134 -61.73 -3.29 8.41
C ILE D 134 -61.56 -2.01 9.21
N VAL D 135 -61.84 -0.86 8.61
CA VAL D 135 -61.73 0.45 9.32
C VAL D 135 -63.10 1.01 9.77
N SER D 136 -64.12 0.85 8.92
CA SER D 136 -65.52 1.13 9.26
C SER D 136 -65.88 1.00 10.71
N ASN D 137 -66.75 1.88 11.18
CA ASN D 137 -67.29 1.75 12.51
C ASN D 137 -68.75 1.33 12.59
N PRO D 138 -69.15 0.77 13.74
CA PRO D 138 -68.35 0.30 14.86
C PRO D 138 -67.42 -0.91 14.50
N VAL D 139 -66.12 -0.67 14.56
CA VAL D 139 -65.18 -1.55 13.90
C VAL D 139 -65.15 -2.97 14.46
N ASP D 140 -65.18 -3.13 15.78
CA ASP D 140 -65.15 -4.49 16.38
C ASP D 140 -66.38 -5.34 15.97
N ILE D 141 -67.49 -4.70 15.64
CA ILE D 141 -68.67 -5.42 15.20
C ILE D 141 -68.61 -5.67 13.71
N LEU D 142 -68.24 -4.65 12.95
CA LEU D 142 -68.15 -4.81 11.50
C LEU D 142 -67.04 -5.80 11.08
N THR D 143 -66.05 -5.98 11.95
CA THR D 143 -65.02 -6.94 11.63
C THR D 143 -65.67 -8.32 11.66
N TYR D 144 -66.38 -8.60 12.76
CA TYR D 144 -67.24 -9.79 12.84
C TYR D 144 -68.11 -9.99 11.59
N VAL D 145 -68.79 -8.93 11.19
CA VAL D 145 -69.70 -9.01 10.06
C VAL D 145 -68.95 -9.50 8.83
N ALA D 146 -67.72 -8.99 8.64
CA ALA D 146 -66.97 -9.22 7.41
C ALA D 146 -66.26 -10.53 7.48
N TRP D 147 -65.94 -10.95 8.70
CA TRP D 147 -65.52 -12.31 8.95
C TRP D 147 -66.62 -13.26 8.55
N LYS D 148 -67.80 -13.14 9.16
CA LYS D 148 -68.95 -14.06 8.89
C LYS D 148 -69.22 -14.24 7.40
N ILE D 149 -69.19 -13.15 6.67
CA ILE D 149 -69.67 -13.12 5.32
C ILE D 149 -68.62 -13.60 4.34
N SER D 150 -67.38 -13.25 4.62
CA SER D 150 -66.24 -13.61 3.76
C SER D 150 -66.03 -15.10 3.86
N GLY D 151 -66.20 -15.56 5.10
CA GLY D 151 -65.73 -16.83 5.57
C GLY D 151 -64.24 -16.95 5.49
N PHE D 152 -63.53 -15.83 5.52
CA PHE D 152 -62.11 -15.90 5.65
C PHE D 152 -61.80 -16.45 7.03
N PRO D 153 -60.68 -17.16 7.11
CA PRO D 153 -60.13 -17.54 8.38
C PRO D 153 -59.75 -16.32 9.18
N LYS D 154 -60.01 -16.39 10.47
CA LYS D 154 -59.77 -15.32 11.46
C LYS D 154 -58.45 -14.51 11.32
N ASN D 155 -57.36 -15.19 10.96
CA ASN D 155 -56.07 -14.53 10.73
C ASN D 155 -56.07 -13.51 9.57
N ARG D 156 -57.03 -13.61 8.65
CA ARG D 156 -57.15 -12.73 7.48
C ARG D 156 -58.28 -11.71 7.57
N VAL D 157 -58.86 -11.53 8.76
CA VAL D 157 -59.88 -10.51 9.01
C VAL D 157 -59.51 -9.66 10.24
N ILE D 158 -58.98 -8.47 9.97
CA ILE D 158 -58.33 -7.65 10.98
C ILE D 158 -59.09 -6.34 11.09
N GLY D 159 -59.33 -5.91 12.34
CA GLY D 159 -59.93 -4.60 12.58
C GLY D 159 -58.93 -3.49 12.95
N SER D 160 -59.00 -2.36 12.26
CA SER D 160 -58.29 -1.16 12.68
C SER D 160 -58.28 -1.03 14.22
N GLY D 161 -59.41 -1.28 14.84
CA GLY D 161 -59.43 -1.56 16.27
C GLY D 161 -58.83 -0.45 17.09
N CYS D 162 -57.93 -0.84 18.00
CA CYS D 162 -57.26 0.13 18.84
C CYS D 162 -55.83 0.54 18.37
N ASN D 163 -55.43 0.17 17.14
CA ASN D 163 -54.18 0.70 16.61
C ASN D 163 -54.12 2.24 16.67
N LEU D 164 -55.21 2.94 16.44
CA LEU D 164 -55.16 4.41 16.56
C LEU D 164 -55.23 4.95 17.98
N ASP D 165 -55.96 4.27 18.85
CA ASP D 165 -56.20 4.78 20.21
C ASP D 165 -54.87 4.70 20.96
N SER D 166 -54.15 3.59 20.71
CA SER D 166 -52.87 3.36 21.33
C SER D 166 -51.91 4.40 20.82
N ALA D 167 -52.10 4.78 19.54
CA ALA D 167 -51.28 5.85 18.93
C ALA D 167 -51.55 7.19 19.56
N ARG D 168 -52.81 7.44 19.90
CA ARG D 168 -53.18 8.68 20.57
C ARG D 168 -52.64 8.62 21.99
N PHE D 169 -52.82 7.44 22.58
CA PHE D 169 -52.47 7.28 23.96
C PHE D 169 -51.00 7.63 24.12
N ARG D 170 -50.19 7.32 23.11
CA ARG D 170 -48.75 7.48 23.24
C ARG D 170 -48.34 8.88 22.90
N TYR D 171 -48.99 9.43 21.90
CA TYR D 171 -48.82 10.82 21.61
C TYR D 171 -49.00 11.64 22.91
N LEU D 172 -50.08 11.38 23.64
CA LEU D 172 -50.45 12.20 24.81
C LEU D 172 -49.56 11.90 25.99
N MET D 173 -49.08 10.66 26.07
CA MET D 173 -48.17 10.24 27.15
C MET D 173 -46.87 10.96 26.94
N GLY D 174 -46.51 11.06 25.65
CA GLY D 174 -45.36 11.83 25.16
C GLY D 174 -45.47 13.28 25.51
N GLU D 175 -46.58 13.91 25.18
N GLU D 175 -46.60 13.88 25.13
CA GLU D 175 -46.70 15.33 25.46
CA GLU D 175 -46.94 15.26 25.50
C GLU D 175 -46.32 15.57 26.94
C GLU D 175 -46.38 15.55 26.90
N ARG D 176 -46.92 14.82 27.87
CA ARG D 176 -46.64 15.00 29.30
C ARG D 176 -45.18 14.89 29.68
N LEU D 177 -44.53 13.85 29.16
CA LEU D 177 -43.19 13.44 29.55
C LEU D 177 -42.03 14.22 28.82
N GLY D 178 -42.35 14.86 27.70
CA GLY D 178 -41.33 15.61 26.96
C GLY D 178 -40.53 14.69 26.09
N VAL D 179 -41.17 13.61 25.65
CA VAL D 179 -40.54 12.47 24.98
C VAL D 179 -41.35 12.15 23.74
N HIS D 180 -40.69 11.60 22.71
CA HIS D 180 -41.36 11.31 21.44
C HIS D 180 -42.30 10.14 21.59
N PRO D 181 -43.38 10.13 20.83
CA PRO D 181 -44.29 9.01 21.06
C PRO D 181 -43.66 7.63 20.80
N LEU D 182 -42.62 7.60 19.96
CA LEU D 182 -41.86 6.41 19.69
C LEU D 182 -41.24 5.86 20.98
N SER D 183 -40.67 6.73 21.80
CA SER D 183 -40.02 6.25 23.03
C SER D 183 -40.98 5.98 24.20
N CYS D 184 -42.24 6.36 24.05
CA CYS D 184 -43.24 6.28 25.12
C CYS D 184 -44.04 5.10 24.76
N HIS D 185 -44.30 4.20 25.70
CA HIS D 185 -44.83 2.88 25.38
C HIS D 185 -46.01 2.59 26.24
N GLY D 186 -47.13 2.25 25.60
CA GLY D 186 -48.43 2.13 26.27
C GLY D 186 -49.43 1.44 25.37
N TRP D 187 -50.42 0.83 25.99
CA TRP D 187 -51.36 0.00 25.23
C TRP D 187 -52.80 0.27 25.62
N VAL D 188 -53.61 0.58 24.60
CA VAL D 188 -55.06 0.61 24.76
C VAL D 188 -55.70 -0.56 24.01
N LEU D 189 -56.27 -1.50 24.78
CA LEU D 189 -56.81 -2.75 24.27
C LEU D 189 -58.30 -2.78 24.42
N GLY D 190 -58.92 -3.79 23.83
CA GLY D 190 -60.34 -4.10 24.07
C GLY D 190 -61.27 -3.49 23.03
N GLU D 191 -62.49 -3.16 23.46
CA GLU D 191 -63.45 -2.49 22.58
C GLU D 191 -62.94 -1.11 22.10
N HIS D 192 -62.74 -0.96 20.79
CA HIS D 192 -62.46 0.38 20.26
C HIS D 192 -63.60 1.33 20.54
N GLY D 193 -63.30 2.45 21.19
CA GLY D 193 -64.32 3.44 21.57
C GLY D 193 -64.41 3.68 23.08
N ASP D 194 -65.63 3.71 23.58
CA ASP D 194 -65.90 4.35 24.88
C ASP D 194 -65.33 3.58 26.05
N SER D 195 -65.34 2.25 25.97
N SER D 195 -65.30 2.26 25.93
CA SER D 195 -64.94 1.39 27.08
CA SER D 195 -64.97 1.37 27.04
C SER D 195 -63.64 0.59 26.81
C SER D 195 -63.64 0.61 26.83
N SER D 196 -62.74 1.19 26.03
CA SER D 196 -61.39 0.65 25.83
C SER D 196 -60.59 0.57 27.14
N VAL D 197 -59.58 -0.27 27.21
CA VAL D 197 -58.85 -0.50 28.46
C VAL D 197 -57.40 -0.04 28.33
N PRO D 198 -57.04 1.01 29.07
CA PRO D 198 -55.70 1.53 29.06
C PRO D 198 -54.85 0.75 30.06
N VAL D 199 -53.91 -0.05 29.55
CA VAL D 199 -53.19 -1.00 30.40
C VAL D 199 -52.05 -0.28 31.08
N TRP D 200 -52.22 0.06 32.35
CA TRP D 200 -51.30 0.96 33.05
C TRP D 200 -50.00 0.24 33.40
N SER D 201 -50.14 -1.06 33.63
CA SER D 201 -49.00 -1.94 33.95
C SER D 201 -47.94 -1.84 32.85
N GLY D 202 -48.36 -2.18 31.64
CA GLY D 202 -47.51 -2.13 30.47
C GLY D 202 -47.11 -0.77 29.94
N MET D 203 -47.38 0.32 30.68
CA MET D 203 -46.84 1.62 30.31
C MET D 203 -45.43 1.74 30.81
N ASN D 204 -44.57 2.38 30.04
CA ASN D 204 -43.17 2.49 30.39
C ASN D 204 -42.42 3.44 29.48
N VAL D 205 -41.25 3.87 29.92
CA VAL D 205 -40.28 4.59 29.07
C VAL D 205 -38.90 3.90 29.25
N ALA D 206 -38.23 3.57 28.14
CA ALA D 206 -36.97 2.83 28.21
C ALA D 206 -37.08 1.53 29.05
N GLY D 207 -38.28 1.09 29.41
CA GLY D 207 -38.44 -0.14 30.19
C GLY D 207 -38.61 0.06 31.69
N VAL D 208 -38.60 1.33 32.14
CA VAL D 208 -38.85 1.64 33.55
C VAL D 208 -40.34 1.95 33.73
N SER D 209 -41.08 1.01 34.35
CA SER D 209 -42.55 1.05 34.41
C SER D 209 -43.10 2.21 35.23
N LEU D 210 -43.99 2.97 34.61
CA LEU D 210 -44.67 4.11 35.22
C LEU D 210 -45.51 3.67 36.41
N LYS D 211 -46.23 2.56 36.24
CA LYS D 211 -47.10 2.02 37.32
C LYS D 211 -46.27 1.63 38.56
N THR D 212 -45.14 0.93 38.37
CA THR D 212 -44.20 0.63 39.47
C THR D 212 -43.78 1.92 40.18
N LEU D 213 -43.25 2.86 39.42
CA LEU D 213 -42.67 4.05 40.02
C LEU D 213 -43.75 4.86 40.72
N HIS D 214 -44.90 5.00 40.06
CA HIS D 214 -46.07 5.67 40.65
C HIS D 214 -47.19 4.65 40.88
N PRO D 215 -47.27 4.06 42.12
CA PRO D 215 -48.18 2.91 42.31
C PRO D 215 -49.65 3.28 42.08
N ASP D 216 -50.03 4.50 42.52
CA ASP D 216 -51.39 5.00 42.36
C ASP D 216 -51.83 5.25 40.89
N LEU D 217 -51.00 4.90 39.91
CA LEU D 217 -51.27 5.25 38.51
C LEU D 217 -52.51 4.58 37.93
N GLY D 218 -53.26 5.37 37.15
CA GLY D 218 -54.45 4.90 36.43
C GLY D 218 -55.72 4.83 37.25
N THR D 219 -55.76 5.55 38.37
CA THR D 219 -56.83 5.38 39.37
C THR D 219 -57.35 6.71 39.92
N ASP D 220 -58.36 6.62 40.78
CA ASP D 220 -59.09 7.80 41.19
C ASP D 220 -58.30 8.66 42.15
N LYS D 221 -57.63 8.02 43.11
CA LYS D 221 -56.73 8.71 44.04
C LYS D 221 -55.44 9.23 43.39
N ASP D 222 -55.16 8.80 42.14
CA ASP D 222 -54.05 9.31 41.30
C ASP D 222 -53.92 10.85 41.36
N LYS D 223 -53.10 11.33 42.28
CA LYS D 223 -52.79 12.74 42.40
C LYS D 223 -52.65 13.36 40.99
N GLU D 224 -51.99 12.65 40.09
CA GLU D 224 -51.71 13.15 38.73
C GLU D 224 -52.80 12.84 37.66
N GLN D 225 -53.92 12.25 38.09
CA GLN D 225 -55.10 12.02 37.21
C GLN D 225 -54.72 11.54 35.81
N TRP D 226 -53.79 10.58 35.75
CA TRP D 226 -53.40 9.94 34.48
C TRP D 226 -54.60 9.23 33.83
N LYS D 227 -55.60 8.85 34.64
CA LYS D 227 -56.84 8.31 34.06
C LYS D 227 -57.45 9.30 33.07
N GLU D 228 -57.15 10.60 33.19
CA GLU D 228 -57.64 11.60 32.21
C GLU D 228 -56.91 11.56 30.87
N VAL D 229 -55.77 10.87 30.81
CA VAL D 229 -55.10 10.64 29.53
C VAL D 229 -55.91 9.64 28.76
N HIS D 230 -56.50 8.66 29.45
CA HIS D 230 -57.38 7.73 28.78
C HIS D 230 -58.57 8.47 28.22
N LYS D 231 -59.23 9.26 29.07
CA LYS D 231 -60.36 10.03 28.63
C LYS D 231 -60.03 10.89 27.41
N GLN D 232 -58.85 11.49 27.32
CA GLN D 232 -58.55 12.30 26.14
C GLN D 232 -58.56 11.41 24.92
N VAL D 233 -58.06 10.20 25.09
CA VAL D 233 -57.95 9.22 24.01
C VAL D 233 -59.31 8.83 23.46
N VAL D 234 -60.30 8.72 24.34
CA VAL D 234 -61.71 8.38 24.01
C VAL D 234 -62.49 9.62 23.46
N GLU D 235 -62.36 10.75 24.16
CA GLU D 235 -62.95 12.02 23.73
C GLU D 235 -62.38 12.52 22.42
N SER D 236 -61.26 11.94 21.98
CA SER D 236 -60.47 12.46 20.86
C SER D 236 -61.24 12.65 19.58
N ALA D 237 -61.70 11.54 18.98
CA ALA D 237 -62.40 11.60 17.70
C ALA D 237 -63.50 12.67 17.77
N TYR D 238 -64.27 12.60 18.85
CA TYR D 238 -65.38 13.50 19.05
C TYR D 238 -64.86 14.93 19.03
N GLU D 239 -64.03 15.34 20.01
N GLU D 239 -64.03 15.26 20.03
CA GLU D 239 -63.58 16.75 20.06
CA GLU D 239 -63.32 16.54 20.16
C GLU D 239 -62.90 17.17 18.76
C GLU D 239 -62.89 17.11 18.82
N VAL D 240 -62.39 16.23 17.95
CA VAL D 240 -61.88 16.57 16.60
C VAL D 240 -63.00 16.72 15.59
N ILE D 241 -63.91 15.75 15.52
CA ILE D 241 -65.16 15.92 14.76
C ILE D 241 -65.89 17.24 15.06
N LYS D 242 -66.18 17.50 16.33
CA LYS D 242 -66.75 18.79 16.78
C LYS D 242 -65.95 19.96 16.27
N LEU D 243 -64.63 19.86 16.26
CA LEU D 243 -63.78 20.91 15.73
C LEU D 243 -63.74 21.05 14.18
N LYS D 244 -63.65 19.95 13.44
CA LYS D 244 -63.37 20.01 11.99
C LYS D 244 -64.28 19.16 11.10
N GLY D 245 -65.21 18.42 11.69
CA GLY D 245 -66.11 17.58 10.90
C GLY D 245 -65.81 16.10 11.02
N TYR D 246 -64.54 15.72 10.91
CA TYR D 246 -64.21 14.29 10.87
C TYR D 246 -62.82 14.03 11.45
N THR D 247 -62.39 12.77 11.51
CA THR D 247 -60.98 12.52 11.65
C THR D 247 -60.59 11.95 10.30
N SER D 248 -59.29 11.95 9.96
CA SER D 248 -58.81 11.42 8.67
C SER D 248 -57.30 11.27 8.71
N TRP D 249 -56.57 12.32 9.05
CA TRP D 249 -55.12 12.26 8.98
C TRP D 249 -54.50 11.13 9.84
N ALA D 250 -54.88 11.02 11.10
CA ALA D 250 -54.25 10.04 11.98
C ALA D 250 -54.77 8.65 11.65
N ILE D 251 -56.01 8.56 11.25
CA ILE D 251 -56.58 7.26 10.93
C ILE D 251 -55.84 6.70 9.68
N GLY D 252 -55.63 7.57 8.70
CA GLY D 252 -54.89 7.25 7.47
C GLY D 252 -53.50 6.73 7.77
N LEU D 253 -52.74 7.49 8.56
CA LEU D 253 -51.40 7.09 8.99
C LEU D 253 -51.39 5.76 9.78
N SER D 254 -52.36 5.65 10.71
CA SER D 254 -52.55 4.46 11.55
C SER D 254 -52.76 3.24 10.66
N VAL D 255 -53.67 3.35 9.70
CA VAL D 255 -53.89 2.25 8.78
C VAL D 255 -52.64 2.01 7.91
N ALA D 256 -52.00 3.10 7.48
CA ALA D 256 -50.82 2.96 6.63
C ALA D 256 -49.77 2.07 7.31
N ASP D 257 -49.43 2.45 8.54
CA ASP D 257 -48.62 1.59 9.40
C ASP D 257 -49.15 0.15 9.34
N LEU D 258 -50.41 -0.09 9.67
CA LEU D 258 -50.85 -1.48 9.69
C LEU D 258 -50.54 -2.15 8.37
N ALA D 259 -50.86 -1.50 7.26
CA ALA D 259 -50.59 -2.12 5.97
C ALA D 259 -49.10 -2.40 5.77
N GLU D 260 -48.26 -1.49 6.26
CA GLU D 260 -46.82 -1.72 6.16
C GLU D 260 -46.40 -3.07 6.79
N SER D 261 -46.74 -3.32 8.04
CA SER D 261 -46.38 -4.59 8.68
C SER D 261 -46.96 -5.73 7.88
N ILE D 262 -48.13 -5.55 7.28
CA ILE D 262 -48.76 -6.67 6.53
C ILE D 262 -48.08 -6.88 5.20
N MET D 263 -47.90 -5.76 4.51
CA MET D 263 -47.35 -5.78 3.17
C MET D 263 -45.87 -6.22 3.10
N LYS D 264 -45.02 -5.78 4.03
CA LYS D 264 -43.57 -6.06 4.02
C LYS D 264 -43.25 -7.23 4.96
N ASN D 265 -44.29 -7.80 5.53
CA ASN D 265 -44.18 -9.00 6.35
C ASN D 265 -43.31 -8.77 7.56
N LEU D 266 -43.55 -7.67 8.25
CA LEU D 266 -42.62 -7.26 9.30
C LEU D 266 -42.78 -7.96 10.64
N ARG D 267 -43.90 -8.62 10.87
CA ARG D 267 -44.07 -9.31 12.15
C ARG D 267 -43.89 -8.35 13.34
N ARG D 268 -44.37 -7.12 13.18
CA ARG D 268 -44.50 -6.20 14.30
C ARG D 268 -45.81 -6.47 15.05
N VAL D 269 -45.90 -5.86 16.24
CA VAL D 269 -46.98 -6.03 17.19
C VAL D 269 -47.81 -4.75 17.24
N HIS D 270 -49.07 -4.84 16.81
CA HIS D 270 -50.02 -3.75 16.98
C HIS D 270 -51.24 -4.30 17.67
N PRO D 271 -52.02 -3.42 18.33
CA PRO D 271 -53.24 -3.81 18.95
C PRO D 271 -54.34 -3.68 17.95
N VAL D 272 -54.83 -4.79 17.44
CA VAL D 272 -55.91 -4.76 16.43
C VAL D 272 -57.10 -5.64 16.84
N SER D 273 -58.22 -5.46 16.17
CA SER D 273 -59.41 -6.12 16.58
C SER D 273 -59.40 -7.46 15.94
N THR D 274 -59.47 -8.50 16.79
CA THR D 274 -59.37 -9.93 16.37
C THR D 274 -60.10 -10.93 17.26
N MET D 275 -60.43 -12.07 16.66
CA MET D 275 -61.43 -13.00 17.17
C MET D 275 -60.98 -13.61 18.50
N ILE D 276 -61.28 -13.01 19.65
CA ILE D 276 -60.72 -13.51 20.93
C ILE D 276 -61.62 -14.41 21.76
N LYS D 277 -62.48 -15.17 21.08
CA LYS D 277 -63.15 -16.30 21.71
C LYS D 277 -62.08 -17.05 22.50
N GLY D 278 -62.45 -17.57 23.66
CA GLY D 278 -61.60 -18.49 24.41
C GLY D 278 -60.67 -17.78 25.36
N LEU D 279 -59.91 -16.82 24.85
CA LEU D 279 -59.10 -15.94 25.68
C LEU D 279 -59.99 -15.05 26.62
N TYR D 280 -59.46 -14.74 27.81
CA TYR D 280 -60.12 -13.96 28.89
C TYR D 280 -61.52 -14.39 29.27
N GLY D 281 -61.79 -15.68 29.25
CA GLY D 281 -63.09 -16.19 29.72
C GLY D 281 -64.26 -15.64 28.92
N ILE D 282 -63.99 -15.34 27.65
CA ILE D 282 -64.99 -14.83 26.73
C ILE D 282 -65.37 -16.01 25.83
N LYS D 283 -66.66 -16.24 25.67
CA LYS D 283 -67.15 -17.45 25.03
C LYS D 283 -67.86 -17.24 23.66
N ASP D 284 -67.86 -16.02 23.16
CA ASP D 284 -68.61 -15.73 21.94
C ASP D 284 -67.82 -15.25 20.77
N ASP D 285 -68.34 -15.52 19.59
CA ASP D 285 -67.72 -15.03 18.39
C ASP D 285 -67.74 -13.49 18.40
N VAL D 286 -66.71 -12.95 19.05
CA VAL D 286 -66.60 -11.53 19.35
C VAL D 286 -65.16 -11.04 19.08
N PHE D 287 -65.03 -9.95 18.33
CA PHE D 287 -63.71 -9.33 18.07
C PHE D 287 -63.40 -8.19 19.06
N LEU D 288 -62.19 -8.22 19.65
CA LEU D 288 -61.68 -7.18 20.55
C LEU D 288 -60.23 -6.94 20.21
N SER D 289 -59.65 -5.86 20.75
CA SER D 289 -58.33 -5.44 20.32
C SER D 289 -57.33 -5.96 21.34
N VAL D 290 -56.21 -6.43 20.81
CA VAL D 290 -55.23 -7.23 21.56
C VAL D 290 -53.94 -7.19 20.76
N PRO D 291 -52.79 -7.13 21.44
CA PRO D 291 -51.55 -6.96 20.68
C PRO D 291 -51.26 -8.20 19.81
N CYS D 292 -51.15 -7.96 18.49
CA CYS D 292 -51.08 -9.01 17.47
C CYS D 292 -49.88 -8.82 16.54
N ILE D 293 -49.30 -9.94 16.12
CA ILE D 293 -48.18 -9.97 15.19
C ILE D 293 -48.74 -9.95 13.78
N LEU D 294 -48.69 -8.78 13.15
CA LEU D 294 -49.10 -8.65 11.76
C LEU D 294 -47.97 -8.93 10.83
N GLY D 295 -48.31 -9.57 9.71
CA GLY D 295 -47.33 -9.93 8.68
C GLY D 295 -48.13 -10.34 7.48
N GLN D 296 -47.53 -11.05 6.53
CA GLN D 296 -48.19 -11.32 5.24
C GLN D 296 -49.39 -12.25 5.39
N ASN D 297 -49.52 -12.98 6.50
CA ASN D 297 -50.70 -13.82 6.69
C ASN D 297 -51.70 -13.13 7.60
N GLY D 298 -51.54 -11.84 7.78
CA GLY D 298 -52.38 -11.12 8.72
C GLY D 298 -51.91 -11.49 10.10
N ILE D 299 -52.82 -11.89 10.97
CA ILE D 299 -52.48 -12.11 12.37
C ILE D 299 -52.08 -13.55 12.57
N SER D 300 -50.79 -13.73 12.81
CA SER D 300 -50.22 -15.07 12.88
C SER D 300 -50.19 -15.50 14.33
N ASP D 301 -49.96 -14.55 15.22
CA ASP D 301 -49.91 -14.82 16.63
C ASP D 301 -50.43 -13.62 17.41
N LEU D 302 -50.80 -13.85 18.66
CA LEU D 302 -51.26 -12.75 19.46
C LEU D 302 -50.64 -12.81 20.85
N VAL D 303 -50.37 -11.68 21.49
CA VAL D 303 -49.68 -11.66 22.77
C VAL D 303 -50.67 -11.73 23.91
N LYS D 304 -50.54 -12.76 24.74
CA LYS D 304 -51.38 -12.87 25.92
C LYS D 304 -50.84 -11.88 26.92
N VAL D 305 -51.62 -10.83 27.19
CA VAL D 305 -51.19 -9.74 28.07
C VAL D 305 -51.76 -10.02 29.44
N THR D 306 -51.08 -9.61 30.51
CA THR D 306 -51.62 -9.89 31.86
C THR D 306 -52.57 -8.76 32.33
N LEU D 307 -53.86 -9.06 32.32
CA LEU D 307 -54.86 -8.13 32.75
C LEU D 307 -55.18 -8.43 34.21
N THR D 308 -55.56 -7.41 34.97
CA THR D 308 -56.02 -7.60 36.34
C THR D 308 -57.36 -8.37 36.36
N SER D 309 -57.78 -8.83 37.54
CA SER D 309 -59.15 -9.31 37.67
C SER D 309 -60.08 -8.17 37.23
N GLU D 310 -59.64 -6.95 37.49
CA GLU D 310 -60.35 -5.74 37.15
C GLU D 310 -60.42 -5.50 35.62
N GLU D 311 -59.27 -5.32 34.99
CA GLU D 311 -59.19 -5.08 33.55
C GLU D 311 -59.75 -6.22 32.73
N GLU D 312 -59.75 -7.42 33.27
CA GLU D 312 -60.29 -8.55 32.53
C GLU D 312 -61.77 -8.26 32.40
N ALA D 313 -62.42 -8.05 33.53
CA ALA D 313 -63.88 -7.91 33.59
C ALA D 313 -64.43 -6.82 32.67
N ARG D 314 -63.58 -5.86 32.30
CA ARG D 314 -63.95 -4.87 31.29
C ARG D 314 -64.19 -5.51 29.93
N LEU D 315 -63.14 -6.08 29.34
CA LEU D 315 -63.25 -6.87 28.11
C LEU D 315 -64.46 -7.84 28.13
N LYS D 316 -64.77 -8.44 29.29
CA LYS D 316 -65.88 -9.37 29.34
C LYS D 316 -67.13 -8.63 28.93
N LYS D 317 -67.44 -7.59 29.69
CA LYS D 317 -68.62 -6.74 29.40
C LYS D 317 -68.63 -6.14 27.99
N SER D 318 -67.49 -5.61 27.56
CA SER D 318 -67.37 -5.19 26.19
C SER D 318 -67.88 -6.27 25.24
N ALA D 319 -67.53 -7.53 25.50
CA ALA D 319 -67.87 -8.61 24.58
C ALA D 319 -69.31 -9.12 24.81
N ASP D 320 -69.83 -9.03 26.04
CA ASP D 320 -71.23 -9.42 26.29
C ASP D 320 -72.08 -8.43 25.51
N THR D 321 -71.76 -7.15 25.68
CA THR D 321 -72.38 -6.02 24.96
C THR D 321 -72.38 -6.25 23.45
N LEU D 322 -71.21 -6.60 22.95
CA LEU D 322 -70.99 -6.81 21.53
C LEU D 322 -71.82 -7.96 20.98
N TRP D 323 -71.97 -9.03 21.78
CA TRP D 323 -72.63 -10.22 21.28
C TRP D 323 -74.11 -9.90 21.32
N GLY D 324 -74.50 -9.20 22.38
CA GLY D 324 -75.86 -8.64 22.53
C GLY D 324 -76.39 -7.88 21.31
N ILE D 325 -75.49 -7.27 20.56
N ILE D 325 -75.50 -7.26 20.55
CA ILE D 325 -75.87 -6.69 19.29
CA ILE D 325 -75.91 -6.68 19.29
C ILE D 325 -75.73 -7.75 18.23
C ILE D 325 -75.73 -7.74 18.20
N GLN D 326 -74.55 -8.35 18.16
CA GLN D 326 -74.18 -9.27 17.06
C GLN D 326 -75.23 -10.37 16.76
N LYS D 327 -75.79 -10.97 17.81
CA LYS D 327 -76.84 -11.96 17.69
C LYS D 327 -78.24 -11.52 17.20
N GLU D 328 -78.43 -10.24 16.87
CA GLU D 328 -79.73 -9.76 16.33
C GLU D 328 -79.58 -9.31 14.85
N LEU D 329 -78.40 -9.57 14.29
CA LEU D 329 -78.18 -9.19 12.93
C LEU D 329 -78.85 -10.22 12.05
N GLN D 330 -79.07 -9.86 10.80
CA GLN D 330 -79.72 -10.75 9.88
C GLN D 330 -78.83 -10.89 8.67
N PHE D 331 -78.37 -12.11 8.47
CA PHE D 331 -77.54 -12.45 7.32
C PHE D 331 -78.30 -13.18 6.17
N HIS D 332 -79.42 -13.87 6.50
CA HIS D 332 -80.29 -14.62 5.55
C HIS D 332 -81.76 -14.24 5.71
N ALA E 1 49.95 23.66 24.64
CA ALA E 1 49.72 22.39 23.91
C ALA E 1 50.60 22.31 22.64
N THR E 2 50.69 21.14 22.06
CA THR E 2 51.23 21.00 20.71
C THR E 2 50.03 20.86 19.72
N LEU E 3 50.29 20.98 18.42
CA LEU E 3 49.21 20.88 17.40
C LEU E 3 48.38 19.59 17.50
N LYS E 4 49.04 18.44 17.47
CA LYS E 4 48.39 17.16 17.74
C LYS E 4 47.51 17.17 19.01
N ASP E 5 48.03 17.67 20.12
CA ASP E 5 47.22 17.79 21.35
C ASP E 5 46.07 18.79 21.14
N GLN E 6 46.33 19.89 20.41
CA GLN E 6 45.28 20.86 20.04
C GLN E 6 44.13 20.19 19.28
N LEU E 7 44.46 19.40 18.26
CA LEU E 7 43.50 18.80 17.33
C LEU E 7 42.80 17.51 17.84
N ILE E 8 43.43 16.85 18.81
CA ILE E 8 43.02 15.52 19.30
C ILE E 8 43.04 15.44 20.83
N TYR E 9 41.91 15.00 21.38
CA TYR E 9 41.78 14.72 22.81
C TYR E 9 41.98 13.22 22.89
N ASN E 10 42.94 12.79 23.70
CA ASN E 10 43.16 11.36 23.89
C ASN E 10 42.26 10.79 25.00
N LEU E 11 41.45 9.77 24.69
CA LEU E 11 40.68 9.04 25.70
C LEU E 11 41.60 7.99 26.31
N LEU E 12 41.56 6.75 25.83
CA LEU E 12 42.47 5.71 26.36
C LEU E 12 43.87 5.90 25.80
N LYS E 13 44.86 5.30 26.44
CA LYS E 13 46.21 5.23 25.89
C LYS E 13 46.75 3.97 26.46
N GLU E 14 46.54 2.86 25.78
CA GLU E 14 46.92 1.62 26.40
C GLU E 14 47.34 0.48 25.48
N GLU E 15 48.15 -0.41 26.07
CA GLU E 15 48.76 -1.59 25.45
C GLU E 15 48.85 -1.43 23.90
N GLN E 16 48.28 -2.40 23.17
CA GLN E 16 48.48 -2.60 21.73
C GLN E 16 49.00 -4.02 21.52
N THR E 17 48.11 -5.01 21.69
CA THR E 17 48.40 -6.40 21.28
C THR E 17 47.75 -6.60 19.93
N PRO E 18 48.48 -7.10 18.95
CA PRO E 18 47.87 -7.15 17.63
C PRO E 18 47.13 -8.48 17.40
N GLN E 19 46.00 -8.38 16.69
CA GLN E 19 44.97 -9.45 16.66
C GLN E 19 45.03 -10.41 15.46
N ASN E 20 45.71 -9.98 14.42
CA ASN E 20 45.90 -10.75 13.23
C ASN E 20 47.28 -10.46 12.63
N LYS E 21 48.33 -10.66 13.43
CA LYS E 21 49.70 -10.36 13.02
C LYS E 21 50.27 -11.44 12.13
N ILE E 22 51.17 -11.06 11.24
CA ILE E 22 51.78 -12.01 10.32
C ILE E 22 53.19 -11.53 10.13
N THR E 23 54.14 -12.42 10.38
CA THR E 23 55.53 -12.06 10.15
C THR E 23 56.09 -12.78 8.96
N VAL E 24 56.97 -12.09 8.25
CA VAL E 24 57.69 -12.65 7.12
C VAL E 24 59.19 -12.60 7.45
N VAL E 25 59.84 -13.78 7.42
CA VAL E 25 61.27 -13.92 7.70
C VAL E 25 62.04 -13.98 6.40
N GLY E 26 63.07 -13.15 6.28
CA GLY E 26 63.74 -12.95 5.00
C GLY E 26 62.97 -12.12 3.93
N VAL E 27 63.59 -11.01 3.50
CA VAL E 27 62.99 -10.15 2.47
C VAL E 27 63.62 -10.45 1.12
N GLY E 28 63.55 -11.73 0.77
CA GLY E 28 63.98 -12.17 -0.53
C GLY E 28 63.07 -11.51 -1.54
N ALA E 29 63.13 -12.01 -2.76
CA ALA E 29 62.16 -11.62 -3.73
C ALA E 29 60.94 -12.44 -3.43
N VAL E 30 61.12 -13.55 -2.71
CA VAL E 30 60.00 -14.42 -2.41
C VAL E 30 59.23 -13.84 -1.24
N GLY E 31 59.99 -13.59 -0.17
CA GLY E 31 59.47 -12.99 1.05
C GLY E 31 58.65 -11.73 0.82
N MET E 32 59.11 -10.87 -0.09
CA MET E 32 58.43 -9.61 -0.39
C MET E 32 57.21 -9.90 -1.23
N ALA E 33 57.39 -10.62 -2.33
CA ALA E 33 56.26 -11.16 -3.10
C ALA E 33 55.16 -11.82 -2.23
N CYS E 34 55.57 -12.50 -1.16
CA CYS E 34 54.61 -12.98 -0.17
C CYS E 34 53.96 -11.83 0.58
N ALA E 35 54.77 -10.85 1.03
CA ALA E 35 54.27 -9.67 1.78
C ALA E 35 53.28 -8.90 0.99
N ILE E 36 53.65 -8.46 -0.20
CA ILE E 36 52.73 -7.63 -0.99
C ILE E 36 51.42 -8.34 -1.24
N SER E 37 51.46 -9.66 -1.36
CA SER E 37 50.21 -10.38 -1.58
C SER E 37 49.33 -10.37 -0.30
N ILE E 38 49.96 -10.68 0.83
CA ILE E 38 49.33 -10.58 2.14
C ILE E 38 48.75 -9.18 2.43
N LEU E 39 49.43 -8.12 1.97
CA LEU E 39 49.00 -6.73 2.19
C LEU E 39 47.75 -6.41 1.37
N MET E 40 47.72 -6.91 0.13
CA MET E 40 46.60 -6.62 -0.78
C MET E 40 45.43 -7.62 -0.69
N LYS E 41 45.45 -8.49 0.32
CA LYS E 41 44.32 -9.35 0.59
C LYS E 41 43.87 -9.16 2.03
N ASP E 42 44.32 -8.04 2.60
CA ASP E 42 44.06 -7.63 3.99
C ASP E 42 43.84 -8.82 4.88
N LEU E 43 44.88 -9.66 5.02
CA LEU E 43 44.87 -10.79 5.93
C LEU E 43 45.45 -10.39 7.26
N ALA E 44 46.25 -9.32 7.28
CA ALA E 44 46.85 -8.83 8.53
C ALA E 44 46.37 -7.45 8.98
N ASP E 45 46.50 -7.22 10.29
CA ASP E 45 46.43 -5.89 10.95
C ASP E 45 47.82 -5.42 11.42
N GLU E 46 48.82 -6.29 11.35
CA GLU E 46 50.23 -5.95 11.59
C GLU E 46 51.09 -6.92 10.80
N LEU E 47 51.90 -6.38 9.91
CA LEU E 47 52.88 -7.17 9.18
C LEU E 47 54.29 -6.82 9.65
N ALA E 48 55.05 -7.84 10.07
CA ALA E 48 56.44 -7.65 10.51
C ALA E 48 57.40 -8.26 9.51
N LEU E 49 58.45 -7.52 9.16
CA LEU E 49 59.53 -8.03 8.33
C LEU E 49 60.81 -8.27 9.16
N VAL E 50 61.49 -9.39 8.95
CA VAL E 50 62.80 -9.67 9.61
C VAL E 50 63.77 -10.18 8.58
N ASP E 51 64.99 -9.63 8.61
CA ASP E 51 66.14 -10.18 7.90
C ASP E 51 67.40 -9.70 8.60
N VAL E 52 68.57 -10.04 8.05
CA VAL E 52 69.83 -9.66 8.68
C VAL E 52 70.49 -8.50 7.93
N ILE E 53 70.14 -8.32 6.64
CA ILE E 53 70.53 -7.11 5.89
C ILE E 53 69.60 -5.98 6.31
N GLU E 54 70.12 -5.08 7.13
CA GLU E 54 69.29 -4.05 7.73
C GLU E 54 68.90 -2.99 6.73
N ASP E 55 69.88 -2.51 5.96
N ASP E 55 69.88 -2.47 5.99
CA ASP E 55 69.67 -1.39 5.01
CA ASP E 55 69.62 -1.36 5.03
C ASP E 55 68.63 -1.75 3.92
C ASP E 55 68.58 -1.77 3.98
N LYS E 56 68.76 -2.95 3.37
CA LYS E 56 67.77 -3.45 2.39
C LYS E 56 66.42 -3.84 3.05
N LEU E 57 66.45 -4.44 4.24
CA LEU E 57 65.21 -4.67 5.03
C LEU E 57 64.33 -3.41 5.42
N LYS E 58 64.94 -2.43 6.08
CA LYS E 58 64.26 -1.18 6.42
C LYS E 58 63.87 -0.45 5.15
N GLY E 59 64.68 -0.62 4.11
CA GLY E 59 64.35 -0.06 2.80
C GLY E 59 62.97 -0.52 2.34
N GLU E 60 62.77 -1.84 2.31
CA GLU E 60 61.54 -2.45 1.86
C GLU E 60 60.38 -2.14 2.82
N MET E 61 60.71 -1.91 4.08
CA MET E 61 59.68 -1.50 5.05
C MET E 61 59.16 -0.14 4.68
N MET E 62 60.04 0.88 4.60
CA MET E 62 59.59 2.26 4.26
C MET E 62 58.75 2.23 2.99
N ASP E 63 59.23 1.54 1.97
CA ASP E 63 58.52 1.53 0.68
C ASP E 63 57.08 1.00 0.81
N LEU E 64 56.84 0.03 1.69
CA LEU E 64 55.49 -0.48 1.84
C LEU E 64 54.66 0.54 2.61
N GLN E 65 55.21 0.99 3.72
CA GLN E 65 54.64 2.07 4.52
C GLN E 65 54.21 3.29 3.70
N HIS E 66 54.80 3.52 2.53
CA HIS E 66 54.37 4.65 1.70
C HIS E 66 53.08 4.37 0.94
N GLY E 67 52.81 3.10 0.72
CA GLY E 67 51.53 2.68 0.16
C GLY E 67 50.41 2.48 1.16
N SER E 68 50.65 2.71 2.47
CA SER E 68 49.57 2.70 3.53
C SER E 68 48.21 3.31 3.15
N LEU E 69 48.22 4.48 2.53
CA LEU E 69 46.99 5.05 1.99
C LEU E 69 46.23 4.05 1.13
N PHE E 70 46.91 3.25 0.35
CA PHE E 70 46.20 2.23 -0.43
C PHE E 70 46.15 0.78 0.18
N LEU E 71 46.29 0.66 1.49
CA LEU E 71 46.20 -0.62 2.20
C LEU E 71 45.47 -0.46 3.53
N ARG E 72 44.81 -1.51 3.98
CA ARG E 72 44.16 -1.49 5.27
C ARG E 72 44.90 -2.50 6.17
N THR E 73 46.11 -2.07 6.51
CA THR E 73 47.04 -2.85 7.29
C THR E 73 47.86 -1.83 8.07
N PRO E 74 47.33 -1.38 9.22
CA PRO E 74 47.77 -0.12 9.82
C PRO E 74 49.19 -0.05 10.37
N LYS E 75 49.74 -1.17 10.82
CA LYS E 75 51.14 -1.19 11.25
C LYS E 75 51.98 -2.11 10.36
N ILE E 76 53.08 -1.57 9.85
CA ILE E 76 54.12 -2.37 9.23
C ILE E 76 55.41 -2.08 9.98
N VAL E 77 56.04 -3.10 10.56
CA VAL E 77 57.34 -2.90 11.19
C VAL E 77 58.36 -3.86 10.64
N SER E 78 59.61 -3.57 10.98
CA SER E 78 60.67 -4.42 10.59
C SER E 78 61.73 -4.27 11.60
N GLY E 79 62.65 -5.23 11.59
CA GLY E 79 63.84 -5.21 12.44
C GLY E 79 64.69 -6.46 12.21
N LYS E 80 65.97 -6.33 12.50
CA LYS E 80 66.87 -7.47 12.58
C LYS E 80 66.54 -8.30 13.83
N ASP E 81 66.10 -7.63 14.89
CA ASP E 81 65.74 -8.27 16.16
C ASP E 81 64.34 -8.90 16.12
N TYR E 82 64.17 -10.04 16.75
CA TYR E 82 62.90 -10.75 16.59
C TYR E 82 61.75 -10.18 17.45
N ASN E 83 62.08 -9.27 18.39
CA ASN E 83 61.05 -8.59 19.23
C ASN E 83 59.88 -7.97 18.40
N VAL E 84 60.15 -7.68 17.13
CA VAL E 84 59.15 -7.19 16.21
C VAL E 84 58.15 -8.27 15.69
N THR E 85 58.28 -9.53 16.15
CA THR E 85 57.33 -10.58 15.72
C THR E 85 56.36 -10.97 16.87
N ALA E 86 56.31 -10.13 17.91
CA ALA E 86 55.52 -10.38 19.14
C ALA E 86 54.05 -10.65 18.89
N ASN E 87 53.58 -11.83 19.28
CA ASN E 87 52.22 -12.28 19.02
C ASN E 87 51.87 -12.33 17.54
N SER E 88 52.73 -12.96 16.75
CA SER E 88 52.38 -13.31 15.38
C SER E 88 51.46 -14.49 15.46
N LYS E 89 50.41 -14.50 14.65
CA LYS E 89 49.52 -15.63 14.57
C LYS E 89 50.10 -16.58 13.53
N LEU E 90 50.89 -16.07 12.59
CA LEU E 90 51.43 -16.85 11.51
C LEU E 90 52.76 -16.27 11.04
N VAL E 91 53.86 -16.97 11.33
CA VAL E 91 55.16 -16.59 10.82
C VAL E 91 55.50 -17.49 9.65
N ILE E 92 55.97 -16.85 8.58
CA ILE E 92 56.28 -17.50 7.30
C ILE E 92 57.79 -17.38 7.07
N ILE E 93 58.46 -18.53 6.99
CA ILE E 93 59.91 -18.57 6.82
C ILE E 93 60.24 -18.66 5.35
N THR E 94 60.90 -17.64 4.83
CA THR E 94 61.46 -17.72 3.48
C THR E 94 62.97 -17.89 3.51
N ALA E 95 63.59 -17.76 4.67
CA ALA E 95 65.06 -17.79 4.77
C ALA E 95 65.66 -19.13 4.37
N GLY E 96 66.56 -19.11 3.39
CA GLY E 96 67.36 -20.26 3.03
C GLY E 96 68.84 -19.92 3.19
N ALA E 97 69.70 -20.91 2.99
CA ALA E 97 71.11 -20.63 2.72
C ALA E 97 71.21 -20.77 1.23
N ARG E 98 71.88 -19.84 0.56
CA ARG E 98 71.91 -19.89 -0.89
C ARG E 98 73.20 -20.51 -1.37
N GLN E 99 73.25 -20.77 -2.67
CA GLN E 99 74.49 -20.82 -3.45
C GLN E 99 75.32 -22.09 -3.27
N GLN E 100 76.59 -21.91 -3.64
CA GLN E 100 77.74 -22.72 -3.29
C GLN E 100 77.90 -23.79 -4.33
N GLU E 101 78.42 -23.35 -5.46
CA GLU E 101 78.67 -24.21 -6.61
C GLU E 101 79.44 -25.47 -6.19
N GLY E 102 80.43 -25.34 -5.32
CA GLY E 102 81.30 -26.47 -4.99
C GLY E 102 80.77 -27.58 -4.07
N GLU E 103 79.47 -27.53 -3.76
CA GLU E 103 78.94 -28.10 -2.53
C GLU E 103 78.13 -29.39 -2.67
N SER E 104 78.22 -30.26 -1.66
CA SER E 104 77.35 -31.45 -1.55
C SER E 104 75.95 -31.03 -1.06
N ARG E 105 74.92 -31.78 -1.47
N ARG E 105 74.93 -31.77 -1.49
CA ARG E 105 73.52 -31.51 -1.05
CA ARG E 105 73.54 -31.41 -1.18
C ARG E 105 73.34 -31.61 0.47
C ARG E 105 73.11 -31.82 0.27
N LEU E 106 74.00 -32.61 1.07
N LEU E 106 73.99 -32.52 1.00
CA LEU E 106 73.93 -32.83 2.53
CA LEU E 106 73.82 -32.75 2.46
C LEU E 106 74.47 -31.63 3.34
C LEU E 106 74.36 -31.57 3.30
N ASN E 107 75.19 -30.73 2.69
CA ASN E 107 75.67 -29.50 3.32
C ASN E 107 74.89 -28.25 2.93
N LEU E 108 74.13 -28.28 1.83
CA LEU E 108 73.25 -27.15 1.53
C LEU E 108 72.17 -27.19 2.60
N VAL E 109 71.80 -28.42 3.00
CA VAL E 109 70.78 -28.66 4.05
C VAL E 109 71.35 -28.59 5.48
N GLN E 110 72.63 -28.88 5.68
CA GLN E 110 73.19 -28.75 7.01
C GLN E 110 73.33 -27.29 7.39
N ARG E 111 73.70 -26.43 6.44
CA ARG E 111 73.77 -24.99 6.69
C ARG E 111 72.36 -24.37 6.87
N ASN E 112 71.32 -25.04 6.39
CA ASN E 112 69.97 -24.62 6.76
C ASN E 112 69.63 -24.92 8.22
N VAL E 113 70.19 -25.99 8.76
CA VAL E 113 69.95 -26.34 10.15
C VAL E 113 70.68 -25.38 11.12
N ASN E 114 71.79 -24.76 10.69
CA ASN E 114 72.39 -23.68 11.49
C ASN E 114 71.50 -22.43 11.45
N ILE E 115 71.23 -21.94 10.25
CA ILE E 115 70.36 -20.82 10.11
C ILE E 115 69.11 -21.10 10.92
N PHE E 116 68.54 -22.31 10.80
CA PHE E 116 67.25 -22.59 11.43
C PHE E 116 67.31 -22.67 12.93
N LYS E 117 68.41 -23.23 13.46
CA LYS E 117 68.67 -23.23 14.91
C LYS E 117 68.73 -21.82 15.48
N PHE E 118 69.12 -20.83 14.69
CA PHE E 118 69.06 -19.45 15.15
C PHE E 118 67.69 -18.83 14.90
N ILE E 119 67.04 -19.16 13.79
CA ILE E 119 65.77 -18.52 13.46
C ILE E 119 64.63 -19.08 14.30
N ILE E 120 64.47 -20.40 14.30
CA ILE E 120 63.20 -20.98 14.78
C ILE E 120 62.98 -20.79 16.27
N PRO E 121 64.03 -20.96 17.10
CA PRO E 121 63.78 -20.70 18.50
C PRO E 121 63.56 -19.22 18.77
N ASN E 122 64.12 -18.33 17.95
CA ASN E 122 63.85 -16.88 18.09
C ASN E 122 62.39 -16.56 17.78
N VAL E 123 61.84 -17.25 16.80
CA VAL E 123 60.46 -17.04 16.39
C VAL E 123 59.51 -17.49 17.49
N VAL E 124 59.75 -18.69 18.02
CA VAL E 124 58.87 -19.30 19.05
C VAL E 124 58.99 -18.59 20.39
N LYS E 125 60.13 -17.97 20.65
CA LYS E 125 60.28 -17.19 21.86
C LYS E 125 59.17 -16.13 21.90
N TYR E 126 58.99 -15.42 20.78
CA TYR E 126 58.12 -14.25 20.72
C TYR E 126 56.71 -14.54 20.26
N SER E 127 56.47 -15.74 19.77
CA SER E 127 55.15 -16.09 19.32
C SER E 127 54.99 -17.59 19.59
N PRO E 128 54.88 -17.98 20.90
CA PRO E 128 54.70 -19.38 21.29
C PRO E 128 53.53 -20.03 20.59
N ASN E 129 52.46 -19.26 20.37
CA ASN E 129 51.22 -19.84 19.84
C ASN E 129 51.07 -19.75 18.32
N CYS E 130 52.04 -19.15 17.66
CA CYS E 130 51.98 -18.99 16.20
C CYS E 130 51.87 -20.31 15.42
N LYS E 131 51.72 -20.18 14.10
CA LYS E 131 51.72 -21.30 13.18
C LYS E 131 52.87 -21.09 12.21
N LEU E 132 53.84 -21.98 12.18
CA LEU E 132 54.93 -21.82 11.23
C LEU E 132 54.50 -22.28 9.85
N LEU E 133 54.99 -21.59 8.83
CA LEU E 133 54.75 -21.93 7.41
C LEU E 133 56.06 -21.83 6.61
N ILE E 134 56.73 -22.96 6.34
CA ILE E 134 58.04 -22.92 5.71
C ILE E 134 57.96 -22.92 4.18
N VAL E 135 58.60 -21.93 3.58
CA VAL E 135 58.60 -21.71 2.13
C VAL E 135 59.97 -21.96 1.50
N SER E 136 61.03 -21.82 2.33
CA SER E 136 62.43 -21.95 1.90
C SER E 136 62.72 -23.36 1.52
N ASN E 137 63.73 -23.56 0.68
CA ASN E 137 63.96 -24.87 0.08
C ASN E 137 65.24 -25.58 0.53
N PRO E 138 65.23 -26.91 0.45
CA PRO E 138 64.15 -27.76 -0.06
C PRO E 138 63.13 -27.97 1.04
N VAL E 139 61.91 -27.62 0.75
CA VAL E 139 60.94 -27.42 1.81
C VAL E 139 60.61 -28.68 2.62
N ASP E 140 60.47 -29.82 1.97
CA ASP E 140 59.92 -30.96 2.67
C ASP E 140 60.77 -31.32 3.87
N ILE E 141 62.08 -31.11 3.77
CA ILE E 141 63.03 -31.38 4.87
C ILE E 141 63.03 -30.22 5.90
N LEU E 142 63.09 -28.98 5.39
CA LEU E 142 63.18 -27.81 6.26
C LEU E 142 61.91 -27.59 7.09
N THR E 143 60.78 -28.13 6.63
CA THR E 143 59.51 -28.11 7.38
C THR E 143 59.61 -29.06 8.59
N TYR E 144 60.43 -30.09 8.46
CA TYR E 144 60.65 -31.04 9.55
C TYR E 144 61.70 -30.46 10.49
N VAL E 145 62.67 -29.81 9.88
CA VAL E 145 63.73 -29.16 10.61
C VAL E 145 63.13 -28.08 11.50
N ALA E 146 62.01 -27.49 11.09
CA ALA E 146 61.28 -26.50 11.90
C ALA E 146 60.52 -27.19 13.00
N TRP E 147 59.81 -28.26 12.64
CA TRP E 147 59.08 -29.10 13.61
C TRP E 147 59.97 -29.73 14.72
N LYS E 148 61.25 -29.97 14.41
CA LYS E 148 62.18 -30.45 15.41
C LYS E 148 62.64 -29.35 16.36
N ILE E 149 63.12 -28.26 15.79
CA ILE E 149 63.69 -27.16 16.58
C ILE E 149 62.66 -26.34 17.37
N SER E 150 61.49 -26.15 16.78
CA SER E 150 60.43 -25.46 17.46
C SER E 150 59.89 -26.36 18.53
N GLY E 151 59.85 -27.65 18.23
CA GLY E 151 59.19 -28.61 19.09
C GLY E 151 57.73 -28.23 19.20
N PHE E 152 57.08 -28.15 18.05
CA PHE E 152 55.69 -27.68 17.99
C PHE E 152 54.88 -28.93 17.74
N PRO E 153 53.56 -28.86 17.97
CA PRO E 153 52.63 -29.86 17.46
C PRO E 153 52.78 -29.91 15.96
N LYS E 154 52.47 -31.04 15.33
CA LYS E 154 52.74 -31.21 13.90
C LYS E 154 51.77 -30.39 12.99
N ASN E 155 50.68 -29.92 13.61
CA ASN E 155 49.61 -29.16 12.98
C ASN E 155 50.05 -27.72 12.75
N ARG E 156 50.80 -27.19 13.72
CA ARG E 156 51.35 -25.83 13.59
C ARG E 156 52.66 -25.74 12.84
N VAL E 157 53.05 -26.79 12.10
CA VAL E 157 54.19 -26.69 11.22
C VAL E 157 53.88 -27.25 9.82
N ILE E 158 54.15 -26.43 8.82
CA ILE E 158 53.48 -26.49 7.50
C ILE E 158 54.44 -26.08 6.41
N GLY E 159 54.38 -26.70 5.24
CA GLY E 159 55.32 -26.36 4.17
C GLY E 159 54.66 -26.10 2.85
N SER E 160 55.10 -25.06 2.14
CA SER E 160 54.42 -24.67 0.90
C SER E 160 54.16 -25.94 0.07
N GLY E 161 55.22 -26.73 -0.12
CA GLY E 161 55.18 -27.98 -0.87
C GLY E 161 54.58 -27.89 -2.27
N CYS E 162 53.62 -28.76 -2.50
CA CYS E 162 53.09 -28.96 -3.83
C CYS E 162 51.80 -28.13 -4.03
N ASN E 163 51.56 -27.19 -3.11
CA ASN E 163 50.51 -26.17 -3.25
C ASN E 163 50.71 -25.35 -4.52
N LEU E 164 51.91 -24.82 -4.72
CA LEU E 164 52.19 -24.09 -5.96
C LEU E 164 52.20 -25.04 -7.14
N ASP E 165 52.75 -26.22 -6.89
CA ASP E 165 52.88 -27.22 -7.92
C ASP E 165 51.48 -27.58 -8.41
N SER E 166 50.57 -27.89 -7.49
CA SER E 166 49.19 -28.13 -7.88
C SER E 166 48.66 -26.96 -8.75
N ALA E 167 49.07 -25.74 -8.43
CA ALA E 167 48.59 -24.55 -9.12
C ALA E 167 49.09 -24.43 -10.56
N ARG E 168 50.39 -24.65 -10.77
CA ARG E 168 50.93 -24.65 -12.14
C ARG E 168 50.34 -25.77 -12.97
N PHE E 169 49.93 -26.80 -12.24
CA PHE E 169 49.34 -27.99 -12.84
C PHE E 169 47.94 -27.69 -13.31
N ARG E 170 47.21 -26.95 -12.50
CA ARG E 170 45.89 -26.50 -12.86
C ARG E 170 45.89 -25.38 -13.84
N TYR E 171 46.94 -24.56 -13.79
CA TYR E 171 47.09 -23.51 -14.77
C TYR E 171 47.25 -24.13 -16.14
N LEU E 172 48.11 -25.14 -16.23
CA LEU E 172 48.48 -25.75 -17.51
C LEU E 172 47.39 -26.63 -18.06
N MET E 173 46.75 -27.37 -17.15
CA MET E 173 45.55 -28.12 -17.47
C MET E 173 44.57 -27.13 -18.09
N GLY E 174 44.45 -25.98 -17.41
CA GLY E 174 43.67 -24.85 -17.87
C GLY E 174 43.90 -24.40 -19.28
N GLU E 175 45.11 -23.91 -19.58
N GLU E 175 45.11 -23.91 -19.61
CA GLU E 175 45.46 -23.41 -20.93
CA GLU E 175 45.39 -23.37 -20.96
C GLU E 175 45.24 -24.46 -22.00
C GLU E 175 45.32 -24.45 -22.05
N ARG E 176 45.66 -25.69 -21.72
CA ARG E 176 45.41 -26.83 -22.61
C ARG E 176 43.95 -27.08 -22.89
N LEU E 177 43.14 -27.05 -21.84
CA LEU E 177 41.71 -27.32 -21.96
C LEU E 177 40.84 -26.09 -22.38
N GLY E 178 41.31 -24.87 -22.17
CA GLY E 178 40.53 -23.67 -22.50
C GLY E 178 39.51 -23.32 -21.43
N VAL E 179 39.93 -23.31 -20.17
CA VAL E 179 39.07 -23.23 -18.96
C VAL E 179 39.88 -22.60 -17.84
N HIS E 180 39.25 -21.92 -16.90
CA HIS E 180 40.02 -21.24 -15.85
C HIS E 180 40.49 -22.27 -14.87
N PRO E 181 41.73 -22.15 -14.37
CA PRO E 181 42.25 -23.03 -13.35
C PRO E 181 41.28 -23.28 -12.22
N LEU E 182 40.58 -22.26 -11.78
CA LEU E 182 39.51 -22.44 -10.80
C LEU E 182 38.62 -23.63 -11.15
N SER E 183 38.27 -23.78 -12.43
CA SER E 183 37.30 -24.80 -12.84
C SER E 183 37.85 -26.17 -13.27
N CYS E 184 39.20 -26.17 -13.39
CA CYS E 184 40.08 -27.36 -13.57
C CYS E 184 40.64 -27.81 -12.22
N HIS E 185 40.64 -29.11 -11.96
CA HIS E 185 41.07 -29.66 -10.67
C HIS E 185 42.03 -30.82 -10.90
N GLY E 186 43.16 -30.76 -10.20
CA GLY E 186 44.26 -31.69 -10.37
C GLY E 186 45.19 -31.50 -9.20
N TRP E 187 45.81 -32.60 -8.75
CA TRP E 187 46.66 -32.58 -7.57
C TRP E 187 48.06 -33.08 -7.87
N VAL E 188 49.05 -32.25 -7.51
CA VAL E 188 50.44 -32.69 -7.45
C VAL E 188 50.85 -32.88 -5.98
N LEU E 189 51.52 -34.02 -5.74
CA LEU E 189 51.63 -34.64 -4.42
C LEU E 189 53.03 -35.26 -4.14
N GLY E 190 53.36 -35.37 -2.84
CA GLY E 190 54.62 -35.96 -2.38
C GLY E 190 55.74 -34.96 -2.16
N GLU E 191 56.92 -35.29 -2.72
CA GLU E 191 58.15 -34.51 -2.56
C GLU E 191 58.20 -33.37 -3.57
N HIS E 192 58.03 -32.13 -3.07
CA HIS E 192 58.19 -30.93 -3.88
C HIS E 192 59.55 -30.95 -4.57
N GLY E 193 59.52 -31.02 -5.90
CA GLY E 193 60.75 -31.20 -6.67
C GLY E 193 60.54 -32.17 -7.80
N ASP E 194 61.62 -32.81 -8.24
CA ASP E 194 61.60 -33.60 -9.48
C ASP E 194 60.88 -34.94 -9.35
N SER E 195 60.62 -35.38 -8.11
CA SER E 195 59.91 -36.63 -7.88
C SER E 195 58.44 -36.48 -7.44
N SER E 196 57.87 -35.28 -7.51
CA SER E 196 56.44 -35.07 -7.22
C SER E 196 55.51 -36.07 -7.96
N VAL E 197 54.32 -36.30 -7.42
CA VAL E 197 53.38 -37.23 -8.03
C VAL E 197 52.15 -36.49 -8.55
N PRO E 198 51.86 -36.61 -9.87
CA PRO E 198 50.61 -36.14 -10.45
C PRO E 198 49.57 -37.26 -10.46
N VAL E 199 48.60 -37.12 -9.57
CA VAL E 199 47.60 -38.13 -9.35
C VAL E 199 46.48 -37.85 -10.36
N TRP E 200 46.52 -38.62 -11.45
CA TRP E 200 45.54 -38.50 -12.54
C TRP E 200 44.14 -39.03 -12.15
N SER E 201 44.06 -39.82 -11.08
CA SER E 201 42.77 -40.18 -10.47
C SER E 201 42.04 -38.89 -10.24
N GLY E 202 42.71 -37.97 -9.54
CA GLY E 202 42.20 -36.62 -9.29
C GLY E 202 41.65 -35.82 -10.49
N MET E 203 42.34 -35.82 -11.61
CA MET E 203 42.07 -34.84 -12.67
C MET E 203 40.62 -34.78 -13.20
N ASN E 204 39.90 -33.74 -12.84
CA ASN E 204 38.51 -33.59 -13.27
C ASN E 204 38.23 -32.19 -13.76
N VAL E 205 37.35 -32.04 -14.72
CA VAL E 205 36.69 -30.77 -14.95
C VAL E 205 35.22 -30.98 -14.65
N ALA E 206 34.68 -30.22 -13.70
CA ALA E 206 33.27 -30.38 -13.29
C ALA E 206 32.95 -31.83 -12.87
N GLY E 207 33.87 -32.47 -12.20
CA GLY E 207 33.61 -33.78 -11.65
C GLY E 207 33.50 -34.85 -12.71
N VAL E 208 33.91 -34.58 -13.95
CA VAL E 208 34.12 -35.66 -14.93
C VAL E 208 35.62 -35.95 -15.03
N SER E 209 35.93 -37.23 -14.73
CA SER E 209 37.25 -37.87 -14.76
C SER E 209 37.91 -37.85 -16.11
N LEU E 210 39.10 -37.30 -16.17
CA LEU E 210 39.86 -37.26 -17.41
C LEU E 210 40.48 -38.61 -17.67
N LYS E 211 40.85 -39.32 -16.60
CA LYS E 211 41.39 -40.68 -16.76
C LYS E 211 40.36 -41.70 -17.23
N THR E 212 39.10 -41.56 -16.84
CA THR E 212 38.04 -42.44 -17.38
C THR E 212 37.80 -42.16 -18.87
N LEU E 213 37.82 -40.90 -19.26
CA LEU E 213 37.71 -40.55 -20.70
C LEU E 213 38.92 -40.97 -21.53
N HIS E 214 40.07 -40.30 -21.34
CA HIS E 214 41.31 -40.73 -21.97
C HIS E 214 41.98 -41.64 -20.95
N PRO E 215 41.84 -43.00 -21.08
CA PRO E 215 42.31 -43.90 -20.01
C PRO E 215 43.84 -44.05 -19.98
N ASP E 216 44.43 -44.10 -21.17
CA ASP E 216 45.86 -43.85 -21.39
C ASP E 216 46.42 -42.74 -20.49
N LEU E 217 45.99 -41.49 -20.71
CA LEU E 217 46.35 -40.33 -19.90
C LEU E 217 47.37 -40.57 -18.78
N GLY E 218 48.60 -40.06 -18.96
CA GLY E 218 49.66 -40.14 -17.95
C GLY E 218 50.68 -41.25 -18.18
N THR E 219 50.24 -42.35 -18.80
CA THR E 219 51.11 -43.35 -19.38
C THR E 219 52.09 -42.73 -20.40
N ASP E 220 53.12 -43.50 -20.76
CA ASP E 220 54.09 -43.10 -21.78
C ASP E 220 53.49 -43.26 -23.19
N LYS E 221 52.64 -44.27 -23.35
CA LYS E 221 51.90 -44.48 -24.60
C LYS E 221 50.82 -43.40 -24.83
N ASP E 222 50.56 -42.54 -23.85
CA ASP E 222 49.62 -41.41 -24.03
C ASP E 222 49.86 -40.65 -25.35
N LYS E 223 48.93 -40.87 -26.27
CA LYS E 223 48.89 -40.21 -27.56
C LYS E 223 49.18 -38.70 -27.45
N GLU E 224 48.65 -38.05 -26.41
CA GLU E 224 48.73 -36.56 -26.23
C GLU E 224 49.77 -36.10 -25.19
N GLN E 225 50.83 -36.89 -25.07
N GLN E 225 50.83 -36.87 -25.00
CA GLN E 225 51.81 -36.85 -23.98
CA GLN E 225 51.88 -36.55 -24.03
C GLN E 225 51.45 -35.83 -22.87
C GLN E 225 51.39 -35.70 -22.87
N TRP E 226 50.48 -36.21 -22.03
CA TRP E 226 50.01 -35.41 -20.86
C TRP E 226 51.01 -35.48 -19.69
N LYS E 227 51.99 -36.40 -19.75
CA LYS E 227 53.09 -36.36 -18.79
C LYS E 227 53.85 -35.05 -18.96
N GLU E 228 54.05 -34.60 -20.21
CA GLU E 228 54.57 -33.23 -20.51
C GLU E 228 54.03 -32.11 -19.60
N VAL E 229 52.78 -32.23 -19.16
CA VAL E 229 52.22 -31.26 -18.22
C VAL E 229 52.99 -31.30 -16.90
N HIS E 230 53.20 -32.48 -16.32
CA HIS E 230 53.98 -32.62 -15.06
C HIS E 230 55.50 -32.28 -15.20
N LYS E 231 56.02 -32.50 -16.41
CA LYS E 231 57.41 -32.20 -16.76
C LYS E 231 57.58 -30.69 -16.70
N GLN E 232 56.64 -30.01 -17.37
CA GLN E 232 56.53 -28.55 -17.32
C GLN E 232 56.39 -28.10 -15.88
N VAL E 233 55.56 -28.79 -15.11
CA VAL E 233 55.32 -28.33 -13.73
C VAL E 233 56.58 -28.34 -12.90
N VAL E 234 57.49 -29.26 -13.19
CA VAL E 234 58.71 -29.32 -12.44
C VAL E 234 59.71 -28.27 -12.97
N GLU E 235 59.92 -28.31 -14.29
CA GLU E 235 60.88 -27.44 -14.99
C GLU E 235 60.40 -25.99 -15.31
N SER E 236 59.27 -25.55 -14.75
CA SER E 236 58.90 -24.14 -14.90
C SER E 236 59.65 -23.28 -13.87
N ALA E 237 59.80 -23.77 -12.62
CA ALA E 237 60.63 -23.06 -11.63
C ALA E 237 62.07 -22.77 -12.15
N TYR E 238 62.63 -23.63 -13.00
N TYR E 238 62.61 -23.71 -12.95
CA TYR E 238 63.94 -23.33 -13.61
CA TYR E 238 63.87 -23.55 -13.72
C TYR E 238 63.77 -22.46 -14.86
C TYR E 238 63.65 -22.43 -14.74
N GLU E 239 62.71 -22.70 -15.64
CA GLU E 239 62.45 -21.89 -16.84
C GLU E 239 62.24 -20.41 -16.56
N VAL E 240 61.58 -20.13 -15.44
CA VAL E 240 61.33 -18.77 -15.01
C VAL E 240 62.68 -18.21 -14.54
N ILE E 241 63.30 -18.85 -13.57
CA ILE E 241 64.68 -18.52 -13.17
C ILE E 241 65.64 -18.31 -14.35
N LYS E 242 65.72 -19.24 -15.31
CA LYS E 242 66.47 -19.00 -16.56
C LYS E 242 66.09 -17.65 -17.17
N LEU E 243 64.79 -17.38 -17.23
CA LEU E 243 64.27 -16.25 -17.96
C LEU E 243 64.33 -14.93 -17.23
N LYS E 244 64.12 -14.94 -15.92
CA LYS E 244 64.08 -13.70 -15.16
C LYS E 244 64.97 -13.66 -13.94
N GLY E 245 65.63 -14.78 -13.63
CA GLY E 245 66.61 -14.84 -12.53
C GLY E 245 66.16 -15.65 -11.32
N TYR E 246 64.88 -15.56 -11.01
CA TYR E 246 64.31 -16.10 -9.78
C TYR E 246 62.85 -16.36 -10.08
N THR E 247 62.06 -16.72 -9.08
CA THR E 247 60.60 -16.70 -9.19
C THR E 247 60.07 -16.02 -7.93
N SER E 248 58.89 -15.44 -8.01
CA SER E 248 58.35 -14.71 -6.89
C SER E 248 56.83 -14.61 -6.91
N TRP E 249 56.28 -14.29 -8.08
CA TRP E 249 54.90 -13.82 -8.13
C TRP E 249 53.93 -14.95 -7.81
N ALA E 250 54.16 -16.11 -8.40
CA ALA E 250 53.28 -17.24 -8.20
C ALA E 250 53.50 -17.80 -6.81
N ILE E 251 54.75 -17.95 -6.40
CA ILE E 251 55.03 -18.35 -5.02
C ILE E 251 54.46 -17.37 -3.96
N GLY E 252 54.48 -16.06 -4.25
CA GLY E 252 53.86 -15.04 -3.41
C GLY E 252 52.36 -15.24 -3.28
N LEU E 253 51.71 -15.32 -4.44
CA LEU E 253 50.28 -15.56 -4.47
C LEU E 253 49.95 -16.83 -3.72
N SER E 254 50.64 -17.91 -4.04
CA SER E 254 50.45 -19.19 -3.37
C SER E 254 50.43 -19.04 -1.87
N VAL E 255 51.35 -18.26 -1.32
CA VAL E 255 51.52 -18.22 0.12
C VAL E 255 50.39 -17.44 0.72
N ALA E 256 50.09 -16.33 0.09
CA ALA E 256 48.96 -15.48 0.53
C ALA E 256 47.66 -16.30 0.65
N ASP E 257 47.42 -17.16 -0.33
CA ASP E 257 46.30 -18.11 -0.30
C ASP E 257 46.33 -19.06 0.93
N LEU E 258 47.48 -19.60 1.28
CA LEU E 258 47.55 -20.45 2.47
C LEU E 258 47.25 -19.64 3.72
N ALA E 259 47.78 -18.44 3.74
CA ALA E 259 47.60 -17.52 4.85
C ALA E 259 46.13 -17.23 5.02
N GLU E 260 45.45 -16.92 3.93
CA GLU E 260 44.01 -16.69 3.97
C GLU E 260 43.26 -17.85 4.63
N SER E 261 43.58 -19.06 4.17
CA SER E 261 42.92 -20.26 4.68
C SER E 261 43.19 -20.39 6.16
N ILE E 262 44.40 -20.14 6.60
CA ILE E 262 44.71 -20.19 8.02
C ILE E 262 44.04 -19.02 8.77
N MET E 263 44.26 -17.80 8.26
CA MET E 263 44.05 -16.61 9.04
C MET E 263 42.58 -16.37 9.22
N LYS E 264 41.75 -16.78 8.26
CA LYS E 264 40.31 -16.54 8.39
C LYS E 264 39.55 -17.80 8.83
N ASN E 265 40.29 -18.88 9.11
CA ASN E 265 39.75 -20.16 9.62
C ASN E 265 38.86 -20.93 8.62
N LEU E 266 39.30 -20.96 7.37
CA LEU E 266 38.48 -21.42 6.27
C LEU E 266 38.27 -22.92 6.13
N ARG E 267 39.18 -23.75 6.63
CA ARG E 267 39.08 -25.17 6.40
C ARG E 267 39.02 -25.52 4.91
N ARG E 268 39.86 -24.87 4.13
CA ARG E 268 39.88 -25.18 2.71
C ARG E 268 40.94 -26.20 2.58
N VAL E 269 40.96 -26.92 1.46
CA VAL E 269 41.87 -28.01 1.35
C VAL E 269 42.96 -27.64 0.39
N HIS E 270 44.14 -27.41 0.94
CA HIS E 270 45.36 -27.15 0.18
C HIS E 270 46.34 -28.32 0.30
N PRO E 271 47.15 -28.56 -0.74
CA PRO E 271 48.18 -29.56 -0.64
C PRO E 271 49.48 -28.90 -0.22
N VAL E 272 49.57 -28.64 1.09
CA VAL E 272 50.84 -28.35 1.74
C VAL E 272 51.54 -29.65 2.17
N SER E 273 52.71 -29.50 2.80
CA SER E 273 53.57 -30.58 3.25
C SER E 273 53.46 -30.78 4.78
N THR E 274 52.72 -31.81 5.22
CA THR E 274 52.61 -32.17 6.66
C THR E 274 53.18 -33.55 6.92
N MET E 275 53.39 -33.86 8.21
CA MET E 275 54.11 -35.09 8.67
C MET E 275 53.22 -36.31 8.53
N ILE E 276 53.54 -37.19 7.56
CA ILE E 276 52.64 -38.33 7.23
C ILE E 276 52.81 -39.56 8.16
N LYS E 277 54.04 -39.86 8.61
CA LYS E 277 54.31 -41.06 9.42
C LYS E 277 53.05 -41.91 9.68
N GLY E 278 53.08 -43.18 9.27
CA GLY E 278 51.96 -44.12 9.45
C GLY E 278 50.98 -44.16 8.30
N LEU E 279 51.25 -43.36 7.27
CA LEU E 279 50.31 -43.19 6.20
C LEU E 279 51.09 -43.54 4.94
N TYR E 280 50.52 -44.43 4.14
CA TYR E 280 51.16 -44.99 2.96
C TYR E 280 52.42 -45.79 3.34
N GLY E 281 52.36 -46.55 4.43
CA GLY E 281 53.49 -47.42 4.79
C GLY E 281 54.79 -46.65 4.85
N ILE E 282 54.82 -45.66 5.74
CA ILE E 282 55.98 -44.80 5.95
C ILE E 282 56.06 -44.60 7.45
N LYS E 283 56.93 -45.36 8.09
CA LYS E 283 57.06 -45.29 9.54
C LYS E 283 57.98 -44.13 9.96
N ASP E 284 58.91 -43.72 9.08
CA ASP E 284 59.87 -42.67 9.42
C ASP E 284 59.20 -41.31 9.61
N ASP E 285 59.81 -40.44 10.43
CA ASP E 285 59.26 -39.11 10.70
C ASP E 285 59.53 -38.23 9.50
N VAL E 286 58.57 -38.09 8.62
CA VAL E 286 58.84 -37.37 7.37
C VAL E 286 57.69 -36.44 6.95
N PHE E 287 58.03 -35.28 6.38
CA PHE E 287 57.04 -34.38 5.77
C PHE E 287 56.95 -34.56 4.24
N LEU E 288 55.72 -34.73 3.76
CA LEU E 288 55.42 -34.83 2.35
C LEU E 288 54.08 -34.18 2.05
N SER E 289 53.90 -33.74 0.80
CA SER E 289 52.68 -33.03 0.45
C SER E 289 51.48 -33.97 0.22
N VAL E 290 50.50 -33.79 1.12
CA VAL E 290 49.18 -34.40 1.04
C VAL E 290 48.05 -33.33 1.29
N PRO E 291 46.84 -33.54 0.71
CA PRO E 291 45.78 -32.55 0.93
C PRO E 291 45.37 -32.32 2.39
N CYS E 292 45.50 -31.08 2.87
CA CYS E 292 45.24 -30.76 4.27
C CYS E 292 44.12 -29.77 4.46
N ILE E 293 43.54 -29.82 5.63
CA ILE E 293 42.48 -28.91 5.95
C ILE E 293 43.06 -27.83 6.87
N LEU E 294 43.47 -26.73 6.22
CA LEU E 294 44.07 -25.58 6.89
C LEU E 294 43.01 -24.72 7.52
N GLY E 295 43.24 -24.35 8.78
CA GLY E 295 42.39 -23.42 9.46
C GLY E 295 43.18 -22.65 10.48
N GLN E 296 42.47 -22.07 11.44
CA GLN E 296 43.10 -21.25 12.47
C GLN E 296 44.02 -22.08 13.35
N ASN E 297 44.03 -23.41 13.18
CA ASN E 297 44.97 -24.26 13.91
C ASN E 297 46.06 -24.93 13.06
N GLY E 298 46.42 -24.29 11.95
CA GLY E 298 47.23 -24.96 10.95
C GLY E 298 46.40 -26.10 10.42
N ILE E 299 47.04 -27.25 10.31
CA ILE E 299 46.45 -28.45 9.72
C ILE E 299 45.63 -29.23 10.75
N SER E 300 44.30 -29.14 10.65
CA SER E 300 43.39 -29.77 11.61
C SER E 300 43.03 -31.20 11.24
N ASP E 301 43.16 -31.52 9.96
CA ASP E 301 42.71 -32.79 9.37
C ASP E 301 43.52 -32.95 8.08
N LEU E 302 43.64 -34.16 7.55
CA LEU E 302 44.18 -34.34 6.21
C LEU E 302 43.46 -35.44 5.48
N VAL E 303 43.52 -35.38 4.16
CA VAL E 303 42.79 -36.28 3.27
C VAL E 303 43.69 -37.40 2.78
N LYS E 304 43.17 -38.62 2.86
CA LYS E 304 43.89 -39.81 2.39
C LYS E 304 43.58 -40.00 0.92
N VAL E 305 44.40 -39.52 0.03
CA VAL E 305 44.12 -39.71 -1.37
C VAL E 305 44.35 -41.18 -1.73
N THR E 306 43.35 -41.88 -2.31
CA THR E 306 43.56 -43.30 -2.74
C THR E 306 44.53 -43.33 -3.91
N LEU E 307 45.59 -44.11 -3.78
CA LEU E 307 46.68 -44.05 -4.75
C LEU E 307 46.90 -45.40 -5.32
N THR E 308 47.51 -45.43 -6.50
CA THR E 308 47.83 -46.68 -7.17
C THR E 308 48.94 -47.41 -6.39
N SER E 309 49.19 -48.68 -6.65
CA SER E 309 50.30 -49.25 -5.90
C SER E 309 51.59 -48.60 -6.48
N GLU E 310 51.60 -48.32 -7.77
CA GLU E 310 52.74 -47.58 -8.36
C GLU E 310 52.94 -46.15 -7.83
N GLU E 311 51.85 -45.38 -7.63
CA GLU E 311 51.91 -44.00 -7.08
C GLU E 311 52.48 -43.95 -5.65
N GLU E 312 52.28 -45.03 -4.90
CA GLU E 312 52.69 -45.11 -3.51
C GLU E 312 54.18 -45.45 -3.42
N ALA E 313 54.66 -46.27 -4.36
CA ALA E 313 56.08 -46.62 -4.41
C ALA E 313 56.97 -45.39 -4.74
N ARG E 314 56.41 -44.35 -5.36
CA ARG E 314 57.16 -43.07 -5.54
C ARG E 314 57.24 -42.29 -4.23
N LEU E 315 56.07 -42.07 -3.61
CA LEU E 315 55.97 -41.40 -2.29
C LEU E 315 56.81 -42.12 -1.24
N LYS E 316 56.77 -43.44 -1.33
CA LYS E 316 57.45 -44.25 -0.37
C LYS E 316 58.96 -43.93 -0.53
N LYS E 317 59.44 -43.89 -1.78
CA LYS E 317 60.89 -43.66 -2.03
C LYS E 317 61.30 -42.20 -1.77
N SER E 318 60.44 -41.25 -2.18
CA SER E 318 60.65 -39.87 -1.79
C SER E 318 60.90 -39.78 -0.29
N ALA E 319 60.16 -40.56 0.49
CA ALA E 319 60.29 -40.57 1.96
C ALA E 319 61.64 -41.11 2.44
N ASP E 320 62.09 -42.23 1.86
CA ASP E 320 63.38 -42.85 2.27
C ASP E 320 64.50 -41.89 1.96
N THR E 321 64.53 -41.44 0.71
CA THR E 321 65.43 -40.39 0.31
C THR E 321 65.45 -39.31 1.37
N LEU E 322 64.28 -38.78 1.70
CA LEU E 322 64.23 -37.69 2.69
C LEU E 322 64.91 -38.05 4.02
N TRP E 323 64.38 -39.07 4.72
CA TRP E 323 64.94 -39.57 6.02
C TRP E 323 66.39 -40.05 5.94
N GLY E 324 66.82 -40.51 4.76
CA GLY E 324 68.24 -40.84 4.50
C GLY E 324 69.18 -39.67 4.67
N ILE E 325 68.68 -38.47 4.41
CA ILE E 325 69.43 -37.23 4.63
C ILE E 325 69.31 -36.90 6.10
N GLN E 326 68.06 -36.74 6.53
CA GLN E 326 67.70 -36.33 7.88
C GLN E 326 68.45 -37.16 8.94
N LYS E 327 68.69 -38.46 8.67
CA LYS E 327 69.40 -39.32 9.64
C LYS E 327 70.88 -38.96 9.80
N GLU E 328 71.36 -37.98 9.03
CA GLU E 328 72.75 -37.49 9.12
C GLU E 328 72.76 -35.99 9.44
N LEU E 329 71.89 -35.56 10.36
CA LEU E 329 71.67 -34.10 10.64
C LEU E 329 72.01 -33.67 12.05
N GLN E 330 72.31 -32.38 12.19
CA GLN E 330 72.98 -31.87 13.37
C GLN E 330 72.10 -31.00 14.31
N PHE E 331 71.48 -31.70 15.28
CA PHE E 331 70.63 -31.11 16.34
C PHE E 331 70.26 -32.16 17.38
N ALA F 1 38.50 -38.01 -31.76
CA ALA F 1 38.43 -36.76 -30.95
C ALA F 1 39.64 -36.73 -30.03
N THR F 2 40.13 -35.54 -29.72
CA THR F 2 41.17 -35.40 -28.69
C THR F 2 40.48 -35.70 -27.34
N LEU F 3 41.15 -35.43 -26.22
CA LEU F 3 40.45 -35.43 -24.93
C LEU F 3 39.60 -34.18 -24.86
N LYS F 4 40.23 -33.03 -25.03
CA LYS F 4 39.51 -31.77 -24.94
C LYS F 4 38.11 -31.87 -25.53
N ASP F 5 38.05 -32.43 -26.75
CA ASP F 5 36.83 -32.50 -27.54
C ASP F 5 35.91 -33.61 -27.08
N GLN F 6 36.36 -34.50 -26.21
CA GLN F 6 35.47 -35.49 -25.64
C GLN F 6 34.82 -34.87 -24.43
N LEU F 7 35.57 -34.01 -23.77
CA LEU F 7 35.13 -33.30 -22.56
C LEU F 7 34.25 -32.07 -22.84
N ILE F 8 34.71 -31.24 -23.76
CA ILE F 8 34.07 -29.97 -24.07
C ILE F 8 33.44 -29.97 -25.47
N TYR F 9 32.12 -29.76 -25.51
CA TYR F 9 31.44 -29.39 -26.77
C TYR F 9 31.52 -27.88 -26.82
N ASN F 10 32.16 -27.38 -27.88
CA ASN F 10 32.39 -25.97 -28.13
C ASN F 10 31.30 -25.41 -28.99
N LEU F 11 30.82 -24.24 -28.59
CA LEU F 11 29.58 -23.62 -29.06
C LEU F 11 29.87 -22.48 -30.03
N LEU F 12 30.94 -21.72 -29.81
CA LEU F 12 31.39 -20.73 -30.79
C LEU F 12 32.87 -20.41 -30.56
N LYS F 13 33.59 -20.06 -31.62
CA LYS F 13 35.06 -20.01 -31.58
C LYS F 13 35.56 -18.58 -31.73
N GLU F 14 34.64 -17.65 -31.53
CA GLU F 14 34.72 -16.34 -32.15
C GLU F 14 35.78 -15.38 -31.57
N GLU F 15 36.81 -15.88 -30.87
CA GLU F 15 37.81 -14.96 -30.33
C GLU F 15 37.04 -13.85 -29.64
N GLN F 16 37.64 -12.69 -29.44
CA GLN F 16 36.84 -11.51 -29.04
C GLN F 16 37.70 -10.28 -28.76
N THR F 17 37.10 -9.11 -28.89
CA THR F 17 37.80 -7.90 -28.59
C THR F 17 37.81 -7.83 -27.09
N PRO F 18 39.00 -7.77 -26.48
CA PRO F 18 39.07 -7.67 -25.01
C PRO F 18 38.45 -6.35 -24.55
N GLN F 19 37.97 -6.31 -23.32
CA GLN F 19 37.02 -5.28 -22.91
C GLN F 19 37.50 -4.34 -21.80
N ASN F 20 38.61 -4.67 -21.15
CA ASN F 20 39.05 -3.94 -19.97
C ASN F 20 40.54 -4.12 -19.84
N LYS F 21 41.21 -3.88 -20.96
CA LYS F 21 42.57 -4.24 -21.11
C LYS F 21 43.46 -3.16 -20.53
N ILE F 22 44.51 -3.54 -19.85
CA ILE F 22 45.58 -2.62 -19.44
C ILE F 22 46.93 -3.15 -20.00
N THR F 23 47.87 -2.26 -20.19
CA THR F 23 49.17 -2.60 -20.70
C THR F 23 50.19 -1.86 -19.88
N VAL F 24 51.12 -2.57 -19.26
CA VAL F 24 52.29 -1.92 -18.72
C VAL F 24 53.38 -1.98 -19.78
N VAL F 25 53.87 -0.82 -20.23
CA VAL F 25 55.12 -0.78 -21.01
C VAL F 25 56.26 -0.65 -20.03
N GLY F 26 57.14 -1.66 -20.06
CA GLY F 26 58.41 -1.61 -19.33
C GLY F 26 58.31 -2.42 -18.06
N VAL F 27 59.00 -3.57 -18.06
CA VAL F 27 58.80 -4.60 -17.05
C VAL F 27 59.94 -4.64 -16.05
N GLY F 28 60.31 -3.49 -15.52
CA GLY F 28 61.36 -3.44 -14.53
C GLY F 28 60.67 -3.38 -13.19
N ALA F 29 61.40 -2.93 -12.17
CA ALA F 29 60.84 -2.97 -10.83
C ALA F 29 59.49 -2.25 -10.83
N VAL F 30 59.51 -1.00 -11.29
CA VAL F 30 58.36 -0.10 -11.20
C VAL F 30 57.18 -0.68 -12.00
N GLY F 31 57.44 -1.00 -13.26
CA GLY F 31 56.45 -1.65 -14.13
C GLY F 31 55.79 -2.92 -13.55
N MET F 32 56.60 -3.81 -12.95
CA MET F 32 56.05 -5.07 -12.48
C MET F 32 55.24 -4.86 -11.21
N ALA F 33 55.62 -3.86 -10.42
CA ALA F 33 54.87 -3.51 -9.22
C ALA F 33 53.49 -2.96 -9.56
N CYS F 34 53.41 -2.24 -10.67
CA CYS F 34 52.13 -1.74 -11.12
C CYS F 34 51.28 -2.95 -11.49
N ALA F 35 51.91 -3.86 -12.22
CA ALA F 35 51.28 -5.07 -12.75
C ALA F 35 50.68 -5.95 -11.67
N ILE F 36 51.45 -6.22 -10.62
CA ILE F 36 50.90 -7.09 -9.57
C ILE F 36 49.74 -6.37 -8.88
N SER F 37 49.86 -5.05 -8.71
CA SER F 37 48.85 -4.25 -8.02
C SER F 37 47.59 -4.16 -8.83
N ILE F 38 47.73 -3.88 -10.11
CA ILE F 38 46.60 -4.04 -11.01
C ILE F 38 45.96 -5.47 -11.00
N LEU F 39 46.79 -6.51 -10.91
CA LEU F 39 46.28 -7.89 -10.91
C LEU F 39 45.49 -8.27 -9.62
N MET F 40 46.02 -7.80 -8.49
CA MET F 40 45.44 -8.04 -7.18
C MET F 40 44.29 -7.08 -6.84
N LYS F 41 43.98 -6.13 -7.71
CA LYS F 41 42.86 -5.24 -7.49
C LYS F 41 41.69 -5.52 -8.46
N ASP F 42 41.89 -6.48 -9.36
CA ASP F 42 40.92 -6.82 -10.39
C ASP F 42 40.44 -5.64 -11.17
N LEU F 43 41.28 -5.01 -11.97
CA LEU F 43 40.81 -3.95 -12.85
C LEU F 43 40.92 -4.35 -14.33
N ALA F 44 41.64 -5.44 -14.64
CA ALA F 44 41.77 -5.83 -16.04
C ALA F 44 41.20 -7.19 -16.28
N ASP F 45 40.77 -7.42 -17.52
CA ASP F 45 40.29 -8.71 -17.96
C ASP F 45 41.34 -9.28 -18.93
N GLU F 46 42.44 -8.54 -19.08
CA GLU F 46 43.61 -8.93 -19.90
C GLU F 46 44.78 -7.98 -19.65
N LEU F 47 45.87 -8.48 -19.09
CA LEU F 47 47.04 -7.65 -18.90
C LEU F 47 48.05 -7.84 -20.06
N ALA F 48 48.80 -6.80 -20.38
CA ALA F 48 49.82 -6.90 -21.43
C ALA F 48 51.09 -6.23 -20.98
N LEU F 49 52.19 -6.97 -21.17
CA LEU F 49 53.53 -6.51 -20.86
C LEU F 49 54.31 -6.34 -22.16
N VAL F 50 55.16 -5.33 -22.21
CA VAL F 50 55.83 -4.94 -23.44
C VAL F 50 57.16 -4.42 -23.03
N ASP F 51 58.20 -4.80 -23.75
CA ASP F 51 59.51 -4.27 -23.48
C ASP F 51 60.39 -4.81 -24.57
N VAL F 52 61.65 -4.46 -24.47
CA VAL F 52 62.65 -4.89 -25.42
C VAL F 52 63.53 -5.99 -24.90
N ILE F 53 63.42 -6.34 -23.61
CA ILE F 53 64.12 -7.53 -23.10
C ILE F 53 63.20 -8.75 -23.20
N GLU F 54 63.30 -9.46 -24.33
CA GLU F 54 62.55 -10.70 -24.60
C GLU F 54 62.49 -11.68 -23.43
N ASP F 55 63.64 -12.13 -22.91
CA ASP F 55 63.64 -13.23 -21.91
C ASP F 55 62.96 -12.78 -20.65
N LYS F 56 63.47 -11.70 -20.09
CA LYS F 56 62.95 -11.10 -18.87
C LYS F 56 61.42 -10.95 -18.94
N LEU F 57 60.97 -10.26 -19.98
CA LEU F 57 59.55 -10.07 -20.30
C LEU F 57 58.79 -11.37 -20.14
N LYS F 58 59.17 -12.36 -20.94
CA LYS F 58 58.55 -13.67 -20.92
C LYS F 58 58.67 -14.40 -19.55
N GLY F 59 59.81 -14.34 -18.90
CA GLY F 59 59.89 -14.92 -17.57
C GLY F 59 58.87 -14.36 -16.59
N GLU F 60 58.70 -13.04 -16.65
CA GLU F 60 57.84 -12.33 -15.72
C GLU F 60 56.40 -12.73 -16.03
N MET F 61 56.06 -12.72 -17.32
CA MET F 61 54.72 -13.13 -17.74
C MET F 61 54.38 -14.47 -17.13
N MET F 62 55.18 -15.49 -17.49
CA MET F 62 54.95 -16.88 -17.04
C MET F 62 54.78 -16.95 -15.53
N ASP F 63 55.61 -16.19 -14.81
CA ASP F 63 55.53 -16.17 -13.37
C ASP F 63 54.17 -15.73 -12.89
N LEU F 64 53.58 -14.72 -13.55
CA LEU F 64 52.21 -14.28 -13.16
C LEU F 64 51.19 -15.39 -13.57
N GLN F 65 51.15 -15.67 -14.87
CA GLN F 65 50.40 -16.79 -15.40
C GLN F 65 50.36 -18.03 -14.46
N HIS F 66 51.49 -18.37 -13.82
CA HIS F 66 51.51 -19.50 -12.88
C HIS F 66 50.68 -19.26 -11.65
N GLY F 67 50.48 -18.00 -11.26
CA GLY F 67 49.56 -17.66 -10.18
C GLY F 67 48.11 -17.41 -10.60
N SER F 68 47.78 -17.61 -11.87
CA SER F 68 46.44 -17.36 -12.42
C SER F 68 45.27 -17.82 -11.60
N LEU F 69 45.45 -18.98 -11.00
CA LEU F 69 44.44 -19.58 -10.13
C LEU F 69 44.07 -18.67 -8.98
N PHE F 70 45.01 -17.86 -8.50
CA PHE F 70 44.73 -16.95 -7.37
C PHE F 70 44.26 -15.53 -7.77
N LEU F 71 43.77 -15.41 -9.00
CA LEU F 71 43.62 -14.15 -9.69
C LEU F 71 42.40 -14.13 -10.63
N ARG F 72 41.83 -12.95 -10.83
CA ARG F 72 40.60 -12.85 -11.60
C ARG F 72 40.82 -12.04 -12.89
N THR F 73 42.09 -11.82 -13.23
CA THR F 73 42.45 -11.38 -14.58
C THR F 73 42.76 -12.59 -15.52
N PRO F 74 41.81 -12.99 -16.36
CA PRO F 74 41.98 -14.30 -17.00
C PRO F 74 43.06 -14.40 -18.01
N LYS F 75 43.65 -13.31 -18.50
CA LYS F 75 44.58 -13.42 -19.64
C LYS F 75 45.77 -12.39 -19.65
N ILE F 76 47.00 -12.90 -19.69
CA ILE F 76 48.21 -12.15 -19.37
C ILE F 76 49.17 -12.49 -20.48
N VAL F 77 49.57 -11.49 -21.25
CA VAL F 77 50.42 -11.67 -22.44
C VAL F 77 51.61 -10.70 -22.51
N SER F 78 52.78 -11.18 -22.90
CA SER F 78 53.97 -10.32 -22.97
C SER F 78 54.40 -10.29 -24.41
N GLY F 79 55.40 -9.48 -24.76
CA GLY F 79 55.72 -9.31 -26.17
C GLY F 79 56.59 -8.12 -26.41
N LYS F 80 57.45 -8.21 -27.39
CA LYS F 80 58.35 -7.12 -27.72
C LYS F 80 57.68 -6.31 -28.85
N ASP F 81 56.81 -6.96 -29.64
CA ASP F 81 55.96 -6.28 -30.63
C ASP F 81 54.79 -5.61 -29.94
N TYR F 82 54.50 -4.37 -30.34
CA TYR F 82 53.45 -3.58 -29.69
C TYR F 82 52.03 -4.03 -30.01
N ASN F 83 51.89 -4.88 -31.04
CA ASN F 83 50.66 -5.64 -31.39
C ASN F 83 50.03 -6.45 -30.26
N VAL F 84 50.77 -6.74 -29.20
CA VAL F 84 50.18 -7.41 -28.05
C VAL F 84 49.55 -6.44 -27.11
N THR F 85 49.69 -5.14 -27.37
CA THR F 85 48.97 -4.14 -26.59
C THR F 85 47.57 -3.82 -27.16
N ALA F 86 47.24 -4.31 -28.35
CA ALA F 86 46.04 -3.83 -29.06
C ALA F 86 44.83 -3.85 -28.19
N ASN F 87 43.98 -2.85 -28.38
CA ASN F 87 42.71 -2.66 -27.65
C ASN F 87 42.85 -2.44 -26.17
N SER F 88 43.89 -1.73 -25.78
CA SER F 88 44.06 -1.39 -24.38
C SER F 88 43.18 -0.20 -24.03
N LYS F 89 42.49 -0.28 -22.90
CA LYS F 89 41.83 0.89 -22.31
C LYS F 89 42.84 1.87 -21.69
N LEU F 90 43.77 1.34 -20.94
CA LEU F 90 44.73 2.17 -20.28
C LEU F 90 46.11 1.55 -20.52
N VAL F 91 47.03 2.30 -21.12
CA VAL F 91 48.44 1.91 -21.31
C VAL F 91 49.37 2.74 -20.42
N ILE F 92 49.99 2.07 -19.47
CA ILE F 92 50.85 2.69 -18.50
C ILE F 92 52.29 2.72 -18.97
N ILE F 93 52.87 3.89 -19.24
CA ILE F 93 54.27 3.94 -19.66
C ILE F 93 55.28 4.02 -18.49
N THR F 94 56.17 3.05 -18.38
CA THR F 94 57.27 3.12 -17.39
C THR F 94 58.62 3.13 -18.02
N ALA F 95 58.64 2.98 -19.33
CA ALA F 95 59.85 2.95 -20.12
C ALA F 95 60.45 4.33 -20.24
N GLY F 96 61.75 4.40 -20.47
CA GLY F 96 62.43 5.66 -20.61
C GLY F 96 63.92 5.44 -20.45
N ALA F 97 64.71 6.47 -20.74
CA ALA F 97 66.14 6.39 -20.60
C ALA F 97 66.54 6.59 -19.16
N ARG F 98 67.50 5.81 -18.66
N ARG F 98 67.52 5.79 -18.69
CA ARG F 98 68.08 6.08 -17.34
CA ARG F 98 68.24 6.02 -17.40
C ARG F 98 69.37 6.94 -17.53
C ARG F 98 69.37 7.02 -17.64
N GLN F 99 69.39 8.05 -16.82
CA GLN F 99 70.26 9.17 -17.07
C GLN F 99 71.65 8.81 -16.69
N GLN F 100 72.60 9.15 -17.56
N GLN F 100 72.57 9.25 -17.51
CA GLN F 100 74.02 8.81 -17.42
CA GLN F 100 73.96 8.93 -17.34
C GLN F 100 74.75 9.86 -16.56
C GLN F 100 74.67 9.91 -16.43
N GLU F 101 75.52 9.36 -15.59
CA GLU F 101 76.58 10.10 -14.92
C GLU F 101 77.02 11.31 -15.83
N GLY F 102 76.67 12.52 -15.41
CA GLY F 102 77.22 13.73 -16.06
C GLY F 102 76.66 14.14 -17.43
N GLU F 103 75.50 13.57 -17.76
CA GLU F 103 74.73 13.90 -18.97
C GLU F 103 73.70 14.95 -18.59
N SER F 104 73.61 16.01 -19.40
CA SER F 104 72.74 17.18 -19.12
C SER F 104 71.25 16.82 -19.16
N ARG F 105 70.43 17.59 -18.45
CA ARG F 105 69.01 17.31 -18.43
C ARG F 105 68.40 17.40 -19.82
N LEU F 106 69.00 18.24 -20.66
CA LEU F 106 68.52 18.45 -21.99
C LEU F 106 68.80 17.21 -22.84
N ASN F 107 70.04 16.75 -22.84
N ASN F 107 70.05 16.72 -22.88
CA ASN F 107 70.37 15.52 -23.56
CA ASN F 107 70.34 15.44 -23.59
C ASN F 107 69.70 14.24 -22.95
C ASN F 107 69.54 14.25 -22.98
N LEU F 108 69.30 14.28 -21.68
CA LEU F 108 68.53 13.18 -21.07
C LEU F 108 67.12 13.13 -21.62
N VAL F 109 66.47 14.28 -21.74
N VAL F 109 66.48 14.29 -21.72
CA VAL F 109 65.10 14.27 -22.22
CA VAL F 109 65.12 14.37 -22.21
C VAL F 109 65.04 14.08 -23.74
C VAL F 109 65.07 14.05 -23.72
N GLN F 110 66.00 14.61 -24.49
CA GLN F 110 66.00 14.37 -25.92
C GLN F 110 66.08 12.89 -26.19
N ARG F 111 66.86 12.16 -25.39
CA ARG F 111 66.92 10.70 -25.54
C ARG F 111 65.59 10.00 -25.22
N ASN F 112 64.95 10.48 -24.15
CA ASN F 112 63.64 10.02 -23.77
C ASN F 112 62.69 10.24 -24.93
N VAL F 113 62.77 11.43 -25.52
CA VAL F 113 61.93 11.74 -26.66
C VAL F 113 62.15 10.68 -27.74
N ASN F 114 63.40 10.54 -28.19
CA ASN F 114 63.76 9.56 -29.24
C ASN F 114 63.16 8.19 -28.99
N ILE F 115 63.19 7.71 -27.75
N ILE F 115 63.26 7.73 -27.75
CA ILE F 115 62.64 6.39 -27.51
CA ILE F 115 62.64 6.47 -27.36
C ILE F 115 61.12 6.40 -27.33
C ILE F 115 61.16 6.53 -27.62
N PHE F 116 60.51 7.58 -27.09
CA PHE F 116 59.03 7.74 -27.12
C PHE F 116 58.53 7.87 -28.58
N LYS F 117 59.34 8.49 -29.41
CA LYS F 117 59.06 8.53 -30.83
C LYS F 117 58.93 7.13 -31.40
N PHE F 118 59.41 6.12 -30.65
CA PHE F 118 59.17 4.69 -30.99
C PHE F 118 57.99 4.07 -30.25
N ILE F 119 58.04 4.11 -28.93
CA ILE F 119 56.97 3.53 -28.12
C ILE F 119 55.57 4.15 -28.39
N ILE F 120 55.46 5.47 -28.25
CA ILE F 120 54.18 6.10 -28.27
C ILE F 120 53.37 5.91 -29.56
N PRO F 121 53.96 6.14 -30.75
CA PRO F 121 53.15 5.87 -31.93
C PRO F 121 52.75 4.41 -32.03
N ASN F 122 53.57 3.52 -31.48
CA ASN F 122 53.23 2.10 -31.55
C ASN F 122 52.09 1.84 -30.62
N VAL F 123 52.08 2.53 -29.48
CA VAL F 123 50.96 2.41 -28.58
C VAL F 123 49.71 2.88 -29.22
N VAL F 124 49.76 4.05 -29.88
CA VAL F 124 48.54 4.71 -30.43
C VAL F 124 48.05 4.03 -31.68
N LYS F 125 48.98 3.49 -32.45
CA LYS F 125 48.61 2.65 -33.58
C LYS F 125 47.60 1.54 -33.13
N TYR F 126 47.94 0.78 -32.08
CA TYR F 126 47.17 -0.41 -31.65
C TYR F 126 46.09 -0.19 -30.61
N SER F 127 46.12 0.94 -29.92
CA SER F 127 45.10 1.22 -28.90
C SER F 127 44.73 2.72 -28.97
N PRO F 128 44.21 3.18 -30.13
CA PRO F 128 44.03 4.61 -30.48
C PRO F 128 43.10 5.45 -29.61
N ASN F 129 42.21 4.77 -28.86
CA ASN F 129 41.29 5.41 -27.92
C ASN F 129 41.72 5.17 -26.48
N CYS F 130 43.00 4.86 -26.28
CA CYS F 130 43.42 4.49 -24.93
C CYS F 130 43.63 5.75 -24.13
N LYS F 131 43.96 5.58 -22.85
CA LYS F 131 44.46 6.66 -22.02
C LYS F 131 45.88 6.31 -21.70
N LEU F 132 46.80 7.25 -21.96
CA LEU F 132 48.20 7.07 -21.58
C LEU F 132 48.42 7.52 -20.13
N LEU F 133 49.05 6.67 -19.31
CA LEU F 133 49.48 7.08 -17.97
C LEU F 133 50.99 7.06 -17.97
N ILE F 134 51.62 8.21 -18.09
CA ILE F 134 53.06 8.26 -18.13
C ILE F 134 53.59 8.24 -16.73
N VAL F 135 54.43 7.25 -16.40
CA VAL F 135 55.07 7.09 -15.08
C VAL F 135 56.60 7.28 -15.14
N SER F 136 57.17 7.04 -16.31
CA SER F 136 58.59 7.27 -16.48
C SER F 136 59.01 8.69 -16.11
N ASN F 137 60.25 8.86 -15.62
CA ASN F 137 60.83 10.16 -15.17
C ASN F 137 61.84 10.89 -16.10
N PRO F 138 61.91 12.22 -16.03
CA PRO F 138 61.08 13.18 -15.32
C PRO F 138 59.66 13.15 -15.83
N VAL F 139 58.71 12.98 -14.94
CA VAL F 139 57.37 12.66 -15.36
C VAL F 139 56.66 13.87 -15.98
N ASP F 140 56.79 15.03 -15.33
CA ASP F 140 56.10 16.20 -15.79
C ASP F 140 56.57 16.51 -17.25
N ILE F 141 57.84 16.35 -17.60
CA ILE F 141 58.26 16.52 -19.03
C ILE F 141 57.91 15.34 -19.98
N LEU F 142 58.03 14.11 -19.50
CA LEU F 142 57.77 12.97 -20.36
C LEU F 142 56.30 12.87 -20.70
N THR F 143 55.46 13.26 -19.74
CA THR F 143 54.04 13.41 -20.02
C THR F 143 53.79 14.41 -21.15
N TYR F 144 54.51 15.55 -21.16
CA TYR F 144 54.45 16.52 -22.27
C TYR F 144 54.76 15.90 -23.61
N VAL F 145 55.89 15.17 -23.61
CA VAL F 145 56.44 14.57 -24.84
C VAL F 145 55.41 13.60 -25.42
N ALA F 146 54.93 12.70 -24.56
CA ALA F 146 53.97 11.71 -24.96
C ALA F 146 52.74 12.38 -25.51
N TRP F 147 52.40 13.52 -24.93
CA TRP F 147 51.27 14.26 -25.42
C TRP F 147 51.55 14.75 -26.82
N LYS F 148 52.69 15.41 -27.01
N LYS F 148 52.70 15.41 -27.02
CA LYS F 148 53.05 15.98 -28.31
CA LYS F 148 53.06 15.98 -28.32
C LYS F 148 53.19 14.90 -29.40
C LYS F 148 53.23 14.90 -29.41
N ILE F 149 53.82 13.77 -29.05
CA ILE F 149 53.97 12.62 -29.97
C ILE F 149 52.67 11.89 -30.25
N SER F 150 51.82 11.66 -29.24
CA SER F 150 50.59 10.91 -29.47
C SER F 150 49.62 11.64 -30.35
N GLY F 151 49.50 12.96 -30.13
CA GLY F 151 48.49 13.85 -30.75
C GLY F 151 47.16 13.60 -30.09
N PHE F 152 47.20 12.82 -29.02
CA PHE F 152 46.07 12.62 -28.16
C PHE F 152 45.66 13.95 -27.57
N PRO F 153 44.38 14.07 -27.20
CA PRO F 153 43.82 15.09 -26.36
C PRO F 153 44.48 15.09 -25.03
N LYS F 154 44.66 16.28 -24.48
CA LYS F 154 45.38 16.39 -23.22
C LYS F 154 44.75 15.52 -22.15
N ASN F 155 43.44 15.33 -22.27
CA ASN F 155 42.71 14.63 -21.24
C ASN F 155 43.04 13.16 -21.17
N ARG F 156 43.51 12.62 -22.30
CA ARG F 156 44.01 11.24 -22.36
C ARG F 156 45.52 11.12 -22.31
N VAL F 157 46.22 12.03 -21.69
CA VAL F 157 47.62 11.84 -21.46
C VAL F 157 47.90 12.41 -20.11
N ILE F 158 48.25 11.53 -19.18
CA ILE F 158 48.23 11.81 -17.74
C ILE F 158 49.57 11.46 -17.13
N GLY F 159 50.14 12.34 -16.32
CA GLY F 159 51.39 12.05 -15.60
C GLY F 159 51.07 11.58 -14.17
N SER F 160 51.83 10.65 -13.59
CA SER F 160 51.57 10.25 -12.22
C SER F 160 51.85 11.48 -11.32
N GLY F 161 52.82 12.29 -11.79
CA GLY F 161 53.22 13.54 -11.15
C GLY F 161 53.20 13.43 -9.64
N CYS F 162 52.40 14.26 -8.98
CA CYS F 162 52.44 14.27 -7.53
C CYS F 162 51.42 13.31 -6.83
N ASN F 163 50.86 12.33 -7.56
CA ASN F 163 49.88 11.42 -6.92
C ASN F 163 50.57 10.62 -5.83
N LEU F 164 51.82 10.22 -6.03
CA LEU F 164 52.53 9.57 -4.95
C LEU F 164 53.02 10.53 -3.85
N ASP F 165 53.73 11.59 -4.23
CA ASP F 165 54.22 12.57 -3.24
C ASP F 165 53.12 12.99 -2.25
N SER F 166 51.88 13.11 -2.72
CA SER F 166 50.77 13.42 -1.83
C SER F 166 50.45 12.24 -0.88
N ALA F 167 50.35 11.02 -1.43
CA ALA F 167 50.22 9.76 -0.64
C ALA F 167 51.30 9.48 0.44
N ARG F 168 52.51 9.94 0.15
CA ARG F 168 53.63 9.91 1.08
C ARG F 168 53.43 10.89 2.20
N PHE F 169 52.93 12.06 1.80
CA PHE F 169 52.70 13.21 2.68
C PHE F 169 51.60 12.87 3.68
N ARG F 170 50.56 12.19 3.19
CA ARG F 170 49.48 11.77 4.04
C ARG F 170 49.90 10.68 5.02
N TYR F 171 50.84 9.81 4.62
CA TYR F 171 51.34 8.77 5.53
C TYR F 171 52.11 9.40 6.66
N LEU F 172 53.05 10.27 6.27
CA LEU F 172 53.87 11.04 7.20
C LEU F 172 53.07 11.95 8.13
N MET F 173 52.00 12.54 7.61
CA MET F 173 51.12 13.35 8.43
C MET F 173 50.34 12.43 9.35
N GLY F 174 49.89 11.32 8.78
CA GLY F 174 49.24 10.27 9.56
C GLY F 174 50.10 9.79 10.70
N GLU F 175 51.37 9.55 10.43
CA GLU F 175 52.30 9.07 11.43
C GLU F 175 52.31 9.98 12.67
N ARG F 176 52.52 11.27 12.43
CA ARG F 176 52.63 12.26 13.50
C ARG F 176 51.37 12.35 14.39
N LEU F 177 50.21 12.52 13.76
CA LEU F 177 48.95 12.75 14.48
C LEU F 177 48.43 11.51 15.19
N GLY F 178 48.58 10.35 14.56
CA GLY F 178 48.07 9.10 15.10
C GLY F 178 46.78 8.71 14.42
N VAL F 179 46.76 8.84 13.10
CA VAL F 179 45.52 8.72 12.32
C VAL F 179 45.84 7.91 11.06
N HIS F 180 44.90 7.09 10.60
CA HIS F 180 45.14 6.39 9.33
C HIS F 180 45.41 7.48 8.30
N PRO F 181 46.26 7.18 7.34
CA PRO F 181 46.42 8.22 6.36
C PRO F 181 45.10 8.59 5.67
N LEU F 182 44.22 7.63 5.36
CA LEU F 182 42.94 7.92 4.69
C LEU F 182 42.24 9.13 5.25
N SER F 183 42.27 9.26 6.57
CA SER F 183 41.63 10.38 7.29
C SER F 183 42.49 11.65 7.43
N CYS F 184 43.71 11.64 6.87
CA CYS F 184 44.59 12.81 6.87
C CYS F 184 44.64 13.39 5.48
N HIS F 185 44.48 14.70 5.37
CA HIS F 185 44.29 15.32 4.08
C HIS F 185 45.32 16.39 3.88
N GLY F 186 45.91 16.36 2.70
CA GLY F 186 47.11 17.10 2.40
C GLY F 186 47.49 16.84 0.97
N TRP F 187 47.99 17.90 0.35
CA TRP F 187 48.23 17.86 -1.08
C TRP F 187 49.64 18.38 -1.36
N VAL F 188 50.38 17.62 -2.18
CA VAL F 188 51.61 18.11 -2.75
C VAL F 188 51.38 18.29 -4.25
N LEU F 189 51.77 19.45 -4.77
CA LEU F 189 51.34 19.94 -6.10
C LEU F 189 52.52 20.51 -6.85
N GLY F 190 52.38 20.69 -8.15
CA GLY F 190 53.44 21.34 -8.96
C GLY F 190 54.34 20.33 -9.65
N GLU F 191 55.59 20.72 -9.86
CA GLU F 191 56.59 19.81 -10.47
C GLU F 191 56.90 18.69 -9.51
N HIS F 192 56.87 17.46 -9.98
CA HIS F 192 57.24 16.32 -9.13
C HIS F 192 58.74 16.31 -8.93
N GLY F 193 59.18 16.55 -7.71
CA GLY F 193 60.59 16.85 -7.49
C GLY F 193 60.74 17.78 -6.32
N ASP F 194 61.84 18.52 -6.25
CA ASP F 194 62.16 19.30 -5.05
C ASP F 194 61.41 20.64 -5.04
N SER F 195 60.76 20.98 -6.15
CA SER F 195 59.97 22.20 -6.27
C SER F 195 58.48 21.81 -6.32
N SER F 196 58.19 20.69 -5.65
CA SER F 196 56.86 20.16 -5.44
C SER F 196 56.40 21.01 -4.30
N VAL F 197 55.10 21.29 -4.22
CA VAL F 197 54.56 22.28 -3.28
C VAL F 197 53.60 21.66 -2.29
N PRO F 198 53.94 21.74 -1.00
CA PRO F 198 52.97 21.44 0.03
C PRO F 198 51.95 22.59 0.09
N VAL F 199 50.68 22.23 -0.01
CA VAL F 199 49.59 23.20 0.09
C VAL F 199 49.13 23.14 1.56
N TRP F 200 49.78 23.97 2.36
CA TRP F 200 49.71 23.89 3.79
C TRP F 200 48.29 24.16 4.24
N SER F 201 47.73 25.24 3.72
CA SER F 201 46.33 25.63 3.90
C SER F 201 45.35 24.44 3.91
N GLY F 202 45.52 23.56 2.91
CA GLY F 202 44.67 22.39 2.70
C GLY F 202 44.81 21.20 3.64
N MET F 203 45.81 21.18 4.53
CA MET F 203 45.88 20.11 5.53
C MET F 203 44.75 20.18 6.57
N ASN F 204 43.79 19.30 6.37
CA ASN F 204 42.74 19.07 7.32
C ASN F 204 42.89 17.66 7.89
N VAL F 205 42.15 17.43 8.97
CA VAL F 205 41.81 16.12 9.48
C VAL F 205 40.41 16.33 10.02
N ALA F 206 39.40 15.78 9.35
CA ALA F 206 37.98 16.08 9.64
C ALA F 206 37.66 17.56 9.47
N GLY F 207 38.27 18.17 8.48
CA GLY F 207 37.88 19.50 8.07
C GLY F 207 38.50 20.63 8.90
N VAL F 208 39.21 20.30 9.97
CA VAL F 208 39.85 21.34 10.75
C VAL F 208 41.22 21.59 10.20
N SER F 209 41.39 22.77 9.60
CA SER F 209 42.67 23.22 9.06
C SER F 209 43.69 23.21 10.18
N LEU F 210 44.81 22.53 9.94
CA LEU F 210 45.93 22.54 10.89
C LEU F 210 46.61 23.90 10.82
N LYS F 211 46.68 24.43 9.60
CA LYS F 211 47.28 25.73 9.36
C LYS F 211 46.57 26.85 10.15
N THR F 212 45.27 26.71 10.43
CA THR F 212 44.55 27.67 11.30
C THR F 212 44.81 27.36 12.78
N LEU F 213 44.75 26.08 13.14
CA LEU F 213 44.92 25.64 14.53
C LEU F 213 46.32 26.04 15.02
N HIS F 214 47.31 25.67 14.19
CA HIS F 214 48.73 26.04 14.34
C HIS F 214 49.12 27.08 13.26
N PRO F 215 48.96 28.41 13.56
CA PRO F 215 49.23 29.49 12.59
C PRO F 215 50.58 29.41 11.87
N ASP F 216 51.61 28.91 12.57
CA ASP F 216 53.00 28.88 12.05
C ASP F 216 53.24 27.75 11.06
N LEU F 217 52.33 26.78 11.00
CA LEU F 217 52.54 25.57 10.19
C LEU F 217 53.16 25.79 8.82
N GLY F 218 54.40 25.31 8.66
CA GLY F 218 55.05 25.27 7.36
C GLY F 218 56.04 26.39 7.11
N THR F 219 56.30 27.22 8.13
CA THR F 219 57.25 28.33 7.98
C THR F 219 58.55 28.07 8.77
N ASP F 220 59.54 28.94 8.52
CA ASP F 220 60.89 28.81 9.08
C ASP F 220 60.94 29.20 10.56
N LYS F 221 59.84 29.69 11.11
CA LYS F 221 59.76 29.89 12.57
C LYS F 221 58.87 28.83 13.23
N ASP F 222 58.46 27.82 12.47
CA ASP F 222 57.60 26.75 13.00
C ASP F 222 58.38 25.89 13.99
N LYS F 223 57.89 25.83 15.23
CA LYS F 223 58.55 25.06 16.29
C LYS F 223 58.49 23.56 15.99
N GLU F 224 57.32 23.07 15.59
CA GLU F 224 57.17 21.66 15.20
C GLU F 224 57.84 21.29 13.85
N GLN F 225 58.38 22.30 13.16
N GLN F 225 58.31 22.29 13.11
CA GLN F 225 58.99 22.21 11.82
CA GLN F 225 59.07 22.05 11.89
C GLN F 225 58.37 21.15 10.92
C GLN F 225 58.36 21.11 10.90
N TRP F 226 57.08 21.35 10.65
CA TRP F 226 56.33 20.52 9.70
C TRP F 226 56.92 20.64 8.30
N LYS F 227 57.64 21.74 8.06
CA LYS F 227 58.53 21.87 6.92
C LYS F 227 59.33 20.59 6.60
N GLU F 228 59.70 19.80 7.60
CA GLU F 228 60.45 18.55 7.34
C GLU F 228 59.59 17.45 6.67
N VAL F 229 58.34 17.31 7.14
CA VAL F 229 57.38 16.39 6.53
C VAL F 229 57.46 16.49 5.02
N HIS F 230 57.44 17.70 4.48
CA HIS F 230 57.52 17.87 3.01
C HIS F 230 58.90 17.51 2.48
N LYS F 231 59.94 17.87 3.22
N LYS F 231 59.96 17.85 3.20
CA LYS F 231 61.30 17.52 2.84
CA LYS F 231 61.29 17.51 2.72
C LYS F 231 61.41 16.00 2.71
C LYS F 231 61.47 15.98 2.72
N GLN F 232 60.89 15.28 3.70
CA GLN F 232 60.86 13.82 3.65
C GLN F 232 60.17 13.26 2.41
N VAL F 233 59.08 13.86 1.97
CA VAL F 233 58.40 13.41 0.73
C VAL F 233 59.39 13.27 -0.45
N VAL F 234 60.34 14.21 -0.52
CA VAL F 234 61.27 14.33 -1.65
C VAL F 234 62.53 13.48 -1.43
N GLU F 235 63.14 13.66 -0.25
CA GLU F 235 64.22 12.78 0.22
C GLU F 235 63.53 11.56 0.85
N SER F 236 62.78 10.84 0.00
CA SER F 236 62.11 9.62 0.42
C SER F 236 62.39 8.58 -0.60
N ALA F 237 61.98 8.83 -1.84
CA ALA F 237 62.38 7.93 -2.92
C ALA F 237 63.93 7.78 -2.95
N TYR F 238 64.67 8.83 -2.55
N TYR F 238 64.63 8.85 -2.55
CA TYR F 238 66.14 8.76 -2.42
CA TYR F 238 66.08 8.82 -2.42
C TYR F 238 66.49 7.90 -1.20
C TYR F 238 66.49 7.95 -1.21
N GLU F 239 66.03 8.29 -0.01
CA GLU F 239 66.37 7.47 1.18
C GLU F 239 65.88 6.02 0.99
N VAL F 240 64.88 5.74 0.14
CA VAL F 240 64.52 4.34 -0.22
C VAL F 240 65.50 3.72 -1.22
N ILE F 241 65.94 4.52 -2.18
CA ILE F 241 66.94 4.06 -3.17
C ILE F 241 68.31 3.84 -2.46
N LYS F 242 68.71 4.76 -1.58
CA LYS F 242 69.89 4.52 -0.73
C LYS F 242 69.76 3.19 -0.03
N LEU F 243 68.54 2.79 0.32
CA LEU F 243 68.32 1.62 1.18
C LEU F 243 68.15 0.27 0.46
N LYS F 244 67.45 0.23 -0.67
CA LYS F 244 67.25 -1.02 -1.40
C LYS F 244 67.60 -0.92 -2.86
N GLY F 245 68.10 0.22 -3.29
CA GLY F 245 68.47 0.42 -4.69
C GLY F 245 67.40 1.04 -5.60
N TYR F 246 66.13 0.98 -5.23
CA TYR F 246 65.04 1.38 -6.15
C TYR F 246 63.77 1.49 -5.31
N THR F 247 62.71 2.09 -5.87
CA THR F 247 61.38 1.97 -5.28
C THR F 247 60.45 1.29 -6.26
N SER F 248 59.48 0.58 -5.70
CA SER F 248 58.55 -0.19 -6.50
C SER F 248 57.15 -0.19 -5.84
N TRP F 249 57.06 -0.56 -4.57
CA TRP F 249 55.77 -1.00 -4.01
C TRP F 249 54.74 0.11 -3.90
N ALA F 250 55.20 1.26 -3.40
CA ALA F 250 54.38 2.45 -3.32
C ALA F 250 54.06 2.91 -4.71
N ILE F 251 55.04 3.38 -5.47
CA ILE F 251 54.75 3.87 -6.82
C ILE F 251 53.81 2.95 -7.58
N GLY F 252 53.80 1.66 -7.23
CA GLY F 252 52.90 0.63 -7.84
C GLY F 252 51.46 0.61 -7.35
N LEU F 253 51.28 0.58 -6.04
CA LEU F 253 49.95 0.76 -5.42
C LEU F 253 49.33 2.10 -5.89
N SER F 254 50.12 3.18 -5.78
CA SER F 254 49.76 4.48 -6.32
C SER F 254 49.24 4.41 -7.77
N VAL F 255 50.04 3.87 -8.68
CA VAL F 255 49.55 3.75 -10.05
C VAL F 255 48.26 2.92 -10.20
N ALA F 256 48.07 1.90 -9.38
CA ALA F 256 46.79 1.20 -9.42
C ALA F 256 45.56 2.11 -9.03
N ASP F 257 45.64 2.77 -7.89
CA ASP F 257 44.64 3.79 -7.55
C ASP F 257 44.22 4.66 -8.73
N LEU F 258 45.20 5.10 -9.50
CA LEU F 258 44.87 5.92 -10.64
C LEU F 258 44.09 5.07 -11.66
N ALA F 259 44.62 3.87 -11.90
CA ALA F 259 43.99 2.93 -12.82
C ALA F 259 42.57 2.56 -12.39
N GLU F 260 42.38 2.37 -11.10
CA GLU F 260 41.03 2.22 -10.57
C GLU F 260 40.09 3.44 -10.94
N SER F 261 40.53 4.66 -10.68
CA SER F 261 39.67 5.77 -10.99
C SER F 261 39.33 5.79 -12.47
N ILE F 262 40.25 5.45 -13.33
CA ILE F 262 40.00 5.49 -14.76
C ILE F 262 39.17 4.29 -15.20
N MET F 263 39.56 3.10 -14.81
CA MET F 263 38.85 1.92 -15.32
C MET F 263 37.42 1.90 -14.74
N LYS F 264 37.24 2.17 -13.45
CA LYS F 264 35.88 2.06 -12.87
C LYS F 264 35.07 3.38 -12.95
N ASN F 265 35.67 4.39 -13.59
CA ASN F 265 35.08 5.70 -13.87
C ASN F 265 34.58 6.46 -12.69
N LEU F 266 35.43 6.52 -11.67
CA LEU F 266 35.03 6.97 -10.35
C LEU F 266 34.88 8.48 -10.23
N ARG F 267 35.74 9.23 -10.92
CA ARG F 267 35.75 10.68 -10.84
C ARG F 267 36.19 11.06 -9.45
N ARG F 268 37.30 10.48 -9.05
CA ARG F 268 37.95 10.87 -7.81
C ARG F 268 39.00 11.90 -8.15
N VAL F 269 39.41 12.66 -7.12
CA VAL F 269 40.39 13.69 -7.31
C VAL F 269 41.74 13.11 -6.91
N HIS F 270 42.67 13.10 -7.85
CA HIS F 270 44.02 12.69 -7.62
C HIS F 270 44.93 13.76 -8.19
N PRO F 271 46.04 14.06 -7.49
CA PRO F 271 46.89 15.12 -7.97
C PRO F 271 47.78 14.63 -9.06
N VAL F 272 47.36 14.75 -10.29
CA VAL F 272 48.16 14.24 -11.39
C VAL F 272 48.69 15.31 -12.33
N SER F 273 49.72 14.95 -13.05
CA SER F 273 50.34 15.90 -13.91
C SER F 273 49.51 16.10 -15.17
N THR F 274 48.88 17.25 -15.30
CA THR F 274 48.25 17.58 -16.56
C THR F 274 48.68 18.93 -17.04
N MET F 275 48.30 19.24 -18.29
CA MET F 275 48.60 20.51 -18.95
C MET F 275 47.87 21.61 -18.21
N ILE F 276 48.60 22.65 -17.81
CA ILE F 276 48.01 23.82 -17.15
C ILE F 276 48.44 25.05 -17.90
N LYS F 277 48.25 25.05 -19.22
CA LYS F 277 48.31 26.29 -19.98
C LYS F 277 47.30 27.23 -19.31
N GLY F 278 47.73 28.44 -18.97
CA GLY F 278 46.81 29.47 -18.56
C GLY F 278 46.64 29.65 -17.06
N LEU F 279 46.52 28.54 -16.33
CA LEU F 279 46.37 28.61 -14.85
C LEU F 279 47.66 29.16 -14.17
N TYR F 280 47.48 29.89 -13.07
CA TYR F 280 48.58 30.43 -12.26
C TYR F 280 49.64 31.31 -13.03
N GLY F 281 49.24 31.87 -14.16
CA GLY F 281 50.11 32.80 -14.89
C GLY F 281 50.90 32.14 -15.99
N ILE F 282 50.65 30.86 -16.21
CA ILE F 282 51.54 30.11 -17.06
C ILE F 282 51.08 30.09 -18.51
N LYS F 283 51.94 30.61 -19.38
CA LYS F 283 51.65 30.86 -20.78
C LYS F 283 52.30 29.87 -21.71
N ASP F 284 53.09 28.97 -21.16
CA ASP F 284 53.76 27.96 -21.95
C ASP F 284 53.03 26.59 -21.89
N ASP F 285 53.10 25.77 -22.95
CA ASP F 285 52.55 24.39 -22.87
C ASP F 285 53.46 23.56 -21.97
N VAL F 286 52.90 23.16 -20.84
CA VAL F 286 53.70 22.79 -19.71
C VAL F 286 52.83 22.03 -18.74
N PHE F 287 53.26 20.78 -18.45
CA PHE F 287 52.48 19.86 -17.59
C PHE F 287 52.98 19.87 -16.17
N LEU F 288 52.06 20.12 -15.22
CA LEU F 288 52.34 20.04 -13.78
C LEU F 288 51.18 19.38 -13.07
N SER F 289 51.36 19.09 -11.79
CA SER F 289 50.41 18.26 -11.08
C SER F 289 49.46 19.17 -10.32
N VAL F 290 48.22 18.76 -10.30
CA VAL F 290 47.12 19.61 -9.91
C VAL F 290 45.99 18.62 -9.60
N PRO F 291 45.24 18.85 -8.52
CA PRO F 291 44.21 17.85 -8.28
C PRO F 291 43.29 17.69 -9.50
N CYS F 292 43.13 16.47 -9.99
CA CYS F 292 42.29 16.24 -11.20
C CYS F 292 41.18 15.22 -10.96
N ILE F 293 40.06 15.42 -11.65
N ILE F 293 40.04 15.42 -11.63
CA ILE F 293 38.92 14.52 -11.59
CA ILE F 293 38.94 14.49 -11.56
C ILE F 293 39.19 13.48 -12.66
C ILE F 293 39.19 13.48 -12.66
N LEU F 294 39.22 12.22 -12.25
CA LEU F 294 39.75 11.18 -13.08
C LEU F 294 38.68 10.16 -13.36
N GLY F 295 38.41 9.91 -14.63
CA GLY F 295 37.47 8.85 -14.95
C GLY F 295 37.82 8.20 -16.24
N GLN F 296 36.86 7.48 -16.81
CA GLN F 296 37.09 6.66 -17.98
C GLN F 296 37.61 7.39 -19.20
N ASN F 297 37.55 8.73 -19.19
CA ASN F 297 38.02 9.50 -20.33
C ASN F 297 39.25 10.25 -19.97
N GLY F 298 39.70 10.09 -18.76
CA GLY F 298 40.99 10.55 -18.40
C GLY F 298 40.74 11.64 -17.42
N ILE F 299 41.21 12.82 -17.77
CA ILE F 299 41.03 13.97 -16.91
C ILE F 299 39.87 14.79 -17.46
N SER F 300 38.77 14.81 -16.74
CA SER F 300 37.60 15.56 -17.20
C SER F 300 37.55 16.98 -16.64
N ASP F 301 37.97 17.18 -15.39
CA ASP F 301 38.07 18.54 -14.82
C ASP F 301 39.24 18.72 -13.80
N LEU F 302 39.68 19.95 -13.61
CA LEU F 302 40.72 20.23 -12.62
C LEU F 302 40.08 20.86 -11.38
N VAL F 303 40.71 20.77 -10.21
CA VAL F 303 40.33 21.68 -9.15
C VAL F 303 41.23 22.89 -9.20
N LYS F 304 40.62 24.08 -9.28
CA LYS F 304 41.38 25.32 -9.14
C LYS F 304 41.66 25.45 -7.68
N VAL F 305 42.93 25.55 -7.31
CA VAL F 305 43.32 25.70 -5.92
C VAL F 305 43.83 27.11 -5.66
N THR F 306 43.15 27.86 -4.79
CA THR F 306 43.70 29.11 -4.29
C THR F 306 45.06 28.75 -3.73
N LEU F 307 46.13 29.29 -4.28
CA LEU F 307 47.49 29.12 -3.77
C LEU F 307 47.92 30.43 -3.16
N THR F 308 49.07 30.47 -2.50
CA THR F 308 49.56 31.76 -2.03
C THR F 308 50.30 32.43 -3.19
N SER F 309 50.74 33.66 -2.93
CA SER F 309 51.55 34.40 -3.87
C SER F 309 52.91 33.74 -4.08
N GLU F 310 53.38 33.04 -3.05
N GLU F 310 53.41 33.10 -3.00
CA GLU F 310 54.67 32.38 -3.11
CA GLU F 310 54.66 32.31 -3.03
C GLU F 310 54.58 30.96 -3.69
C GLU F 310 54.46 31.03 -3.81
N GLU F 311 53.55 30.20 -3.31
CA GLU F 311 53.31 28.85 -3.89
C GLU F 311 53.06 28.91 -5.39
N GLU F 312 52.45 30.00 -5.83
CA GLU F 312 52.21 30.27 -7.23
C GLU F 312 53.48 30.72 -7.98
N ALA F 313 54.39 31.41 -7.29
CA ALA F 313 55.64 31.85 -7.90
C ALA F 313 56.61 30.69 -8.08
N ARG F 314 56.46 29.66 -7.25
CA ARG F 314 57.22 28.42 -7.37
C ARG F 314 56.68 27.61 -8.57
N LEU F 315 55.36 27.51 -8.72
CA LEU F 315 54.77 26.84 -9.89
C LEU F 315 55.20 27.52 -11.17
N LYS F 316 55.27 28.84 -11.17
CA LYS F 316 55.71 29.57 -12.36
C LYS F 316 57.17 29.27 -12.67
N LYS F 317 58.00 29.24 -11.62
CA LYS F 317 59.39 28.84 -11.78
C LYS F 317 59.52 27.40 -12.35
N SER F 318 58.89 26.39 -11.73
CA SER F 318 58.99 24.99 -12.23
C SER F 318 58.64 25.04 -13.69
N ALA F 319 57.47 25.62 -13.98
CA ALA F 319 56.95 25.73 -15.34
C ALA F 319 57.89 26.48 -16.29
N ASP F 320 58.48 27.58 -15.80
CA ASP F 320 59.51 28.29 -16.57
C ASP F 320 60.63 27.32 -16.92
N THR F 321 61.19 26.61 -15.93
CA THR F 321 62.42 25.83 -16.18
C THR F 321 62.12 24.60 -17.04
N LEU F 322 60.97 24.00 -16.77
CA LEU F 322 60.36 23.00 -17.65
C LEU F 322 60.30 23.40 -19.13
N TRP F 323 59.71 24.56 -19.44
CA TRP F 323 59.57 24.96 -20.84
C TRP F 323 60.94 25.30 -21.49
N GLY F 324 61.89 25.79 -20.68
CA GLY F 324 63.24 26.09 -21.15
C GLY F 324 63.90 24.92 -21.83
N ILE F 325 63.55 23.74 -21.36
CA ILE F 325 64.01 22.52 -21.99
C ILE F 325 63.07 22.13 -23.15
N GLN F 326 61.78 22.10 -22.88
CA GLN F 326 60.77 21.65 -23.83
C GLN F 326 61.00 22.35 -25.19
N LYS F 327 61.20 23.66 -25.18
CA LYS F 327 61.41 24.43 -26.42
C LYS F 327 62.58 23.94 -27.28
N GLU F 328 63.55 23.25 -26.65
CA GLU F 328 64.78 22.84 -27.33
C GLU F 328 64.70 21.45 -27.95
N LEU F 329 63.53 20.82 -27.88
CA LEU F 329 63.38 19.44 -28.29
C LEU F 329 63.09 19.30 -29.78
N GLN F 330 64.00 18.67 -30.53
CA GLN F 330 63.74 18.18 -31.89
C GLN F 330 62.77 16.96 -31.87
N PHE F 331 61.68 17.03 -32.67
CA PHE F 331 60.59 16.02 -32.71
C PHE F 331 60.33 15.43 -34.12
N ALA G 1 29.99 34.83 -10.74
CA ALA G 1 30.64 33.47 -10.93
C ALA G 1 30.28 32.50 -9.78
N THR G 2 29.83 31.28 -10.09
CA THR G 2 29.16 30.40 -9.09
C THR G 2 30.18 29.86 -8.05
N LEU G 3 29.96 28.68 -7.48
CA LEU G 3 30.97 28.05 -6.60
C LEU G 3 31.70 27.05 -7.44
N LYS G 4 30.91 26.13 -7.95
CA LYS G 4 31.37 25.17 -8.89
C LYS G 4 32.36 25.75 -9.88
N ASP G 5 32.05 26.85 -10.55
CA ASP G 5 33.03 27.32 -11.53
C ASP G 5 34.13 28.18 -10.89
N GLN G 6 33.95 28.60 -9.65
CA GLN G 6 35.13 29.11 -8.94
C GLN G 6 36.09 27.99 -8.57
N LEU G 7 35.53 26.82 -8.30
CA LEU G 7 36.25 25.63 -7.81
C LEU G 7 36.80 24.68 -8.88
N ILE G 8 36.03 24.43 -9.92
CA ILE G 8 36.42 23.47 -10.93
C ILE G 8 36.62 24.08 -12.34
N TYR G 9 37.77 23.75 -12.94
CA TYR G 9 38.01 24.06 -14.35
C TYR G 9 37.55 22.84 -15.13
N ASN G 10 36.66 23.02 -16.10
CA ASN G 10 36.03 21.88 -16.77
C ASN G 10 36.62 21.66 -18.13
N LEU G 11 36.38 20.52 -18.76
CA LEU G 11 37.22 20.18 -19.88
C LEU G 11 36.52 19.81 -21.17
N LEU G 12 35.99 18.62 -21.36
CA LEU G 12 35.48 18.37 -22.72
C LEU G 12 34.33 17.44 -22.89
N LYS G 13 34.35 16.33 -22.20
CA LYS G 13 33.26 15.39 -22.39
C LYS G 13 33.20 14.97 -23.88
N GLU G 14 34.25 14.25 -24.28
CA GLU G 14 34.13 13.20 -25.29
C GLU G 14 33.06 12.20 -24.73
N GLU G 15 32.13 11.73 -25.58
CA GLU G 15 30.93 11.00 -25.11
C GLU G 15 31.29 9.89 -24.12
N GLN G 16 30.36 9.54 -23.25
CA GLN G 16 30.51 8.36 -22.42
C GLN G 16 30.14 7.09 -23.24
N THR G 17 28.94 6.58 -23.00
CA THR G 17 28.63 5.14 -23.08
C THR G 17 29.25 4.50 -21.84
N PRO G 18 28.46 3.78 -21.02
CA PRO G 18 29.13 3.25 -19.87
C PRO G 18 29.71 1.87 -20.22
N GLN G 19 30.76 1.51 -19.53
CA GLN G 19 31.69 0.56 -20.07
C GLN G 19 31.34 -0.87 -19.64
N ASN G 20 30.59 -0.98 -18.56
CA ASN G 20 30.41 -2.24 -17.86
C ASN G 20 29.10 -2.21 -17.12
N LYS G 21 28.05 -1.98 -17.89
CA LYS G 21 26.76 -1.73 -17.33
C LYS G 21 25.96 -2.99 -17.01
N ILE G 22 25.28 -3.00 -15.88
CA ILE G 22 24.38 -4.07 -15.52
C ILE G 22 23.00 -3.57 -15.07
N THR G 23 21.96 -4.05 -15.75
CA THR G 23 20.57 -3.79 -15.39
C THR G 23 20.08 -4.99 -14.61
N VAL G 24 19.34 -4.75 -13.52
CA VAL G 24 18.50 -5.79 -12.90
C VAL G 24 17.04 -5.43 -13.11
N VAL G 25 16.29 -6.31 -13.76
CA VAL G 25 14.85 -6.14 -13.92
C VAL G 25 14.14 -6.87 -12.79
N GLY G 26 13.43 -6.11 -11.96
CA GLY G 26 12.64 -6.63 -10.86
C GLY G 26 13.35 -6.37 -9.54
N VAL G 27 12.75 -5.53 -8.69
CA VAL G 27 13.42 -5.04 -7.47
C VAL G 27 12.83 -5.60 -6.16
N GLY G 28 12.20 -6.74 -6.21
CA GLY G 28 11.90 -7.47 -4.98
C GLY G 28 13.15 -8.19 -4.49
N ALA G 29 13.05 -8.81 -3.32
CA ALA G 29 14.20 -9.36 -2.55
C ALA G 29 15.25 -10.01 -3.37
N VAL G 30 14.82 -10.79 -4.35
CA VAL G 30 15.73 -11.56 -5.18
C VAL G 30 16.57 -10.63 -6.05
N GLY G 31 15.92 -9.80 -6.85
CA GLY G 31 16.58 -8.75 -7.64
C GLY G 31 17.43 -7.78 -6.82
N MET G 32 17.00 -7.45 -5.60
CA MET G 32 17.76 -6.48 -4.82
C MET G 32 19.02 -7.11 -4.22
N ALA G 33 18.92 -8.39 -3.87
CA ALA G 33 20.06 -9.16 -3.36
C ALA G 33 21.08 -9.38 -4.49
N CYS G 34 20.57 -9.65 -5.70
CA CYS G 34 21.42 -9.62 -6.86
C CYS G 34 22.09 -8.25 -6.94
N ALA G 35 21.26 -7.19 -6.89
CA ALA G 35 21.73 -5.80 -6.95
C ALA G 35 22.82 -5.47 -5.91
N ILE G 36 22.59 -5.70 -4.62
CA ILE G 36 23.62 -5.39 -3.63
C ILE G 36 24.88 -6.26 -3.81
N SER G 37 24.71 -7.58 -3.92
CA SER G 37 25.86 -8.46 -4.07
C SER G 37 26.73 -7.96 -5.21
N ILE G 38 26.12 -7.58 -6.32
CA ILE G 38 26.85 -7.03 -7.45
C ILE G 38 27.59 -5.75 -7.08
N LEU G 39 26.97 -4.88 -6.32
CA LEU G 39 27.60 -3.60 -5.97
C LEU G 39 28.84 -3.90 -5.15
N MET G 40 28.65 -4.79 -4.19
CA MET G 40 29.65 -5.07 -3.23
C MET G 40 30.79 -5.91 -3.82
N LYS G 41 30.59 -6.58 -4.96
CA LYS G 41 31.69 -7.30 -5.65
C LYS G 41 32.34 -6.45 -6.76
N ASP G 42 32.05 -5.16 -6.75
CA ASP G 42 32.56 -4.18 -7.75
C ASP G 42 32.52 -4.57 -9.22
N LEU G 43 31.46 -5.18 -9.75
CA LEU G 43 31.47 -5.66 -11.12
C LEU G 43 30.97 -4.68 -12.17
N ALA G 44 30.28 -3.60 -11.77
CA ALA G 44 29.74 -2.63 -12.74
C ALA G 44 30.30 -1.28 -12.50
N ASP G 45 30.24 -0.46 -13.54
CA ASP G 45 30.45 0.99 -13.43
C ASP G 45 29.13 1.73 -13.51
N GLU G 46 28.05 0.97 -13.65
CA GLU G 46 26.69 1.53 -13.68
C GLU G 46 25.69 0.42 -13.51
N LEU G 47 24.76 0.58 -12.58
CA LEU G 47 23.72 -0.41 -12.31
C LEU G 47 22.37 0.24 -12.57
N ALA G 48 21.52 -0.45 -13.32
CA ALA G 48 20.18 0.03 -13.64
C ALA G 48 19.09 -0.84 -13.01
N LEU G 49 18.25 -0.27 -12.13
CA LEU G 49 17.07 -0.96 -11.63
C LEU G 49 15.86 -0.60 -12.45
N VAL G 50 15.11 -1.61 -12.87
CA VAL G 50 13.86 -1.41 -13.60
C VAL G 50 12.74 -2.26 -13.04
N ASP G 51 11.56 -1.66 -12.91
CA ASP G 51 10.39 -2.41 -12.46
C ASP G 51 9.10 -1.69 -12.90
N VAL G 52 8.01 -1.99 -12.21
CA VAL G 52 6.76 -1.32 -12.48
C VAL G 52 6.23 -0.64 -11.26
N ILE G 53 6.63 -1.10 -10.08
CA ILE G 53 6.33 -0.36 -8.85
C ILE G 53 7.35 0.79 -8.87
N GLU G 54 6.85 2.01 -9.08
CA GLU G 54 7.71 3.17 -9.34
C GLU G 54 8.25 3.72 -8.08
N ASP G 55 7.38 3.71 -7.08
N ASP G 55 7.44 3.72 -7.04
CA ASP G 55 7.68 4.14 -5.72
CA ASP G 55 7.89 4.25 -5.74
C ASP G 55 8.88 3.36 -5.19
C ASP G 55 8.98 3.35 -5.18
N LYS G 56 8.63 2.08 -4.90
CA LYS G 56 9.61 1.07 -4.45
C LYS G 56 10.97 1.21 -5.09
N LEU G 57 10.92 1.39 -6.40
CA LEU G 57 12.07 1.46 -7.27
C LEU G 57 12.92 2.73 -7.00
N LYS G 58 12.31 3.90 -7.02
CA LYS G 58 13.04 5.15 -6.71
C LYS G 58 13.61 5.11 -5.26
N GLY G 59 12.93 4.43 -4.37
CA GLY G 59 13.41 4.34 -2.99
C GLY G 59 14.66 3.49 -2.89
N GLU G 60 14.66 2.35 -3.57
CA GLU G 60 15.84 1.49 -3.62
C GLU G 60 17.01 2.23 -4.27
N MET G 61 16.77 2.77 -5.45
CA MET G 61 17.77 3.60 -6.07
C MET G 61 18.44 4.54 -5.06
N MET G 62 17.64 5.37 -4.39
CA MET G 62 18.21 6.36 -3.45
C MET G 62 18.97 5.72 -2.28
N ASP G 63 18.37 4.69 -1.72
CA ASP G 63 18.98 4.03 -0.58
C ASP G 63 20.29 3.43 -1.00
N LEU G 64 20.38 2.90 -2.21
CA LEU G 64 21.68 2.42 -2.66
C LEU G 64 22.63 3.61 -2.78
N GLN G 65 22.13 4.62 -3.51
CA GLN G 65 22.86 5.85 -3.74
C GLN G 65 23.39 6.50 -2.47
N HIS G 66 22.68 6.44 -1.35
CA HIS G 66 23.20 7.09 -0.13
C HIS G 66 24.49 6.42 0.42
N GLY G 67 24.55 5.11 0.23
CA GLY G 67 25.79 4.33 0.42
C GLY G 67 26.88 4.51 -0.65
N SER G 68 26.65 5.37 -1.67
CA SER G 68 27.62 5.60 -2.79
C SER G 68 29.04 5.78 -2.29
N LEU G 69 29.16 6.57 -1.22
CA LEU G 69 30.47 6.84 -0.60
C LEU G 69 31.24 5.58 -0.33
N PHE G 70 30.53 4.50 0.01
CA PHE G 70 31.13 3.25 0.41
C PHE G 70 31.23 2.21 -0.69
N LEU G 71 31.00 2.63 -1.93
CA LEU G 71 30.97 1.73 -3.08
C LEU G 71 31.98 2.22 -4.11
N ARG G 72 32.13 1.49 -5.21
N ARG G 72 32.09 1.45 -5.19
CA ARG G 72 33.03 1.88 -6.31
CA ARG G 72 33.04 1.68 -6.25
C ARG G 72 32.28 1.79 -7.63
C ARG G 72 32.27 1.65 -7.60
N THR G 73 30.94 1.87 -7.54
CA THR G 73 30.06 1.87 -8.72
C THR G 73 29.39 3.22 -8.80
N PRO G 74 30.01 4.15 -9.52
CA PRO G 74 29.72 5.56 -9.48
C PRO G 74 28.37 6.00 -10.01
N LYS G 75 27.57 5.10 -10.57
CA LYS G 75 26.28 5.52 -11.10
C LYS G 75 25.11 4.51 -10.98
N ILE G 76 24.23 4.71 -10.01
CA ILE G 76 23.03 3.90 -9.87
C ILE G 76 21.80 4.59 -10.47
N VAL G 77 21.03 3.90 -11.31
CA VAL G 77 19.82 4.52 -11.89
C VAL G 77 18.59 3.60 -11.87
N SER G 78 17.41 4.16 -11.93
CA SER G 78 16.22 3.34 -11.81
C SER G 78 15.08 3.93 -12.57
N GLY G 79 14.08 3.15 -12.94
CA GLY G 79 12.99 3.70 -13.72
C GLY G 79 12.09 2.68 -14.37
N LYS G 80 10.85 3.10 -14.59
CA LYS G 80 9.83 2.28 -15.20
C LYS G 80 10.14 2.12 -16.68
N ASP G 81 10.84 3.12 -17.27
CA ASP G 81 11.16 3.15 -18.71
C ASP G 81 12.47 2.43 -19.06
N TYR G 82 12.42 1.47 -19.96
CA TYR G 82 13.61 0.63 -20.18
C TYR G 82 14.76 1.43 -20.80
N ASN G 83 14.57 2.67 -21.23
CA ASN G 83 15.76 3.43 -21.65
C ASN G 83 16.89 3.53 -20.60
N VAL G 84 16.57 3.43 -19.30
CA VAL G 84 17.62 3.56 -18.27
C VAL G 84 18.59 2.38 -18.27
N THR G 85 18.26 1.38 -19.08
CA THR G 85 18.99 0.14 -19.19
C THR G 85 19.87 0.13 -20.41
N ALA G 86 20.06 1.27 -21.06
CA ALA G 86 20.78 1.26 -22.32
C ALA G 86 22.21 0.79 -22.12
N ASN G 87 22.74 0.08 -23.10
CA ASN G 87 24.16 -0.29 -23.08
C ASN G 87 24.54 -1.19 -21.92
N SER G 88 23.60 -2.03 -21.55
CA SER G 88 23.92 -3.03 -20.57
C SER G 88 24.72 -4.15 -21.25
N LYS G 89 25.78 -4.60 -20.55
CA LYS G 89 26.52 -5.79 -20.96
C LYS G 89 25.76 -7.02 -20.54
N LEU G 90 25.15 -6.95 -19.37
CA LEU G 90 24.45 -8.05 -18.80
C LEU G 90 23.14 -7.54 -18.19
N VAL G 91 22.06 -8.28 -18.44
CA VAL G 91 20.75 -7.92 -17.94
C VAL G 91 20.16 -9.15 -17.27
N ILE G 92 19.97 -8.99 -15.97
CA ILE G 92 19.54 -10.04 -15.07
C ILE G 92 18.03 -9.93 -14.88
N ILE G 93 17.28 -10.88 -15.42
CA ILE G 93 15.83 -10.82 -15.36
C ILE G 93 15.27 -11.56 -14.14
N THR G 94 14.61 -10.83 -13.24
CA THR G 94 13.97 -11.49 -12.09
C THR G 94 12.45 -11.49 -12.20
N ALA G 95 11.88 -10.67 -13.06
CA ALA G 95 10.42 -10.48 -13.08
C ALA G 95 9.68 -11.70 -13.58
N GLY G 96 8.36 -11.69 -13.38
CA GLY G 96 7.47 -12.73 -13.89
C GLY G 96 6.27 -12.90 -12.98
N ALA G 97 5.32 -13.73 -13.37
CA ALA G 97 4.15 -13.90 -12.53
C ALA G 97 4.33 -14.89 -11.41
N ARG G 98 3.54 -14.76 -10.36
CA ARG G 98 3.52 -15.78 -9.33
C ARG G 98 2.28 -16.63 -9.57
N GLN G 99 2.43 -17.95 -9.45
CA GLN G 99 1.38 -18.87 -9.84
C GLN G 99 0.19 -18.71 -8.92
N GLN G 100 -1.01 -18.62 -9.50
CA GLN G 100 -2.24 -18.44 -8.71
C GLN G 100 -2.77 -19.77 -8.17
N GLU G 101 -3.68 -19.70 -7.19
CA GLU G 101 -4.04 -20.85 -6.34
C GLU G 101 -4.29 -22.12 -7.14
N GLY G 102 -5.27 -22.11 -8.04
CA GLY G 102 -5.59 -23.31 -8.81
C GLY G 102 -5.24 -23.30 -10.29
N GLU G 103 -4.08 -22.73 -10.62
CA GLU G 103 -3.73 -22.42 -12.03
C GLU G 103 -2.85 -23.47 -12.67
N SER G 104 -3.30 -24.04 -13.78
CA SER G 104 -2.47 -24.97 -14.53
C SER G 104 -1.05 -24.42 -14.79
N ARG G 105 -0.06 -25.30 -14.70
CA ARG G 105 1.35 -24.97 -14.92
C ARG G 105 1.56 -24.29 -16.27
N LEU G 106 0.81 -24.74 -17.27
CA LEU G 106 0.85 -24.12 -18.60
C LEU G 106 0.45 -22.63 -18.53
N ASN G 107 -0.83 -22.31 -18.23
CA ASN G 107 -1.30 -20.91 -18.02
C ASN G 107 -0.32 -20.02 -17.30
N LEU G 108 0.10 -20.41 -16.10
CA LEU G 108 1.27 -19.80 -15.44
C LEU G 108 2.45 -19.45 -16.35
N VAL G 109 2.98 -20.35 -17.15
CA VAL G 109 4.11 -19.84 -17.96
C VAL G 109 3.63 -18.88 -19.09
N GLN G 110 2.42 -19.05 -19.57
CA GLN G 110 1.95 -18.19 -20.62
C GLN G 110 1.82 -16.76 -20.12
N ARG G 111 1.48 -16.58 -18.84
CA ARG G 111 1.37 -15.25 -18.28
C ARG G 111 2.78 -14.75 -18.32
N ASN G 112 3.69 -15.49 -17.74
CA ASN G 112 5.09 -15.19 -17.91
C ASN G 112 5.49 -14.86 -19.37
N VAL G 113 5.08 -15.64 -20.37
CA VAL G 113 5.45 -15.31 -21.74
C VAL G 113 5.05 -13.87 -22.06
N ASN G 114 3.80 -13.53 -21.81
CA ASN G 114 3.27 -12.17 -22.03
C ASN G 114 4.01 -11.07 -21.27
N ILE G 115 4.33 -11.32 -20.01
CA ILE G 115 5.13 -10.36 -19.29
C ILE G 115 6.49 -10.20 -20.00
N PHE G 116 7.15 -11.30 -20.33
CA PHE G 116 8.40 -11.30 -21.16
C PHE G 116 8.25 -10.68 -22.58
N LYS G 117 7.04 -10.74 -23.15
CA LYS G 117 6.74 -10.08 -24.43
C LYS G 117 6.80 -8.61 -24.30
N PHE G 118 6.72 -8.12 -23.07
CA PHE G 118 7.00 -6.72 -22.84
C PHE G 118 8.45 -6.53 -22.51
N ILE G 119 8.99 -7.31 -21.57
CA ILE G 119 10.23 -6.96 -20.92
C ILE G 119 11.34 -7.19 -21.91
N ILE G 120 11.29 -8.34 -22.55
CA ILE G 120 12.43 -8.80 -23.27
C ILE G 120 12.72 -7.95 -24.48
N PRO G 121 11.66 -7.49 -25.22
CA PRO G 121 11.96 -6.67 -26.40
C PRO G 121 12.33 -5.28 -26.07
N ASN G 122 12.03 -4.86 -24.84
CA ASN G 122 12.48 -3.58 -24.35
C ASN G 122 13.92 -3.68 -23.95
N VAL G 123 14.25 -4.76 -23.26
CA VAL G 123 15.64 -4.98 -22.90
C VAL G 123 16.60 -4.92 -24.11
N VAL G 124 16.20 -5.58 -25.23
CA VAL G 124 17.08 -5.72 -26.46
C VAL G 124 17.12 -4.44 -27.29
N LYS G 125 16.03 -3.70 -27.24
CA LYS G 125 15.91 -2.44 -27.95
C LYS G 125 17.03 -1.52 -27.50
N TYR G 126 17.26 -1.46 -26.20
CA TYR G 126 18.20 -0.51 -25.63
C TYR G 126 19.55 -1.10 -25.26
N SER G 127 19.72 -2.41 -25.48
CA SER G 127 21.03 -3.10 -25.26
C SER G 127 21.01 -4.33 -26.14
N PRO G 128 21.08 -4.10 -27.46
CA PRO G 128 20.97 -5.17 -28.42
C PRO G 128 22.19 -6.16 -28.38
N ASN G 129 23.21 -5.81 -27.58
CA ASN G 129 24.37 -6.64 -27.43
C ASN G 129 24.61 -7.21 -26.02
N CYS G 130 23.61 -7.03 -25.16
CA CYS G 130 23.71 -7.55 -23.81
C CYS G 130 23.64 -9.08 -23.71
N LYS G 131 24.02 -9.62 -22.56
CA LYS G 131 23.66 -10.98 -22.23
C LYS G 131 22.41 -10.98 -21.38
N LEU G 132 21.56 -11.97 -21.57
CA LEU G 132 20.39 -12.14 -20.70
C LEU G 132 20.75 -13.23 -19.72
N LEU G 133 20.50 -13.00 -18.44
CA LEU G 133 20.69 -13.98 -17.36
C LEU G 133 19.37 -14.11 -16.61
N ILE G 134 18.56 -15.07 -17.00
CA ILE G 134 17.21 -15.21 -16.46
C ILE G 134 17.26 -15.84 -15.06
N VAL G 135 16.73 -15.16 -14.06
CA VAL G 135 16.65 -15.78 -12.75
C VAL G 135 15.24 -16.29 -12.51
N SER G 136 14.28 -15.63 -13.14
CA SER G 136 12.86 -15.95 -12.99
C SER G 136 12.49 -17.43 -13.13
N ASN G 137 11.60 -17.94 -12.27
CA ASN G 137 11.09 -19.32 -12.41
C ASN G 137 9.77 -19.46 -13.16
N PRO G 138 9.52 -20.62 -13.75
CA PRO G 138 10.39 -21.79 -13.90
C PRO G 138 11.53 -21.50 -14.89
N VAL G 139 12.75 -21.57 -14.39
CA VAL G 139 13.84 -20.86 -15.06
C VAL G 139 14.22 -21.49 -16.40
N ASP G 140 14.25 -22.80 -16.41
CA ASP G 140 14.59 -23.49 -17.64
C ASP G 140 13.63 -23.01 -18.78
N ILE G 141 12.32 -23.04 -18.53
CA ILE G 141 11.34 -22.70 -19.58
C ILE G 141 11.35 -21.22 -19.92
N LEU G 142 11.57 -20.33 -18.94
CA LEU G 142 11.63 -18.88 -19.22
C LEU G 142 12.93 -18.45 -19.89
N THR G 143 14.02 -19.15 -19.58
CA THR G 143 15.25 -19.03 -20.37
C THR G 143 14.96 -19.34 -21.82
N TYR G 144 14.11 -20.33 -22.10
CA TYR G 144 13.63 -20.64 -23.47
C TYR G 144 12.91 -19.47 -24.11
N VAL G 145 11.94 -18.95 -23.36
CA VAL G 145 11.06 -17.92 -23.81
C VAL G 145 11.86 -16.65 -24.05
N ALA G 146 12.79 -16.36 -23.16
CA ALA G 146 13.62 -15.17 -23.33
C ALA G 146 14.49 -15.32 -24.57
N TRP G 147 14.98 -16.51 -24.78
CA TRP G 147 15.81 -16.76 -25.93
C TRP G 147 14.99 -16.63 -27.19
N LYS G 148 13.76 -17.16 -27.16
CA LYS G 148 12.97 -17.17 -28.37
C LYS G 148 12.47 -15.80 -28.71
N ILE G 149 12.06 -15.01 -27.72
CA ILE G 149 11.53 -13.64 -27.98
C ILE G 149 12.63 -12.67 -28.40
N SER G 150 13.81 -12.80 -27.78
CA SER G 150 14.88 -11.84 -27.96
C SER G 150 15.57 -12.01 -29.30
N GLY G 151 15.44 -13.21 -29.86
CA GLY G 151 16.10 -13.56 -31.10
C GLY G 151 17.60 -13.67 -30.94
N PHE G 152 18.12 -13.42 -29.75
CA PHE G 152 19.57 -13.52 -29.44
C PHE G 152 20.03 -14.93 -29.74
N PRO G 153 21.29 -15.09 -30.18
CA PRO G 153 21.87 -16.41 -30.38
C PRO G 153 22.10 -17.10 -29.04
N LYS G 154 22.03 -18.42 -29.01
CA LYS G 154 21.87 -19.15 -27.76
C LYS G 154 22.89 -18.78 -26.70
N ASN G 155 24.12 -18.48 -27.09
CA ASN G 155 25.19 -18.19 -26.13
C ASN G 155 24.91 -17.02 -25.25
N ARG G 156 24.19 -16.05 -25.80
CA ARG G 156 23.81 -14.86 -25.05
C ARG G 156 22.47 -15.00 -24.33
N VAL G 157 22.00 -16.23 -24.08
CA VAL G 157 20.83 -16.44 -23.22
C VAL G 157 21.01 -17.57 -22.22
N ILE G 158 21.09 -17.20 -20.96
CA ILE G 158 21.53 -18.04 -19.89
C ILE G 158 20.52 -18.15 -18.74
N GLY G 159 20.28 -19.38 -18.32
CA GLY G 159 19.43 -19.58 -17.16
C GLY G 159 20.29 -19.79 -15.92
N SER G 160 19.91 -19.10 -14.85
CA SER G 160 20.46 -19.29 -13.51
C SER G 160 20.38 -20.76 -13.09
N GLY G 161 19.44 -21.49 -13.68
CA GLY G 161 19.37 -22.95 -13.58
C GLY G 161 19.73 -23.57 -12.26
N CYS G 162 20.76 -24.40 -12.29
CA CYS G 162 21.15 -25.15 -11.11
C CYS G 162 22.45 -24.63 -10.46
N ASN G 163 22.76 -23.35 -10.61
CA ASN G 163 24.00 -22.80 -10.05
C ASN G 163 23.92 -22.72 -8.52
N LEU G 164 22.74 -22.39 -8.05
CA LEU G 164 22.60 -22.19 -6.63
C LEU G 164 22.35 -23.53 -6.03
N ASP G 165 21.61 -24.36 -6.79
CA ASP G 165 21.37 -25.75 -6.42
C ASP G 165 22.71 -26.45 -6.09
N SER G 166 23.65 -26.33 -7.00
CA SER G 166 24.96 -26.93 -6.82
C SER G 166 25.73 -26.31 -5.66
N ALA G 167 25.57 -25.00 -5.43
CA ALA G 167 26.24 -24.30 -4.32
C ALA G 167 25.68 -24.72 -2.94
N ARG G 168 24.40 -25.04 -2.95
CA ARG G 168 23.72 -25.55 -1.77
C ARG G 168 24.26 -26.89 -1.45
N PHE G 169 24.43 -27.68 -2.51
CA PHE G 169 24.92 -29.04 -2.44
C PHE G 169 26.30 -29.03 -1.78
N ARG G 170 27.22 -28.27 -2.39
CA ARG G 170 28.58 -28.17 -1.87
C ARG G 170 28.57 -27.60 -0.46
N TYR G 171 27.59 -26.79 -0.13
CA TYR G 171 27.47 -26.33 1.26
C TYR G 171 27.20 -27.51 2.19
N LEU G 172 26.26 -28.37 1.79
CA LEU G 172 25.70 -29.40 2.66
C LEU G 172 26.64 -30.57 2.76
N MET G 173 27.24 -30.87 1.61
CA MET G 173 28.44 -31.68 1.54
C MET G 173 29.47 -31.13 2.53
N GLY G 174 29.77 -29.85 2.46
CA GLY G 174 30.65 -29.22 3.44
C GLY G 174 30.33 -29.55 4.89
N GLU G 175 29.08 -29.31 5.29
N GLU G 175 29.08 -29.34 5.28
CA GLU G 175 28.60 -29.55 6.65
CA GLU G 175 28.62 -29.53 6.65
C GLU G 175 28.94 -30.94 7.16
C GLU G 175 28.88 -30.95 7.18
N ARG G 176 28.78 -31.95 6.30
CA ARG G 176 29.05 -33.37 6.66
C ARG G 176 30.54 -33.70 6.84
N LEU G 177 31.36 -33.34 5.86
CA LEU G 177 32.80 -33.60 5.90
C LEU G 177 33.61 -32.76 6.92
N GLY G 178 33.07 -31.60 7.31
CA GLY G 178 33.82 -30.67 8.11
C GLY G 178 34.75 -29.90 7.20
N VAL G 179 34.32 -29.70 5.95
CA VAL G 179 35.15 -29.02 4.96
C VAL G 179 34.42 -27.85 4.29
N HIS G 180 35.16 -26.79 3.99
CA HIS G 180 34.57 -25.65 3.31
C HIS G 180 33.92 -26.12 2.02
N PRO G 181 32.92 -25.38 1.52
CA PRO G 181 32.25 -25.86 0.30
C PRO G 181 33.07 -25.57 -0.96
N LEU G 182 33.92 -24.57 -0.88
CA LEU G 182 34.90 -24.30 -1.93
C LEU G 182 35.69 -25.57 -2.25
N SER G 183 36.12 -26.27 -1.21
CA SER G 183 36.94 -27.49 -1.37
C SER G 183 36.13 -28.77 -1.60
N CYS G 184 34.80 -28.70 -1.46
CA CYS G 184 33.93 -29.85 -1.70
C CYS G 184 33.30 -29.80 -3.05
N HIS G 185 33.59 -30.77 -3.90
CA HIS G 185 33.08 -30.75 -5.28
C HIS G 185 31.90 -31.69 -5.50
N GLY G 186 30.91 -31.20 -6.26
CA GLY G 186 29.64 -31.90 -6.53
C GLY G 186 28.71 -31.09 -7.42
N TRP G 187 27.89 -31.79 -8.19
CA TRP G 187 27.14 -31.12 -9.25
C TRP G 187 25.71 -31.59 -9.37
N VAL G 188 24.81 -30.59 -9.33
CA VAL G 188 23.40 -30.80 -9.57
C VAL G 188 23.06 -30.23 -10.92
N LEU G 189 22.31 -31.00 -11.69
CA LEU G 189 22.19 -30.86 -13.14
C LEU G 189 20.78 -31.08 -13.69
N GLY G 190 20.51 -30.54 -14.87
CA GLY G 190 19.25 -30.75 -15.54
C GLY G 190 18.22 -29.70 -15.17
N GLU G 191 17.01 -30.17 -14.91
CA GLU G 191 15.87 -29.28 -14.62
C GLU G 191 15.93 -28.74 -13.17
N HIS G 192 16.12 -27.41 -13.02
CA HIS G 192 15.96 -26.76 -11.69
C HIS G 192 14.67 -27.22 -11.03
N GLY G 193 14.80 -27.77 -9.82
CA GLY G 193 13.63 -28.22 -9.06
C GLY G 193 13.56 -29.72 -8.82
N ASP G 194 12.34 -30.20 -8.70
CA ASP G 194 12.10 -31.52 -8.12
C ASP G 194 12.77 -32.67 -8.90
N SER G 195 13.29 -32.38 -10.09
CA SER G 195 13.82 -33.42 -10.98
C SER G 195 15.32 -33.35 -11.25
N SER G 196 15.97 -32.32 -10.73
CA SER G 196 17.40 -32.17 -10.89
C SER G 196 18.16 -33.44 -10.51
N VAL G 197 19.30 -33.67 -11.17
CA VAL G 197 20.06 -34.90 -11.08
C VAL G 197 21.37 -34.63 -10.35
N PRO G 198 21.50 -35.09 -9.08
CA PRO G 198 22.84 -35.00 -8.49
C PRO G 198 23.74 -36.00 -9.18
N VAL G 199 24.83 -35.53 -9.75
CA VAL G 199 25.75 -36.44 -10.40
C VAL G 199 26.69 -37.05 -9.36
N TRP G 200 26.21 -38.15 -8.80
CA TRP G 200 26.88 -38.83 -7.72
C TRP G 200 28.34 -39.11 -8.06
N SER G 201 28.60 -39.61 -9.28
CA SER G 201 29.97 -40.03 -9.68
C SER G 201 30.97 -38.92 -9.40
N GLY G 202 30.65 -37.74 -9.93
CA GLY G 202 31.51 -36.53 -9.84
C GLY G 202 31.89 -36.00 -8.47
N MET G 203 31.07 -36.25 -7.46
CA MET G 203 31.43 -35.85 -6.11
C MET G 203 32.81 -36.33 -5.69
N ASN G 204 33.65 -35.37 -5.33
CA ASN G 204 34.99 -35.64 -4.86
C ASN G 204 35.39 -34.62 -3.81
N VAL G 205 36.51 -34.86 -3.14
CA VAL G 205 37.27 -33.80 -2.45
C VAL G 205 38.74 -34.07 -2.79
N ALA G 206 39.51 -33.03 -3.06
CA ALA G 206 40.93 -33.21 -3.33
C ALA G 206 41.19 -34.20 -4.45
N GLY G 207 40.17 -34.48 -5.25
CA GLY G 207 40.29 -35.45 -6.33
C GLY G 207 39.71 -36.82 -6.04
N VAL G 208 39.72 -37.26 -4.77
CA VAL G 208 39.30 -38.64 -4.49
C VAL G 208 37.78 -38.78 -4.57
N SER G 209 37.34 -39.69 -5.44
CA SER G 209 35.93 -39.93 -5.63
C SER G 209 35.29 -40.48 -4.37
N LEU G 210 34.30 -39.73 -3.86
CA LEU G 210 33.48 -40.18 -2.73
C LEU G 210 32.68 -41.44 -3.12
N LYS G 211 32.20 -41.44 -4.37
CA LYS G 211 31.46 -42.60 -4.95
C LYS G 211 32.21 -43.95 -4.92
N THR G 212 33.53 -43.96 -5.12
CA THR G 212 34.29 -45.19 -5.06
C THR G 212 34.48 -45.64 -3.63
N LEU G 213 34.82 -44.70 -2.74
CA LEU G 213 35.04 -45.00 -1.32
C LEU G 213 33.87 -45.68 -0.60
N HIS G 214 32.70 -45.09 -0.81
CA HIS G 214 31.47 -45.51 -0.20
C HIS G 214 30.51 -45.79 -1.36
N PRO G 215 30.58 -47.01 -1.95
CA PRO G 215 29.92 -47.25 -3.24
C PRO G 215 28.37 -47.34 -3.19
N ASP G 216 27.79 -47.29 -2.01
CA ASP G 216 26.35 -47.14 -1.82
C ASP G 216 25.89 -45.68 -2.06
N LEU G 217 26.85 -44.76 -2.17
CA LEU G 217 26.52 -43.37 -2.24
C LEU G 217 25.52 -43.17 -3.34
N GLY G 218 24.35 -42.68 -2.96
CA GLY G 218 23.36 -42.20 -3.92
C GLY G 218 22.18 -43.10 -4.00
N THR G 219 22.34 -44.30 -3.44
CA THR G 219 21.30 -45.29 -3.48
C THR G 219 20.50 -45.30 -2.19
N ASP G 220 19.41 -46.07 -2.21
CA ASP G 220 18.45 -46.14 -1.12
C ASP G 220 18.99 -46.96 0.00
N LYS G 221 19.79 -47.98 -0.29
CA LYS G 221 20.32 -48.83 0.80
C LYS G 221 21.28 -48.10 1.77
N ASP G 222 21.81 -46.96 1.28
CA ASP G 222 22.88 -46.17 1.92
C ASP G 222 22.72 -46.02 3.44
N LYS G 223 23.79 -46.38 4.16
CA LYS G 223 23.76 -46.40 5.61
C LYS G 223 23.79 -44.98 6.19
N GLU G 224 24.47 -44.07 5.46
CA GLU G 224 24.55 -42.62 5.76
C GLU G 224 23.61 -41.81 4.88
N GLN G 225 22.71 -42.49 4.16
CA GLN G 225 21.64 -41.85 3.40
C GLN G 225 22.03 -40.44 2.84
N TRP G 226 22.90 -40.48 1.84
CA TRP G 226 23.39 -39.26 1.16
C TRP G 226 22.45 -38.74 0.10
N LYS G 227 21.55 -39.61 -0.36
CA LYS G 227 20.48 -39.24 -1.31
C LYS G 227 19.59 -38.10 -0.74
N GLU G 228 19.53 -38.01 0.59
CA GLU G 228 18.80 -36.91 1.29
C GLU G 228 19.48 -35.57 0.94
N VAL G 229 20.84 -35.53 0.94
CA VAL G 229 21.61 -34.28 0.68
C VAL G 229 20.93 -33.51 -0.43
N HIS G 230 20.61 -34.24 -1.50
CA HIS G 230 19.90 -33.72 -2.65
C HIS G 230 18.45 -33.27 -2.38
N LYS G 231 17.67 -34.14 -1.76
CA LYS G 231 16.32 -33.75 -1.35
C LYS G 231 16.35 -32.39 -0.64
N GLN G 232 17.30 -32.19 0.27
CA GLN G 232 17.44 -30.91 0.96
C GLN G 232 17.86 -29.79 0.04
N VAL G 233 18.64 -30.12 -0.98
CA VAL G 233 19.05 -29.13 -1.98
C VAL G 233 17.82 -28.63 -2.70
N VAL G 234 16.88 -29.56 -2.89
CA VAL G 234 15.65 -29.30 -3.61
C VAL G 234 14.64 -28.57 -2.72
N GLU G 235 14.30 -29.19 -1.59
CA GLU G 235 13.46 -28.56 -0.56
C GLU G 235 14.10 -27.32 0.10
N SER G 236 15.43 -27.22 0.04
CA SER G 236 16.12 -26.10 0.66
C SER G 236 15.38 -24.80 0.41
N ALA G 237 15.06 -24.53 -0.85
CA ALA G 237 14.44 -23.27 -1.25
C ALA G 237 13.14 -23.07 -0.51
N TYR G 238 12.28 -24.10 -0.58
CA TYR G 238 10.95 -24.12 0.04
C TYR G 238 11.03 -23.94 1.59
N GLU G 239 12.10 -24.49 2.20
CA GLU G 239 12.22 -24.55 3.69
C GLU G 239 12.57 -23.21 4.27
N VAL G 240 13.23 -22.39 3.47
CA VAL G 240 13.54 -21.01 3.80
C VAL G 240 12.26 -20.18 3.63
N ILE G 241 11.64 -20.31 2.44
CA ILE G 241 10.33 -19.73 2.14
C ILE G 241 9.34 -19.94 3.28
N LYS G 242 9.42 -21.07 3.98
CA LYS G 242 8.61 -21.29 5.19
C LYS G 242 9.00 -20.39 6.36
N LEU G 243 10.30 -20.26 6.60
CA LEU G 243 10.78 -19.70 7.85
C LEU G 243 10.88 -18.19 7.85
N LYS G 244 10.94 -17.60 6.66
CA LYS G 244 11.08 -16.15 6.56
C LYS G 244 10.35 -15.58 5.37
N GLY G 245 9.62 -16.41 4.63
CA GLY G 245 8.70 -15.92 3.60
C GLY G 245 9.27 -16.04 2.21
N TYR G 246 10.50 -15.59 2.02
CA TYR G 246 11.14 -15.68 0.71
C TYR G 246 12.59 -16.10 0.88
N THR G 247 13.27 -16.39 -0.24
CA THR G 247 14.71 -16.41 -0.22
C THR G 247 15.18 -15.17 -0.99
N SER G 248 16.38 -14.70 -0.67
CA SER G 248 17.08 -13.70 -1.50
C SER G 248 18.60 -13.80 -1.45
N TRP G 249 19.16 -13.95 -0.25
CA TRP G 249 20.59 -13.71 -0.05
C TRP G 249 21.41 -14.63 -0.91
N ALA G 250 21.07 -15.92 -0.85
CA ALA G 250 21.82 -16.98 -1.52
C ALA G 250 21.66 -16.90 -3.03
N ILE G 251 20.43 -16.79 -3.51
CA ILE G 251 20.19 -16.47 -4.91
C ILE G 251 20.91 -15.15 -5.32
N GLY G 252 20.93 -14.12 -4.46
CA GLY G 252 21.71 -12.91 -4.73
C GLY G 252 23.22 -13.11 -4.95
N LEU G 253 23.86 -13.84 -4.03
CA LEU G 253 25.29 -14.19 -4.15
C LEU G 253 25.61 -15.06 -5.36
N SER G 254 24.70 -16.00 -5.63
CA SER G 254 24.87 -16.94 -6.74
C SER G 254 24.88 -16.18 -8.07
N VAL G 255 23.89 -15.30 -8.23
CA VAL G 255 23.74 -14.56 -9.48
C VAL G 255 24.91 -13.61 -9.63
N ALA G 256 25.36 -13.06 -8.50
CA ALA G 256 26.51 -12.16 -8.48
C ALA G 256 27.78 -12.86 -9.02
N ASP G 257 27.88 -14.14 -8.66
CA ASP G 257 28.99 -15.02 -9.09
C ASP G 257 28.93 -15.26 -10.58
N LEU G 258 27.77 -15.54 -11.16
CA LEU G 258 27.73 -15.74 -12.65
C LEU G 258 28.13 -14.44 -13.37
N ALA G 259 27.80 -13.32 -12.73
CA ALA G 259 28.15 -12.05 -13.27
C ALA G 259 29.66 -11.90 -13.27
N GLU G 260 30.33 -12.38 -12.24
CA GLU G 260 31.76 -12.20 -12.24
C GLU G 260 32.34 -12.90 -13.45
N SER G 261 31.89 -14.10 -13.73
CA SER G 261 32.50 -14.81 -14.84
C SER G 261 32.11 -14.21 -16.19
N ILE G 262 30.91 -13.71 -16.30
CA ILE G 262 30.48 -13.12 -17.58
C ILE G 262 31.24 -11.80 -17.80
N MET G 263 31.17 -10.92 -16.81
CA MET G 263 31.74 -9.60 -16.89
C MET G 263 33.24 -9.70 -16.97
N LYS G 264 33.92 -10.46 -16.11
CA LYS G 264 35.41 -10.49 -16.18
C LYS G 264 35.99 -11.54 -17.15
N ASN G 265 35.14 -12.18 -17.94
CA ASN G 265 35.58 -13.14 -18.96
C ASN G 265 36.40 -14.28 -18.44
N LEU G 266 35.97 -14.80 -17.31
CA LEU G 266 36.74 -15.76 -16.56
C LEU G 266 36.80 -17.16 -17.14
N ARG G 267 35.85 -17.55 -18.00
CA ARG G 267 35.81 -18.93 -18.48
C ARG G 267 35.89 -19.98 -17.34
N ARG G 268 35.25 -19.69 -16.22
CA ARG G 268 34.91 -20.67 -15.22
C ARG G 268 33.71 -21.43 -15.68
N VAL G 269 33.45 -22.54 -15.01
CA VAL G 269 32.42 -23.49 -15.40
C VAL G 269 31.32 -23.47 -14.35
N HIS G 270 30.11 -23.14 -14.77
CA HIS G 270 28.97 -23.10 -13.88
C HIS G 270 27.86 -23.96 -14.44
N PRO G 271 27.07 -24.58 -13.57
CA PRO G 271 26.00 -25.41 -14.08
C PRO G 271 24.81 -24.52 -14.36
N VAL G 272 24.80 -23.91 -15.53
CA VAL G 272 23.73 -22.98 -15.86
C VAL G 272 22.84 -23.54 -16.97
N SER G 273 21.58 -23.13 -16.94
CA SER G 273 20.66 -23.64 -17.89
C SER G 273 20.97 -23.08 -19.22
N THR G 274 21.26 -23.98 -20.15
CA THR G 274 21.57 -23.63 -21.53
C THR G 274 20.82 -24.60 -22.41
N MET G 275 20.80 -24.37 -23.72
CA MET G 275 20.17 -25.34 -24.62
C MET G 275 21.03 -26.58 -24.87
N ILE G 276 20.48 -27.75 -24.60
CA ILE G 276 21.21 -29.01 -24.78
C ILE G 276 20.63 -29.83 -25.93
N LYS G 277 20.00 -29.17 -26.90
CA LYS G 277 19.44 -29.89 -28.04
C LYS G 277 20.59 -30.48 -28.81
N GLY G 278 20.74 -31.81 -28.78
CA GLY G 278 21.88 -32.49 -29.40
C GLY G 278 22.60 -33.47 -28.48
N LEU G 279 22.78 -33.07 -27.22
CA LEU G 279 23.37 -33.94 -26.20
C LEU G 279 22.32 -34.88 -25.56
N TYR G 280 22.84 -35.87 -24.83
CA TYR G 280 22.08 -36.93 -24.15
C TYR G 280 20.83 -37.51 -24.91
N GLY G 281 20.92 -37.52 -26.24
CA GLY G 281 19.81 -37.97 -27.10
C GLY G 281 18.54 -37.21 -26.78
N ILE G 282 18.60 -35.89 -26.96
CA ILE G 282 17.50 -34.95 -26.75
C ILE G 282 17.39 -34.17 -28.06
N LYS G 283 16.25 -34.28 -28.74
CA LYS G 283 16.11 -33.71 -30.07
C LYS G 283 15.15 -32.49 -30.09
N ASP G 284 14.93 -31.89 -28.93
CA ASP G 284 13.93 -30.83 -28.73
C ASP G 284 14.54 -29.52 -28.19
N ASP G 285 14.06 -28.36 -28.67
CA ASP G 285 14.65 -27.05 -28.29
C ASP G 285 14.30 -26.77 -26.83
N VAL G 286 15.14 -27.25 -25.94
CA VAL G 286 14.83 -27.23 -24.55
C VAL G 286 16.06 -26.68 -23.91
N PHE G 287 15.91 -26.12 -22.71
CA PHE G 287 17.01 -25.60 -21.91
C PHE G 287 17.09 -26.38 -20.62
N LEU G 288 18.30 -26.88 -20.31
CA LEU G 288 18.62 -27.62 -19.07
C LEU G 288 20.00 -27.25 -18.54
N SER G 289 20.19 -27.33 -17.24
CA SER G 289 21.46 -26.91 -16.67
C SER G 289 22.52 -28.04 -16.87
N VAL G 290 23.75 -27.61 -17.11
CA VAL G 290 24.83 -28.45 -17.62
C VAL G 290 26.10 -27.62 -17.40
N PRO G 291 27.22 -28.25 -17.00
CA PRO G 291 28.38 -27.44 -16.76
C PRO G 291 28.78 -26.66 -18.01
N CYS G 292 28.50 -25.33 -17.97
CA CYS G 292 28.86 -24.39 -19.05
C CYS G 292 30.01 -23.51 -18.68
N ILE G 293 30.74 -23.10 -19.71
CA ILE G 293 31.89 -22.23 -19.57
C ILE G 293 31.47 -20.79 -19.82
N LEU G 294 31.45 -19.99 -18.77
CA LEU G 294 31.00 -18.61 -18.86
C LEU G 294 32.12 -17.62 -19.07
N GLY G 295 31.86 -16.68 -19.97
CA GLY G 295 32.74 -15.55 -20.20
C GLY G 295 31.99 -14.39 -20.84
N GLN G 296 32.74 -13.51 -21.47
CA GLN G 296 32.16 -12.30 -21.95
C GLN G 296 31.35 -12.46 -23.21
N ASN G 297 31.12 -13.70 -23.65
CA ASN G 297 30.12 -13.95 -24.70
C ASN G 297 29.03 -14.89 -24.21
N GLY G 298 28.99 -15.07 -22.90
CA GLY G 298 28.10 -16.02 -22.26
C GLY G 298 28.71 -17.41 -22.29
N ILE G 299 27.96 -18.34 -22.88
CA ILE G 299 28.27 -19.75 -22.92
C ILE G 299 29.06 -20.08 -24.20
N SER G 300 30.37 -20.15 -24.05
CA SER G 300 31.21 -20.38 -25.18
C SER G 300 31.24 -21.86 -25.48
N ASP G 301 31.28 -22.66 -24.41
CA ASP G 301 31.33 -24.11 -24.53
C ASP G 301 30.57 -24.65 -23.37
N LEU G 302 30.38 -25.96 -23.38
CA LEU G 302 29.84 -26.67 -22.25
C LEU G 302 30.53 -28.02 -22.13
N VAL G 303 30.44 -28.59 -20.95
CA VAL G 303 31.06 -29.85 -20.64
C VAL G 303 30.08 -31.05 -20.86
N LYS G 304 30.56 -32.10 -21.51
CA LYS G 304 29.80 -33.33 -21.66
C LYS G 304 30.15 -34.16 -20.49
N VAL G 305 29.15 -34.71 -19.81
CA VAL G 305 29.38 -35.39 -18.54
C VAL G 305 28.83 -36.76 -18.74
N THR G 306 29.66 -37.77 -18.44
CA THR G 306 29.26 -39.18 -18.57
C THR G 306 28.09 -39.42 -17.61
N LEU G 307 26.99 -39.89 -18.17
CA LEU G 307 25.80 -40.09 -17.38
C LEU G 307 25.28 -41.51 -17.55
N THR G 308 25.07 -42.16 -16.41
CA THR G 308 24.46 -43.48 -16.37
C THR G 308 23.09 -43.29 -16.94
N SER G 309 22.62 -44.16 -17.83
CA SER G 309 21.34 -43.90 -18.53
C SER G 309 20.12 -43.76 -17.59
N GLU G 310 20.25 -44.25 -16.34
N GLU G 310 20.25 -44.22 -16.34
CA GLU G 310 19.36 -43.86 -15.23
CA GLU G 310 19.32 -43.85 -15.24
C GLU G 310 19.26 -42.33 -15.14
C GLU G 310 19.26 -42.32 -15.06
N GLU G 311 20.43 -41.67 -15.10
CA GLU G 311 20.55 -40.21 -15.04
C GLU G 311 20.25 -39.58 -16.40
N GLU G 312 20.81 -40.15 -17.46
CA GLU G 312 20.54 -39.71 -18.82
C GLU G 312 19.04 -39.64 -19.09
N ALA G 313 18.28 -40.69 -18.75
CA ALA G 313 16.82 -40.66 -19.02
C ALA G 313 16.06 -39.75 -18.07
N ARG G 314 16.67 -39.29 -16.99
CA ARG G 314 16.02 -38.29 -16.16
C ARG G 314 15.98 -36.97 -16.93
N LEU G 315 17.15 -36.57 -17.42
CA LEU G 315 17.28 -35.43 -18.32
C LEU G 315 16.35 -35.51 -19.54
N LYS G 316 16.18 -36.68 -20.14
CA LYS G 316 15.34 -36.80 -21.33
C LYS G 316 13.85 -36.74 -20.95
N LYS G 317 13.49 -37.22 -19.75
CA LYS G 317 12.09 -37.05 -19.24
C LYS G 317 11.80 -35.62 -18.81
N SER G 318 12.82 -34.90 -18.34
CA SER G 318 12.68 -33.46 -18.08
C SER G 318 12.41 -32.73 -19.41
N ALA G 319 13.20 -33.07 -20.42
CA ALA G 319 13.14 -32.37 -21.69
C ALA G 319 11.82 -32.70 -22.37
N ASP G 320 11.29 -33.89 -22.10
CA ASP G 320 9.97 -34.31 -22.64
C ASP G 320 8.84 -33.50 -21.97
N THR G 321 8.77 -33.53 -20.62
CA THR G 321 7.94 -32.61 -19.80
C THR G 321 7.96 -31.20 -20.39
N LEU G 322 9.18 -30.63 -20.47
CA LEU G 322 9.41 -29.24 -20.84
C LEU G 322 8.88 -28.89 -22.22
N TRP G 323 9.15 -29.76 -23.20
CA TRP G 323 8.80 -29.47 -24.57
C TRP G 323 7.30 -29.59 -24.76
N GLY G 324 6.64 -30.43 -23.99
CA GLY G 324 5.18 -30.57 -24.13
C GLY G 324 4.43 -29.29 -23.80
N ILE G 325 4.90 -28.64 -22.75
CA ILE G 325 4.50 -27.33 -22.37
C ILE G 325 4.89 -26.40 -23.49
N GLN G 326 6.18 -26.30 -23.80
CA GLN G 326 6.66 -25.27 -24.77
C GLN G 326 5.92 -25.19 -26.11
N LYS G 327 5.52 -26.30 -26.71
CA LYS G 327 4.79 -26.26 -27.97
C LYS G 327 3.32 -25.84 -27.77
N GLU G 328 2.97 -25.22 -26.65
CA GLU G 328 1.61 -24.65 -26.50
C GLU G 328 1.61 -23.14 -26.23
N LEU G 329 2.82 -22.60 -26.14
CA LEU G 329 3.03 -21.21 -25.76
C LEU G 329 2.75 -20.36 -26.97
N GLN G 330 2.42 -19.07 -26.75
CA GLN G 330 1.99 -18.19 -27.83
C GLN G 330 2.68 -16.83 -27.76
N PHE G 331 3.21 -16.35 -28.89
CA PHE G 331 4.33 -15.39 -28.89
C PHE G 331 4.08 -14.11 -29.73
N ALA H 1 34.02 -48.04 9.47
CA ALA H 1 34.52 -46.76 8.89
C ALA H 1 33.41 -46.02 8.15
N THR H 2 33.00 -44.86 8.69
CA THR H 2 32.10 -43.96 7.98
C THR H 2 32.89 -43.25 6.84
N LEU H 3 32.16 -42.71 5.85
CA LEU H 3 32.77 -42.04 4.68
C LEU H 3 33.72 -40.92 5.09
N LYS H 4 33.22 -40.07 5.99
CA LYS H 4 34.00 -39.01 6.60
C LYS H 4 35.38 -39.49 7.14
N ASP H 5 35.38 -40.63 7.82
CA ASP H 5 36.63 -41.17 8.36
C ASP H 5 37.53 -41.81 7.28
N GLN H 6 36.93 -42.48 6.30
CA GLN H 6 37.72 -43.01 5.16
C GLN H 6 38.41 -41.89 4.43
N LEU H 7 37.74 -40.76 4.31
CA LEU H 7 38.31 -39.63 3.57
C LEU H 7 39.41 -38.96 4.38
N ILE H 8 39.06 -38.64 5.62
CA ILE H 8 39.73 -37.61 6.41
C ILE H 8 40.31 -38.15 7.71
N TYR H 9 41.62 -38.39 7.72
CA TYR H 9 42.34 -38.58 8.96
C TYR H 9 42.30 -37.26 9.77
N ASN H 10 41.89 -37.38 11.03
CA ASN H 10 41.78 -36.27 11.97
C ASN H 10 43.12 -35.91 12.58
N LEU H 11 43.30 -34.70 13.08
CA LEU H 11 44.51 -34.39 13.87
C LEU H 11 44.22 -33.73 15.22
N LEU H 12 43.06 -33.11 15.37
CA LEU H 12 42.84 -32.10 16.43
C LEU H 12 41.54 -32.21 17.23
N LYS H 13 41.68 -31.95 18.54
CA LYS H 13 40.55 -31.73 19.46
C LYS H 13 40.00 -30.34 19.10
N GLU H 14 38.76 -30.30 18.62
CA GLU H 14 38.21 -29.15 17.89
C GLU H 14 37.78 -27.98 18.80
N GLU H 15 38.74 -27.41 19.53
CA GLU H 15 38.45 -26.39 20.55
C GLU H 15 38.75 -25.00 20.01
N GLN H 16 37.73 -24.38 19.42
CA GLN H 16 37.90 -23.09 18.74
C GLN H 16 37.95 -21.84 19.62
N THR H 17 36.78 -21.38 20.06
CA THR H 17 36.50 -19.96 20.36
C THR H 17 37.18 -19.11 19.29
N PRO H 18 36.38 -18.47 18.44
CA PRO H 18 36.89 -17.97 17.18
C PRO H 18 37.45 -16.55 17.36
N GLN H 19 38.28 -16.09 16.43
CA GLN H 19 39.17 -14.94 16.68
C GLN H 19 38.58 -13.58 16.42
N ASN H 20 37.73 -13.52 15.40
CA ASN H 20 37.12 -12.28 14.93
C ASN H 20 35.61 -12.40 14.67
N LYS H 21 34.84 -12.34 15.74
CA LYS H 21 33.42 -12.68 15.70
C LYS H 21 32.61 -11.41 15.82
N ILE H 22 31.63 -11.26 14.94
CA ILE H 22 30.69 -10.14 15.03
C ILE H 22 29.26 -10.62 15.26
N THR H 23 28.50 -9.86 16.05
CA THR H 23 27.13 -10.22 16.30
C THR H 23 26.17 -9.14 15.95
N VAL H 24 25.22 -9.47 15.08
CA VAL H 24 24.16 -8.54 14.72
C VAL H 24 22.90 -8.90 15.50
N VAL H 25 22.44 -7.94 16.31
CA VAL H 25 21.30 -8.13 17.18
C VAL H 25 20.10 -7.50 16.55
N GLY H 26 19.15 -8.35 16.24
CA GLY H 26 17.98 -8.00 15.48
C GLY H 26 18.26 -8.29 14.02
N VAL H 27 17.27 -8.89 13.38
CA VAL H 27 17.35 -9.17 11.96
C VAL H 27 16.17 -8.53 11.23
N GLY H 28 15.99 -7.25 11.51
CA GLY H 28 15.03 -6.52 10.75
C GLY H 28 15.60 -6.39 9.35
N ALA H 29 15.38 -5.23 8.74
CA ALA H 29 16.02 -4.93 7.48
C ALA H 29 17.34 -4.33 7.77
N VAL H 30 17.38 -3.56 8.84
CA VAL H 30 18.63 -2.89 9.15
C VAL H 30 19.67 -3.92 9.57
N GLY H 31 19.24 -4.90 10.39
CA GLY H 31 20.15 -5.94 10.85
C GLY H 31 20.81 -6.71 9.71
N MET H 32 20.00 -7.08 8.74
CA MET H 32 20.46 -7.96 7.69
C MET H 32 21.25 -7.19 6.64
N ALA H 33 20.95 -5.92 6.47
CA ALA H 33 21.77 -5.10 5.61
C ALA H 33 23.19 -5.04 6.22
N CYS H 34 23.28 -4.87 7.53
CA CYS H 34 24.58 -4.93 8.18
C CYS H 34 25.15 -6.30 7.89
N ALA H 35 24.35 -7.35 8.19
CA ALA H 35 24.79 -8.73 8.05
C ALA H 35 25.43 -9.00 6.71
N ILE H 36 24.66 -8.86 5.64
CA ILE H 36 25.19 -9.13 4.30
C ILE H 36 26.37 -8.25 3.90
N SER H 37 26.49 -7.06 4.50
CA SER H 37 27.51 -6.06 4.09
C SER H 37 28.82 -6.42 4.72
N ILE H 38 28.74 -6.74 6.00
CA ILE H 38 29.83 -7.31 6.77
C ILE H 38 30.33 -8.67 6.19
N LEU H 39 29.41 -9.48 5.67
CA LEU H 39 29.80 -10.78 5.12
C LEU H 39 30.68 -10.55 3.93
N MET H 40 30.21 -9.70 3.04
CA MET H 40 30.89 -9.47 1.78
C MET H 40 32.14 -8.62 1.91
N LYS H 41 32.42 -8.10 3.10
CA LYS H 41 33.67 -7.37 3.35
C LYS H 41 34.66 -8.18 4.17
N ASP H 42 34.45 -9.50 4.16
CA ASP H 42 35.23 -10.44 4.98
C ASP H 42 35.78 -9.73 6.24
N LEU H 43 34.94 -9.33 7.18
CA LEU H 43 35.47 -8.68 8.38
C LEU H 43 35.51 -9.63 9.55
N ALA H 44 34.56 -10.57 9.57
CA ALA H 44 34.45 -11.59 10.61
C ALA H 44 34.82 -12.98 10.11
N ASP H 45 35.35 -13.83 11.01
CA ASP H 45 35.36 -15.31 10.84
C ASP H 45 34.16 -16.05 11.50
N GLU H 46 33.30 -15.31 12.20
CA GLU H 46 32.02 -15.84 12.68
C GLU H 46 31.01 -14.71 12.99
N LEU H 47 29.78 -14.93 12.55
CA LEU H 47 28.73 -13.95 12.67
C LEU H 47 27.52 -14.63 13.34
N ALA H 48 27.03 -14.02 14.42
CA ALA H 48 25.85 -14.53 15.14
C ALA H 48 24.69 -13.63 14.86
N LEU H 49 23.52 -14.21 14.59
CA LEU H 49 22.30 -13.40 14.50
C LEU H 49 21.41 -13.72 15.69
N VAL H 50 20.94 -12.69 16.39
CA VAL H 50 20.11 -12.88 17.57
C VAL H 50 18.86 -12.06 17.41
N ASP H 51 17.72 -12.63 17.73
CA ASP H 51 16.47 -11.87 17.70
C ASP H 51 15.43 -12.64 18.49
N VAL H 52 14.23 -12.12 18.62
CA VAL H 52 13.20 -12.93 19.28
C VAL H 52 12.41 -13.86 18.35
N ILE H 53 12.23 -13.51 17.08
CA ILE H 53 11.32 -14.27 16.22
C ILE H 53 12.04 -15.48 15.66
N GLU H 54 11.84 -16.64 16.25
CA GLU H 54 12.73 -17.78 16.03
C GLU H 54 12.77 -18.26 14.59
N ASP H 55 11.66 -18.20 13.88
CA ASP H 55 11.60 -18.79 12.53
C ASP H 55 12.34 -17.96 11.51
N LYS H 56 11.90 -16.72 11.35
CA LYS H 56 12.59 -15.67 10.59
C LYS H 56 14.10 -15.60 10.82
N LEU H 57 14.51 -15.73 12.08
CA LEU H 57 15.92 -15.76 12.46
C LEU H 57 16.69 -16.96 11.86
N LYS H 58 16.14 -18.16 12.08
CA LYS H 58 16.69 -19.38 11.51
C LYS H 58 16.70 -19.28 10.00
N GLY H 59 15.60 -18.76 9.44
CA GLY H 59 15.47 -18.63 7.99
C GLY H 59 16.55 -17.78 7.31
N GLU H 60 16.84 -16.63 7.92
CA GLU H 60 17.86 -15.73 7.43
C GLU H 60 19.16 -16.47 7.47
N MET H 61 19.54 -16.90 8.66
CA MET H 61 20.75 -17.69 8.87
C MET H 61 20.91 -18.75 7.76
N MET H 62 19.92 -19.63 7.59
CA MET H 62 20.00 -20.62 6.51
C MET H 62 20.29 -20.00 5.13
N ASP H 63 19.56 -18.96 4.76
CA ASP H 63 19.61 -18.36 3.43
C ASP H 63 21.04 -17.94 3.15
N LEU H 64 21.64 -17.32 4.16
CA LEU H 64 23.03 -16.89 4.09
C LEU H 64 23.99 -18.05 4.04
N GLN H 65 23.64 -19.13 4.75
CA GLN H 65 24.45 -20.35 4.76
C GLN H 65 24.58 -20.95 3.40
N HIS H 66 23.53 -20.90 2.58
CA HIS H 66 23.62 -21.45 1.23
C HIS H 66 24.61 -20.70 0.29
N GLY H 67 24.75 -19.40 0.51
CA GLY H 67 25.77 -18.63 -0.17
C GLY H 67 27.19 -18.87 0.32
N SER H 68 27.34 -19.49 1.49
CA SER H 68 28.66 -19.87 2.07
C SER H 68 29.79 -20.12 1.09
N LEU H 69 29.53 -20.91 0.04
CA LEU H 69 30.52 -21.11 -1.04
C LEU H 69 31.10 -19.81 -1.61
N PHE H 70 30.27 -18.78 -1.64
CA PHE H 70 30.65 -17.52 -2.25
C PHE H 70 31.17 -16.54 -1.22
N LEU H 71 31.56 -17.01 -0.05
CA LEU H 71 31.96 -16.10 1.02
C LEU H 71 33.18 -16.65 1.74
N ARG H 72 33.65 -15.89 2.72
CA ARG H 72 34.83 -16.20 3.48
C ARG H 72 34.58 -15.87 4.94
N THR H 73 33.34 -16.14 5.35
CA THR H 73 32.99 -16.27 6.76
C THR H 73 32.53 -17.72 7.02
N PRO H 74 33.44 -18.58 7.54
CA PRO H 74 33.13 -20.01 7.58
C PRO H 74 32.01 -20.46 8.49
N LYS H 75 31.51 -19.62 9.40
CA LYS H 75 30.57 -20.14 10.36
C LYS H 75 29.55 -19.09 10.75
N ILE H 76 28.33 -19.31 10.31
CA ILE H 76 27.25 -18.39 10.59
C ILE H 76 26.26 -19.12 11.50
N VAL H 77 25.71 -18.42 12.49
CA VAL H 77 24.90 -19.08 13.51
C VAL H 77 23.86 -18.13 14.06
N SER H 78 22.82 -18.70 14.68
CA SER H 78 21.72 -17.89 15.20
C SER H 78 21.01 -18.49 16.40
N GLY H 79 20.27 -17.65 17.11
CA GLY H 79 19.43 -18.12 18.21
C GLY H 79 18.67 -17.01 18.89
N LYS H 80 17.57 -17.37 19.57
CA LYS H 80 16.96 -16.45 20.54
C LYS H 80 17.90 -16.34 21.70
N ASP H 81 18.53 -17.44 22.06
CA ASP H 81 19.39 -17.47 23.23
C ASP H 81 20.68 -16.72 22.97
N TYR H 82 20.91 -15.69 23.79
CA TYR H 82 22.07 -14.82 23.64
C TYR H 82 23.41 -15.52 23.82
N ASN H 83 23.40 -16.75 24.35
CA ASN H 83 24.63 -17.57 24.38
C ASN H 83 25.34 -17.68 23.02
N VAL H 84 24.61 -17.64 21.91
CA VAL H 84 25.19 -17.71 20.57
C VAL H 84 26.16 -16.57 20.25
N THR H 85 26.16 -15.51 21.07
CA THR H 85 27.02 -14.35 20.79
C THR H 85 28.40 -14.44 21.44
N ALA H 86 28.65 -15.55 22.16
CA ALA H 86 29.83 -15.68 23.01
C ALA H 86 31.12 -15.25 22.32
N ASN H 87 31.95 -14.45 23.00
CA ASN H 87 33.22 -13.99 22.43
C ASN H 87 33.10 -13.13 21.17
N SER H 88 32.16 -12.19 21.14
CA SER H 88 32.14 -11.25 20.03
C SER H 88 33.08 -10.13 20.37
N LYS H 89 33.77 -9.60 19.36
CA LYS H 89 34.65 -8.41 19.53
C LYS H 89 33.79 -7.18 19.32
N LEU H 90 32.83 -7.29 18.40
CA LEU H 90 31.91 -6.22 18.08
C LEU H 90 30.51 -6.79 18.13
N VAL H 91 29.61 -6.14 18.87
CA VAL H 91 28.20 -6.52 18.83
C VAL H 91 27.38 -5.33 18.44
N ILE H 92 26.78 -5.45 17.25
CA ILE H 92 26.05 -4.37 16.60
C ILE H 92 24.56 -4.52 16.98
N ILE H 93 24.01 -3.53 17.66
CA ILE H 93 22.63 -3.57 18.13
C ILE H 93 21.65 -2.89 17.17
N THR H 94 20.76 -3.63 16.51
CA THR H 94 19.74 -2.98 15.67
C THR H 94 18.30 -2.97 16.25
N ALA H 95 18.03 -3.85 17.20
CA ALA H 95 16.71 -3.95 17.85
C ALA H 95 16.36 -2.71 18.60
N GLY H 96 15.08 -2.52 18.74
CA GLY H 96 14.56 -1.32 19.36
C GLY H 96 13.08 -1.54 19.44
N ALA H 97 12.33 -0.47 19.62
CA ALA H 97 10.93 -0.64 19.77
C ALA H 97 10.24 0.24 18.78
N ARG H 98 9.27 -0.34 18.07
CA ARG H 98 8.50 0.30 17.03
C ARG H 98 7.72 1.46 17.55
N GLN H 99 7.88 2.61 16.90
CA GLN H 99 7.12 3.83 17.27
C GLN H 99 5.60 3.69 17.02
N GLN H 100 4.78 4.23 17.91
CA GLN H 100 3.32 4.23 17.69
C GLN H 100 2.85 5.66 17.38
N GLU H 101 1.54 5.91 17.27
CA GLU H 101 1.05 7.18 16.68
C GLU H 101 0.82 8.28 17.68
N GLY H 102 0.21 7.96 18.80
CA GLY H 102 0.08 9.00 19.84
C GLY H 102 1.07 8.90 21.00
N GLU H 103 2.25 8.32 20.78
CA GLU H 103 3.12 7.97 21.88
C GLU H 103 4.04 9.14 22.14
N SER H 104 4.29 9.47 23.40
CA SER H 104 5.13 10.64 23.74
C SER H 104 6.56 10.31 23.46
N ARG H 105 7.41 11.33 23.28
CA ARG H 105 8.81 11.05 22.90
C ARG H 105 9.50 10.31 24.07
N LEU H 106 9.08 10.64 25.28
CA LEU H 106 9.65 10.06 26.49
C LEU H 106 9.28 8.59 26.54
N ASN H 107 8.00 8.32 26.35
CA ASN H 107 7.53 6.96 26.45
C ASN H 107 8.19 6.06 25.41
N LEU H 108 8.40 6.58 24.21
CA LEU H 108 9.05 5.81 23.15
C LEU H 108 10.41 5.36 23.65
N VAL H 109 11.12 6.30 24.26
CA VAL H 109 12.45 6.01 24.76
C VAL H 109 12.30 4.91 25.81
N GLN H 110 11.43 5.16 26.78
CA GLN H 110 11.25 4.24 27.90
C GLN H 110 11.14 2.77 27.41
N ARG H 111 10.26 2.50 26.45
CA ARG H 111 10.07 1.12 25.93
C ARG H 111 11.37 0.57 25.33
N ASN H 112 12.13 1.44 24.66
CA ASN H 112 13.46 1.06 24.19
C ASN H 112 14.34 0.67 25.38
N VAL H 113 14.34 1.51 26.40
CA VAL H 113 15.15 1.27 27.59
C VAL H 113 14.86 -0.12 28.12
N ASN H 114 13.59 -0.35 28.46
CA ASN H 114 13.10 -1.68 28.89
C ASN H 114 13.60 -2.89 28.12
N ILE H 115 13.81 -2.74 26.81
CA ILE H 115 14.30 -3.81 25.93
C ILE H 115 15.84 -3.91 26.06
N PHE H 116 16.49 -2.77 25.85
CA PHE H 116 17.89 -2.63 26.18
C PHE H 116 18.21 -3.06 27.60
N LYS H 117 17.22 -3.08 28.50
CA LYS H 117 17.38 -3.67 29.84
C LYS H 117 17.40 -5.19 29.83
N PHE H 118 17.02 -5.81 28.73
CA PHE H 118 17.11 -7.28 28.59
C PHE H 118 18.30 -7.69 27.68
N ILE H 119 18.44 -6.98 26.57
CA ILE H 119 19.46 -7.27 25.62
C ILE H 119 20.82 -7.02 26.26
N ILE H 120 21.08 -5.78 26.61
CA ILE H 120 22.43 -5.36 26.92
C ILE H 120 23.11 -6.20 28.02
N PRO H 121 22.41 -6.51 29.12
CA PRO H 121 23.03 -7.35 30.13
C PRO H 121 23.28 -8.77 29.65
N ASN H 122 22.46 -9.29 28.74
CA ASN H 122 22.75 -10.60 28.19
C ASN H 122 23.95 -10.54 27.22
N VAL H 123 24.16 -9.41 26.54
CA VAL H 123 25.30 -9.31 25.61
C VAL H 123 26.62 -9.36 26.34
N VAL H 124 26.69 -8.66 27.48
CA VAL H 124 27.94 -8.54 28.19
C VAL H 124 28.23 -9.86 28.85
N LYS H 125 27.18 -10.51 29.33
CA LYS H 125 27.32 -11.84 29.94
C LYS H 125 28.15 -12.76 29.08
N TYR H 126 27.88 -12.81 27.78
CA TYR H 126 28.59 -13.72 26.89
C TYR H 126 29.76 -13.06 26.14
N SER H 127 29.89 -11.73 26.15
CA SER H 127 30.94 -11.06 25.35
C SER H 127 31.53 -9.84 26.07
N PRO H 128 31.93 -10.01 27.32
CA PRO H 128 32.21 -8.86 28.15
C PRO H 128 33.31 -7.93 27.66
N ASN H 129 34.26 -8.38 26.84
CA ASN H 129 35.28 -7.44 26.36
C ASN H 129 35.02 -6.93 24.97
N CYS H 130 33.75 -6.94 24.54
CA CYS H 130 33.37 -6.50 23.19
C CYS H 130 33.24 -4.99 23.07
N LYS H 131 33.02 -4.53 21.83
CA LYS H 131 32.53 -3.18 21.56
C LYS H 131 31.07 -3.24 21.20
N LEU H 132 30.29 -2.37 21.85
CA LEU H 132 28.92 -2.10 21.42
C LEU H 132 28.90 -0.97 20.39
N LEU H 133 28.33 -1.30 19.24
CA LEU H 133 27.96 -0.35 18.23
C LEU H 133 26.42 -0.31 18.20
N ILE H 134 25.83 0.73 18.79
CA ILE H 134 24.40 0.86 18.82
C ILE H 134 23.93 1.61 17.58
N VAL H 135 23.19 0.95 16.71
CA VAL H 135 22.64 1.65 15.55
C VAL H 135 21.19 2.06 15.83
N SER H 136 20.48 1.21 16.57
CA SER H 136 19.11 1.44 17.03
C SER H 136 18.58 2.86 17.19
N ASN H 137 17.29 2.99 16.86
CA ASN H 137 16.75 4.19 16.25
C ASN H 137 17.01 5.56 16.86
N PRO H 138 16.55 5.83 18.13
CA PRO H 138 16.90 7.14 18.79
C PRO H 138 18.35 7.16 19.26
N VAL H 139 19.25 7.05 18.28
CA VAL H 139 20.62 6.60 18.46
C VAL H 139 21.50 7.27 19.55
N ASP H 140 21.37 8.56 19.79
CA ASP H 140 22.23 9.19 20.77
C ASP H 140 21.65 8.98 22.18
N ILE H 141 20.33 8.88 22.27
CA ILE H 141 19.67 8.71 23.56
C ILE H 141 19.76 7.27 24.02
N LEU H 142 20.20 6.38 23.14
CA LEU H 142 20.16 4.94 23.40
C LEU H 142 21.56 4.37 23.59
N THR H 143 22.50 4.90 22.83
CA THR H 143 23.89 4.73 23.10
C THR H 143 24.16 5.17 24.53
N TYR H 144 23.51 6.22 25.00
CA TYR H 144 23.63 6.56 26.42
C TYR H 144 23.11 5.40 27.25
N VAL H 145 21.91 4.93 26.89
CA VAL H 145 21.24 3.86 27.65
C VAL H 145 22.12 2.61 27.79
N ALA H 146 22.78 2.22 26.71
CA ALA H 146 23.56 1.01 26.67
C ALA H 146 24.84 1.19 27.47
N TRP H 147 25.37 2.40 27.46
CA TRP H 147 26.54 2.74 28.24
C TRP H 147 26.25 2.56 29.70
N LYS H 148 25.10 3.08 30.12
CA LYS H 148 24.61 2.92 31.48
C LYS H 148 24.40 1.45 31.89
N ILE H 149 23.60 0.71 31.13
CA ILE H 149 23.28 -0.69 31.48
C ILE H 149 24.49 -1.63 31.44
N SER H 150 25.23 -1.60 30.34
CA SER H 150 26.43 -2.42 30.19
C SER H 150 27.48 -2.07 31.23
N GLY H 151 27.53 -0.80 31.59
CA GLY H 151 28.59 -0.27 32.43
C GLY H 151 29.96 -0.47 31.83
N PHE H 152 30.04 -0.58 30.50
CA PHE H 152 31.33 -0.56 29.82
C PHE H 152 31.83 0.85 29.97
N PRO H 153 33.15 1.07 29.74
CA PRO H 153 33.62 2.44 29.77
C PRO H 153 33.16 3.20 28.51
N LYS H 154 33.41 4.51 28.46
CA LYS H 154 32.85 5.36 27.42
C LYS H 154 33.38 5.03 26.00
N ASN H 155 34.52 4.34 25.92
CA ASN H 155 35.14 4.04 24.63
C ASN H 155 34.66 2.77 23.88
N ARG H 156 34.13 1.78 24.59
CA ARG H 156 33.64 0.57 23.92
C ARG H 156 32.14 0.67 23.60
N VAL H 157 31.55 1.83 23.89
CA VAL H 157 30.15 2.12 23.57
C VAL H 157 30.03 3.28 22.56
N ILE H 158 29.70 2.85 21.33
CA ILE H 158 29.69 3.70 20.15
C ILE H 158 28.29 3.75 19.54
N GLY H 159 27.82 4.96 19.27
CA GLY H 159 26.55 5.16 18.58
C GLY H 159 26.81 5.31 17.11
N SER H 160 26.03 4.63 16.27
CA SER H 160 26.15 4.81 14.82
C SER H 160 26.20 6.31 14.52
N GLY H 161 25.32 7.10 15.17
CA GLY H 161 25.40 8.55 15.20
C GLY H 161 25.24 9.07 13.80
N CYS H 162 26.06 10.08 13.46
CA CYS H 162 25.91 10.86 12.20
C CYS H 162 26.81 10.39 11.05
N ASN H 163 27.23 9.14 11.17
CA ASN H 163 28.09 8.52 10.22
C ASN H 163 27.34 8.40 8.90
N LEU H 164 26.10 7.92 8.91
CA LEU H 164 25.34 7.85 7.65
C LEU H 164 24.89 9.24 7.18
N ASP H 165 24.46 10.09 8.10
CA ASP H 165 24.06 11.45 7.76
C ASP H 165 25.25 12.12 7.00
N SER H 166 26.48 11.94 7.47
CA SER H 166 27.63 12.59 6.82
C SER H 166 27.87 12.01 5.45
N ALA H 167 27.57 10.75 5.29
CA ALA H 167 27.80 10.02 4.03
C ALA H 167 26.84 10.41 2.88
N ARG H 168 25.68 10.93 3.28
CA ARG H 168 24.66 11.47 2.36
C ARG H 168 24.95 12.91 2.05
N PHE H 169 25.55 13.56 3.02
CA PHE H 169 26.04 14.87 2.84
C PHE H 169 27.17 14.82 1.84
N ARG H 170 27.92 13.73 1.83
CA ARG H 170 29.01 13.59 0.87
C ARG H 170 28.47 13.11 -0.49
N TYR H 171 27.47 12.24 -0.46
CA TYR H 171 26.89 11.75 -1.70
C TYR H 171 26.36 12.93 -2.40
N LEU H 172 25.43 13.62 -1.71
CA LEU H 172 24.76 14.86 -2.20
C LEU H 172 25.71 16.00 -2.58
N MET H 173 26.65 16.34 -1.68
CA MET H 173 27.68 17.30 -2.00
C MET H 173 28.28 16.88 -3.34
N GLY H 174 28.56 15.59 -3.50
CA GLY H 174 29.01 15.01 -4.77
C GLY H 174 28.16 15.29 -6.01
N GLU H 175 26.85 15.01 -5.95
CA GLU H 175 25.92 15.35 -7.06
C GLU H 175 26.13 16.80 -7.44
N ARG H 176 26.02 17.68 -6.46
CA ARG H 176 26.21 19.10 -6.74
C ARG H 176 27.51 19.37 -7.51
N LEU H 177 28.66 18.91 -7.05
CA LEU H 177 29.93 19.30 -7.70
C LEU H 177 30.35 18.47 -8.94
N GLY H 178 29.65 17.35 -9.16
CA GLY H 178 30.05 16.36 -10.17
C GLY H 178 31.36 15.68 -9.81
N VAL H 179 31.44 15.11 -8.61
CA VAL H 179 32.68 14.53 -8.05
C VAL H 179 32.31 13.37 -7.13
N HIS H 180 33.18 12.38 -6.96
CA HIS H 180 32.81 11.19 -6.18
C HIS H 180 32.75 11.59 -4.72
N PRO H 181 31.76 11.05 -3.98
CA PRO H 181 31.72 11.36 -2.55
C PRO H 181 33.08 11.17 -1.83
N LEU H 182 33.89 10.20 -2.25
CA LEU H 182 35.22 9.97 -1.67
C LEU H 182 36.11 11.18 -1.73
N SER H 183 35.93 11.96 -2.79
CA SER H 183 36.73 13.15 -2.96
C SER H 183 36.10 14.41 -2.30
N CYS H 184 34.84 14.33 -1.89
CA CYS H 184 34.12 15.47 -1.33
C CYS H 184 34.06 15.39 0.16
N HIS H 185 34.78 16.22 0.92
CA HIS H 185 34.67 16.14 2.40
C HIS H 185 33.70 17.13 3.01
N GLY H 186 33.02 16.66 4.04
CA GLY H 186 31.95 17.38 4.70
C GLY H 186 31.57 16.65 5.97
N TRP H 187 31.25 17.43 7.01
CA TRP H 187 30.98 16.84 8.31
C TRP H 187 29.63 17.26 8.89
N VAL H 188 28.81 16.25 9.24
CA VAL H 188 27.60 16.46 10.01
C VAL H 188 27.78 15.96 11.42
N LEU H 189 27.53 16.83 12.39
CA LEU H 189 27.84 16.57 13.79
C LEU H 189 26.63 16.76 14.70
N GLY H 190 26.74 16.29 15.95
CA GLY H 190 25.69 16.47 16.94
C GLY H 190 24.58 15.41 16.97
N GLU H 191 23.38 15.84 17.37
CA GLU H 191 22.23 14.96 17.49
C GLU H 191 21.84 14.42 16.10
N HIS H 192 21.74 13.10 15.96
CA HIS H 192 21.35 12.46 14.68
C HIS H 192 19.92 12.85 14.29
N GLY H 193 19.70 13.11 13.00
CA GLY H 193 18.41 13.59 12.49
C GLY H 193 18.17 15.10 12.54
N ASP H 194 17.01 15.48 13.05
CA ASP H 194 16.42 16.77 12.72
C ASP H 194 17.30 17.98 12.95
N SER H 195 18.22 17.97 13.92
CA SER H 195 19.05 19.17 14.11
C SER H 195 20.55 18.88 14.12
N SER H 196 20.96 17.81 13.48
CA SER H 196 22.36 17.60 13.19
C SER H 196 22.98 18.84 12.52
N VAL H 197 24.20 19.23 12.89
CA VAL H 197 24.88 20.42 12.38
C VAL H 197 25.83 20.16 11.17
N PRO H 198 25.56 20.80 10.01
CA PRO H 198 26.52 20.83 8.90
C PRO H 198 27.66 21.85 9.09
N VAL H 199 28.87 21.35 9.31
CA VAL H 199 30.01 22.22 9.60
C VAL H 199 30.59 22.81 8.30
N TRP H 200 29.94 23.87 7.80
CA TRP H 200 30.25 24.47 6.49
C TRP H 200 31.71 24.88 6.27
N SER H 201 32.33 25.41 7.33
CA SER H 201 33.75 25.80 7.29
C SER H 201 34.54 24.66 6.73
N GLY H 202 34.41 23.51 7.43
CA GLY H 202 35.02 22.23 7.11
C GLY H 202 34.86 21.64 5.71
N MET H 203 33.81 22.01 4.99
CA MET H 203 33.61 21.46 3.65
C MET H 203 34.62 21.92 2.63
N ASN H 204 35.10 20.97 1.84
CA ASN H 204 36.22 21.16 0.93
C ASN H 204 36.38 19.98 -0.03
N VAL H 205 37.21 20.23 -1.02
CA VAL H 205 37.51 19.30 -2.08
C VAL H 205 38.94 19.64 -2.47
N ALA H 206 39.78 18.62 -2.57
CA ALA H 206 41.23 18.82 -2.65
C ALA H 206 41.67 19.81 -1.61
N GLY H 207 40.98 19.89 -0.50
CA GLY H 207 41.45 20.70 0.57
C GLY H 207 41.30 22.18 0.27
N VAL H 208 40.51 22.53 -0.74
CA VAL H 208 40.22 23.95 -0.98
C VAL H 208 38.83 24.20 -0.39
N SER H 209 38.79 25.09 0.60
CA SER H 209 37.60 25.30 1.43
C SER H 209 36.48 25.91 0.66
N LEU H 210 35.33 25.25 0.72
CA LEU H 210 34.15 25.71 0.02
C LEU H 210 33.62 27.02 0.60
N LYS H 211 33.77 27.19 1.92
CA LYS H 211 33.35 28.41 2.61
C LYS H 211 34.18 29.62 2.15
N THR H 212 35.50 29.52 2.20
CA THR H 212 36.36 30.62 1.77
C THR H 212 36.03 31.02 0.31
N LEU H 213 35.80 30.02 -0.53
CA LEU H 213 35.69 30.24 -1.97
C LEU H 213 34.49 31.11 -2.33
N HIS H 214 33.38 30.80 -1.65
CA HIS H 214 32.09 31.45 -1.83
C HIS H 214 31.52 31.55 -0.41
N PRO H 215 31.83 32.67 0.31
CA PRO H 215 31.69 32.71 1.78
C PRO H 215 30.24 32.94 2.23
N ASP H 216 29.36 33.09 1.25
CA ASP H 216 27.92 33.03 1.45
C ASP H 216 27.38 31.64 1.85
N LEU H 217 28.27 30.66 2.04
CA LEU H 217 27.87 29.24 2.12
C LEU H 217 27.04 28.91 3.35
N GLY H 218 25.88 28.32 3.08
CA GLY H 218 25.08 27.68 4.09
C GLY H 218 24.27 28.68 4.86
N THR H 219 24.30 29.91 4.39
CA THR H 219 23.59 30.97 5.05
C THR H 219 22.19 30.99 4.45
N ASP H 220 21.41 31.98 4.87
CA ASP H 220 20.06 32.14 4.36
C ASP H 220 20.02 33.09 3.16
N LYS H 221 21.07 33.90 2.99
CA LYS H 221 21.25 34.78 1.81
C LYS H 221 21.85 34.07 0.60
N ASP H 222 22.34 32.84 0.80
CA ASP H 222 23.06 32.03 -0.21
C ASP H 222 22.27 31.85 -1.49
N LYS H 223 22.72 32.50 -2.57
CA LYS H 223 22.12 32.29 -3.88
C LYS H 223 21.89 30.82 -4.11
N GLU H 224 22.97 30.05 -4.07
CA GLU H 224 22.92 28.61 -4.40
C GLU H 224 22.24 27.70 -3.37
N GLN H 225 21.92 28.26 -2.20
CA GLN H 225 21.06 27.59 -1.21
C GLN H 225 21.65 26.26 -0.73
N TRP H 226 22.93 26.29 -0.38
CA TRP H 226 23.65 25.07 0.05
C TRP H 226 23.07 24.56 1.35
N LYS H 227 22.46 25.45 2.12
CA LYS H 227 21.67 25.07 3.27
C LYS H 227 20.72 23.91 2.94
N GLU H 228 20.15 23.86 1.74
CA GLU H 228 19.23 22.74 1.38
C GLU H 228 19.91 21.36 1.37
N VAL H 229 21.20 21.31 1.00
CA VAL H 229 21.90 20.06 1.04
C VAL H 229 21.77 19.45 2.44
N HIS H 230 21.97 20.23 3.48
CA HIS H 230 21.81 19.68 4.82
C HIS H 230 20.36 19.28 5.19
N LYS H 231 19.37 19.85 4.51
CA LYS H 231 17.97 19.60 4.84
C LYS H 231 17.50 18.33 4.10
N GLN H 232 17.98 18.16 2.88
CA GLN H 232 17.95 16.85 2.18
C GLN H 232 18.56 15.77 3.05
N VAL H 233 19.74 16.02 3.61
CA VAL H 233 20.41 15.02 4.46
C VAL H 233 19.51 14.52 5.55
N VAL H 234 18.80 15.43 6.20
CA VAL H 234 17.85 15.06 7.22
C VAL H 234 16.58 14.45 6.65
N GLU H 235 16.15 14.91 5.49
CA GLU H 235 14.92 14.41 4.91
C GLU H 235 15.01 13.09 4.12
N SER H 236 16.19 12.72 3.63
CA SER H 236 16.31 11.52 2.78
C SER H 236 16.02 10.22 3.59
N ALA H 237 16.37 10.22 4.87
CA ALA H 237 15.85 9.19 5.78
C ALA H 237 14.35 8.90 5.57
N TYR H 238 13.50 9.89 5.89
N TYR H 238 13.50 9.89 5.92
CA TYR H 238 12.03 9.80 5.76
CA TYR H 238 12.04 9.82 5.73
C TYR H 238 11.60 9.70 4.29
C TYR H 238 11.70 9.62 4.27
N GLU H 239 12.22 10.49 3.41
CA GLU H 239 11.98 10.41 1.96
C GLU H 239 12.11 9.01 1.38
N VAL H 240 13.07 8.24 1.89
CA VAL H 240 13.27 6.90 1.38
C VAL H 240 12.21 5.96 1.97
N ILE H 241 11.96 6.07 3.26
CA ILE H 241 10.86 5.32 3.90
C ILE H 241 9.48 5.50 3.20
N LYS H 242 9.08 6.74 2.87
CA LYS H 242 7.86 6.98 2.07
C LYS H 242 7.76 6.13 0.81
N LEU H 243 8.89 5.95 0.15
CA LEU H 243 8.91 5.36 -1.15
C LEU H 243 8.92 3.85 -1.10
N LYS H 244 9.53 3.26 -0.08
CA LYS H 244 9.75 1.81 -0.06
C LYS H 244 9.48 1.10 1.25
N GLY H 245 9.21 1.82 2.32
CA GLY H 245 9.00 1.18 3.61
C GLY H 245 10.09 1.44 4.64
N TYR H 246 11.35 1.31 4.26
CA TYR H 246 12.43 1.37 5.26
C TYR H 246 13.68 1.95 4.65
N THR H 247 14.71 2.17 5.45
CA THR H 247 16.05 2.25 4.88
C THR H 247 16.78 1.02 5.34
N SER H 248 17.74 0.58 4.53
CA SER H 248 18.54 -0.62 4.80
C SER H 248 19.90 -0.42 4.19
N TRP H 249 19.97 -0.47 2.86
CA TRP H 249 21.25 -0.60 2.16
C TRP H 249 22.34 0.35 2.69
N ALA H 250 22.01 1.66 2.77
CA ALA H 250 22.97 2.70 3.14
C ALA H 250 23.48 2.55 4.59
N ILE H 251 22.60 2.15 5.49
CA ILE H 251 23.00 2.05 6.88
C ILE H 251 23.86 0.79 7.02
N GLY H 252 23.49 -0.23 6.23
CA GLY H 252 24.18 -1.53 6.20
C GLY H 252 25.61 -1.38 5.72
N LEU H 253 25.81 -0.52 4.73
CA LEU H 253 27.15 -0.22 4.25
C LEU H 253 27.88 0.62 5.27
N SER H 254 27.17 1.47 6.02
CA SER H 254 27.83 2.41 6.95
C SER H 254 28.29 1.67 8.22
N VAL H 255 27.44 0.79 8.72
CA VAL H 255 27.75 0.01 9.89
C VAL H 255 28.94 -0.93 9.60
N ALA H 256 29.00 -1.45 8.36
CA ALA H 256 30.13 -2.23 7.87
C ALA H 256 31.41 -1.44 7.82
N ASP H 257 31.32 -0.15 7.50
CA ASP H 257 32.48 0.74 7.54
C ASP H 257 33.06 0.85 8.96
N LEU H 258 32.19 1.14 9.92
CA LEU H 258 32.63 1.35 11.31
C LEU H 258 33.21 0.05 11.77
N ALA H 259 32.55 -1.03 11.33
CA ALA H 259 32.99 -2.41 11.65
C ALA H 259 34.34 -2.71 11.07
N GLU H 260 34.55 -2.37 9.80
CA GLU H 260 35.88 -2.47 9.20
C GLU H 260 36.89 -1.65 9.98
N SER H 261 36.69 -0.35 10.10
CA SER H 261 37.63 0.46 10.84
C SER H 261 37.92 -0.15 12.22
N ILE H 262 36.92 -0.71 12.87
CA ILE H 262 37.09 -1.21 14.23
C ILE H 262 37.82 -2.55 14.30
N MET H 263 37.37 -3.54 13.53
CA MET H 263 38.00 -4.86 13.53
C MET H 263 39.40 -4.75 12.97
N LYS H 264 39.64 -3.90 11.99
CA LYS H 264 40.94 -3.89 11.33
C LYS H 264 41.93 -2.95 12.03
N ASN H 265 41.46 -2.25 13.07
CA ASN H 265 42.29 -1.37 13.90
C ASN H 265 42.89 -0.22 13.10
N LEU H 266 42.10 0.22 12.13
CA LEU H 266 42.54 1.22 11.17
C LEU H 266 42.83 2.59 11.71
N ARG H 267 42.03 3.04 12.68
CA ARG H 267 42.11 4.41 13.18
C ARG H 267 41.81 5.43 12.09
N ARG H 268 40.77 5.13 11.31
CA ARG H 268 40.11 6.14 10.49
C ARG H 268 39.19 6.98 11.38
N VAL H 269 38.86 8.19 10.89
CA VAL H 269 38.07 9.14 11.65
C VAL H 269 36.67 9.10 11.06
N HIS H 270 35.67 9.04 11.97
CA HIS H 270 34.24 8.80 11.68
C HIS H 270 33.34 9.70 12.54
N PRO H 271 32.29 10.30 11.95
CA PRO H 271 31.29 10.98 12.77
C PRO H 271 30.37 9.99 13.43
N VAL H 272 30.80 9.49 14.59
CA VAL H 272 29.97 8.60 15.40
C VAL H 272 29.66 9.27 16.73
N SER H 273 28.72 8.70 17.46
CA SER H 273 28.21 9.26 18.71
C SER H 273 28.99 8.72 19.91
N THR H 274 29.41 9.61 20.79
CA THR H 274 30.13 9.23 22.00
C THR H 274 29.89 10.26 23.13
N MET H 275 30.48 10.07 24.30
CA MET H 275 30.19 10.94 25.44
C MET H 275 30.92 12.24 25.22
N ILE H 276 30.28 13.38 25.42
CA ILE H 276 30.97 14.69 25.30
C ILE H 276 30.90 15.52 26.56
N LYS H 277 30.52 14.90 27.67
CA LYS H 277 30.77 15.52 28.97
C LYS H 277 32.18 16.14 28.96
N GLY H 278 32.26 17.48 28.98
CA GLY H 278 33.54 18.20 29.01
C GLY H 278 33.83 19.09 27.80
N LEU H 279 33.13 18.87 26.69
CA LEU H 279 33.36 19.61 25.42
C LEU H 279 32.23 20.59 25.08
N TYR H 280 32.60 21.75 24.55
CA TYR H 280 31.64 22.77 24.06
C TYR H 280 30.69 23.32 25.14
N GLY H 281 31.22 23.58 26.32
CA GLY H 281 30.41 24.01 27.46
C GLY H 281 29.30 23.03 27.84
N ILE H 282 29.48 21.74 27.51
CA ILE H 282 28.51 20.72 27.93
C ILE H 282 28.94 20.04 29.23
N LYS H 283 28.01 20.04 30.18
CA LYS H 283 28.25 19.52 31.53
C LYS H 283 27.54 18.16 31.76
N ASP H 284 26.45 17.88 31.03
CA ASP H 284 25.60 16.69 31.29
C ASP H 284 26.17 15.40 30.65
N ASP H 285 25.80 14.23 31.18
CA ASP H 285 26.18 12.92 30.62
C ASP H 285 25.41 12.70 29.34
N VAL H 286 25.93 13.23 28.25
CA VAL H 286 25.23 13.25 26.98
C VAL H 286 26.08 12.56 25.89
N PHE H 287 25.42 12.07 24.84
CA PHE H 287 26.10 11.41 23.73
C PHE H 287 25.80 12.11 22.40
N LEU H 288 26.84 12.52 21.66
CA LEU H 288 26.65 13.14 20.33
C LEU H 288 27.75 12.80 19.31
N SER H 289 27.44 12.91 18.02
CA SER H 289 28.40 12.53 16.99
C SER H 289 29.43 13.65 16.82
N VAL H 290 30.70 13.28 16.88
CA VAL H 290 31.86 14.17 16.73
C VAL H 290 32.95 13.30 16.09
N PRO H 291 33.83 13.87 15.28
CA PRO H 291 34.79 12.98 14.64
C PRO H 291 35.65 12.16 15.60
N CYS H 292 35.61 10.84 15.47
CA CYS H 292 36.26 9.92 16.42
C CYS H 292 37.19 8.92 15.76
N ILE H 293 38.27 8.61 16.44
CA ILE H 293 39.24 7.69 15.91
C ILE H 293 38.82 6.25 16.22
N LEU H 294 38.48 5.50 15.19
CA LEU H 294 37.96 4.15 15.40
C LEU H 294 39.02 3.04 15.46
N GLY H 295 39.24 2.55 16.68
CA GLY H 295 40.30 1.60 16.95
C GLY H 295 39.77 0.20 17.12
N GLN H 296 40.68 -0.72 17.47
CA GLN H 296 40.33 -2.08 17.88
C GLN H 296 39.79 -1.99 19.27
N ASN H 297 40.14 -0.88 19.95
CA ASN H 297 39.60 -0.52 21.27
C ASN H 297 38.35 0.35 21.21
N GLY H 298 37.77 0.54 20.03
CA GLY H 298 36.67 1.47 19.87
C GLY H 298 37.16 2.91 19.80
N ILE H 299 36.64 3.77 20.67
CA ILE H 299 36.94 5.19 20.55
C ILE H 299 38.19 5.61 21.30
N SER H 300 39.32 5.55 20.62
CA SER H 300 40.60 5.82 21.23
C SER H 300 40.80 7.30 21.53
N ASP H 301 40.44 8.15 20.60
CA ASP H 301 40.77 9.57 20.65
C ASP H 301 39.65 10.25 19.95
N LEU H 302 39.53 11.57 20.09
CA LEU H 302 38.54 12.30 19.29
C LEU H 302 39.00 13.69 18.80
N VAL H 303 38.36 14.19 17.74
CA VAL H 303 38.79 15.42 17.14
C VAL H 303 38.05 16.63 17.71
N LYS H 304 38.83 17.55 18.23
CA LYS H 304 38.29 18.78 18.72
C LYS H 304 38.04 19.68 17.50
N VAL H 305 36.83 19.63 16.95
CA VAL H 305 36.50 20.42 15.76
C VAL H 305 36.19 21.84 16.18
N THR H 306 36.72 22.83 15.45
CA THR H 306 36.46 24.25 15.80
C THR H 306 35.09 24.67 15.29
N LEU H 307 34.22 25.00 16.21
CA LEU H 307 32.87 25.40 15.85
C LEU H 307 32.67 26.90 16.08
N THR H 308 31.70 27.47 15.39
CA THR H 308 31.31 28.84 15.61
C THR H 308 30.54 28.85 16.91
N SER H 309 30.25 30.02 17.44
CA SER H 309 29.46 30.09 18.66
C SER H 309 28.01 29.74 18.33
N GLU H 310 27.64 30.00 17.07
CA GLU H 310 26.39 29.52 16.47
C GLU H 310 26.30 28.01 16.72
N GLU H 311 27.24 27.27 16.13
CA GLU H 311 27.25 25.79 16.09
C GLU H 311 27.43 25.18 17.48
N GLU H 312 28.05 25.93 18.39
CA GLU H 312 28.28 25.45 19.73
C GLU H 312 26.93 25.26 20.43
N ALA H 313 26.16 26.34 20.55
CA ALA H 313 24.88 26.30 21.26
C ALA H 313 23.88 25.30 20.64
N ARG H 314 23.97 25.05 19.32
CA ARG H 314 23.14 24.00 18.68
C ARG H 314 23.35 22.65 19.37
N LEU H 315 24.61 22.29 19.58
CA LEU H 315 25.01 21.05 20.27
C LEU H 315 24.65 21.07 21.75
N LYS H 316 24.87 22.21 22.39
CA LYS H 316 24.47 22.43 23.79
C LYS H 316 22.95 22.36 23.93
N LYS H 317 22.21 22.77 22.89
CA LYS H 317 20.76 22.68 22.91
C LYS H 317 20.24 21.23 22.76
N SER H 318 20.87 20.44 21.87
CA SER H 318 20.67 18.98 21.83
C SER H 318 21.08 18.30 23.16
N ALA H 319 22.29 18.61 23.60
CA ALA H 319 22.76 18.17 24.90
C ALA H 319 21.78 18.50 26.03
N ASP H 320 21.13 19.65 25.96
CA ASP H 320 20.03 19.92 26.89
C ASP H 320 18.81 19.01 26.57
N THR H 321 18.02 19.33 25.54
CA THR H 321 17.02 18.36 25.01
C THR H 321 17.25 16.89 25.47
N LEU H 322 18.39 16.31 25.11
CA LEU H 322 18.68 14.89 25.36
C LEU H 322 18.71 14.53 26.82
N TRP H 323 19.36 15.37 27.61
CA TRP H 323 19.35 15.26 29.08
C TRP H 323 17.91 15.41 29.63
N GLY H 324 17.17 16.35 29.06
CA GLY H 324 15.79 16.64 29.47
C GLY H 324 14.94 15.40 29.49
N ILE H 325 15.26 14.46 28.59
CA ILE H 325 14.59 13.18 28.52
C ILE H 325 15.35 12.15 29.35
N GLN H 326 16.65 12.02 29.11
CA GLN H 326 17.46 10.99 29.79
C GLN H 326 17.18 10.92 31.29
N LYS H 327 17.17 12.08 31.96
CA LYS H 327 17.06 12.17 33.45
C LYS H 327 15.73 11.66 34.02
N GLU H 328 14.71 11.62 33.16
CA GLU H 328 13.37 11.15 33.52
C GLU H 328 13.18 9.67 33.20
N LEU H 329 14.23 8.86 33.25
CA LEU H 329 14.12 7.48 32.79
C LEU H 329 14.12 6.51 33.95
N GLN H 330 13.85 5.24 33.66
CA GLN H 330 13.75 4.21 34.69
C GLN H 330 14.77 3.07 34.46
N PHE H 331 15.92 3.19 35.13
CA PHE H 331 16.80 2.03 35.41
C PHE H 331 17.40 2.09 36.82
O19 38Q I . -9.33 -16.31 -8.08
C18 38Q I . -10.45 -16.31 -8.58
O20 38Q I . -10.62 -15.93 -9.76
C14 38Q I . -11.58 -16.73 -7.72
C15 38Q I . -11.36 -17.31 -6.49
C16 38Q I . -12.46 -17.66 -5.69
C17 38Q I . -13.79 -17.43 -6.10
C13 38Q I . -12.88 -16.50 -8.11
C12 38Q I . -14.00 -16.84 -7.32
N11 38Q I . -15.18 -16.57 -7.93
C10 38Q I . -16.39 -17.06 -7.47
C9 38Q I . -17.28 -16.32 -6.68
C21 38Q I . -17.14 -14.83 -6.50
N22 38Q I . -17.57 -14.23 -5.40
O33 38Q I . -16.57 -14.16 -7.34
C5 38Q I . -16.59 -18.46 -7.57
C6 38Q I . -17.67 -19.05 -6.93
N7 38Q I . -18.53 -18.28 -6.20
C8 38Q I . -18.35 -16.95 -6.07
C4 38Q I . -15.74 -19.27 -8.32
C3 38Q I . -15.96 -20.65 -8.42
C2 38Q I . -17.01 -21.26 -7.75
C1 38Q I . -17.88 -20.43 -7.03
C23 38Q I . -17.33 -22.73 -7.88
C24 38Q I . -17.85 -23.51 -6.83
N25 38Q I . -18.19 -24.81 -7.00
C26 38Q I . -18.01 -25.35 -8.23
O31 38Q I . -18.30 -26.65 -8.58
C32 38Q I . -18.53 -27.02 -9.96
N27 38Q I . -17.52 -24.63 -9.24
C28 38Q I . -17.19 -23.35 -9.13
O29 38Q I . -16.73 -22.75 -10.28
C30 38Q I . -16.41 -23.51 -11.47
O19 38Q J . -2.54 3.97 15.99
C18 38Q J . -2.37 3.98 14.73
O20 38Q J . -1.84 3.02 14.10
C14 38Q J . -2.75 5.22 13.92
C15 38Q J . -1.98 5.57 12.84
C16 38Q J . -2.30 6.72 12.13
C17 38Q J . -3.39 7.52 12.42
C13 38Q J . -3.86 6.02 14.23
C12 38Q J . -4.19 7.18 13.49
N11 38Q J . -5.29 7.89 13.93
C10 38Q J . -5.73 9.06 13.34
C9 38Q J . -6.81 9.07 12.45
C21 38Q J . -7.70 7.87 12.33
N22 38Q J . -8.27 7.59 11.16
O33 38Q J . -7.86 7.15 13.29
C5 38Q J . -4.93 10.20 13.36
C6 38Q J . -5.23 11.30 12.59
N7 38Q J . -6.31 11.28 11.77
C8 38Q J . -7.08 10.19 11.70
C4 38Q J . -3.82 10.27 14.17
C3 38Q J . -3.02 11.41 14.22
C2 38Q J . -3.29 12.54 13.44
C1 38Q J . -4.43 12.46 12.62
C23 38Q J . -2.45 13.78 13.51
C24 38Q J . -2.19 14.62 12.40
N25 38Q J . -1.42 15.73 12.54
C26 38Q J . -0.92 16.05 13.77
O31 38Q J . -0.14 17.14 14.02
C32 38Q J . 0.26 17.42 15.37
N27 38Q J . -1.17 15.28 14.86
C28 38Q J . -1.90 14.17 14.76
O29 38Q J . -2.07 13.47 15.93
C30 38Q J . -0.96 12.87 16.62
O19 38Q K . -64.87 35.29 1.62
C18 38Q K . -63.63 35.35 1.49
O20 38Q K . -63.09 35.56 0.37
C14 38Q K . -62.83 35.18 2.74
C15 38Q K . -63.36 35.55 3.93
C16 38Q K . -62.63 35.40 5.11
C17 38Q K . -61.35 34.87 5.09
C13 38Q K . -61.55 34.64 2.71
C12 38Q K . -60.79 34.48 3.88
N11 38Q K . -59.49 34.11 3.73
C10 38Q K . -58.44 34.37 4.60
C9 38Q K . -57.58 33.32 4.84
C21 38Q K . -57.76 32.11 4.00
N22 38Q K . -57.65 30.90 4.53
O33 38Q K . -58.05 32.26 2.81
C5 38Q K . -58.29 35.51 5.39
C6 38Q K . -57.28 35.55 6.38
N7 38Q K . -56.45 34.51 6.59
C8 38Q K . -56.60 33.41 5.83
C4 38Q K . -59.08 36.62 5.24
C3 38Q K . -58.92 37.76 6.01
C2 38Q K . -57.98 37.82 7.05
C1 38Q K . -57.12 36.70 7.18
C23 38Q K . -57.71 39.06 7.90
C24 38Q K . -57.38 39.06 9.29
N25 38Q K . -57.06 40.20 9.94
C26 38Q K . -57.05 41.37 9.23
O31 38Q K . -56.73 42.58 9.81
C32 38Q K . -55.85 43.57 9.17
N27 38Q K . -57.32 41.41 7.91
C28 38Q K . -57.66 40.29 7.23
O29 38Q K . -57.93 40.37 5.90
C30 38Q K . -57.48 41.50 5.14
O19 38Q L . -75.11 6.44 4.76
C18 38Q L . -75.82 5.66 4.09
O20 38Q L . -76.87 5.26 4.58
C14 38Q L . -75.38 5.16 2.73
C15 38Q L . -76.12 5.39 1.59
C16 38Q L . -75.62 4.89 0.38
C17 38Q L . -74.41 4.17 0.30
C13 38Q L . -74.18 4.46 2.63
C12 38Q L . -73.65 3.92 1.44
N11 38Q L . -72.51 3.16 1.57
C10 38Q L . -71.94 2.33 0.65
C9 38Q L . -70.59 2.49 0.27
C21 38Q L . -69.66 3.40 1.03
N22 38Q L . -68.63 4.01 0.44
O33 38Q L . -69.87 3.50 2.23
C5 38Q L . -72.69 1.42 -0.13
C6 38Q L . -72.05 0.75 -1.20
N7 38Q L . -70.73 0.93 -1.50
C8 38Q L . -70.02 1.79 -0.78
C4 38Q L . -74.06 1.11 0.07
C3 38Q L . -74.76 0.19 -0.76
C2 38Q L . -74.11 -0.46 -1.82
C1 38Q L . -72.75 -0.16 -2.00
C23 38Q L . -74.71 -1.49 -2.76
C24 38Q L . -74.35 -1.55 -4.11
N25 38Q L . -74.85 -2.50 -4.93
C26 38Q L . -75.72 -3.40 -4.44
O31 38Q L . -76.28 -4.37 -5.23
C32 38Q L . -77.72 -4.56 -5.33
N27 38Q L . -76.07 -3.40 -3.15
C28 38Q L . -75.58 -2.49 -2.32
O29 38Q L . -76.07 -2.57 -1.06
C30 38Q L . -75.40 -2.67 0.18
O19 38Q M . 75.55 -17.19 1.82
C18 38Q M . 74.54 -17.64 2.42
O20 38Q M . 74.04 -18.77 2.15
C14 38Q M . 73.92 -16.79 3.49
C15 38Q M . 74.81 -16.11 4.33
C16 38Q M . 74.31 -15.32 5.36
C17 38Q M . 72.94 -15.20 5.55
C13 38Q M . 72.53 -16.67 3.70
C12 38Q M . 72.02 -15.88 4.73
N11 38Q M . 70.68 -15.90 5.00
C10 38Q M . 70.02 -15.67 6.22
C9 38Q M . 68.67 -15.24 6.15
C21 38Q M . 67.83 -15.12 4.87
N22 38Q M . 67.78 -14.00 4.17
O33 38Q M . 67.17 -16.06 4.49
C5 38Q M . 70.61 -15.69 7.54
C6 38Q M . 69.84 -15.29 8.66
N7 38Q M . 68.55 -14.88 8.50
C8 38Q M . 67.99 -14.85 7.30
C4 38Q M . 71.92 -16.09 7.85
C3 38Q M . 72.44 -16.08 9.16
C2 38Q M . 71.67 -15.69 10.25
C1 38Q M . 70.36 -15.30 9.96
C23 38Q M . 72.18 -15.67 11.66
C24 38Q M . 72.14 -14.47 12.38
N25 38Q M . 72.55 -14.41 13.65
C26 38Q M . 73.01 -15.54 14.27
O31 38Q M . 73.44 -15.42 15.59
C32 38Q M . 73.19 -16.34 16.65
N27 38Q M . 73.07 -16.74 13.60
C28 38Q M . 72.66 -16.83 12.31
O29 38Q M . 72.74 -18.05 11.68
C30 38Q M . 73.99 -18.73 11.41
O19 38Q N . 69.88 4.60 -21.67
C18 38Q N . 69.08 3.76 -21.20
O20 38Q N . 68.98 3.66 -19.97
C14 38Q N . 68.25 2.86 -22.09
C15 38Q N . 68.87 2.20 -23.14
C16 38Q N . 68.11 1.36 -23.96
C17 38Q N . 66.73 1.17 -23.75
C13 38Q N . 66.85 2.68 -21.92
C12 38Q N . 66.03 1.85 -22.75
N11 38Q N . 64.64 1.84 -22.55
C10 38Q N . 63.60 1.35 -23.39
C9 38Q N . 62.55 0.67 -22.77
C21 38Q N . 62.40 0.59 -21.27
N22 38Q N . 61.71 -0.38 -20.66
O33 38Q N . 62.89 1.49 -20.59
C5 38Q N . 63.58 1.35 -24.85
C6 38Q N . 62.54 0.66 -25.54
N7 38Q N . 61.58 0.02 -24.85
C8 38Q N . 61.59 0.03 -23.52
C4 38Q N . 64.53 2.01 -25.69
C3 38Q N . 64.45 1.95 -27.09
C2 38Q N . 63.40 1.26 -27.73
C1 38Q N . 62.44 0.60 -26.94
C23 38Q N . 63.32 1.21 -29.21
C24 38Q N . 62.88 0.08 -29.91
N25 38Q N . 62.85 0.10 -31.26
C26 38Q N . 63.26 1.22 -31.92
O31 38Q N . 63.25 1.29 -33.29
C32 38Q N . 63.98 2.35 -33.96
N27 38Q N . 63.70 2.32 -31.28
C28 38Q N . 63.73 2.35 -29.93
O29 38Q N . 64.18 3.49 -29.28
C30 38Q N . 64.83 4.61 -29.92
O19 38Q O . 1.71 -12.05 -11.07
C18 38Q O . 1.72 -10.94 -10.47
O20 38Q O . 1.15 -10.89 -9.38
C14 38Q O . 2.36 -9.64 -11.02
C15 38Q O . 1.69 -8.41 -10.96
C16 38Q O . 2.26 -7.25 -11.46
C17 38Q O . 3.53 -7.24 -12.04
C13 38Q O . 3.62 -9.63 -11.62
C12 38Q O . 4.21 -8.45 -12.14
N11 38Q O . 5.43 -8.68 -12.74
C10 38Q O . 6.18 -7.78 -13.49
C9 38Q O . 7.43 -7.35 -13.03
C21 38Q O . 8.07 -8.02 -11.86
N22 38Q O . 9.02 -7.42 -11.17
O33 38Q O . 7.68 -9.15 -11.55
C5 38Q O . 5.65 -7.09 -14.60
C6 38Q O . 6.39 -6.08 -15.20
N7 38Q O . 7.62 -5.71 -14.76
C8 38Q O . 8.13 -6.33 -13.67
C4 38Q O . 4.41 -7.43 -15.15
C3 38Q O . 3.88 -6.78 -16.26
C2 38Q O . 4.60 -5.75 -16.83
C1 38Q O . 5.84 -5.41 -16.31
C23 38Q O . 4.06 -5.02 -18.03
C24 38Q O . 4.31 -3.63 -18.19
N25 38Q O . 3.81 -3.00 -19.28
C26 38Q O . 3.07 -3.68 -20.19
O31 38Q O . 2.57 -3.10 -21.31
C32 38Q O . 2.56 -3.85 -22.54
N27 38Q O . 2.81 -5.00 -20.07
C28 38Q O . 3.31 -5.68 -19.00
O29 38Q O . 3.01 -7.02 -18.95
C30 38Q O . 2.40 -7.59 -20.12
O19 38Q P . 8.01 -2.21 20.04
C18 38Q P . 7.58 -3.29 19.54
O20 38Q P . 6.56 -3.33 18.80
C14 38Q P . 8.34 -4.58 19.83
C15 38Q P . 7.69 -5.74 20.17
C16 38Q P . 8.43 -6.89 20.38
C17 38Q P . 9.82 -6.92 20.26
C13 38Q P . 9.73 -4.62 19.72
C12 38Q P . 10.51 -5.76 19.95
N11 38Q P . 11.89 -5.57 19.89
C10 38Q P . 12.86 -6.47 20.26
C9 38Q P . 13.82 -6.89 19.33
C21 38Q P . 13.97 -6.18 18.01
N22 38Q P . 14.38 -6.82 16.92
O33 38Q P . 13.74 -4.99 17.94
C5 38Q P . 12.78 -7.15 21.49
C6 38Q P . 13.64 -8.22 21.77
N7 38Q P . 14.56 -8.59 20.85
C8 38Q P . 14.66 -7.96 19.66
C4 38Q P . 11.85 -6.80 22.47
C3 38Q P . 11.74 -7.49 23.69
C2 38Q P . 12.56 -8.56 23.99
C1 38Q P . 13.53 -8.89 23.01
C23 38Q P . 12.51 -9.27 25.33
C24 38Q P . 12.58 -10.66 25.48
N25 38Q P . 12.59 -11.22 26.70
C26 38Q P . 12.56 -10.44 27.82
O31 38Q P . 12.57 -10.93 29.11
C32 38Q P . 12.85 -10.06 30.22
N27 38Q P . 12.50 -9.11 27.69
C28 38Q P . 12.49 -8.52 26.49
O29 38Q P . 12.46 -7.14 26.50
C30 38Q P . 11.59 -6.41 27.38
#